data_5IFM
#
_entry.id   5IFM
#
_cell.length_a   67.150
_cell.length_b   407.177
_cell.length_c   68.961
_cell.angle_alpha   90.000
_cell.angle_beta   97.750
_cell.angle_gamma   90.000
#
_symmetry.space_group_name_H-M   'P 1 21 1'
#
loop_
_entity.id
_entity.type
_entity.pdbx_description
1 polymer 'Non-POU domain-containing octamer-binding protein'
2 non-polymer 'CHLORIDE ION'
3 non-polymer PROLINE
4 non-polymer 'POTASSIUM ION'
5 non-polymer GLYCEROL
6 water water
#
_entity_poly.entity_id   1
_entity_poly.type   'polypeptide(L)'
_entity_poly.pdbx_seq_one_letter_code
;GEGLTIDLKNFRKPGEKTFTQRSRLFVGNLPPDITEEEMRKLFEKYGKAGEVFIHKDKGFGFIRLETRTLAEIAKVELDN
MPLRGKQLRVRFACHSASLTVRNLPQYVSNELLEEAFSVFGQVERAVVIVDDRGRPSGKGIVEFSGKPAARKALDRCSEG
SFLLTTFPRPVTVEPMDQLDDEEGLPEKLVIKNQQFHKEREQPPRFAQPGSFEYEYAMRWKALIEMEKQQQDQVDRNIKE
AREKLEMEMEAARHEHQVMLM
;
_entity_poly.pdbx_strand_id   A,B,C,D,E,F,G,H,I,J,K,L
#
# COMPACT_ATOMS: atom_id res chain seq x y z
N GLU A 2 38.48 -42.78 -17.60
CA GLU A 2 38.56 -43.08 -16.17
C GLU A 2 37.66 -42.18 -15.31
N GLY A 3 37.03 -42.76 -14.30
CA GLY A 3 36.17 -42.01 -13.40
C GLY A 3 36.41 -42.36 -11.95
N LEU A 4 35.31 -42.60 -11.21
CA LEU A 4 35.38 -43.03 -9.82
C LEU A 4 35.35 -44.54 -9.79
N THR A 5 36.43 -45.14 -9.28
CA THR A 5 36.62 -46.58 -9.16
C THR A 5 36.29 -46.99 -7.75
N ILE A 6 35.33 -47.92 -7.62
CA ILE A 6 34.87 -48.46 -6.35
C ILE A 6 34.97 -49.98 -6.41
N ASP A 7 35.60 -50.60 -5.41
CA ASP A 7 35.63 -52.06 -5.30
C ASP A 7 34.38 -52.34 -4.48
N LEU A 8 33.30 -52.78 -5.18
CA LEU A 8 32.00 -53.11 -4.58
C LEU A 8 32.13 -54.43 -3.87
N LYS A 9 31.73 -54.45 -2.58
CA LYS A 9 31.81 -55.62 -1.69
C LYS A 9 30.41 -56.09 -1.26
N ASN A 10 29.38 -55.28 -1.60
CA ASN A 10 27.97 -55.53 -1.28
C ASN A 10 27.10 -54.75 -2.28
N PHE A 11 26.33 -55.49 -3.12
CA PHE A 11 25.46 -54.91 -4.16
C PHE A 11 24.11 -55.54 -4.09
N ARG A 12 23.98 -56.57 -3.22
CA ARG A 12 22.74 -57.32 -2.93
C ARG A 12 22.16 -56.81 -1.59
N LYS A 13 20.90 -56.36 -1.59
CA LYS A 13 20.26 -55.89 -0.34
C LYS A 13 19.88 -57.13 0.48
N PRO A 14 19.85 -57.08 1.83
CA PRO A 14 19.50 -58.31 2.57
C PRO A 14 18.12 -58.86 2.20
N GLY A 15 18.09 -60.15 1.87
CA GLY A 15 16.86 -60.83 1.45
C GLY A 15 16.51 -60.69 -0.03
N GLU A 16 17.29 -59.87 -0.78
CA GLU A 16 17.06 -59.62 -2.19
C GLU A 16 17.26 -60.85 -3.04
N LYS A 17 16.27 -61.18 -3.85
CA LYS A 17 16.33 -62.27 -4.82
C LYS A 17 17.03 -61.70 -6.04
N THR A 18 17.77 -62.56 -6.77
CA THR A 18 18.55 -62.12 -7.93
C THR A 18 17.83 -62.34 -9.24
N PHE A 19 18.21 -61.55 -10.25
CA PHE A 19 17.71 -61.61 -11.62
C PHE A 19 16.18 -61.49 -11.72
N THR A 20 15.62 -60.63 -10.89
CA THR A 20 14.19 -60.35 -10.81
C THR A 20 13.86 -59.31 -11.84
N GLN A 21 12.59 -58.94 -11.93
CA GLN A 21 12.21 -57.86 -12.83
C GLN A 21 12.68 -56.51 -12.30
N ARG A 22 12.95 -56.43 -10.99
CA ARG A 22 13.49 -55.18 -10.42
C ARG A 22 14.90 -54.85 -10.90
N SER A 23 15.62 -55.85 -11.34
CA SER A 23 16.96 -55.70 -11.87
C SER A 23 16.95 -55.89 -13.40
N ARG A 24 15.77 -55.85 -14.04
CA ARG A 24 15.65 -56.02 -15.48
C ARG A 24 15.57 -54.64 -16.13
N LEU A 25 16.40 -54.40 -17.17
CA LEU A 25 16.46 -53.14 -17.88
C LEU A 25 15.96 -53.23 -19.32
N PHE A 26 15.31 -52.17 -19.79
CA PHE A 26 14.88 -52.01 -21.17
C PHE A 26 15.96 -51.20 -21.90
N VAL A 27 16.27 -51.57 -23.14
CA VAL A 27 17.27 -50.83 -23.91
C VAL A 27 16.76 -50.55 -25.32
N GLY A 28 16.25 -49.34 -25.52
CA GLY A 28 15.72 -48.90 -26.79
C GLY A 28 16.77 -48.13 -27.54
N ASN A 29 16.40 -47.72 -28.77
CA ASN A 29 17.21 -46.96 -29.74
C ASN A 29 18.51 -47.68 -30.05
N LEU A 30 18.42 -49.02 -30.14
CA LEU A 30 19.55 -49.86 -30.47
C LEU A 30 19.92 -49.71 -31.95
N PRO A 31 21.24 -49.74 -32.32
CA PRO A 31 21.59 -49.66 -33.76
C PRO A 31 21.12 -50.93 -34.49
N PRO A 32 20.79 -50.88 -35.80
CA PRO A 32 20.31 -52.10 -36.49
C PRO A 32 21.24 -53.33 -36.50
N ASP A 33 22.56 -53.10 -36.41
CA ASP A 33 23.61 -54.13 -36.40
C ASP A 33 23.99 -54.65 -34.99
N ILE A 34 23.00 -54.69 -34.08
CA ILE A 34 23.17 -55.12 -32.70
C ILE A 34 23.11 -56.65 -32.57
N THR A 35 24.03 -57.20 -31.78
CA THR A 35 24.13 -58.64 -31.54
C THR A 35 24.04 -58.91 -30.04
N GLU A 36 23.70 -60.16 -29.65
CA GLU A 36 23.62 -60.57 -28.25
C GLU A 36 24.97 -60.37 -27.55
N GLU A 37 26.08 -60.77 -28.23
CA GLU A 37 27.45 -60.64 -27.72
C GLU A 37 27.88 -59.19 -27.49
N GLU A 38 27.46 -58.26 -28.40
CA GLU A 38 27.79 -56.85 -28.31
C GLU A 38 27.04 -56.24 -27.16
N MET A 39 25.76 -56.62 -26.99
CA MET A 39 24.89 -56.20 -25.91
C MET A 39 25.51 -56.62 -24.57
N ARG A 40 25.90 -57.91 -24.44
CA ARG A 40 26.51 -58.49 -23.25
C ARG A 40 27.81 -57.77 -22.88
N LYS A 41 28.61 -57.38 -23.88
CA LYS A 41 29.89 -56.69 -23.68
C LYS A 41 29.70 -55.28 -23.12
N LEU A 42 28.58 -54.60 -23.51
CA LEU A 42 28.21 -53.25 -23.07
C LEU A 42 27.93 -53.27 -21.57
N PHE A 43 27.22 -54.31 -21.11
CA PHE A 43 26.83 -54.49 -19.71
C PHE A 43 27.76 -55.34 -18.89
N GLU A 44 28.86 -55.80 -19.48
CA GLU A 44 29.86 -56.70 -18.90
C GLU A 44 30.41 -56.17 -17.59
N LYS A 45 30.58 -54.84 -17.49
CA LYS A 45 31.15 -54.16 -16.33
C LYS A 45 30.26 -54.14 -15.10
N TYR A 46 28.95 -54.42 -15.29
CA TYR A 46 27.93 -54.45 -14.25
C TYR A 46 27.63 -55.86 -13.76
N GLY A 47 28.65 -56.70 -13.79
CA GLY A 47 28.59 -58.08 -13.32
C GLY A 47 27.89 -59.06 -14.24
N LYS A 48 27.34 -60.15 -13.64
CA LYS A 48 26.65 -61.23 -14.34
C LYS A 48 25.35 -60.75 -14.94
N ALA A 49 25.03 -61.25 -16.15
CA ALA A 49 23.76 -60.95 -16.82
C ALA A 49 23.02 -62.26 -17.01
N GLY A 50 21.71 -62.23 -16.79
CA GLY A 50 20.85 -63.38 -16.98
C GLY A 50 20.29 -63.35 -18.39
N GLU A 51 18.98 -63.15 -18.48
CA GLU A 51 18.22 -63.01 -19.73
C GLU A 51 18.74 -61.81 -20.54
N VAL A 52 18.97 -62.05 -21.82
CA VAL A 52 19.34 -61.04 -22.80
C VAL A 52 18.40 -61.32 -23.94
N PHE A 53 17.55 -60.35 -24.24
CA PHE A 53 16.57 -60.43 -25.31
C PHE A 53 16.76 -59.24 -26.21
N ILE A 54 16.87 -59.47 -27.53
CA ILE A 54 16.94 -58.42 -28.53
C ILE A 54 15.83 -58.73 -29.53
N HIS A 55 14.93 -57.74 -29.76
CA HIS A 55 13.77 -57.90 -30.65
C HIS A 55 14.17 -58.21 -32.09
N LYS A 56 13.42 -59.14 -32.73
CA LYS A 56 13.57 -59.59 -34.12
C LYS A 56 14.05 -58.47 -35.08
N ASP A 57 13.44 -57.26 -35.03
CA ASP A 57 13.78 -56.16 -35.95
C ASP A 57 13.63 -54.77 -35.36
N LYS A 58 12.74 -54.62 -34.35
CA LYS A 58 12.35 -53.37 -33.65
C LYS A 58 13.42 -52.44 -33.02
N GLY A 59 14.61 -52.96 -32.73
CA GLY A 59 15.69 -52.15 -32.16
C GLY A 59 15.46 -51.72 -30.72
N PHE A 60 15.20 -52.71 -29.88
CA PHE A 60 15.03 -52.65 -28.45
C PHE A 60 15.31 -54.03 -27.91
N GLY A 61 15.66 -54.07 -26.64
CA GLY A 61 15.91 -55.32 -25.94
C GLY A 61 15.77 -55.21 -24.45
N PHE A 62 16.04 -56.31 -23.76
CA PHE A 62 15.98 -56.47 -22.31
C PHE A 62 17.19 -57.23 -21.80
N ILE A 63 17.69 -56.83 -20.63
CA ILE A 63 18.82 -57.46 -19.96
C ILE A 63 18.52 -57.52 -18.47
N ARG A 64 18.65 -58.72 -17.92
CA ARG A 64 18.49 -58.92 -16.50
C ARG A 64 19.87 -58.87 -15.85
N LEU A 65 20.08 -57.94 -14.93
CA LEU A 65 21.28 -57.86 -14.14
C LEU A 65 21.01 -58.52 -12.78
N GLU A 66 22.05 -58.82 -12.02
CA GLU A 66 21.94 -59.58 -10.78
C GLU A 66 21.06 -58.95 -9.71
N THR A 67 21.30 -57.67 -9.38
CA THR A 67 20.61 -56.95 -8.32
C THR A 67 20.13 -55.59 -8.79
N ARG A 68 19.25 -54.96 -7.97
CA ARG A 68 18.68 -53.63 -8.23
C ARG A 68 19.76 -52.54 -8.29
N THR A 69 20.76 -52.63 -7.39
CA THR A 69 21.91 -51.72 -7.31
C THR A 69 22.71 -51.72 -8.61
N LEU A 70 23.06 -52.92 -9.12
CA LEU A 70 23.80 -53.08 -10.37
C LEU A 70 23.03 -52.56 -11.59
N ALA A 71 21.73 -52.76 -11.61
CA ALA A 71 20.83 -52.28 -12.65
C ALA A 71 20.73 -50.75 -12.59
N GLU A 72 20.69 -50.14 -11.39
CA GLU A 72 20.67 -48.70 -11.16
C GLU A 72 21.96 -48.04 -11.66
N ILE A 73 23.13 -48.70 -11.46
CA ILE A 73 24.44 -48.23 -11.93
C ILE A 73 24.48 -48.30 -13.46
N ALA A 74 24.08 -49.44 -14.06
CA ALA A 74 24.04 -49.66 -15.50
C ALA A 74 23.12 -48.65 -16.21
N LYS A 75 21.94 -48.37 -15.60
CA LYS A 75 20.96 -47.42 -16.12
C LYS A 75 21.54 -46.01 -16.22
N VAL A 76 22.13 -45.51 -15.13
CA VAL A 76 22.73 -44.18 -15.03
C VAL A 76 23.90 -44.01 -16.02
N GLU A 77 24.75 -45.05 -16.10
CA GLU A 77 25.91 -45.04 -16.97
C GLU A 77 25.55 -45.10 -18.44
N LEU A 78 24.58 -45.99 -18.81
CA LEU A 78 24.23 -46.25 -20.21
C LEU A 78 23.09 -45.46 -20.79
N ASP A 79 22.25 -44.86 -19.95
CA ASP A 79 21.15 -44.06 -20.47
C ASP A 79 21.66 -42.83 -21.18
N ASN A 80 21.00 -42.56 -22.32
CA ASN A 80 21.28 -41.47 -23.24
C ASN A 80 22.72 -41.49 -23.74
N MET A 81 23.28 -42.71 -23.92
CA MET A 81 24.63 -42.86 -24.42
C MET A 81 24.67 -42.98 -25.92
N PRO A 82 25.65 -42.31 -26.57
CA PRO A 82 25.71 -42.42 -28.04
C PRO A 82 26.39 -43.72 -28.45
N LEU A 83 25.74 -44.44 -29.36
CA LEU A 83 26.24 -45.69 -29.93
C LEU A 83 25.78 -45.79 -31.39
N ARG A 84 26.74 -45.74 -32.34
CA ARG A 84 26.48 -45.83 -33.77
C ARG A 84 25.41 -44.84 -34.28
N GLY A 85 25.54 -43.57 -33.87
CA GLY A 85 24.62 -42.49 -34.25
C GLY A 85 23.30 -42.45 -33.51
N LYS A 86 23.04 -43.43 -32.62
CA LYS A 86 21.83 -43.56 -31.81
C LYS A 86 22.15 -43.19 -30.37
N GLN A 87 21.19 -42.57 -29.67
CA GLN A 87 21.31 -42.24 -28.25
C GLN A 87 20.46 -43.29 -27.52
N LEU A 88 21.11 -44.26 -26.83
CA LEU A 88 20.41 -45.35 -26.13
C LEU A 88 19.45 -44.86 -25.08
N ARG A 89 18.33 -45.56 -24.95
CA ARG A 89 17.33 -45.27 -23.91
C ARG A 89 17.39 -46.46 -22.96
N VAL A 90 17.99 -46.24 -21.78
CA VAL A 90 18.11 -47.28 -20.76
C VAL A 90 17.16 -46.94 -19.62
N ARG A 91 16.18 -47.78 -19.43
CA ARG A 91 15.17 -47.61 -18.39
C ARG A 91 14.94 -48.94 -17.71
N PHE A 92 14.35 -48.90 -16.52
CA PHE A 92 13.94 -50.13 -15.85
C PHE A 92 12.78 -50.67 -16.63
N ALA A 93 12.75 -51.99 -16.87
CA ALA A 93 11.64 -52.64 -17.57
C ALA A 93 10.35 -52.43 -16.76
N CYS A 94 9.20 -52.17 -17.44
CA CYS A 94 7.94 -52.02 -16.69
C CYS A 94 7.64 -53.33 -16.02
N HIS A 95 7.35 -53.32 -14.69
CA HIS A 95 7.03 -54.54 -13.94
C HIS A 95 5.73 -55.10 -14.44
N SER A 96 5.74 -56.37 -14.86
CA SER A 96 4.55 -57.02 -15.44
C SER A 96 3.63 -57.64 -14.42
N ALA A 97 4.04 -57.71 -13.15
CA ALA A 97 3.29 -58.43 -12.13
C ALA A 97 3.34 -57.78 -10.77
N SER A 98 2.94 -56.50 -10.68
CA SER A 98 2.99 -55.71 -9.46
C SER A 98 1.63 -55.38 -8.93
N LEU A 99 1.42 -55.62 -7.63
CA LEU A 99 0.14 -55.40 -6.98
C LEU A 99 0.26 -54.50 -5.78
N THR A 100 -0.83 -53.77 -5.52
CA THR A 100 -1.06 -52.92 -4.40
C THR A 100 -2.05 -53.68 -3.53
N VAL A 101 -1.67 -53.89 -2.27
CA VAL A 101 -2.46 -54.54 -1.24
C VAL A 101 -2.80 -53.41 -0.30
N ARG A 102 -4.08 -53.27 -0.02
CA ARG A 102 -4.71 -52.27 0.85
C ARG A 102 -5.49 -53.06 1.91
N ASN A 103 -5.89 -52.37 3.00
CA ASN A 103 -6.65 -52.96 4.12
C ASN A 103 -5.90 -54.08 4.77
N LEU A 104 -4.62 -53.81 4.96
CA LEU A 104 -3.69 -54.70 5.61
C LEU A 104 -4.03 -54.65 7.07
N PRO A 105 -4.11 -55.80 7.75
CA PRO A 105 -4.39 -55.78 9.17
C PRO A 105 -3.13 -55.28 9.91
N GLN A 106 -3.14 -55.31 11.21
CA GLN A 106 -1.98 -54.95 11.98
C GLN A 106 -1.09 -56.19 12.15
N TYR A 107 0.20 -55.97 12.45
CA TYR A 107 1.20 -57.03 12.73
C TYR A 107 1.62 -57.87 11.52
N VAL A 108 1.49 -57.26 10.36
CA VAL A 108 1.93 -57.79 9.07
C VAL A 108 3.33 -57.17 8.83
N SER A 109 4.29 -58.04 8.46
CA SER A 109 5.66 -57.68 8.15
C SER A 109 5.88 -58.03 6.69
N ASN A 110 6.97 -57.51 6.11
CA ASN A 110 7.40 -57.78 4.73
C ASN A 110 7.46 -59.27 4.43
N GLU A 111 7.95 -60.05 5.40
CA GLU A 111 8.08 -61.50 5.35
C GLU A 111 6.75 -62.22 5.42
N LEU A 112 5.83 -61.75 6.30
CA LEU A 112 4.49 -62.34 6.39
C LEU A 112 3.69 -62.15 5.09
N LEU A 113 3.84 -60.96 4.47
CA LEU A 113 3.21 -60.57 3.21
C LEU A 113 3.73 -61.46 2.09
N GLU A 114 5.02 -61.75 2.12
CA GLU A 114 5.65 -62.64 1.15
C GLU A 114 5.17 -64.08 1.29
N GLU A 115 5.05 -64.61 2.52
CA GLU A 115 4.54 -65.98 2.76
C GLU A 115 3.10 -66.11 2.31
N ALA A 116 2.31 -65.07 2.63
CA ALA A 116 0.90 -65.01 2.24
C ALA A 116 0.67 -65.03 0.71
N PHE A 117 1.37 -64.17 -0.07
CA PHE A 117 1.15 -64.14 -1.53
C PHE A 117 1.83 -65.25 -2.34
N SER A 118 2.83 -65.92 -1.72
CA SER A 118 3.52 -67.05 -2.31
C SER A 118 2.58 -68.23 -2.63
N VAL A 119 1.36 -68.25 -2.06
CA VAL A 119 0.34 -69.25 -2.35
C VAL A 119 -0.18 -69.16 -3.79
N PHE A 120 -0.06 -67.98 -4.45
CA PHE A 120 -0.54 -67.75 -5.81
C PHE A 120 0.57 -67.93 -6.82
N GLY A 121 1.79 -67.89 -6.34
CA GLY A 121 2.96 -68.07 -7.20
C GLY A 121 4.23 -67.55 -6.57
N GLN A 122 5.32 -67.54 -7.36
CA GLN A 122 6.65 -67.12 -6.96
C GLN A 122 6.71 -65.59 -6.83
N VAL A 123 7.03 -65.16 -5.58
CA VAL A 123 7.09 -63.78 -5.13
C VAL A 123 8.46 -63.27 -5.21
N GLU A 124 8.65 -62.17 -5.97
CA GLU A 124 9.92 -61.51 -6.08
C GLU A 124 10.23 -60.67 -4.80
N ARG A 125 9.28 -59.84 -4.39
CA ARG A 125 9.42 -58.92 -3.26
C ARG A 125 8.04 -58.57 -2.72
N ALA A 126 7.95 -58.38 -1.40
CA ALA A 126 6.73 -57.97 -0.73
C ALA A 126 7.17 -56.95 0.29
N VAL A 127 6.50 -55.77 0.31
CA VAL A 127 6.81 -54.68 1.21
C VAL A 127 5.57 -54.19 1.91
N VAL A 128 5.68 -53.96 3.23
CA VAL A 128 4.66 -53.34 4.06
C VAL A 128 5.14 -51.88 4.08
N ILE A 129 4.40 -50.99 3.43
CA ILE A 129 4.74 -49.56 3.35
C ILE A 129 4.65 -48.93 4.73
N VAL A 130 5.58 -48.06 5.03
CA VAL A 130 5.72 -47.48 6.39
C VAL A 130 5.97 -45.99 6.31
N ASP A 131 5.50 -45.24 7.30
CA ASP A 131 5.75 -43.77 7.31
C ASP A 131 7.11 -43.36 7.94
N ASP A 132 7.23 -42.08 8.19
CA ASP A 132 8.41 -41.43 8.77
C ASP A 132 8.61 -41.64 10.28
N ARG A 133 8.11 -42.74 10.82
CA ARG A 133 8.19 -43.12 12.22
C ARG A 133 8.11 -44.62 12.27
N GLY A 134 8.01 -45.23 11.09
CA GLY A 134 8.02 -46.67 10.98
C GLY A 134 6.69 -47.33 11.28
N ARG A 135 5.60 -46.51 11.33
CA ARG A 135 4.25 -47.04 11.52
C ARG A 135 3.72 -47.49 10.17
N PRO A 136 3.08 -48.67 10.08
CA PRO A 136 2.55 -49.10 8.77
C PRO A 136 1.40 -48.23 8.25
N SER A 137 1.46 -47.91 6.95
CA SER A 137 0.44 -47.14 6.25
C SER A 137 -0.87 -47.95 5.99
N GLY A 138 -0.76 -49.29 6.00
CA GLY A 138 -1.89 -50.18 5.75
C GLY A 138 -1.99 -50.58 4.28
N LYS A 139 -0.98 -50.12 3.51
CA LYS A 139 -0.75 -50.44 2.11
C LYS A 139 0.52 -51.22 2.03
N GLY A 140 0.58 -52.06 1.02
CA GLY A 140 1.75 -52.86 0.73
C GLY A 140 1.89 -53.08 -0.75
N ILE A 141 3.05 -53.65 -1.14
CA ILE A 141 3.43 -54.00 -2.51
C ILE A 141 3.73 -55.49 -2.54
N VAL A 142 3.23 -56.18 -3.58
CA VAL A 142 3.55 -57.57 -3.84
C VAL A 142 3.95 -57.64 -5.31
N GLU A 143 5.21 -58.00 -5.55
CA GLU A 143 5.77 -58.19 -6.88
C GLU A 143 6.06 -59.66 -7.08
N PHE A 144 5.47 -60.24 -8.18
CA PHE A 144 5.58 -61.63 -8.59
C PHE A 144 6.57 -61.74 -9.76
N SER A 145 7.21 -62.92 -9.97
CA SER A 145 8.13 -63.20 -11.07
C SER A 145 7.46 -63.08 -12.45
N GLY A 146 6.19 -63.53 -12.53
CA GLY A 146 5.39 -63.55 -13.75
C GLY A 146 3.96 -63.05 -13.58
N LYS A 147 3.38 -62.58 -14.68
CA LYS A 147 2.03 -62.02 -14.82
C LYS A 147 0.90 -62.98 -14.39
N PRO A 148 0.92 -64.30 -14.75
CA PRO A 148 -0.16 -65.19 -14.29
C PRO A 148 -0.36 -65.28 -12.78
N ALA A 149 0.74 -65.29 -12.00
CA ALA A 149 0.70 -65.34 -10.53
C ALA A 149 -0.03 -64.13 -9.95
N ALA A 150 0.27 -62.92 -10.47
CA ALA A 150 -0.42 -61.68 -10.12
C ALA A 150 -1.92 -61.66 -10.52
N ARG A 151 -2.30 -62.22 -11.71
CA ARG A 151 -3.67 -62.28 -12.16
C ARG A 151 -4.41 -63.26 -11.27
N LYS A 152 -3.75 -64.40 -10.91
CA LYS A 152 -4.32 -65.41 -10.00
C LYS A 152 -4.69 -64.74 -8.70
N ALA A 153 -3.74 -64.00 -8.04
CA ALA A 153 -3.96 -63.25 -6.78
C ALA A 153 -5.05 -62.21 -6.92
N LEU A 154 -5.05 -61.48 -8.05
CA LEU A 154 -6.06 -60.48 -8.37
C LEU A 154 -7.44 -61.08 -8.43
N ASP A 155 -7.61 -62.25 -9.08
CA ASP A 155 -8.91 -62.95 -9.16
C ASP A 155 -9.30 -63.54 -7.81
N ARG A 156 -8.45 -64.42 -7.25
CA ARG A 156 -8.74 -65.09 -5.97
C ARG A 156 -9.16 -64.16 -4.86
N CYS A 157 -8.40 -63.09 -4.62
CA CYS A 157 -8.74 -62.11 -3.58
C CYS A 157 -10.03 -61.31 -3.81
N SER A 158 -10.51 -61.19 -5.03
CA SER A 158 -11.77 -60.49 -5.27
C SER A 158 -12.94 -61.47 -5.05
N GLU A 159 -12.78 -62.74 -5.47
CA GLU A 159 -13.81 -63.77 -5.30
C GLU A 159 -13.95 -64.13 -3.81
N GLY A 160 -12.83 -64.41 -3.19
CA GLY A 160 -12.76 -64.80 -1.80
C GLY A 160 -12.21 -63.74 -0.88
N SER A 161 -12.14 -64.11 0.39
CA SER A 161 -11.73 -63.28 1.48
C SER A 161 -10.40 -63.76 2.01
N PHE A 162 -9.32 -63.09 1.56
CA PHE A 162 -7.97 -63.45 1.97
C PHE A 162 -7.58 -62.71 3.25
N LEU A 163 -7.47 -63.46 4.34
CA LEU A 163 -7.15 -62.97 5.67
C LEU A 163 -5.71 -63.31 6.00
N LEU A 164 -4.91 -62.27 6.33
CA LEU A 164 -3.48 -62.42 6.65
C LEU A 164 -3.20 -62.77 8.11
N THR A 165 -4.11 -62.34 9.02
CA THR A 165 -3.96 -62.53 10.47
C THR A 165 -5.24 -63.09 11.04
N THR A 166 -5.44 -63.03 12.39
CA THR A 166 -6.66 -63.50 13.06
C THR A 166 -7.84 -62.54 12.78
N PHE A 167 -7.58 -61.22 12.60
CA PHE A 167 -8.62 -60.23 12.30
C PHE A 167 -9.39 -60.57 11.00
N PRO A 168 -10.74 -60.80 11.09
CA PRO A 168 -11.50 -61.24 9.91
C PRO A 168 -11.83 -60.22 8.83
N ARG A 169 -10.86 -59.39 8.44
CA ARG A 169 -11.05 -58.39 7.41
C ARG A 169 -10.13 -58.73 6.24
N PRO A 170 -10.71 -59.04 5.06
CA PRO A 170 -9.86 -59.38 3.92
C PRO A 170 -9.10 -58.21 3.34
N VAL A 171 -7.97 -58.50 2.72
CA VAL A 171 -7.15 -57.48 2.06
C VAL A 171 -7.72 -57.20 0.65
N THR A 172 -7.48 -55.96 0.15
CA THR A 172 -7.87 -55.50 -1.18
C THR A 172 -6.63 -55.57 -2.03
N VAL A 173 -6.74 -56.22 -3.16
CA VAL A 173 -5.65 -56.41 -4.12
C VAL A 173 -6.04 -55.72 -5.45
N GLU A 174 -5.16 -54.90 -5.93
CA GLU A 174 -5.37 -54.10 -7.13
C GLU A 174 -4.08 -54.06 -7.92
N PRO A 175 -4.12 -53.82 -9.25
CA PRO A 175 -2.87 -53.63 -10.00
C PRO A 175 -2.13 -52.37 -9.48
N MET A 176 -0.79 -52.42 -9.52
CA MET A 176 0.07 -51.32 -9.16
C MET A 176 -0.05 -50.22 -10.18
N ASP A 177 -0.30 -49.00 -9.71
CA ASP A 177 -0.38 -47.78 -10.52
C ASP A 177 1.08 -47.34 -10.66
N GLN A 178 1.69 -47.63 -11.81
CA GLN A 178 3.09 -47.30 -12.04
C GLN A 178 3.24 -45.86 -12.53
N LEU A 179 3.75 -45.01 -11.62
CA LEU A 179 3.96 -43.58 -11.82
C LEU A 179 5.43 -43.29 -11.71
N ASP A 180 5.93 -42.47 -12.64
CA ASP A 180 7.32 -42.06 -12.71
C ASP A 180 7.50 -40.71 -12.02
N ASP A 181 8.13 -40.75 -10.84
CA ASP A 181 8.48 -39.60 -10.00
C ASP A 181 9.99 -39.36 -10.08
N GLU A 182 10.67 -39.92 -11.11
CA GLU A 182 12.11 -39.77 -11.31
C GLU A 182 12.47 -38.97 -12.54
N GLU A 183 11.99 -39.39 -13.71
CA GLU A 183 12.25 -38.68 -14.96
C GLU A 183 11.25 -37.54 -15.14
N GLY A 184 10.00 -37.82 -14.85
CA GLY A 184 8.89 -36.88 -14.92
C GLY A 184 8.68 -36.29 -16.30
N LEU A 185 8.44 -34.99 -16.39
CA LEU A 185 8.22 -34.30 -17.64
C LEU A 185 9.26 -33.22 -17.95
N PRO A 186 10.41 -33.59 -18.54
CA PRO A 186 11.41 -32.59 -18.92
C PRO A 186 10.92 -31.63 -20.02
N GLU A 187 11.41 -30.39 -19.99
CA GLU A 187 11.10 -29.38 -21.01
C GLU A 187 11.37 -29.88 -22.44
N LYS A 188 12.46 -30.68 -22.66
CA LYS A 188 12.83 -31.29 -23.94
C LYS A 188 11.75 -32.13 -24.57
N LEU A 189 10.92 -32.78 -23.76
CA LEU A 189 9.83 -33.65 -24.23
C LEU A 189 8.53 -32.92 -24.56
N VAL A 190 8.46 -31.61 -24.24
CA VAL A 190 7.28 -30.79 -24.50
C VAL A 190 7.36 -30.23 -25.95
N ILE A 191 6.33 -30.47 -26.76
CA ILE A 191 6.27 -29.91 -28.12
C ILE A 191 5.93 -28.41 -27.99
N LYS A 192 6.84 -27.58 -28.45
CA LYS A 192 6.73 -26.12 -28.41
C LYS A 192 5.92 -25.58 -29.58
N ASN A 193 4.62 -25.83 -29.56
CA ASN A 193 3.65 -25.38 -30.57
C ASN A 193 2.98 -24.08 -30.12
N GLN A 194 1.94 -23.63 -30.86
CA GLN A 194 1.24 -22.40 -30.51
C GLN A 194 0.46 -22.47 -29.21
N GLN A 195 -0.10 -23.65 -28.84
CA GLN A 195 -0.82 -23.85 -27.57
C GLN A 195 0.16 -23.73 -26.39
N PHE A 196 1.38 -24.29 -26.54
CA PHE A 196 2.45 -24.21 -25.57
C PHE A 196 2.73 -22.73 -25.22
N HIS A 197 2.96 -21.90 -26.24
CA HIS A 197 3.24 -20.47 -26.08
C HIS A 197 2.08 -19.67 -25.52
N LYS A 198 0.84 -20.06 -25.84
CA LYS A 198 -0.38 -19.44 -25.31
C LYS A 198 -0.50 -19.70 -23.81
N GLU A 199 -0.15 -20.92 -23.37
CA GLU A 199 -0.15 -21.33 -21.95
C GLU A 199 0.98 -20.69 -21.14
N ARG A 200 2.17 -20.51 -21.74
CA ARG A 200 3.37 -19.95 -21.12
C ARG A 200 3.50 -18.44 -21.33
N GLU A 201 2.46 -17.79 -21.87
CA GLU A 201 2.42 -16.34 -22.12
C GLU A 201 2.58 -15.62 -20.80
N GLN A 202 1.85 -16.10 -19.75
CA GLN A 202 1.92 -15.55 -18.41
C GLN A 202 2.79 -16.42 -17.52
N PRO A 203 3.75 -15.77 -16.80
CA PRO A 203 4.70 -16.54 -15.99
C PRO A 203 4.13 -16.98 -14.66
N PRO A 204 4.79 -17.90 -13.91
CA PRO A 204 4.30 -18.19 -12.54
C PRO A 204 4.22 -16.89 -11.72
N ARG A 205 3.04 -16.68 -11.12
CA ARG A 205 2.71 -15.48 -10.39
C ARG A 205 1.57 -15.78 -9.42
N PHE A 206 1.29 -14.80 -8.54
CA PHE A 206 0.20 -14.86 -7.59
C PHE A 206 -0.91 -14.01 -8.19
N ALA A 207 -2.16 -14.54 -8.21
CA ALA A 207 -3.33 -13.84 -8.73
C ALA A 207 -3.55 -12.59 -7.85
N GLN A 208 -3.66 -11.43 -8.49
CA GLN A 208 -3.80 -10.19 -7.76
C GLN A 208 -5.25 -9.69 -7.68
N PRO A 209 -5.73 -9.23 -6.50
CA PRO A 209 -7.13 -8.77 -6.40
C PRO A 209 -7.48 -7.71 -7.44
N GLY A 210 -8.65 -7.86 -8.02
CA GLY A 210 -9.09 -6.94 -9.06
C GLY A 210 -9.06 -7.59 -10.43
N SER A 211 -8.21 -8.62 -10.60
CA SER A 211 -8.09 -9.31 -11.88
C SER A 211 -9.18 -10.37 -12.06
N PHE A 212 -9.43 -10.79 -13.31
CA PHE A 212 -10.37 -11.84 -13.63
C PHE A 212 -9.81 -13.16 -13.08
N GLU A 213 -8.45 -13.33 -13.13
CA GLU A 213 -7.79 -14.55 -12.65
C GLU A 213 -7.95 -14.72 -11.16
N TYR A 214 -8.00 -13.58 -10.44
CA TYR A 214 -8.23 -13.57 -8.99
C TYR A 214 -9.62 -14.10 -8.64
N GLU A 215 -10.64 -13.71 -9.42
CA GLU A 215 -12.00 -14.21 -9.25
C GLU A 215 -12.09 -15.71 -9.50
N TYR A 216 -11.47 -16.23 -10.58
CA TYR A 216 -11.48 -17.67 -10.90
C TYR A 216 -10.64 -18.51 -9.96
N ALA A 217 -9.56 -17.94 -9.46
CA ALA A 217 -8.73 -18.64 -8.50
C ALA A 217 -9.48 -18.75 -7.17
N MET A 218 -10.25 -17.73 -6.80
CA MET A 218 -11.02 -17.73 -5.55
C MET A 218 -12.16 -18.73 -5.60
N ARG A 219 -12.77 -18.90 -6.78
CA ARG A 219 -13.85 -19.86 -7.05
C ARG A 219 -13.28 -21.26 -6.97
N TRP A 220 -12.03 -21.45 -7.49
CA TRP A 220 -11.35 -22.72 -7.45
C TRP A 220 -11.00 -23.08 -5.99
N LYS A 221 -10.51 -22.11 -5.21
CA LYS A 221 -10.18 -22.32 -3.81
C LYS A 221 -11.37 -22.76 -2.98
N ALA A 222 -12.54 -22.15 -3.26
CA ALA A 222 -13.81 -22.45 -2.62
C ALA A 222 -14.27 -23.86 -2.97
N LEU A 223 -14.14 -24.26 -4.25
CA LEU A 223 -14.48 -25.58 -4.76
C LEU A 223 -13.62 -26.63 -4.08
N ILE A 224 -12.30 -26.38 -3.92
CA ILE A 224 -11.38 -27.30 -3.24
C ILE A 224 -11.76 -27.47 -1.76
N GLU A 225 -12.14 -26.37 -1.08
CA GLU A 225 -12.57 -26.43 0.30
C GLU A 225 -13.87 -27.27 0.43
N MET A 226 -14.77 -27.18 -0.57
CA MET A 226 -16.03 -27.95 -0.60
C MET A 226 -15.73 -29.43 -0.75
N GLU A 227 -14.73 -29.76 -1.58
CA GLU A 227 -14.27 -31.13 -1.83
C GLU A 227 -13.67 -31.73 -0.58
N LYS A 228 -12.92 -30.91 0.22
CA LYS A 228 -12.30 -31.31 1.48
C LYS A 228 -13.39 -31.63 2.49
N GLN A 229 -14.45 -30.79 2.58
CA GLN A 229 -15.57 -31.00 3.49
C GLN A 229 -16.30 -32.30 3.14
N GLN A 230 -16.57 -32.53 1.83
CA GLN A 230 -17.22 -33.71 1.28
C GLN A 230 -16.45 -34.99 1.67
N GLN A 231 -15.13 -34.98 1.45
CA GLN A 231 -14.24 -36.10 1.73
C GLN A 231 -14.14 -36.39 3.21
N ASP A 232 -14.10 -35.33 4.05
CA ASP A 232 -14.03 -35.45 5.52
C ASP A 232 -15.26 -36.15 6.05
N GLN A 233 -16.43 -35.86 5.46
CA GLN A 233 -17.68 -36.49 5.86
C GLN A 233 -17.70 -37.97 5.49
N VAL A 234 -17.21 -38.33 4.29
CA VAL A 234 -17.12 -39.72 3.80
C VAL A 234 -16.19 -40.53 4.70
N ASP A 235 -15.04 -39.95 5.06
CA ASP A 235 -14.03 -40.55 5.95
C ASP A 235 -14.66 -40.84 7.33
N ARG A 236 -15.41 -39.88 7.89
CA ARG A 236 -16.08 -39.99 9.18
C ARG A 236 -17.10 -41.11 9.16
N ASN A 237 -17.95 -41.16 8.11
CA ASN A 237 -19.00 -42.18 7.91
C ASN A 237 -18.41 -43.56 7.82
N ILE A 238 -17.32 -43.73 7.07
CA ILE A 238 -16.63 -44.99 6.86
C ILE A 238 -16.03 -45.51 8.16
N LYS A 239 -15.33 -44.62 8.92
CA LYS A 239 -14.70 -44.94 10.21
C LYS A 239 -15.74 -45.42 11.21
N GLU A 240 -16.89 -44.70 11.27
CA GLU A 240 -17.98 -44.97 12.17
C GLU A 240 -18.57 -46.32 11.85
N ALA A 241 -18.73 -46.60 10.54
CA ALA A 241 -19.29 -47.85 10.07
C ALA A 241 -18.38 -49.05 10.38
N ARG A 242 -17.07 -48.88 10.19
CA ARG A 242 -16.03 -49.89 10.47
C ARG A 242 -16.03 -50.21 11.96
N GLU A 243 -16.03 -49.17 12.82
CA GLU A 243 -16.05 -49.32 14.28
C GLU A 243 -17.29 -50.06 14.75
N LYS A 244 -18.43 -49.79 14.10
CA LYS A 244 -19.70 -50.40 14.37
C LYS A 244 -19.64 -51.88 14.03
N LEU A 245 -19.14 -52.25 12.84
CA LEU A 245 -19.03 -53.64 12.42
C LEU A 245 -18.18 -54.46 13.38
N GLU A 246 -17.04 -53.88 13.78
CA GLU A 246 -16.14 -54.54 14.72
C GLU A 246 -16.80 -54.79 16.09
N MET A 247 -17.58 -53.83 16.55
CA MET A 247 -18.27 -53.96 17.83
C MET A 247 -19.35 -55.02 17.83
N GLU A 248 -20.03 -55.20 16.67
CA GLU A 248 -21.02 -56.26 16.47
C GLU A 248 -20.34 -57.63 16.50
N MET A 249 -19.18 -57.75 15.86
CA MET A 249 -18.41 -58.99 15.79
C MET A 249 -17.89 -59.40 17.17
N GLU A 250 -17.43 -58.42 17.97
CA GLU A 250 -16.91 -58.62 19.32
C GLU A 250 -18.02 -59.06 20.23
N ALA A 251 -19.22 -58.44 20.09
CA ALA A 251 -20.42 -58.81 20.86
C ALA A 251 -20.80 -60.27 20.57
N ALA A 252 -20.74 -60.68 19.28
CA ALA A 252 -21.01 -62.04 18.81
C ALA A 252 -20.00 -63.05 19.37
N ARG A 253 -18.72 -62.68 19.47
CA ARG A 253 -17.62 -63.54 19.92
C ARG A 253 -17.74 -64.25 21.29
N HIS A 254 -17.51 -65.60 21.24
CA HIS A 254 -17.43 -66.48 22.42
C HIS A 254 -16.18 -67.39 22.49
N GLU A 255 -15.34 -67.13 23.52
CA GLU A 255 -14.11 -67.88 23.80
C GLU A 255 -14.45 -69.20 24.49
N GLY B 3 31.77 -59.36 -4.48
CA GLY B 3 32.97 -58.64 -4.92
C GLY B 3 33.00 -58.35 -6.41
N LEU B 4 32.98 -57.04 -6.80
CA LEU B 4 33.03 -56.55 -8.19
C LEU B 4 33.57 -55.11 -8.25
N THR B 5 34.57 -54.85 -9.10
CA THR B 5 35.11 -53.49 -9.24
C THR B 5 34.48 -52.83 -10.48
N ILE B 6 33.91 -51.62 -10.27
CA ILE B 6 33.27 -50.85 -11.32
C ILE B 6 33.90 -49.44 -11.41
N ASP B 7 34.32 -49.05 -12.61
CA ASP B 7 34.81 -47.71 -12.85
C ASP B 7 33.58 -46.86 -13.25
N LEU B 8 33.15 -45.97 -12.35
CA LEU B 8 32.00 -45.10 -12.54
C LEU B 8 32.35 -43.88 -13.34
N LYS B 9 31.80 -43.79 -14.55
CA LYS B 9 32.03 -42.71 -15.50
C LYS B 9 30.89 -41.66 -15.54
N ASN B 10 29.64 -42.13 -15.33
CA ASN B 10 28.40 -41.37 -15.33
C ASN B 10 27.58 -41.79 -14.14
N PHE B 11 27.52 -40.91 -13.13
CA PHE B 11 26.83 -41.17 -11.86
C PHE B 11 25.96 -39.99 -11.41
N ARG B 12 25.94 -38.93 -12.24
CA ARG B 12 25.14 -37.73 -12.04
C ARG B 12 24.08 -37.81 -13.12
N LYS B 13 22.81 -37.74 -12.73
CA LYS B 13 21.68 -37.84 -13.66
C LYS B 13 21.51 -36.51 -14.35
N PRO B 14 20.94 -36.46 -15.58
CA PRO B 14 20.76 -35.13 -16.23
C PRO B 14 19.92 -34.16 -15.38
N GLY B 15 20.50 -33.00 -15.14
CA GLY B 15 19.87 -31.93 -14.36
C GLY B 15 20.06 -32.02 -12.86
N GLU B 16 20.61 -33.19 -12.38
CA GLU B 16 20.82 -33.45 -10.97
C GLU B 16 21.81 -32.48 -10.36
N LYS B 17 21.40 -31.82 -9.30
CA LYS B 17 22.22 -30.91 -8.54
C LYS B 17 22.98 -31.80 -7.58
N THR B 18 24.12 -31.34 -7.14
CA THR B 18 24.98 -32.14 -6.27
C THR B 18 24.81 -31.79 -4.80
N PHE B 19 25.17 -32.72 -3.91
CA PHE B 19 25.13 -32.55 -2.45
C PHE B 19 23.78 -32.06 -1.91
N THR B 20 22.68 -32.57 -2.50
CA THR B 20 21.32 -32.24 -2.08
C THR B 20 20.91 -33.15 -0.95
N GLN B 21 19.74 -32.99 -0.37
CA GLN B 21 19.23 -33.88 0.66
C GLN B 21 18.90 -35.27 0.10
N ARG B 22 18.81 -35.45 -1.23
CA ARG B 22 18.60 -36.74 -1.87
C ARG B 22 19.86 -37.63 -1.89
N SER B 23 21.02 -37.05 -1.57
CA SER B 23 22.24 -37.80 -1.48
C SER B 23 22.81 -37.72 -0.06
N ARG B 24 21.94 -37.44 0.91
CA ARG B 24 22.24 -37.31 2.32
C ARG B 24 21.85 -38.59 3.01
N LEU B 25 22.82 -39.20 3.68
CA LEU B 25 22.60 -40.45 4.40
C LEU B 25 22.62 -40.23 5.87
N PHE B 26 21.80 -40.99 6.56
CA PHE B 26 21.73 -41.05 8.00
C PHE B 26 22.59 -42.28 8.36
N VAL B 27 23.45 -42.12 9.37
CA VAL B 27 24.28 -43.21 9.85
C VAL B 27 24.02 -43.35 11.33
N GLY B 28 23.33 -44.41 11.72
CA GLY B 28 22.96 -44.68 13.11
C GLY B 28 23.70 -45.85 13.71
N ASN B 29 23.50 -46.05 15.03
CA ASN B 29 24.15 -47.07 15.87
C ASN B 29 25.68 -46.91 15.81
N LEU B 30 26.16 -45.67 15.79
CA LEU B 30 27.58 -45.34 15.77
C LEU B 30 28.19 -45.61 17.16
N PRO B 31 29.50 -45.96 17.28
CA PRO B 31 30.10 -46.10 18.63
C PRO B 31 30.05 -44.74 19.35
N PRO B 32 29.91 -44.69 20.70
CA PRO B 32 29.79 -43.37 21.38
C PRO B 32 31.00 -42.46 21.22
N ASP B 33 32.16 -43.05 20.84
CA ASP B 33 33.42 -42.34 20.68
C ASP B 33 33.73 -41.90 19.24
N ILE B 34 32.83 -42.15 18.25
CA ILE B 34 32.99 -41.81 16.81
C ILE B 34 33.47 -40.37 16.56
N THR B 35 34.37 -40.22 15.56
CA THR B 35 34.92 -38.93 15.19
C THR B 35 34.56 -38.59 13.76
N GLU B 36 34.68 -37.28 13.39
CA GLU B 36 34.40 -36.80 12.04
C GLU B 36 35.32 -37.49 11.05
N GLU B 37 36.61 -37.69 11.43
CA GLU B 37 37.60 -38.35 10.58
C GLU B 37 37.29 -39.81 10.34
N GLU B 38 36.70 -40.49 11.33
CA GLU B 38 36.32 -41.90 11.26
C GLU B 38 35.20 -42.06 10.23
N MET B 39 34.21 -41.16 10.31
CA MET B 39 33.06 -41.06 9.40
C MET B 39 33.50 -40.80 7.97
N ARG B 40 34.42 -39.84 7.80
CA ARG B 40 34.93 -39.46 6.49
C ARG B 40 35.68 -40.62 5.85
N LYS B 41 36.45 -41.37 6.66
CA LYS B 41 37.22 -42.53 6.21
C LYS B 41 36.28 -43.65 5.76
N LEU B 42 35.16 -43.85 6.50
CA LEU B 42 34.14 -44.84 6.17
C LEU B 42 33.53 -44.60 4.79
N PHE B 43 33.34 -43.34 4.39
CA PHE B 43 32.73 -42.94 3.11
C PHE B 43 33.71 -42.45 2.02
N GLU B 44 35.00 -42.48 2.33
CA GLU B 44 36.13 -42.09 1.47
C GLU B 44 36.07 -42.67 0.04
N LYS B 45 35.63 -43.94 -0.09
CA LYS B 45 35.54 -44.72 -1.32
C LYS B 45 34.51 -44.17 -2.29
N TYR B 46 33.52 -43.44 -1.76
CA TYR B 46 32.36 -42.94 -2.50
C TYR B 46 32.50 -41.51 -2.97
N GLY B 47 33.73 -41.15 -3.32
CA GLY B 47 34.12 -39.85 -3.85
C GLY B 47 34.15 -38.72 -2.83
N LYS B 48 33.84 -37.49 -3.33
CA LYS B 48 33.74 -36.24 -2.58
C LYS B 48 32.62 -36.28 -1.55
N ALA B 49 32.89 -35.71 -0.39
CA ALA B 49 31.91 -35.62 0.70
C ALA B 49 31.62 -34.14 0.97
N GLY B 50 30.37 -33.86 1.28
CA GLY B 50 29.99 -32.53 1.67
C GLY B 50 29.94 -32.52 3.19
N GLU B 51 28.78 -32.17 3.72
CA GLU B 51 28.45 -32.07 5.12
C GLU B 51 28.71 -33.38 5.83
N VAL B 52 29.36 -33.30 7.00
CA VAL B 52 29.55 -34.41 7.91
C VAL B 52 29.10 -33.84 9.28
N PHE B 53 28.09 -34.46 9.87
CA PHE B 53 27.53 -34.08 11.16
C PHE B 53 27.46 -35.31 12.01
N ILE B 54 27.97 -35.22 13.24
CA ILE B 54 27.86 -36.29 14.24
C ILE B 54 27.24 -35.69 15.50
N HIS B 55 26.20 -36.36 16.01
CA HIS B 55 25.50 -35.91 17.19
C HIS B 55 26.36 -36.14 18.41
N LYS B 56 26.58 -35.04 19.15
CA LYS B 56 27.36 -34.96 20.39
C LYS B 56 27.19 -36.14 21.38
N ASP B 57 26.03 -36.80 21.43
CA ASP B 57 25.89 -37.87 22.41
C ASP B 57 25.03 -39.00 21.95
N LYS B 58 24.25 -38.81 20.86
CA LYS B 58 23.25 -39.79 20.45
C LYS B 58 23.58 -40.98 19.56
N GLY B 59 24.82 -41.11 19.09
CA GLY B 59 25.19 -42.29 18.30
C GLY B 59 24.61 -42.36 16.90
N PHE B 60 24.48 -41.18 16.28
CA PHE B 60 24.02 -41.03 14.91
C PHE B 60 24.67 -39.80 14.27
N GLY B 61 24.70 -39.80 12.94
CA GLY B 61 25.23 -38.71 12.14
C GLY B 61 24.66 -38.67 10.74
N PHE B 62 25.13 -37.67 9.98
CA PHE B 62 24.76 -37.44 8.59
C PHE B 62 25.95 -37.16 7.73
N ILE B 63 25.89 -37.59 6.48
CA ILE B 63 26.92 -37.33 5.50
C ILE B 63 26.24 -37.07 4.15
N ARG B 64 26.70 -36.05 3.42
CA ARG B 64 26.18 -35.75 2.10
C ARG B 64 27.18 -36.23 1.07
N LEU B 65 26.71 -37.10 0.15
CA LEU B 65 27.52 -37.59 -0.95
C LEU B 65 27.18 -36.77 -2.15
N GLU B 66 28.03 -36.80 -3.18
CA GLU B 66 27.81 -35.98 -4.39
C GLU B 66 26.49 -36.17 -5.13
N THR B 67 26.10 -37.43 -5.41
CA THR B 67 24.93 -37.79 -6.21
C THR B 67 24.11 -38.87 -5.56
N ARG B 68 22.83 -39.07 -6.05
CA ARG B 68 21.94 -40.16 -5.58
C ARG B 68 22.61 -41.50 -5.83
N THR B 69 23.18 -41.74 -7.02
CA THR B 69 23.84 -43.00 -7.33
C THR B 69 24.86 -43.36 -6.24
N LEU B 70 25.78 -42.43 -5.93
CA LEU B 70 26.85 -42.65 -4.94
C LEU B 70 26.32 -42.95 -3.56
N ALA B 71 25.24 -42.25 -3.17
CA ALA B 71 24.57 -42.45 -1.89
C ALA B 71 23.89 -43.83 -1.83
N GLU B 72 23.25 -44.27 -2.95
CA GLU B 72 22.57 -45.58 -3.09
C GLU B 72 23.58 -46.71 -2.93
N ILE B 73 24.78 -46.57 -3.54
CA ILE B 73 25.88 -47.54 -3.47
C ILE B 73 26.44 -47.59 -2.03
N ALA B 74 26.73 -46.39 -1.44
CA ALA B 74 27.25 -46.31 -0.07
C ALA B 74 26.29 -46.92 0.93
N LYS B 75 24.96 -46.70 0.75
CA LYS B 75 23.90 -47.23 1.62
C LYS B 75 23.91 -48.77 1.62
N VAL B 76 23.88 -49.40 0.44
CA VAL B 76 23.88 -50.85 0.26
C VAL B 76 25.15 -51.48 0.83
N GLU B 77 26.30 -50.88 0.54
CA GLU B 77 27.60 -51.39 1.01
C GLU B 77 27.83 -51.25 2.51
N LEU B 78 27.43 -50.10 3.09
CA LEU B 78 27.67 -49.77 4.50
C LEU B 78 26.58 -50.10 5.48
N ASP B 79 25.33 -50.31 5.02
CA ASP B 79 24.26 -50.69 5.94
C ASP B 79 24.61 -52.04 6.58
N ASN B 80 24.39 -52.16 7.90
CA ASN B 80 24.65 -53.32 8.75
C ASN B 80 26.14 -53.66 8.91
N MET B 81 27.01 -52.73 8.55
CA MET B 81 28.44 -52.92 8.67
C MET B 81 28.88 -52.87 10.13
N PRO B 82 29.66 -53.88 10.58
CA PRO B 82 30.09 -53.88 11.98
C PRO B 82 31.20 -52.85 12.22
N LEU B 83 31.03 -52.05 13.27
CA LEU B 83 31.99 -51.03 13.65
C LEU B 83 32.07 -50.94 15.16
N ARG B 84 33.20 -51.47 15.70
CA ARG B 84 33.55 -51.48 17.11
C ARG B 84 32.44 -52.02 18.02
N GLY B 85 31.88 -53.18 17.64
CA GLY B 85 30.83 -53.86 18.39
C GLY B 85 29.42 -53.49 18.01
N LYS B 86 29.27 -52.46 17.19
CA LYS B 86 27.97 -51.95 16.73
C LYS B 86 27.74 -52.35 15.29
N GLN B 87 26.47 -52.56 14.91
CA GLN B 87 26.08 -52.86 13.54
C GLN B 87 25.45 -51.57 13.03
N LEU B 88 26.18 -50.85 12.15
CA LEU B 88 25.74 -49.57 11.61
C LEU B 88 24.43 -49.66 10.84
N ARG B 89 23.60 -48.60 10.94
CA ARG B 89 22.33 -48.47 10.22
C ARG B 89 22.50 -47.29 9.28
N VAL B 90 22.54 -47.57 7.99
CA VAL B 90 22.78 -46.56 6.97
C VAL B 90 21.52 -46.50 6.13
N ARG B 91 20.89 -45.32 6.14
CA ARG B 91 19.64 -45.07 5.45
C ARG B 91 19.69 -43.70 4.78
N PHE B 92 18.81 -43.49 3.81
CA PHE B 92 18.62 -42.20 3.21
C PHE B 92 18.02 -41.32 4.31
N ALA B 93 18.55 -40.10 4.49
CA ALA B 93 18.02 -39.16 5.48
C ALA B 93 16.58 -38.75 5.07
N CYS B 94 15.71 -38.49 6.03
CA CYS B 94 14.36 -38.03 5.74
C CYS B 94 14.48 -36.56 5.26
N HIS B 95 13.83 -36.25 4.10
CA HIS B 95 13.88 -34.91 3.50
C HIS B 95 13.08 -33.94 4.35
N SER B 96 13.70 -32.86 4.75
CA SER B 96 13.06 -31.83 5.60
C SER B 96 12.25 -30.75 4.84
N ALA B 97 12.31 -30.76 3.53
CA ALA B 97 11.76 -29.64 2.77
C ALA B 97 11.18 -30.08 1.46
N SER B 98 10.41 -31.18 1.47
CA SER B 98 9.77 -31.78 0.26
C SER B 98 8.28 -31.56 0.27
N LEU B 99 7.74 -31.12 -0.87
CA LEU B 99 6.36 -30.77 -1.02
C LEU B 99 5.71 -31.48 -2.18
N THR B 100 4.40 -31.71 -2.03
CA THR B 100 3.47 -32.25 -3.01
C THR B 100 2.74 -31.07 -3.59
N VAL B 101 2.69 -31.00 -4.90
CA VAL B 101 1.99 -29.95 -5.64
C VAL B 101 0.92 -30.68 -6.42
N ARG B 102 -0.32 -30.28 -6.19
CA ARG B 102 -1.49 -30.89 -6.83
C ARG B 102 -2.17 -29.84 -7.70
N ASN B 103 -3.02 -30.31 -8.63
CA ASN B 103 -3.79 -29.50 -9.55
C ASN B 103 -2.90 -28.71 -10.50
N LEU B 104 -1.83 -29.39 -10.95
CA LEU B 104 -0.91 -28.81 -11.91
C LEU B 104 -1.66 -28.58 -13.21
N PRO B 105 -1.49 -27.39 -13.84
CA PRO B 105 -2.16 -27.19 -15.14
C PRO B 105 -1.38 -27.91 -16.26
N GLN B 106 -1.89 -27.90 -17.50
CA GLN B 106 -1.15 -28.49 -18.61
C GLN B 106 0.03 -27.55 -18.98
N TYR B 107 1.03 -28.10 -19.70
CA TYR B 107 2.24 -27.43 -20.17
C TYR B 107 3.24 -27.05 -19.07
N VAL B 108 3.15 -27.72 -17.92
CA VAL B 108 4.09 -27.54 -16.82
C VAL B 108 5.16 -28.62 -17.00
N SER B 109 6.42 -28.20 -17.16
CA SER B 109 7.56 -29.10 -17.28
C SER B 109 8.25 -29.12 -15.91
N ASN B 110 9.19 -30.05 -15.71
CA ASN B 110 9.97 -30.08 -14.47
C ASN B 110 10.65 -28.75 -14.22
N GLU B 111 11.25 -28.15 -15.29
CA GLU B 111 11.97 -26.85 -15.31
C GLU B 111 11.05 -25.72 -14.96
N LEU B 112 9.83 -25.69 -15.52
CA LEU B 112 8.88 -24.62 -15.18
C LEU B 112 8.50 -24.70 -13.69
N LEU B 113 8.26 -25.94 -13.18
CA LEU B 113 7.94 -26.18 -11.75
C LEU B 113 9.08 -25.66 -10.86
N GLU B 114 10.31 -25.91 -11.26
CA GLU B 114 11.50 -25.43 -10.55
C GLU B 114 11.60 -23.89 -10.60
N GLU B 115 11.41 -23.31 -11.77
CA GLU B 115 11.43 -21.85 -11.94
C GLU B 115 10.36 -21.19 -11.07
N ALA B 116 9.13 -21.74 -11.09
CA ALA B 116 8.00 -21.25 -10.30
C ALA B 116 8.30 -21.24 -8.82
N PHE B 117 8.75 -22.35 -8.26
CA PHE B 117 9.04 -22.49 -6.83
C PHE B 117 10.34 -21.88 -6.38
N SER B 118 11.24 -21.57 -7.31
CA SER B 118 12.50 -20.92 -7.02
C SER B 118 12.31 -19.48 -6.41
N VAL B 119 11.09 -18.92 -6.48
CA VAL B 119 10.72 -17.61 -5.93
C VAL B 119 10.71 -17.69 -4.42
N PHE B 120 10.50 -18.90 -3.86
CA PHE B 120 10.42 -19.11 -2.39
C PHE B 120 11.75 -19.42 -1.74
N GLY B 121 12.73 -19.81 -2.55
CA GLY B 121 14.05 -20.22 -2.08
C GLY B 121 14.72 -21.19 -3.03
N GLN B 122 15.85 -21.77 -2.59
CA GLN B 122 16.67 -22.69 -3.38
C GLN B 122 16.00 -24.03 -3.54
N VAL B 123 15.70 -24.38 -4.81
CA VAL B 123 15.07 -25.63 -5.22
C VAL B 123 16.18 -26.60 -5.57
N GLU B 124 16.17 -27.77 -4.94
CA GLU B 124 17.12 -28.85 -5.22
C GLU B 124 16.61 -29.68 -6.45
N ARG B 125 15.28 -29.93 -6.51
CA ARG B 125 14.63 -30.78 -7.51
C ARG B 125 13.16 -30.46 -7.58
N ALA B 126 12.60 -30.54 -8.77
CA ALA B 126 11.20 -30.39 -9.06
C ALA B 126 10.86 -31.36 -10.15
N VAL B 127 9.79 -32.14 -9.96
CA VAL B 127 9.37 -33.20 -10.90
C VAL B 127 7.88 -33.12 -11.15
N VAL B 128 7.47 -33.16 -12.45
CA VAL B 128 6.08 -33.26 -12.87
C VAL B 128 5.88 -34.75 -13.03
N ILE B 129 5.09 -35.39 -12.17
CA ILE B 129 4.89 -36.84 -12.20
C ILE B 129 4.09 -37.25 -13.43
N VAL B 130 4.57 -38.28 -14.14
CA VAL B 130 3.93 -38.82 -15.35
C VAL B 130 3.52 -40.30 -15.15
N ASP B 131 2.53 -40.77 -15.90
CA ASP B 131 2.10 -42.16 -15.87
C ASP B 131 2.97 -43.03 -16.82
N ASP B 132 2.64 -44.34 -16.94
CA ASP B 132 3.34 -45.31 -17.82
C ASP B 132 3.34 -45.01 -19.34
N ARG B 133 2.64 -43.94 -19.76
CA ARG B 133 2.53 -43.47 -21.15
C ARG B 133 3.04 -42.03 -21.29
N GLY B 134 3.73 -41.53 -20.25
CA GLY B 134 4.31 -40.20 -20.20
C GLY B 134 3.34 -39.05 -20.05
N ARG B 135 2.06 -39.33 -19.71
CA ARG B 135 1.04 -38.31 -19.53
C ARG B 135 1.09 -37.78 -18.09
N PRO B 136 1.15 -36.43 -17.88
CA PRO B 136 1.20 -35.92 -16.51
C PRO B 136 -0.01 -36.32 -15.69
N SER B 137 0.24 -36.69 -14.42
CA SER B 137 -0.75 -37.10 -13.44
C SER B 137 -1.51 -35.88 -12.84
N GLY B 138 -0.92 -34.68 -12.93
CA GLY B 138 -1.46 -33.48 -12.31
C GLY B 138 -0.81 -33.22 -10.96
N LYS B 139 0.05 -34.16 -10.51
CA LYS B 139 0.82 -34.03 -9.28
C LYS B 139 2.29 -33.79 -9.61
N GLY B 140 2.96 -33.17 -8.68
CA GLY B 140 4.37 -32.85 -8.81
C GLY B 140 5.06 -32.88 -7.46
N ILE B 141 6.39 -32.84 -7.49
CA ILE B 141 7.22 -32.86 -6.29
C ILE B 141 8.12 -31.63 -6.36
N VAL B 142 8.25 -30.89 -5.26
CA VAL B 142 9.19 -29.79 -5.13
C VAL B 142 10.02 -30.04 -3.88
N GLU B 143 11.32 -30.22 -4.06
CA GLU B 143 12.29 -30.44 -2.96
C GLU B 143 13.18 -29.24 -2.82
N PHE B 144 13.06 -28.52 -1.69
CA PHE B 144 13.90 -27.36 -1.40
C PHE B 144 15.13 -27.77 -0.62
N SER B 145 16.19 -26.97 -0.65
CA SER B 145 17.42 -27.23 0.09
C SER B 145 17.26 -27.09 1.63
N GLY B 146 16.36 -26.19 2.05
CA GLY B 146 16.06 -25.96 3.45
C GLY B 146 14.59 -25.79 3.76
N LYS B 147 14.20 -26.13 5.01
CA LYS B 147 12.84 -26.02 5.56
C LYS B 147 12.26 -24.60 5.50
N PRO B 148 13.03 -23.47 5.73
CA PRO B 148 12.39 -22.13 5.67
C PRO B 148 11.77 -21.80 4.31
N ALA B 149 12.44 -22.23 3.22
CA ALA B 149 11.96 -22.06 1.84
C ALA B 149 10.68 -22.85 1.59
N ALA B 150 10.59 -24.09 2.11
CA ALA B 150 9.40 -24.94 2.00
C ALA B 150 8.24 -24.37 2.78
N ARG B 151 8.49 -23.79 3.99
CA ARG B 151 7.48 -23.14 4.83
C ARG B 151 6.92 -21.89 4.13
N LYS B 152 7.78 -21.14 3.45
CA LYS B 152 7.41 -19.94 2.67
C LYS B 152 6.42 -20.33 1.57
N ALA B 153 6.76 -21.37 0.78
CA ALA B 153 5.95 -21.90 -0.31
C ALA B 153 4.60 -22.34 0.21
N LEU B 154 4.57 -23.07 1.34
CA LEU B 154 3.34 -23.55 1.94
C LEU B 154 2.42 -22.42 2.38
N ASP B 155 2.97 -21.43 3.09
CA ASP B 155 2.23 -20.29 3.58
C ASP B 155 1.66 -19.46 2.45
N ARG B 156 2.55 -18.98 1.54
CA ARG B 156 2.19 -18.14 0.40
CA ARG B 156 2.16 -18.14 0.41
C ARG B 156 1.15 -18.80 -0.53
N CYS B 157 1.32 -20.11 -0.83
CA CYS B 157 0.41 -20.83 -1.72
C CYS B 157 -0.96 -21.19 -1.13
N SER B 158 -1.13 -21.06 0.20
CA SER B 158 -2.43 -21.28 0.88
C SER B 158 -3.16 -19.92 1.02
N GLU B 159 -2.39 -18.85 1.38
CA GLU B 159 -2.89 -17.47 1.51
C GLU B 159 -3.31 -16.93 0.14
N GLY B 160 -2.41 -17.08 -0.84
CA GLY B 160 -2.61 -16.60 -2.20
C GLY B 160 -2.94 -17.67 -3.21
N SER B 161 -3.17 -17.24 -4.46
CA SER B 161 -3.48 -18.15 -5.56
C SER B 161 -2.29 -18.17 -6.51
N PHE B 162 -1.47 -19.23 -6.40
CA PHE B 162 -0.27 -19.38 -7.19
C PHE B 162 -0.58 -20.05 -8.50
N LEU B 163 -0.49 -19.26 -9.60
CA LEU B 163 -0.77 -19.68 -10.97
C LEU B 163 0.53 -19.90 -11.70
N LEU B 164 0.74 -21.08 -12.24
CA LEU B 164 1.96 -21.46 -12.96
C LEU B 164 1.91 -21.09 -14.44
N THR B 165 0.70 -21.05 -15.04
CA THR B 165 0.51 -20.76 -16.45
C THR B 165 -0.57 -19.68 -16.66
N THR B 166 -1.12 -19.58 -17.90
CA THR B 166 -2.18 -18.65 -18.30
C THR B 166 -3.53 -19.09 -17.65
N PHE B 167 -3.72 -20.40 -17.49
CA PHE B 167 -4.93 -20.97 -16.93
C PHE B 167 -5.15 -20.49 -15.49
N PRO B 168 -6.30 -19.83 -15.21
CA PRO B 168 -6.49 -19.25 -13.86
C PRO B 168 -6.85 -20.22 -12.73
N ARG B 169 -6.18 -21.39 -12.65
CA ARG B 169 -6.44 -22.35 -11.60
C ARG B 169 -5.22 -22.46 -10.74
N PRO B 170 -5.29 -22.08 -9.43
CA PRO B 170 -4.10 -22.19 -8.57
C PRO B 170 -3.75 -23.61 -8.20
N VAL B 171 -2.47 -23.82 -7.92
CA VAL B 171 -1.96 -25.11 -7.49
C VAL B 171 -2.18 -25.25 -5.96
N THR B 172 -2.24 -26.51 -5.47
CA THR B 172 -2.35 -26.87 -4.07
C THR B 172 -0.96 -27.36 -3.67
N VAL B 173 -0.40 -26.79 -2.60
CA VAL B 173 0.94 -27.13 -2.08
C VAL B 173 0.75 -27.68 -0.67
N GLU B 174 1.21 -28.92 -0.44
CA GLU B 174 1.07 -29.62 0.83
C GLU B 174 2.42 -30.23 1.19
N PRO B 175 2.68 -30.56 2.46
CA PRO B 175 3.93 -31.31 2.78
C PRO B 175 3.86 -32.73 2.18
N MET B 176 4.99 -33.24 1.76
CA MET B 176 5.11 -34.57 1.21
C MET B 176 4.83 -35.59 2.30
N ASP B 177 3.95 -36.55 2.00
CA ASP B 177 3.70 -37.68 2.87
C ASP B 177 4.85 -38.67 2.54
N GLN B 178 5.83 -38.74 3.43
CA GLN B 178 6.99 -39.58 3.24
C GLN B 178 6.76 -40.99 3.72
N LEU B 179 6.64 -41.88 2.74
CA LEU B 179 6.42 -43.31 2.87
C LEU B 179 7.61 -44.08 2.38
N ASP B 180 8.06 -45.04 3.18
CA ASP B 180 9.15 -45.95 2.84
C ASP B 180 8.55 -47.27 2.27
N ASP B 181 8.64 -47.40 0.95
CA ASP B 181 8.19 -48.54 0.18
C ASP B 181 9.39 -49.41 -0.23
N GLU B 182 10.55 -49.20 0.42
CA GLU B 182 11.78 -49.93 0.13
C GLU B 182 12.21 -50.87 1.27
N GLU B 183 12.40 -50.32 2.49
CA GLU B 183 12.78 -51.10 3.67
C GLU B 183 11.51 -51.73 4.32
N GLY B 184 10.44 -50.93 4.37
CA GLY B 184 9.13 -51.33 4.89
C GLY B 184 9.15 -51.76 6.33
N LEU B 185 8.43 -52.84 6.63
CA LEU B 185 8.33 -53.40 7.98
C LEU B 185 8.92 -54.78 8.12
N PRO B 186 10.25 -54.94 8.36
CA PRO B 186 10.80 -56.30 8.53
C PRO B 186 10.30 -56.97 9.78
N GLU B 187 10.21 -58.32 9.80
CA GLU B 187 9.72 -59.08 10.95
C GLU B 187 10.46 -58.73 12.24
N LYS B 188 11.80 -58.57 12.16
CA LYS B 188 12.66 -58.23 13.30
C LYS B 188 12.23 -56.96 14.03
N LEU B 189 11.71 -55.95 13.28
CA LEU B 189 11.30 -54.67 13.83
C LEU B 189 9.84 -54.61 14.36
N VAL B 190 9.07 -55.71 14.20
CA VAL B 190 7.69 -55.80 14.70
C VAL B 190 7.76 -56.08 16.22
N ILE B 191 7.04 -55.30 17.03
CA ILE B 191 7.04 -55.47 18.47
C ILE B 191 6.24 -56.73 18.80
N LYS B 192 6.91 -57.73 19.40
CA LYS B 192 6.25 -58.97 19.72
C LYS B 192 5.54 -58.92 21.08
N ASN B 193 4.39 -58.19 21.13
CA ASN B 193 3.52 -58.01 22.30
C ASN B 193 2.35 -59.00 22.30
N GLN B 194 1.36 -58.85 23.23
CA GLN B 194 0.18 -59.73 23.35
C GLN B 194 -0.68 -59.72 22.05
N GLN B 195 -0.93 -58.50 21.53
CA GLN B 195 -1.71 -58.25 20.30
C GLN B 195 -1.08 -58.95 19.10
N PHE B 196 0.26 -58.94 19.01
CA PHE B 196 1.04 -59.60 17.99
C PHE B 196 0.72 -61.10 17.99
N HIS B 197 0.91 -61.76 19.13
CA HIS B 197 0.65 -63.20 19.25
C HIS B 197 -0.82 -63.58 18.99
N LYS B 198 -1.77 -62.70 19.40
CA LYS B 198 -3.20 -62.91 19.17
C LYS B 198 -3.48 -62.91 17.68
N GLU B 199 -2.86 -61.96 16.97
CA GLU B 199 -3.00 -61.78 15.52
C GLU B 199 -2.35 -62.88 14.71
N ARG B 200 -1.25 -63.44 15.22
CA ARG B 200 -0.49 -64.50 14.55
C ARG B 200 -0.95 -65.91 14.87
N GLU B 201 -2.00 -66.05 15.68
CA GLU B 201 -2.57 -67.34 16.06
C GLU B 201 -3.02 -68.10 14.79
N GLN B 202 -3.66 -67.35 13.87
CA GLN B 202 -4.19 -67.84 12.60
C GLN B 202 -3.26 -67.46 11.46
N PRO B 203 -2.86 -68.41 10.60
CA PRO B 203 -1.95 -68.07 9.49
C PRO B 203 -2.66 -67.46 8.27
N PRO B 204 -1.95 -66.90 7.27
CA PRO B 204 -2.63 -66.42 6.06
C PRO B 204 -3.47 -67.54 5.43
N ARG B 205 -4.74 -67.22 5.13
CA ARG B 205 -5.73 -68.17 4.62
C ARG B 205 -6.92 -67.43 3.97
N PHE B 206 -7.79 -68.17 3.30
CA PHE B 206 -9.07 -67.68 2.81
C PHE B 206 -10.12 -68.14 3.84
N ALA B 207 -11.04 -67.22 4.27
CA ALA B 207 -12.11 -67.56 5.22
C ALA B 207 -12.97 -68.66 4.59
N GLN B 208 -13.17 -69.74 5.37
CA GLN B 208 -13.88 -70.89 4.88
C GLN B 208 -15.34 -70.90 5.31
N PRO B 209 -16.29 -71.17 4.37
CA PRO B 209 -17.72 -71.20 4.75
C PRO B 209 -17.97 -72.15 5.90
N GLY B 210 -18.76 -71.72 6.88
CA GLY B 210 -19.06 -72.52 8.05
C GLY B 210 -18.23 -72.20 9.28
N SER B 211 -17.41 -71.15 9.20
CA SER B 211 -16.59 -70.62 10.28
C SER B 211 -17.17 -69.27 10.73
N PHE B 212 -16.88 -68.87 11.99
CA PHE B 212 -17.26 -67.56 12.58
C PHE B 212 -16.65 -66.40 11.71
N GLU B 213 -15.37 -66.58 11.33
CA GLU B 213 -14.63 -65.64 10.55
C GLU B 213 -15.23 -65.45 9.18
N TYR B 214 -15.77 -66.51 8.51
CA TYR B 214 -16.39 -66.39 7.18
C TYR B 214 -17.57 -65.44 7.23
N GLU B 215 -18.42 -65.51 8.28
CA GLU B 215 -19.54 -64.59 8.43
C GLU B 215 -19.05 -63.14 8.45
N TYR B 216 -18.07 -62.89 9.34
CA TYR B 216 -17.50 -61.59 9.55
C TYR B 216 -16.73 -61.06 8.40
N ALA B 217 -15.97 -61.94 7.74
CA ALA B 217 -15.20 -61.56 6.56
C ALA B 217 -16.12 -61.20 5.40
N MET B 218 -17.29 -61.86 5.27
CA MET B 218 -18.27 -61.54 4.24
C MET B 218 -18.94 -60.20 4.51
N ARG B 219 -19.15 -59.88 5.77
CA ARG B 219 -19.71 -58.58 6.21
C ARG B 219 -18.69 -57.48 5.93
N TRP B 220 -17.39 -57.80 6.13
CA TRP B 220 -16.30 -56.88 5.87
C TRP B 220 -16.19 -56.63 4.40
N LYS B 221 -16.26 -57.66 3.54
CA LYS B 221 -16.25 -57.52 2.07
C LYS B 221 -17.36 -56.61 1.55
N ALA B 222 -18.59 -56.81 2.08
CA ALA B 222 -19.78 -56.02 1.77
C ALA B 222 -19.58 -54.53 2.16
N LEU B 223 -18.99 -54.28 3.35
CA LEU B 223 -18.72 -52.95 3.85
C LEU B 223 -17.69 -52.27 2.95
N ILE B 224 -16.64 -52.99 2.52
CA ILE B 224 -15.61 -52.47 1.62
C ILE B 224 -16.23 -52.10 0.28
N GLU B 225 -17.16 -52.93 -0.25
CA GLU B 225 -17.87 -52.63 -1.50
C GLU B 225 -18.75 -51.38 -1.34
N MET B 226 -19.36 -51.18 -0.15
CA MET B 226 -20.18 -50.00 0.14
C MET B 226 -19.32 -48.74 0.15
N GLU B 227 -18.11 -48.84 0.73
CA GLU B 227 -17.14 -47.75 0.82
C GLU B 227 -16.67 -47.34 -0.59
N LYS B 228 -16.46 -48.34 -1.48
CA LYS B 228 -16.06 -48.16 -2.88
C LYS B 228 -17.14 -47.40 -3.64
N GLN B 229 -18.43 -47.78 -3.45
CA GLN B 229 -19.59 -47.12 -4.07
C GLN B 229 -19.72 -45.67 -3.61
N GLN B 230 -19.57 -45.43 -2.28
CA GLN B 230 -19.62 -44.11 -1.63
C GLN B 230 -18.57 -43.17 -2.23
N GLN B 231 -17.32 -43.67 -2.30
CA GLN B 231 -16.19 -42.92 -2.80
C GLN B 231 -16.32 -42.62 -4.29
N ASP B 232 -16.82 -43.59 -5.08
CA ASP B 232 -17.04 -43.44 -6.52
C ASP B 232 -18.05 -42.35 -6.79
N GLN B 233 -19.08 -42.20 -5.93
CA GLN B 233 -20.07 -41.17 -6.10
C GLN B 233 -19.49 -39.79 -5.82
N VAL B 234 -18.67 -39.66 -4.75
CA VAL B 234 -18.00 -38.40 -4.40
C VAL B 234 -17.04 -37.99 -5.53
N ASP B 235 -16.28 -38.96 -6.10
CA ASP B 235 -15.35 -38.74 -7.21
C ASP B 235 -16.11 -38.19 -8.42
N ARG B 236 -17.28 -38.77 -8.75
CA ARG B 236 -18.13 -38.36 -9.86
C ARG B 236 -18.67 -36.96 -9.65
N ASN B 237 -19.11 -36.62 -8.42
CA ASN B 237 -19.65 -35.30 -8.09
C ASN B 237 -18.59 -34.22 -8.25
N ILE B 238 -17.37 -34.50 -7.74
CA ILE B 238 -16.22 -33.60 -7.76
C ILE B 238 -15.75 -33.35 -9.19
N LYS B 239 -15.64 -34.43 -10.02
CA LYS B 239 -15.24 -34.38 -11.44
C LYS B 239 -16.19 -33.49 -12.21
N GLU B 240 -17.52 -33.65 -11.99
CA GLU B 240 -18.58 -32.89 -12.63
C GLU B 240 -18.47 -31.40 -12.26
N ALA B 241 -18.26 -31.12 -10.97
CA ALA B 241 -18.12 -29.76 -10.43
C ALA B 241 -16.88 -29.05 -10.98
N ARG B 242 -15.78 -29.80 -11.07
CA ARG B 242 -14.50 -29.33 -11.59
C ARG B 242 -14.59 -29.05 -13.07
N GLU B 243 -15.18 -29.97 -13.88
CA GLU B 243 -15.33 -29.83 -15.32
C GLU B 243 -16.18 -28.63 -15.67
N LYS B 244 -17.19 -28.29 -14.82
CA LYS B 244 -18.07 -27.12 -15.00
C LYS B 244 -17.22 -25.82 -14.85
N LEU B 245 -16.48 -25.74 -13.73
CA LEU B 245 -15.61 -24.60 -13.40
C LEU B 245 -14.47 -24.44 -14.40
N GLU B 246 -13.86 -25.57 -14.80
CA GLU B 246 -12.75 -25.64 -15.77
C GLU B 246 -13.19 -25.16 -17.14
N MET B 247 -14.47 -25.39 -17.51
CA MET B 247 -15.04 -24.93 -18.77
C MET B 247 -15.16 -23.41 -18.75
N GLU B 248 -15.68 -22.84 -17.63
CA GLU B 248 -15.81 -21.39 -17.42
C GLU B 248 -14.44 -20.70 -17.45
N MET B 249 -13.42 -21.34 -16.79
CA MET B 249 -12.01 -20.90 -16.72
C MET B 249 -11.39 -20.86 -18.14
N GLU B 250 -11.58 -21.92 -18.96
CA GLU B 250 -11.07 -22.01 -20.34
C GLU B 250 -11.74 -20.97 -21.25
N ALA B 251 -13.08 -20.77 -21.11
CA ALA B 251 -13.85 -19.79 -21.89
C ALA B 251 -13.53 -18.33 -21.52
N ALA B 252 -13.12 -18.08 -20.25
CA ALA B 252 -12.79 -16.73 -19.80
C ALA B 252 -11.33 -16.30 -20.08
N ARG B 253 -10.44 -17.29 -20.23
CA ARG B 253 -9.01 -17.19 -20.53
C ARG B 253 -8.88 -16.88 -22.02
N HIS B 254 -9.65 -17.59 -22.89
CA HIS B 254 -9.70 -17.41 -24.35
C HIS B 254 -10.31 -16.01 -24.74
N GLU B 255 -10.40 -15.12 -23.73
CA GLU B 255 -10.92 -13.75 -23.82
C GLU B 255 -9.85 -12.72 -23.35
N HIS B 256 -8.61 -13.19 -23.10
CA HIS B 256 -7.48 -12.38 -22.62
C HIS B 256 -6.69 -11.73 -23.78
N GLN B 257 -6.15 -12.56 -24.70
CA GLN B 257 -5.38 -12.11 -25.86
C GLN B 257 -6.21 -11.38 -26.94
N VAL B 258 -7.55 -11.25 -26.70
CA VAL B 258 -8.58 -10.58 -27.56
C VAL B 258 -8.11 -9.18 -28.00
N MET B 259 -7.49 -8.44 -27.07
CA MET B 259 -6.92 -7.11 -27.29
C MET B 259 -5.40 -7.07 -27.15
N LEU B 260 -4.76 -8.11 -26.55
CA LEU B 260 -3.29 -8.17 -26.40
C LEU B 260 -2.58 -8.28 -27.77
N MET B 261 -3.07 -9.21 -28.63
CA MET B 261 -2.57 -9.42 -29.99
C MET B 261 -3.55 -8.80 -30.98
N GLU C 2 -37.60 15.81 23.90
CA GLU C 2 -37.29 15.76 22.48
C GLU C 2 -35.86 15.26 22.18
N GLY C 3 -35.61 15.00 20.90
CA GLY C 3 -34.37 14.44 20.37
C GLY C 3 -34.70 13.12 19.69
N LEU C 4 -33.67 12.41 19.16
CA LEU C 4 -33.91 11.11 18.52
C LEU C 4 -34.03 10.02 19.56
N THR C 5 -35.17 9.31 19.58
CA THR C 5 -35.41 8.23 20.52
C THR C 5 -35.11 6.91 19.82
N ILE C 6 -34.24 6.09 20.43
CA ILE C 6 -33.83 4.79 19.89
C ILE C 6 -34.09 3.72 20.94
N ASP C 7 -34.76 2.65 20.49
CA ASP C 7 -35.09 1.46 21.27
C ASP C 7 -33.95 0.48 21.08
N LEU C 8 -33.05 0.33 22.07
CA LEU C 8 -31.93 -0.62 21.93
C LEU C 8 -32.25 -2.03 22.42
N LYS C 9 -31.64 -3.02 21.78
CA LYS C 9 -31.82 -4.43 22.14
C LYS C 9 -30.87 -4.77 23.24
N ASN C 10 -29.70 -4.15 23.23
CA ASN C 10 -28.71 -4.27 24.29
C ASN C 10 -28.38 -5.74 24.68
N PHE C 11 -28.05 -6.55 23.70
CA PHE C 11 -27.76 -7.96 23.91
C PHE C 11 -26.29 -8.25 24.20
N ARG C 12 -26.01 -9.45 24.66
CA ARG C 12 -24.64 -9.88 24.86
C ARG C 12 -24.36 -10.88 23.75
N LYS C 13 -23.38 -10.55 22.88
CA LYS C 13 -23.01 -11.48 21.84
C LYS C 13 -22.19 -12.64 22.50
N PRO C 14 -22.19 -13.87 21.94
CA PRO C 14 -21.43 -14.96 22.61
C PRO C 14 -19.95 -14.60 22.77
N GLY C 15 -19.46 -14.67 24.00
CA GLY C 15 -18.08 -14.35 24.37
C GLY C 15 -17.79 -12.87 24.67
N GLU C 16 -18.84 -12.06 24.83
CA GLU C 16 -18.69 -10.64 25.08
C GLU C 16 -18.44 -10.47 26.55
N LYS C 17 -17.54 -9.53 26.89
CA LYS C 17 -17.22 -9.22 28.26
C LYS C 17 -17.88 -7.90 28.50
N THR C 18 -18.42 -7.70 29.72
CA THR C 18 -19.16 -6.48 30.07
C THR C 18 -18.52 -5.84 31.29
N PHE C 19 -18.83 -4.56 31.57
CA PHE C 19 -18.30 -3.80 32.69
C PHE C 19 -16.75 -3.82 32.75
N THR C 20 -16.15 -3.70 31.58
CA THR C 20 -14.72 -3.63 31.31
C THR C 20 -14.26 -2.21 31.52
N GLN C 21 -12.92 -2.00 31.56
CA GLN C 21 -12.34 -0.66 31.68
C GLN C 21 -12.62 0.11 30.42
N ARG C 22 -13.11 -0.58 29.36
CA ARG C 22 -13.56 0.02 28.10
C ARG C 22 -14.94 0.71 28.19
N SER C 23 -15.75 0.35 29.21
CA SER C 23 -17.05 0.96 29.46
C SER C 23 -17.04 1.68 30.81
N ARG C 24 -15.86 2.00 31.33
CA ARG C 24 -15.59 2.79 32.54
C ARG C 24 -15.40 4.29 32.16
N LEU C 25 -16.25 5.17 32.71
CA LEU C 25 -16.14 6.60 32.47
C LEU C 25 -15.59 7.35 33.67
N PHE C 26 -14.80 8.37 33.38
CA PHE C 26 -14.28 9.32 34.36
C PHE C 26 -15.27 10.49 34.34
N VAL C 27 -15.72 10.91 35.52
CA VAL C 27 -16.66 12.03 35.65
C VAL C 27 -15.99 13.06 36.55
N GLY C 28 -15.54 14.16 35.95
CA GLY C 28 -14.87 15.24 36.64
C GLY C 28 -15.70 16.50 36.74
N ASN C 29 -15.25 17.46 37.57
CA ASN C 29 -15.90 18.75 37.88
C ASN C 29 -17.24 18.51 38.56
N LEU C 30 -17.27 17.52 39.43
CA LEU C 30 -18.48 17.17 40.15
C LEU C 30 -18.76 18.23 41.24
N PRO C 31 -20.05 18.54 41.53
CA PRO C 31 -20.35 19.50 42.62
C PRO C 31 -19.89 18.92 43.97
N PRO C 32 -19.48 19.78 44.95
CA PRO C 32 -18.98 19.24 46.24
C PRO C 32 -19.86 18.28 47.03
N ASP C 33 -21.18 18.46 47.00
CA ASP C 33 -22.16 17.62 47.73
C ASP C 33 -22.13 16.17 47.27
N ILE C 34 -22.47 15.93 45.97
CA ILE C 34 -22.56 14.66 45.24
C ILE C 34 -22.54 13.34 46.02
N THR C 35 -23.65 12.59 45.91
CA THR C 35 -23.80 11.29 46.55
C THR C 35 -23.74 10.19 45.50
N GLU C 36 -23.55 8.93 45.92
CA GLU C 36 -23.51 7.78 45.03
C GLU C 36 -24.86 7.66 44.31
N GLU C 37 -25.99 7.89 45.05
CA GLU C 37 -27.34 7.86 44.50
C GLU C 37 -27.61 8.95 43.45
N GLU C 38 -26.97 10.13 43.60
CA GLU C 38 -27.03 11.23 42.65
C GLU C 38 -26.36 10.86 41.32
N MET C 39 -25.15 10.22 41.40
CA MET C 39 -24.36 9.74 40.27
C MET C 39 -25.10 8.66 39.51
N ARG C 40 -25.67 7.69 40.28
CA ARG C 40 -26.45 6.57 39.76
C ARG C 40 -27.67 7.06 38.99
N LYS C 41 -28.32 8.11 39.50
CA LYS C 41 -29.51 8.71 38.87
C LYS C 41 -29.16 9.44 37.60
N LEU C 42 -28.00 10.10 37.58
CA LEU C 42 -27.48 10.81 36.40
C LEU C 42 -27.27 9.85 35.21
N PHE C 43 -26.86 8.59 35.50
CA PHE C 43 -26.55 7.58 34.50
C PHE C 43 -27.60 6.50 34.33
N GLU C 44 -28.70 6.62 35.08
CA GLU C 44 -29.86 5.74 35.15
C GLU C 44 -30.42 5.38 33.76
N LYS C 45 -30.44 6.37 32.84
CA LYS C 45 -30.99 6.28 31.49
C LYS C 45 -30.22 5.32 30.59
N TYR C 46 -28.95 5.08 30.92
CA TYR C 46 -27.97 4.29 30.15
C TYR C 46 -27.78 2.88 30.65
N GLY C 47 -28.86 2.33 31.21
CA GLY C 47 -28.95 0.96 31.72
C GLY C 47 -28.32 0.75 33.08
N LYS C 48 -27.85 -0.49 33.31
CA LYS C 48 -27.23 -0.91 34.56
C LYS C 48 -25.81 -0.35 34.69
N ALA C 49 -25.46 0.05 35.91
CA ALA C 49 -24.13 0.53 36.31
C ALA C 49 -23.54 -0.48 37.27
N GLY C 50 -22.26 -0.75 37.12
CA GLY C 50 -21.54 -1.63 38.03
C GLY C 50 -20.87 -0.76 39.07
N GLU C 51 -19.54 -0.61 38.94
CA GLU C 51 -18.71 0.21 39.80
C GLU C 51 -19.14 1.66 39.79
N VAL C 52 -19.28 2.26 40.95
CA VAL C 52 -19.53 3.68 41.13
C VAL C 52 -18.56 4.09 42.23
N PHE C 53 -17.60 4.92 41.87
CA PHE C 53 -16.61 5.47 42.78
C PHE C 53 -16.69 6.98 42.76
N ILE C 54 -16.76 7.61 43.94
CA ILE C 54 -16.71 9.06 44.07
C ILE C 54 -15.60 9.35 45.05
N HIS C 55 -14.68 10.24 44.65
CA HIS C 55 -13.56 10.61 45.52
C HIS C 55 -14.05 11.42 46.71
N LYS C 56 -13.62 10.98 47.91
CA LYS C 56 -13.91 11.59 49.21
C LYS C 56 -14.08 13.12 49.20
N ASP C 57 -13.28 13.86 48.39
CA ASP C 57 -13.31 15.33 48.40
C ASP C 57 -13.04 16.03 47.06
N LYS C 58 -12.20 15.42 46.23
CA LYS C 58 -11.68 15.90 44.95
C LYS C 58 -12.63 16.37 43.83
N GLY C 59 -13.89 15.93 43.83
CA GLY C 59 -14.82 16.35 42.78
C GLY C 59 -14.67 15.60 41.47
N PHE C 60 -14.42 14.29 41.58
CA PHE C 60 -14.31 13.38 40.47
C PHE C 60 -14.74 11.97 40.90
N GLY C 61 -15.13 11.18 39.91
CA GLY C 61 -15.54 9.81 40.11
C GLY C 61 -15.41 8.94 38.88
N PHE C 62 -15.81 7.67 39.03
CA PHE C 62 -15.83 6.65 38.00
C PHE C 62 -17.13 5.88 38.05
N ILE C 63 -17.64 5.52 36.87
CA ILE C 63 -18.86 4.73 36.71
C ILE C 63 -18.65 3.75 35.56
N ARG C 64 -18.95 2.46 35.81
CA ARG C 64 -18.82 1.47 34.74
C ARG C 64 -20.19 1.18 34.25
N LEU C 65 -20.35 1.31 32.97
CA LEU C 65 -21.59 0.95 32.33
C LEU C 65 -21.39 -0.37 31.66
N GLU C 66 -22.48 -1.02 31.24
CA GLU C 66 -22.45 -2.41 30.74
C GLU C 66 -21.58 -2.66 29.54
N THR C 67 -21.77 -1.85 28.49
CA THR C 67 -21.05 -1.98 27.24
C THR C 67 -20.40 -0.65 26.83
N ARG C 68 -19.48 -0.73 25.87
CA ARG C 68 -18.76 0.39 25.32
C ARG C 68 -19.75 1.37 24.62
N THR C 69 -20.77 0.85 23.95
CA THR C 69 -21.81 1.62 23.26
C THR C 69 -22.58 2.50 24.25
N LEU C 70 -23.04 1.93 25.35
CA LEU C 70 -23.78 2.62 26.40
C LEU C 70 -22.94 3.71 27.09
N ALA C 71 -21.63 3.44 27.29
CA ALA C 71 -20.65 4.38 27.83
C ALA C 71 -20.45 5.55 26.83
N GLU C 72 -20.40 5.28 25.49
CA GLU C 72 -20.23 6.27 24.43
CA GLU C 72 -20.23 6.30 24.46
C GLU C 72 -21.45 7.19 24.38
N ILE C 73 -22.67 6.63 24.59
CA ILE C 73 -23.92 7.39 24.60
C ILE C 73 -23.93 8.30 25.84
N ALA C 74 -23.63 7.74 27.03
CA ALA C 74 -23.57 8.47 28.30
C ALA C 74 -22.55 9.59 28.31
N LYS C 75 -21.38 9.38 27.64
CA LYS C 75 -20.27 10.34 27.48
C LYS C 75 -20.70 11.54 26.65
N VAL C 76 -21.29 11.29 25.46
CA VAL C 76 -21.76 12.30 24.53
C VAL C 76 -22.91 13.15 25.10
N GLU C 77 -23.83 12.50 25.84
CA GLU C 77 -24.97 13.13 26.47
C GLU C 77 -24.57 13.90 27.74
N LEU C 78 -23.64 13.33 28.56
CA LEU C 78 -23.22 13.96 29.81
C LEU C 78 -21.99 14.87 29.82
N ASP C 79 -21.18 14.90 28.75
CA ASP C 79 -20.03 15.81 28.72
C ASP C 79 -20.51 17.24 28.60
N ASN C 80 -19.85 18.14 29.36
CA ASN C 80 -20.12 19.58 29.43
C ASN C 80 -21.52 19.93 29.93
N MET C 81 -22.20 18.97 30.58
CA MET C 81 -23.53 19.15 31.13
C MET C 81 -23.43 20.01 32.39
N PRO C 82 -24.20 21.10 32.48
CA PRO C 82 -24.15 21.93 33.70
C PRO C 82 -24.91 21.27 34.85
N LEU C 83 -24.23 21.17 36.01
CA LEU C 83 -24.78 20.61 37.21
C LEU C 83 -24.30 21.43 38.40
N ARG C 84 -25.24 22.15 39.02
CA ARG C 84 -25.01 23.01 40.19
C ARG C 84 -23.81 23.96 40.06
N GLY C 85 -23.80 24.71 38.95
CA GLY C 85 -22.77 25.70 38.62
C GLY C 85 -21.49 25.15 38.04
N LYS C 86 -21.39 23.81 37.94
CA LYS C 86 -20.22 23.11 37.39
C LYS C 86 -20.57 22.54 36.03
N GLN C 87 -19.58 22.48 35.12
CA GLN C 87 -19.73 21.87 33.79
C GLN C 87 -18.99 20.52 33.85
N LEU C 88 -19.73 19.39 33.88
CA LEU C 88 -19.14 18.04 33.98
C LEU C 88 -18.17 17.72 32.87
N ARG C 89 -17.13 16.95 33.19
CA ARG C 89 -16.14 16.46 32.22
C ARG C 89 -16.27 14.94 32.21
N VAL C 90 -16.88 14.41 31.12
CA VAL C 90 -17.09 12.97 30.97
C VAL C 90 -16.17 12.48 29.87
N ARG C 91 -15.22 11.62 30.26
CA ARG C 91 -14.25 10.99 29.39
C ARG C 91 -14.20 9.50 29.71
N PHE C 92 -13.68 8.72 28.77
CA PHE C 92 -13.43 7.32 29.02
C PHE C 92 -12.30 7.26 30.03
N ALA C 93 -12.37 6.34 31.02
CA ALA C 93 -11.28 6.21 31.99
C ALA C 93 -10.05 5.66 31.26
N CYS C 94 -8.84 6.03 31.68
CA CYS C 94 -7.63 5.53 31.03
C CYS C 94 -7.49 4.07 31.42
N HIS C 95 -7.08 3.22 30.46
CA HIS C 95 -6.88 1.81 30.69
C HIS C 95 -5.59 1.59 31.46
N SER C 96 -5.72 0.98 32.62
CA SER C 96 -4.63 0.73 33.55
C SER C 96 -3.84 -0.57 33.28
N ALA C 97 -4.35 -1.39 32.37
CA ALA C 97 -3.75 -2.68 32.11
C ALA C 97 -3.81 -3.09 30.66
N SER C 98 -3.33 -2.22 29.73
CA SER C 98 -3.29 -2.55 28.31
C SER C 98 -1.89 -2.67 27.77
N LEU C 99 -1.64 -3.74 26.99
CA LEU C 99 -0.33 -4.11 26.51
C LEU C 99 -0.30 -4.31 25.03
N THR C 100 0.86 -4.01 24.44
CA THR C 100 1.23 -4.22 23.06
C THR C 100 2.07 -5.51 23.05
N VAL C 101 1.66 -6.49 22.26
CA VAL C 101 2.33 -7.78 22.08
C VAL C 101 2.81 -7.70 20.62
N ARG C 102 4.08 -8.06 20.39
CA ARG C 102 4.84 -7.97 19.13
C ARG C 102 5.60 -9.27 18.94
N ASN C 103 5.99 -9.55 17.68
CA ASN C 103 6.66 -10.77 17.24
C ASN C 103 5.72 -11.92 17.42
N LEU C 104 4.46 -11.66 17.02
CA LEU C 104 3.46 -12.69 17.09
C LEU C 104 3.81 -13.71 16.02
N PRO C 105 3.78 -15.04 16.36
CA PRO C 105 4.01 -16.03 15.32
C PRO C 105 2.76 -16.18 14.42
N GLN C 106 2.86 -16.94 13.37
CA GLN C 106 1.76 -17.21 12.47
C GLN C 106 0.78 -18.10 13.18
N TYR C 107 -0.48 -18.11 12.69
CA TYR C 107 -1.62 -18.93 13.13
C TYR C 107 -2.14 -18.57 14.52
N VAL C 108 -1.93 -17.32 14.93
CA VAL C 108 -2.40 -16.76 16.20
C VAL C 108 -3.71 -16.05 15.92
N SER C 109 -4.75 -16.35 16.73
CA SER C 109 -6.07 -15.72 16.64
C SER C 109 -6.33 -14.95 17.92
N ASN C 110 -7.41 -14.13 17.93
CA ASN C 110 -7.83 -13.31 19.07
C ASN C 110 -8.08 -14.18 20.26
N GLU C 111 -8.68 -15.36 20.03
CA GLU C 111 -9.00 -16.37 21.03
C GLU C 111 -7.76 -17.03 21.59
N LEU C 112 -6.81 -17.41 20.70
CA LEU C 112 -5.57 -18.02 21.13
C LEU C 112 -4.76 -17.06 22.01
N LEU C 113 -4.75 -15.78 21.67
CA LEU C 113 -4.04 -14.71 22.35
C LEU C 113 -4.62 -14.52 23.73
N GLU C 114 -5.98 -14.56 23.80
CA GLU C 114 -6.74 -14.47 25.06
C GLU C 114 -6.44 -15.67 25.95
N GLU C 115 -6.46 -16.87 25.39
CA GLU C 115 -6.16 -18.09 26.13
C GLU C 115 -4.75 -18.02 26.70
N ALA C 116 -3.79 -17.60 25.86
CA ALA C 116 -2.37 -17.46 26.22
C ALA C 116 -2.14 -16.52 27.43
N PHE C 117 -2.70 -15.31 27.38
CA PHE C 117 -2.51 -14.28 28.40
C PHE C 117 -3.36 -14.42 29.64
N SER C 118 -4.40 -15.26 29.57
CA SER C 118 -5.26 -15.55 30.72
C SER C 118 -4.50 -16.27 31.86
N VAL C 119 -3.27 -16.78 31.57
CA VAL C 119 -2.39 -17.37 32.60
C VAL C 119 -1.89 -16.34 33.60
N PHE C 120 -1.86 -15.07 33.19
CA PHE C 120 -1.40 -13.94 34.02
C PHE C 120 -2.53 -13.29 34.82
N GLY C 121 -3.79 -13.59 34.49
CA GLY C 121 -4.98 -13.02 35.11
C GLY C 121 -6.14 -12.90 34.14
N GLN C 122 -7.24 -12.24 34.53
CA GLN C 122 -8.45 -12.04 33.73
C GLN C 122 -8.24 -11.04 32.65
N VAL C 123 -8.37 -11.52 31.42
CA VAL C 123 -8.24 -10.76 30.17
C VAL C 123 -9.66 -10.27 29.80
N GLU C 124 -9.77 -8.97 29.50
CA GLU C 124 -10.97 -8.27 29.06
C GLU C 124 -11.05 -8.31 27.51
N ARG C 125 -9.91 -8.25 26.85
CA ARG C 125 -9.84 -8.20 25.40
C ARG C 125 -8.48 -8.60 24.94
N ALA C 126 -8.42 -9.33 23.84
CA ALA C 126 -7.19 -9.69 23.17
C ALA C 126 -7.50 -9.60 21.70
N VAL C 127 -6.66 -8.84 20.94
CA VAL C 127 -6.85 -8.60 19.51
C VAL C 127 -5.53 -8.81 18.77
N VAL C 128 -5.60 -9.55 17.66
CA VAL C 128 -4.52 -9.82 16.75
C VAL C 128 -4.82 -8.84 15.66
N ILE C 129 -4.00 -7.79 15.57
CA ILE C 129 -4.17 -6.68 14.63
C ILE C 129 -3.91 -7.16 13.22
N VAL C 130 -4.86 -6.80 12.32
CA VAL C 130 -4.85 -7.13 10.90
C VAL C 130 -4.86 -5.86 10.02
N ASP C 131 -4.27 -5.93 8.84
CA ASP C 131 -4.31 -4.80 7.89
C ASP C 131 -5.70 -4.71 7.17
N ASP C 132 -5.80 -3.84 6.14
CA ASP C 132 -6.98 -3.61 5.28
C ASP C 132 -7.45 -4.87 4.47
N ARG C 133 -6.52 -5.84 4.24
CA ARG C 133 -6.74 -7.08 3.51
C ARG C 133 -6.92 -8.29 4.46
N GLY C 134 -6.98 -8.05 5.78
CA GLY C 134 -7.21 -9.04 6.84
C GLY C 134 -6.04 -9.89 7.24
N ARG C 135 -4.86 -9.53 6.76
CA ARG C 135 -3.65 -10.28 7.11
C ARG C 135 -2.98 -9.69 8.37
N PRO C 136 -2.61 -10.57 9.33
CA PRO C 136 -2.01 -10.09 10.60
C PRO C 136 -0.73 -9.28 10.44
N SER C 137 -0.58 -8.26 11.29
CA SER C 137 0.53 -7.32 11.34
C SER C 137 1.72 -7.83 12.16
N GLY C 138 1.50 -8.87 12.94
CA GLY C 138 2.51 -9.39 13.84
C GLY C 138 2.43 -8.70 15.19
N LYS C 139 1.57 -7.66 15.32
CA LYS C 139 1.27 -6.97 16.59
C LYS C 139 -0.12 -7.36 17.12
N GLY C 140 -0.29 -7.22 18.42
CA GLY C 140 -1.54 -7.51 19.11
C GLY C 140 -1.76 -6.59 20.28
N ILE C 141 -2.99 -6.66 20.86
CA ILE C 141 -3.37 -5.92 22.06
C ILE C 141 -3.87 -6.91 23.06
N VAL C 142 -3.45 -6.77 24.32
CA VAL C 142 -3.95 -7.56 25.45
C VAL C 142 -4.34 -6.62 26.55
N GLU C 143 -5.60 -6.63 26.93
CA GLU C 143 -6.12 -5.77 27.99
C GLU C 143 -6.67 -6.66 29.10
N PHE C 144 -6.23 -6.40 30.34
CA PHE C 144 -6.59 -7.10 31.57
C PHE C 144 -7.55 -6.28 32.42
N SER C 145 -8.30 -6.96 33.31
CA SER C 145 -9.22 -6.35 34.27
C SER C 145 -8.51 -5.36 35.20
N GLY C 146 -7.29 -5.73 35.64
CA GLY C 146 -6.48 -4.97 36.56
C GLY C 146 -5.01 -4.95 36.26
N LYS C 147 -4.33 -3.93 36.82
CA LYS C 147 -2.91 -3.63 36.70
C LYS C 147 -2.03 -4.77 37.22
N PRO C 148 -2.29 -5.46 38.36
CA PRO C 148 -1.40 -6.58 38.78
C PRO C 148 -1.19 -7.68 37.72
N ALA C 149 -2.24 -8.05 36.88
CA ALA C 149 -2.05 -9.05 35.80
C ALA C 149 -1.22 -8.56 34.64
N ALA C 150 -1.37 -7.26 34.23
CA ALA C 150 -0.56 -6.62 33.20
C ALA C 150 0.94 -6.61 33.59
N ARG C 151 1.25 -6.27 34.87
CA ARG C 151 2.57 -6.31 35.54
C ARG C 151 3.12 -7.76 35.58
N LYS C 152 2.28 -8.74 35.96
CA LYS C 152 2.66 -10.16 35.99
C LYS C 152 3.05 -10.52 34.57
N ALA C 153 2.21 -10.15 33.56
CA ALA C 153 2.47 -10.47 32.14
C ALA C 153 3.73 -9.80 31.61
N LEU C 154 4.01 -8.56 32.06
CA LEU C 154 5.17 -7.75 31.63
C LEU C 154 6.46 -8.30 32.16
N ASP C 155 6.45 -8.76 33.42
CA ASP C 155 7.58 -9.37 34.12
C ASP C 155 7.87 -10.74 33.57
N ARG C 156 6.89 -11.65 33.58
CA ARG C 156 7.05 -13.04 33.12
C ARG C 156 7.52 -13.17 31.69
N CYS C 157 7.13 -12.23 30.82
CA CYS C 157 7.47 -12.29 29.41
C CYS C 157 8.82 -11.69 29.05
N SER C 158 9.39 -10.90 29.98
CA SER C 158 10.73 -10.32 29.81
C SER C 158 11.75 -11.29 30.42
N GLU C 159 11.41 -11.92 31.59
CA GLU C 159 12.26 -12.88 32.29
C GLU C 159 12.33 -14.16 31.46
N GLY C 160 11.17 -14.70 31.12
CA GLY C 160 11.00 -15.95 30.40
C GLY C 160 10.64 -15.75 28.95
N SER C 161 10.59 -16.87 28.20
CA SER C 161 10.28 -16.88 26.78
C SER C 161 8.92 -17.46 26.56
N PHE C 162 7.95 -16.56 26.33
CA PHE C 162 6.57 -16.94 26.14
C PHE C 162 6.25 -17.27 24.69
N LEU C 163 6.01 -18.57 24.44
CA LEU C 163 5.75 -19.09 23.11
C LEU C 163 4.27 -19.42 22.97
N LEU C 164 3.63 -18.88 21.95
CA LEU C 164 2.20 -19.07 21.67
C LEU C 164 1.90 -20.26 20.81
N THR C 165 2.86 -20.72 19.98
CA THR C 165 2.71 -21.86 19.05
C THR C 165 3.93 -22.77 19.16
N THR C 166 4.11 -23.71 18.20
CA THR C 166 5.27 -24.62 18.19
C THR C 166 6.57 -23.88 17.85
N PHE C 167 6.50 -22.83 16.98
CA PHE C 167 7.64 -22.02 16.57
C PHE C 167 8.34 -21.37 17.79
N PRO C 168 9.65 -21.69 18.00
CA PRO C 168 10.37 -21.21 19.21
C PRO C 168 10.80 -19.75 19.26
N ARG C 169 9.89 -18.82 18.90
CA ARG C 169 10.18 -17.40 18.95
C ARG C 169 9.25 -16.74 19.95
N PRO C 170 9.80 -16.18 21.08
CA PRO C 170 8.94 -15.58 22.09
C PRO C 170 8.40 -14.24 21.65
N VAL C 171 7.28 -13.90 22.21
CA VAL C 171 6.56 -12.66 21.96
C VAL C 171 7.14 -11.61 22.91
N THR C 172 7.08 -10.34 22.47
CA THR C 172 7.55 -9.15 23.17
C THR C 172 6.28 -8.48 23.69
N VAL C 173 6.25 -8.18 24.99
CA VAL C 173 5.14 -7.55 25.68
C VAL C 173 5.68 -6.24 26.25
N GLU C 174 5.03 -5.13 25.90
CA GLU C 174 5.35 -3.76 26.28
C GLU C 174 4.08 -3.05 26.71
N PRO C 175 4.18 -1.96 27.53
CA PRO C 175 2.95 -1.18 27.82
C PRO C 175 2.37 -0.52 26.57
N MET C 176 1.05 -0.39 26.51
CA MET C 176 0.36 0.25 25.40
C MET C 176 0.61 1.74 25.47
N ASP C 177 0.94 2.34 24.34
CA ASP C 177 1.08 3.78 24.26
C ASP C 177 -0.34 4.34 24.05
N GLN C 178 -0.94 4.86 25.11
CA GLN C 178 -2.30 5.38 25.07
C GLN C 178 -2.35 6.83 24.57
N LEU C 179 -2.87 6.99 23.37
CA LEU C 179 -3.02 8.28 22.69
C LEU C 179 -4.48 8.53 22.32
N ASP C 180 -4.91 9.79 22.46
CA ASP C 180 -6.25 10.25 22.09
C ASP C 180 -6.24 10.87 20.65
N ASP C 181 -6.79 10.11 19.71
CA ASP C 181 -6.97 10.44 18.30
C ASP C 181 -8.44 10.80 18.01
N GLU C 182 -9.23 11.12 19.05
CA GLU C 182 -10.65 11.48 18.95
C GLU C 182 -10.92 12.93 19.33
N GLU C 183 -10.55 13.32 20.57
CA GLU C 183 -10.75 14.70 21.05
C GLU C 183 -9.59 15.59 20.52
N GLY C 184 -8.37 15.08 20.59
CA GLY C 184 -7.16 15.74 20.14
C GLY C 184 -6.89 17.06 20.84
N LEU C 185 -6.52 18.11 20.06
CA LEU C 185 -6.26 19.45 20.57
C LEU C 185 -7.19 20.49 19.99
N PRO C 186 -8.38 20.69 20.61
CA PRO C 186 -9.29 21.72 20.10
C PRO C 186 -8.75 23.13 20.35
N GLU C 187 -9.08 24.05 19.45
CA GLU C 187 -8.69 25.47 19.53
C GLU C 187 -9.04 26.07 20.91
N LYS C 188 -10.23 25.72 21.49
CA LYS C 188 -10.74 26.18 22.79
C LYS C 188 -9.76 25.96 23.90
N LEU C 189 -9.00 24.86 23.86
CA LEU C 189 -8.04 24.48 24.90
C LEU C 189 -6.68 25.16 24.80
N VAL C 190 -6.42 25.86 23.70
CA VAL C 190 -5.16 26.55 23.47
C VAL C 190 -5.21 27.97 24.12
N ILE C 191 -4.22 28.30 24.99
CA ILE C 191 -4.09 29.62 25.59
C ILE C 191 -3.60 30.62 24.48
N LYS C 192 -4.45 31.62 24.17
CA LYS C 192 -4.17 32.59 23.13
C LYS C 192 -3.37 33.78 23.69
N ASN C 193 -2.10 33.52 24.01
CA ASN C 193 -1.15 34.50 24.51
C ASN C 193 -0.35 35.13 23.36
N GLN C 194 0.67 35.93 23.68
CA GLN C 194 1.52 36.52 22.65
C GLN C 194 2.34 35.54 21.86
N GLN C 195 2.79 34.41 22.47
CA GLN C 195 3.55 33.38 21.77
C GLN C 195 2.69 32.68 20.74
N PHE C 196 1.43 32.41 21.10
CA PHE C 196 0.42 31.82 20.23
C PHE C 196 0.32 32.64 18.95
N HIS C 197 0.08 33.97 19.08
CA HIS C 197 -0.04 34.90 17.97
C HIS C 197 1.23 35.06 17.17
N LYS C 198 2.41 34.95 17.80
CA LYS C 198 3.71 35.05 17.12
C LYS C 198 3.86 33.82 16.18
N GLU C 199 3.44 32.63 16.66
CA GLU C 199 3.51 31.37 15.91
C GLU C 199 2.49 31.33 14.75
N ARG C 200 1.31 31.92 14.94
CA ARG C 200 0.20 31.96 14.00
C ARG C 200 0.23 33.19 13.10
N GLU C 201 1.31 33.98 13.16
CA GLU C 201 1.51 35.20 12.35
C GLU C 201 1.42 34.84 10.88
N GLN C 202 2.12 33.75 10.48
CA GLN C 202 2.11 33.26 9.13
C GLN C 202 1.18 32.09 8.97
N PRO C 203 0.29 32.15 7.95
CA PRO C 203 -0.71 31.09 7.79
C PRO C 203 -0.17 29.83 7.14
N PRO C 204 -0.89 28.69 7.17
CA PRO C 204 -0.42 27.51 6.39
C PRO C 204 -0.14 27.90 4.94
N ARG C 205 1.06 27.52 4.48
CA ARG C 205 1.57 27.90 3.16
C ARG C 205 2.69 26.97 2.73
N PHE C 206 3.09 27.08 1.47
CA PHE C 206 4.22 26.39 0.90
C PHE C 206 5.40 27.33 0.89
N ALA C 207 6.55 26.91 1.44
CA ALA C 207 7.76 27.73 1.47
C ALA C 207 8.14 28.09 0.04
N GLN C 208 8.34 29.38 -0.22
CA GLN C 208 8.64 29.83 -1.57
C GLN C 208 10.12 30.07 -1.81
N PRO C 209 10.70 29.59 -2.96
CA PRO C 209 12.13 29.79 -3.21
C PRO C 209 12.55 31.24 -3.11
N GLY C 210 13.66 31.48 -2.44
CA GLY C 210 14.17 32.84 -2.25
C GLY C 210 13.94 33.40 -0.86
N SER C 211 13.19 32.64 -0.02
CA SER C 211 12.87 33.00 1.36
C SER C 211 13.76 32.24 2.34
N PHE C 212 13.96 32.80 3.54
CA PHE C 212 14.73 32.20 4.62
C PHE C 212 14.08 30.84 5.02
N GLU C 213 12.74 30.80 5.06
CA GLU C 213 12.00 29.59 5.44
C GLU C 213 12.16 28.46 4.40
N TYR C 214 12.36 28.81 3.11
CA TYR C 214 12.59 27.82 2.06
C TYR C 214 13.90 27.09 2.28
N GLU C 215 14.96 27.85 2.61
CA GLU C 215 16.29 27.33 2.89
C GLU C 215 16.24 26.30 4.01
N TYR C 216 15.67 26.67 5.15
CA TYR C 216 15.52 25.78 6.31
C TYR C 216 14.64 24.56 6.09
N ALA C 217 13.49 24.74 5.42
CA ALA C 217 12.57 23.66 5.09
C ALA C 217 13.22 22.60 4.20
N MET C 218 14.12 23.05 3.29
CA MET C 218 14.88 22.17 2.39
C MET C 218 15.92 21.36 3.15
N ARG C 219 16.51 21.97 4.20
CA ARG C 219 17.48 21.34 5.10
C ARG C 219 16.79 20.25 5.90
N TRP C 220 15.53 20.52 6.31
CA TRP C 220 14.71 19.58 7.07
C TRP C 220 14.33 18.42 6.18
N LYS C 221 13.93 18.74 4.95
CA LYS C 221 13.54 17.83 3.88
C LYS C 221 14.63 16.79 3.58
N ALA C 222 15.92 17.24 3.61
CA ALA C 222 17.17 16.49 3.40
C ALA C 222 17.51 15.61 4.63
N LEU C 223 17.36 16.16 5.83
CA LEU C 223 17.57 15.47 7.10
C LEU C 223 16.62 14.27 7.22
N ILE C 224 15.33 14.45 6.86
CA ILE C 224 14.31 13.39 6.86
C ILE C 224 14.70 12.26 5.92
N GLU C 225 15.22 12.61 4.71
CA GLU C 225 15.68 11.62 3.73
C GLU C 225 16.90 10.83 4.26
N MET C 226 17.78 11.50 5.03
CA MET C 226 18.95 10.86 5.64
C MET C 226 18.51 9.84 6.68
N GLU C 227 17.47 10.20 7.48
CA GLU C 227 16.85 9.37 8.50
C GLU C 227 16.22 8.12 7.88
N LYS C 228 15.52 8.29 6.72
CA LYS C 228 14.89 7.21 5.95
C LYS C 228 15.93 6.21 5.47
N GLN C 229 17.09 6.71 4.94
CA GLN C 229 18.19 5.89 4.46
C GLN C 229 18.80 5.06 5.60
N GLN C 230 19.03 5.72 6.77
CA GLN C 230 19.57 5.15 8.01
C GLN C 230 18.68 3.99 8.49
N GLN C 231 17.37 4.25 8.57
CA GLN C 231 16.37 3.29 9.03
C GLN C 231 16.24 2.11 8.08
N ASP C 232 16.27 2.36 6.76
CA ASP C 232 16.17 1.32 5.73
C ASP C 232 17.32 0.32 5.86
N GLN C 233 18.52 0.82 6.21
CA GLN C 233 19.68 -0.05 6.37
C GLN C 233 19.54 -0.92 7.62
N VAL C 234 19.06 -0.34 8.73
CA VAL C 234 18.81 -1.06 9.99
C VAL C 234 17.78 -2.17 9.78
N ASP C 235 16.67 -1.85 9.06
CA ASP C 235 15.59 -2.79 8.71
C ASP C 235 16.15 -3.99 7.91
N ARG C 236 17.01 -3.72 6.91
CA ARG C 236 17.66 -4.71 6.04
C ARG C 236 18.58 -5.64 6.85
N ASN C 237 19.40 -5.06 7.74
CA ASN C 237 20.34 -5.76 8.62
C ASN C 237 19.64 -6.70 9.58
N ILE C 238 18.52 -6.22 10.17
CA ILE C 238 17.68 -6.95 11.10
C ILE C 238 17.00 -8.14 10.42
N LYS C 239 16.43 -7.92 9.23
CA LYS C 239 15.76 -8.94 8.41
C LYS C 239 16.73 -10.06 8.03
N GLU C 240 17.96 -9.70 7.63
CA GLU C 240 19.01 -10.63 7.25
C GLU C 240 19.40 -11.53 8.45
N ALA C 241 19.53 -10.92 9.65
CA ALA C 241 19.89 -11.59 10.91
C ALA C 241 18.77 -12.56 11.35
N ARG C 242 17.50 -12.17 11.16
CA ARG C 242 16.35 -13.03 11.51
C ARG C 242 16.28 -14.32 10.60
N GLU C 243 16.46 -14.11 9.25
CA GLU C 243 16.43 -15.18 8.26
C GLU C 243 17.57 -16.16 8.44
N LYS C 244 18.69 -15.69 8.98
CA LYS C 244 19.85 -16.50 9.29
C LYS C 244 19.53 -17.41 10.47
N LEU C 245 18.90 -16.87 11.52
CA LEU C 245 18.56 -17.61 12.74
C LEU C 245 17.55 -18.75 12.45
N GLU C 246 16.49 -18.46 11.64
CA GLU C 246 15.50 -19.43 11.18
C GLU C 246 16.16 -20.57 10.41
N MET C 247 17.17 -20.30 9.59
CA MET C 247 17.88 -21.36 8.83
C MET C 247 18.63 -22.31 9.77
N GLU C 248 19.28 -21.76 10.84
CA GLU C 248 20.04 -22.49 11.84
C GLU C 248 19.13 -23.37 12.67
N MET C 249 17.99 -22.83 13.15
CA MET C 249 17.14 -23.64 13.99
C MET C 249 16.43 -24.76 13.30
N GLU C 250 15.94 -24.49 12.07
CA GLU C 250 15.27 -25.49 11.25
C GLU C 250 16.26 -26.60 10.89
N ALA C 251 17.57 -26.28 10.73
CA ALA C 251 18.64 -27.27 10.50
C ALA C 251 18.88 -28.13 11.76
N ALA C 252 18.76 -27.51 12.97
CA ALA C 252 18.88 -28.18 14.27
C ALA C 252 17.68 -29.14 14.49
N ARG C 253 16.49 -28.77 13.97
CA ARG C 253 15.26 -29.56 13.98
C ARG C 253 15.43 -30.82 13.09
N HIS C 254 16.25 -30.74 11.94
CA HIS C 254 16.59 -31.86 10.98
C HIS C 254 17.20 -33.00 11.79
N GLU C 255 18.29 -32.65 12.53
CA GLU C 255 19.12 -33.49 13.39
C GLU C 255 18.36 -34.11 14.56
N HIS C 256 17.58 -33.29 15.33
CA HIS C 256 16.78 -33.79 16.45
C HIS C 256 15.52 -34.65 16.07
N GLN C 257 14.91 -34.41 14.88
CA GLN C 257 13.75 -35.18 14.36
C GLN C 257 14.22 -36.55 13.89
N GLY D 1 -27.72 -8.87 28.05
CA GLY D 1 -27.75 -7.43 28.35
C GLY D 1 -28.92 -6.86 29.17
N GLU D 2 -30.11 -6.60 28.49
CA GLU D 2 -31.39 -5.96 28.93
C GLU D 2 -31.73 -4.62 28.19
N GLY D 3 -32.68 -4.71 27.26
CA GLY D 3 -33.21 -3.70 26.34
C GLY D 3 -33.72 -2.41 26.93
N LEU D 4 -33.45 -1.28 26.23
CA LEU D 4 -33.84 0.05 26.72
C LEU D 4 -33.98 1.16 25.67
N THR D 5 -34.88 2.09 25.94
CA THR D 5 -35.20 3.24 25.12
C THR D 5 -34.45 4.46 25.65
N ILE D 6 -33.69 5.11 24.73
CA ILE D 6 -32.95 6.32 25.04
C ILE D 6 -33.43 7.47 24.14
N ASP D 7 -33.73 8.59 24.76
CA ASP D 7 -34.09 9.80 24.02
C ASP D 7 -32.73 10.54 23.87
N LEU D 8 -32.05 10.29 22.76
CA LEU D 8 -30.69 10.81 22.44
C LEU D 8 -30.68 12.22 21.78
N LYS D 9 -30.10 13.20 22.47
CA LYS D 9 -30.01 14.60 22.02
C LYS D 9 -28.65 14.98 21.36
N ASN D 10 -27.54 14.40 21.85
CA ASN D 10 -26.16 14.69 21.41
C ASN D 10 -25.49 13.65 20.52
N PHE D 11 -26.17 13.16 19.49
CA PHE D 11 -25.53 12.22 18.54
C PHE D 11 -24.42 12.88 17.71
N ARG D 12 -24.43 14.24 17.58
CA ARG D 12 -23.40 14.97 16.85
C ARG D 12 -22.41 15.64 17.81
N LYS D 13 -21.11 15.29 17.69
CA LYS D 13 -20.02 15.84 18.50
C LYS D 13 -19.82 17.31 18.08
N PRO D 14 -19.28 18.20 18.96
CA PRO D 14 -19.10 19.61 18.56
C PRO D 14 -18.22 19.75 17.31
N GLY D 15 -18.76 20.41 16.29
CA GLY D 15 -18.07 20.65 15.02
C GLY D 15 -18.11 19.52 14.01
N GLU D 16 -18.67 18.34 14.43
CA GLU D 16 -18.74 17.16 13.57
C GLU D 16 -19.58 17.42 12.32
N LYS D 17 -19.02 17.10 11.17
CA LYS D 17 -19.72 17.19 9.89
C LYS D 17 -20.55 15.93 9.73
N THR D 18 -21.66 16.02 9.00
CA THR D 18 -22.58 14.90 8.84
C THR D 18 -22.35 14.14 7.54
N PHE D 19 -22.74 12.85 7.55
CA PHE D 19 -22.69 11.94 6.39
C PHE D 19 -21.31 11.82 5.77
N THR D 20 -20.32 11.67 6.64
CA THR D 20 -18.93 11.52 6.34
C THR D 20 -18.61 10.02 6.14
N GLN D 21 -17.37 9.71 5.76
CA GLN D 21 -16.95 8.31 5.65
C GLN D 21 -16.77 7.64 7.06
N ARG D 22 -16.76 8.45 8.19
CA ARG D 22 -16.65 8.00 9.60
C ARG D 22 -17.98 7.41 10.11
N SER D 23 -19.06 7.90 9.55
CA SER D 23 -20.43 7.53 9.82
C SER D 23 -20.98 6.54 8.74
N ARG D 24 -20.08 5.97 7.94
CA ARG D 24 -20.38 5.05 6.85
C ARG D 24 -20.09 3.60 7.24
N LEU D 25 -21.06 2.69 6.94
CA LEU D 25 -20.96 1.30 7.27
C LEU D 25 -20.95 0.40 6.08
N PHE D 26 -20.12 -0.65 6.25
CA PHE D 26 -20.07 -1.75 5.33
C PHE D 26 -21.08 -2.76 5.87
N VAL D 27 -22.00 -3.25 5.01
CA VAL D 27 -22.98 -4.25 5.39
C VAL D 27 -22.79 -5.41 4.48
N GLY D 28 -22.25 -6.47 5.09
CA GLY D 28 -21.92 -7.70 4.40
C GLY D 28 -22.84 -8.85 4.67
N ASN D 29 -22.68 -9.92 3.84
CA ASN D 29 -23.45 -11.16 3.88
C ASN D 29 -24.89 -10.87 3.66
N LEU D 30 -25.16 -9.93 2.75
CA LEU D 30 -26.51 -9.51 2.38
C LEU D 30 -27.16 -10.57 1.52
N PRO D 31 -28.48 -10.81 1.68
CA PRO D 31 -29.14 -11.81 0.83
C PRO D 31 -29.18 -11.33 -0.65
N PRO D 32 -29.18 -12.25 -1.65
CA PRO D 32 -29.20 -11.80 -3.07
C PRO D 32 -30.39 -10.91 -3.49
N ASP D 33 -31.56 -11.06 -2.83
CA ASP D 33 -32.80 -10.32 -3.11
C ASP D 33 -32.97 -8.98 -2.33
N ILE D 34 -31.86 -8.42 -1.81
CA ILE D 34 -31.87 -7.16 -1.06
C ILE D 34 -32.12 -5.96 -2.00
N THR D 35 -32.93 -4.99 -1.56
CA THR D 35 -33.25 -3.75 -2.28
C THR D 35 -32.79 -2.58 -1.44
N GLU D 36 -32.70 -1.39 -2.06
CA GLU D 36 -32.33 -0.13 -1.40
C GLU D 36 -33.32 0.18 -0.27
N GLU D 37 -34.64 -0.01 -0.53
CA GLU D 37 -35.70 0.21 0.46
C GLU D 37 -35.60 -0.70 1.65
N GLU D 38 -35.16 -1.96 1.44
CA GLU D 38 -34.97 -2.99 2.48
C GLU D 38 -33.85 -2.53 3.41
N MET D 39 -32.75 -2.01 2.82
CA MET D 39 -31.60 -1.49 3.51
C MET D 39 -31.99 -0.31 4.35
N ARG D 40 -32.67 0.63 3.74
CA ARG D 40 -33.10 1.85 4.38
C ARG D 40 -34.00 1.58 5.60
N LYS D 41 -34.88 0.57 5.49
CA LYS D 41 -35.80 0.14 6.54
C LYS D 41 -35.05 -0.53 7.69
N LEU D 42 -34.01 -1.29 7.37
CA LEU D 42 -33.15 -1.95 8.36
C LEU D 42 -32.43 -0.93 9.28
N PHE D 43 -32.09 0.25 8.74
CA PHE D 43 -31.36 1.30 9.46
C PHE D 43 -32.21 2.47 9.86
N GLU D 44 -33.50 2.40 9.58
CA GLU D 44 -34.54 3.41 9.85
C GLU D 44 -34.50 3.96 11.28
N LYS D 45 -34.29 3.07 12.27
CA LYS D 45 -34.27 3.35 13.71
C LYS D 45 -33.12 4.28 14.12
N TYR D 46 -32.06 4.33 13.33
CA TYR D 46 -30.80 5.06 13.59
C TYR D 46 -30.70 6.40 12.88
N GLY D 47 -31.84 7.04 12.68
CA GLY D 47 -31.93 8.33 12.03
C GLY D 47 -31.93 8.30 10.52
N LYS D 48 -31.57 9.42 9.93
CA LYS D 48 -31.48 9.66 8.50
C LYS D 48 -30.31 8.88 7.89
N ALA D 49 -30.49 8.38 6.66
CA ALA D 49 -29.42 7.72 5.92
C ALA D 49 -29.16 8.53 4.66
N GLY D 50 -27.90 8.70 4.29
CA GLY D 50 -27.51 9.42 3.08
C GLY D 50 -27.29 8.40 2.00
N GLU D 51 -26.03 8.23 1.54
CA GLU D 51 -25.61 7.24 0.54
C GLU D 51 -26.00 5.83 0.98
N VAL D 52 -26.61 5.10 0.06
CA VAL D 52 -26.96 3.70 0.15
C VAL D 52 -26.46 3.14 -1.19
N PHE D 53 -25.49 2.23 -1.11
CA PHE D 53 -24.91 1.53 -2.23
C PHE D 53 -25.05 0.03 -1.99
N ILE D 54 -25.58 -0.69 -2.99
CA ILE D 54 -25.69 -2.13 -2.93
C ILE D 54 -25.01 -2.71 -4.16
N HIS D 55 -24.12 -3.69 -3.94
CA HIS D 55 -23.51 -4.41 -5.02
C HIS D 55 -24.61 -5.36 -5.49
N LYS D 56 -25.13 -5.10 -6.72
CA LYS D 56 -26.22 -5.86 -7.34
C LYS D 56 -25.85 -7.34 -7.68
N ASP D 57 -24.74 -7.84 -7.09
CA ASP D 57 -24.18 -9.17 -7.37
C ASP D 57 -23.49 -9.87 -6.18
N LYS D 58 -22.55 -9.15 -5.50
CA LYS D 58 -21.70 -9.70 -4.43
C LYS D 58 -22.24 -9.85 -2.98
N GLY D 59 -23.46 -9.39 -2.68
CA GLY D 59 -24.06 -9.50 -1.36
C GLY D 59 -23.44 -8.62 -0.29
N PHE D 60 -23.19 -7.36 -0.64
CA PHE D 60 -22.60 -6.35 0.22
C PHE D 60 -23.05 -4.98 -0.21
N GLY D 61 -23.03 -4.06 0.75
CA GLY D 61 -23.38 -2.67 0.50
C GLY D 61 -22.77 -1.72 1.52
N PHE D 62 -23.11 -0.43 1.35
CA PHE D 62 -22.68 0.68 2.19
C PHE D 62 -23.83 1.57 2.48
N ILE D 63 -23.85 2.11 3.71
CA ILE D 63 -24.89 3.04 4.17
C ILE D 63 -24.23 4.14 4.96
N ARG D 64 -24.61 5.38 4.67
CA ARG D 64 -24.11 6.54 5.36
C ARG D 64 -25.12 6.96 6.36
N LEU D 65 -24.71 6.97 7.63
CA LEU D 65 -25.55 7.45 8.70
C LEU D 65 -25.10 8.84 9.04
N GLU D 66 -25.94 9.62 9.74
CA GLU D 66 -25.69 11.03 10.00
C GLU D 66 -24.42 11.35 10.74
N THR D 67 -24.18 10.68 11.88
CA THR D 67 -23.02 10.90 12.74
C THR D 67 -22.35 9.57 13.12
N ARG D 68 -21.12 9.68 13.68
CA ARG D 68 -20.31 8.56 14.14
C ARG D 68 -21.02 7.81 15.25
N THR D 69 -21.75 8.54 16.12
CA THR D 69 -22.50 7.95 17.24
C THR D 69 -23.62 7.06 16.81
N LEU D 70 -24.36 7.50 15.81
CA LEU D 70 -25.49 6.77 15.24
C LEU D 70 -25.03 5.53 14.50
N ALA D 71 -23.89 5.62 13.81
CA ALA D 71 -23.22 4.54 13.07
C ALA D 71 -22.74 3.46 14.04
N GLU D 72 -22.19 3.88 15.21
CA GLU D 72 -21.72 3.03 16.31
C GLU D 72 -22.83 2.21 16.88
N ILE D 73 -24.00 2.85 17.11
CA ILE D 73 -25.22 2.21 17.65
C ILE D 73 -25.76 1.22 16.62
N ALA D 74 -25.91 1.64 15.32
CA ALA D 74 -26.41 0.80 14.23
C ALA D 74 -25.57 -0.45 14.04
N LYS D 75 -24.22 -0.29 14.11
CA LYS D 75 -23.22 -1.35 13.98
C LYS D 75 -23.38 -2.44 15.07
N VAL D 76 -23.47 -2.02 16.34
CA VAL D 76 -23.58 -2.91 17.49
C VAL D 76 -24.91 -3.69 17.49
N GLU D 77 -26.00 -3.00 17.14
CA GLU D 77 -27.34 -3.57 17.04
C GLU D 77 -27.54 -4.49 15.85
N LEU D 78 -26.96 -4.11 14.67
CA LEU D 78 -27.18 -4.87 13.44
C LEU D 78 -26.13 -5.87 13.04
N ASP D 79 -24.97 -5.83 13.67
CA ASP D 79 -23.92 -6.82 13.37
C ASP D 79 -24.45 -8.18 13.84
N ASN D 80 -24.25 -9.23 13.00
CA ASN D 80 -24.66 -10.61 13.26
C ASN D 80 -26.17 -10.81 13.30
N MET D 81 -26.91 -9.84 12.73
CA MET D 81 -28.37 -9.92 12.60
C MET D 81 -28.75 -10.96 11.54
N PRO D 82 -29.59 -11.98 11.88
CA PRO D 82 -30.00 -12.97 10.88
C PRO D 82 -31.02 -12.43 9.92
N LEU D 83 -30.77 -12.62 8.62
CA LEU D 83 -31.67 -12.15 7.58
C LEU D 83 -31.62 -13.11 6.41
N ARG D 84 -32.72 -13.83 6.19
CA ARG D 84 -32.90 -14.77 5.08
C ARG D 84 -31.75 -15.78 4.89
N GLY D 85 -31.40 -16.47 5.97
CA GLY D 85 -30.34 -17.48 5.95
C GLY D 85 -28.93 -16.95 6.06
N LYS D 86 -28.79 -15.64 6.16
CA LYS D 86 -27.50 -14.96 6.25
C LYS D 86 -27.39 -14.26 7.61
N GLN D 87 -26.17 -14.17 8.16
CA GLN D 87 -25.87 -13.42 9.40
C GLN D 87 -25.09 -12.17 8.94
N LEU D 88 -25.73 -10.96 8.97
CA LEU D 88 -25.11 -9.72 8.49
C LEU D 88 -23.83 -9.38 9.18
N ARG D 89 -22.91 -8.76 8.45
CA ARG D 89 -21.61 -8.35 8.95
C ARG D 89 -21.58 -6.83 8.80
N VAL D 90 -21.75 -6.12 9.90
CA VAL D 90 -21.76 -4.67 9.92
C VAL D 90 -20.45 -4.21 10.54
N ARG D 91 -19.65 -3.50 9.74
CA ARG D 91 -18.30 -2.97 10.08
C ARG D 91 -18.23 -1.57 9.58
N PHE D 92 -17.39 -0.75 10.17
CA PHE D 92 -17.19 0.61 9.67
C PHE D 92 -16.48 0.49 8.35
N ALA D 93 -16.91 1.27 7.36
CA ALA D 93 -16.29 1.25 6.04
C ALA D 93 -14.85 1.73 6.16
N CYS D 94 -13.97 1.12 5.36
CA CYS D 94 -12.57 1.48 5.29
C CYS D 94 -12.54 2.88 4.60
N HIS D 95 -12.05 3.90 5.36
CA HIS D 95 -11.88 5.27 4.87
C HIS D 95 -10.87 5.29 3.65
N SER D 96 -11.30 5.86 2.52
CA SER D 96 -10.56 5.94 1.25
C SER D 96 -9.64 7.18 1.07
N ALA D 97 -9.68 8.16 1.97
CA ALA D 97 -9.02 9.44 1.80
C ALA D 97 -8.43 9.93 3.12
N SER D 98 -7.83 8.98 3.87
CA SER D 98 -7.21 9.29 5.15
C SER D 98 -5.70 9.49 5.11
N LEU D 99 -5.20 10.44 5.90
CA LEU D 99 -3.78 10.71 5.93
C LEU D 99 -3.24 10.88 7.34
N THR D 100 -1.96 10.54 7.49
CA THR D 100 -1.14 10.69 8.69
C THR D 100 -0.24 11.89 8.38
N VAL D 101 -0.26 12.85 9.30
CA VAL D 101 0.59 14.04 9.18
C VAL D 101 1.56 13.92 10.36
N ARG D 102 2.86 13.97 10.08
CA ARG D 102 3.95 13.89 11.06
C ARG D 102 4.72 15.19 11.06
N ASN D 103 5.52 15.41 12.15
CA ASN D 103 6.39 16.58 12.37
C ASN D 103 5.59 17.87 12.49
N LEU D 104 4.45 17.75 13.20
CA LEU D 104 3.58 18.88 13.45
C LEU D 104 4.29 19.85 14.33
N PRO D 105 4.25 21.16 13.99
CA PRO D 105 4.90 22.13 14.90
C PRO D 105 3.99 22.40 16.12
N GLN D 106 4.47 23.13 17.12
CA GLN D 106 3.67 23.55 18.26
C GLN D 106 2.62 24.57 17.77
N TYR D 107 1.55 24.75 18.58
CA TYR D 107 0.45 25.70 18.41
C TYR D 107 -0.49 25.34 17.27
N VAL D 108 -0.49 24.08 16.86
CA VAL D 108 -1.38 23.53 15.86
C VAL D 108 -2.52 22.91 16.68
N SER D 109 -3.78 23.25 16.29
CA SER D 109 -5.04 22.75 16.84
C SER D 109 -5.73 21.96 15.72
N ASN D 110 -6.81 21.24 16.11
CA ASN D 110 -7.59 20.43 15.16
C ASN D 110 -8.05 21.34 14.02
N GLU D 111 -8.53 22.55 14.36
CA GLU D 111 -9.06 23.57 13.46
C GLU D 111 -8.01 24.12 12.54
N LEU D 112 -6.82 24.42 13.05
CA LEU D 112 -5.72 24.90 12.19
C LEU D 112 -5.31 23.83 11.16
N LEU D 113 -5.24 22.55 11.56
CA LEU D 113 -4.92 21.38 10.71
C LEU D 113 -5.96 21.24 9.62
N GLU D 114 -7.21 21.40 9.99
CA GLU D 114 -8.34 21.40 9.09
C GLU D 114 -8.24 22.57 8.09
N GLU D 115 -8.04 23.81 8.55
CA GLU D 115 -7.90 24.99 7.69
C GLU D 115 -6.73 24.83 6.68
N ALA D 116 -5.57 24.38 7.17
CA ALA D 116 -4.39 24.12 6.37
C ALA D 116 -4.64 23.15 5.21
N PHE D 117 -5.24 21.98 5.49
CA PHE D 117 -5.49 20.94 4.49
C PHE D 117 -6.69 21.16 3.58
N SER D 118 -7.58 22.07 3.96
CA SER D 118 -8.74 22.44 3.16
C SER D 118 -8.36 23.06 1.80
N VAL D 119 -7.05 23.47 1.63
CA VAL D 119 -6.52 23.99 0.36
C VAL D 119 -6.49 22.87 -0.73
N PHE D 120 -6.37 21.61 -0.31
CA PHE D 120 -6.32 20.44 -1.18
C PHE D 120 -7.67 19.86 -1.50
N GLY D 121 -8.70 20.26 -0.79
CA GLY D 121 -10.04 19.75 -0.98
C GLY D 121 -10.85 19.78 0.29
N GLN D 122 -12.04 19.22 0.23
CA GLN D 122 -12.95 19.14 1.36
C GLN D 122 -12.48 18.17 2.42
N VAL D 123 -12.20 18.70 3.63
CA VAL D 123 -11.75 17.97 4.82
C VAL D 123 -13.01 17.61 5.60
N GLU D 124 -13.12 16.34 6.04
CA GLU D 124 -14.21 15.84 6.89
C GLU D 124 -13.86 16.07 8.37
N ARG D 125 -12.58 15.81 8.72
CA ARG D 125 -12.02 15.81 10.08
C ARG D 125 -10.52 15.94 10.06
N ALA D 126 -9.98 16.67 11.04
CA ALA D 126 -8.56 16.82 11.27
C ALA D 126 -8.35 16.74 12.77
N VAL D 127 -7.40 15.92 13.22
CA VAL D 127 -7.08 15.69 14.62
C VAL D 127 -5.60 15.82 14.88
N VAL D 128 -5.22 16.64 15.87
CA VAL D 128 -3.87 16.79 16.42
C VAL D 128 -3.87 15.76 17.53
N ILE D 129 -3.07 14.67 17.36
CA ILE D 129 -3.07 13.59 18.37
C ILE D 129 -2.30 14.04 19.63
N VAL D 130 -2.90 13.73 20.79
CA VAL D 130 -2.39 14.07 22.11
C VAL D 130 -2.23 12.81 22.99
N ASP D 131 -1.33 12.85 23.96
CA ASP D 131 -1.12 11.76 24.92
C ASP D 131 -2.07 11.84 26.14
N ASP D 132 -1.76 11.04 27.19
CA ASP D 132 -2.38 10.97 28.53
C ASP D 132 -2.48 12.34 29.22
N ARG D 133 -1.52 13.26 28.95
CA ARG D 133 -1.50 14.58 29.61
C ARG D 133 -2.00 15.69 28.71
N GLY D 134 -2.59 15.32 27.57
CA GLY D 134 -3.10 16.28 26.58
C GLY D 134 -2.02 16.99 25.77
N ARG D 135 -0.76 16.47 25.80
CA ARG D 135 0.39 17.03 25.10
C ARG D 135 0.48 16.46 23.70
N PRO D 136 0.52 17.31 22.64
CA PRO D 136 0.57 16.79 21.28
C PRO D 136 1.75 15.87 21.02
N SER D 137 1.47 14.76 20.32
CA SER D 137 2.43 13.75 19.94
C SER D 137 3.30 14.16 18.77
N GLY D 138 2.86 15.16 17.99
CA GLY D 138 3.52 15.60 16.77
C GLY D 138 2.91 14.95 15.55
N LYS D 139 1.96 14.01 15.74
CA LYS D 139 1.25 13.33 14.68
C LYS D 139 -0.19 13.82 14.66
N GLY D 140 -0.78 13.71 13.48
CA GLY D 140 -2.15 14.11 13.26
C GLY D 140 -2.83 13.24 12.24
N ILE D 141 -4.14 13.43 12.11
CA ILE D 141 -4.96 12.73 11.13
C ILE D 141 -5.66 13.80 10.30
N VAL D 142 -5.73 13.60 8.99
CA VAL D 142 -6.52 14.43 8.10
C VAL D 142 -7.35 13.50 7.27
N GLU D 143 -8.67 13.60 7.41
CA GLU D 143 -9.63 12.82 6.64
C GLU D 143 -10.36 13.70 5.65
N PHE D 144 -10.21 13.38 4.36
CA PHE D 144 -10.85 14.10 3.29
C PHE D 144 -12.17 13.46 2.96
N SER D 145 -13.09 14.15 2.25
CA SER D 145 -14.38 13.59 1.80
C SER D 145 -14.15 12.56 0.68
N GLY D 146 -13.14 12.82 -0.16
CA GLY D 146 -12.77 11.95 -1.27
C GLY D 146 -11.30 11.78 -1.51
N LYS D 147 -10.95 10.64 -2.15
CA LYS D 147 -9.59 10.21 -2.55
C LYS D 147 -8.79 11.26 -3.35
N PRO D 148 -9.34 11.97 -4.38
CA PRO D 148 -8.50 12.94 -5.14
C PRO D 148 -7.87 14.04 -4.31
N ALA D 149 -8.55 14.48 -3.26
CA ALA D 149 -8.05 15.54 -2.38
C ALA D 149 -6.92 14.98 -1.50
N ALA D 150 -7.12 13.74 -0.95
CA ALA D 150 -6.03 13.07 -0.23
C ALA D 150 -4.78 13.01 -1.17
N ARG D 151 -4.99 12.74 -2.46
CA ARG D 151 -3.92 12.69 -3.46
C ARG D 151 -3.19 14.00 -3.66
N LYS D 152 -3.92 15.13 -3.79
CA LYS D 152 -3.34 16.47 -3.91
C LYS D 152 -2.49 16.75 -2.72
N ALA D 153 -3.04 16.54 -1.51
CA ALA D 153 -2.33 16.77 -0.25
C ALA D 153 -0.98 16.02 -0.23
N LEU D 154 -0.97 14.69 -0.49
CA LEU D 154 0.23 13.85 -0.52
C LEU D 154 1.24 14.33 -1.53
N ASP D 155 0.79 14.65 -2.75
CA ASP D 155 1.63 15.10 -3.85
C ASP D 155 2.28 16.42 -3.57
N ARG D 156 1.47 17.46 -3.31
N ARG D 156 1.47 17.44 -3.28
CA ARG D 156 1.95 18.81 -3.04
CA ARG D 156 1.95 18.79 -3.01
C ARG D 156 2.82 18.90 -1.77
C ARG D 156 2.84 18.88 -1.77
N CYS D 157 2.54 18.07 -0.74
CA CYS D 157 3.33 18.07 0.49
C CYS D 157 4.64 17.31 0.42
N SER D 158 4.87 16.57 -0.66
CA SER D 158 6.15 15.88 -0.95
C SER D 158 6.99 16.75 -1.90
N GLU D 159 6.33 17.38 -2.89
CA GLU D 159 6.94 18.29 -3.85
C GLU D 159 7.41 19.56 -3.16
N GLY D 160 6.52 20.14 -2.36
CA GLY D 160 6.83 21.35 -1.64
C GLY D 160 6.98 21.17 -0.15
N SER D 161 7.28 22.27 0.53
CA SER D 161 7.45 22.32 1.99
C SER D 161 6.24 23.04 2.57
N PHE D 162 5.30 22.22 3.13
CA PHE D 162 4.06 22.73 3.70
C PHE D 162 4.26 23.14 5.14
N LEU D 163 4.25 24.47 5.38
CA LEU D 163 4.46 25.05 6.71
C LEU D 163 3.14 25.49 7.27
N LEU D 164 2.77 25.00 8.46
CA LEU D 164 1.52 25.31 9.15
C LEU D 164 1.58 26.56 9.99
N THR D 165 2.76 26.89 10.54
CA THR D 165 2.96 28.04 11.40
C THR D 165 4.16 28.88 10.92
N THR D 166 4.70 29.78 11.80
CA THR D 166 5.87 30.63 11.54
C THR D 166 7.15 29.80 11.47
N PHE D 167 7.21 28.71 12.28
CA PHE D 167 8.35 27.78 12.36
C PHE D 167 8.63 27.12 11.01
N PRO D 168 9.85 27.34 10.46
CA PRO D 168 10.16 26.84 9.10
C PRO D 168 10.47 25.33 8.95
N ARG D 169 9.66 24.46 9.57
CA ARG D 169 9.82 23.02 9.44
C ARG D 169 8.56 22.45 8.80
N PRO D 170 8.68 21.85 7.58
CA PRO D 170 7.50 21.31 6.92
C PRO D 170 6.96 20.06 7.56
N VAL D 171 5.69 19.80 7.35
CA VAL D 171 5.04 18.59 7.84
C VAL D 171 5.26 17.47 6.81
N THR D 172 5.18 16.21 7.28
CA THR D 172 5.28 15.00 6.44
C THR D 172 3.84 14.50 6.25
N VAL D 173 3.44 14.15 5.03
CA VAL D 173 2.09 13.61 4.79
C VAL D 173 2.22 12.20 4.20
N GLU D 174 1.54 11.25 4.82
CA GLU D 174 1.58 9.87 4.37
C GLU D 174 0.18 9.35 4.29
N PRO D 175 -0.08 8.28 3.50
CA PRO D 175 -1.40 7.65 3.61
C PRO D 175 -1.51 7.00 5.00
N MET D 176 -2.74 6.95 5.52
CA MET D 176 -3.02 6.34 6.80
C MET D 176 -2.79 4.84 6.72
N ASP D 177 -2.00 4.32 7.65
CA ASP D 177 -1.76 2.88 7.78
C ASP D 177 -3.00 2.32 8.47
N GLN D 178 -3.92 1.76 7.66
CA GLN D 178 -5.16 1.19 8.14
C GLN D 178 -5.02 -0.23 8.67
N LEU D 179 -5.06 -0.31 9.98
CA LEU D 179 -4.98 -1.49 10.79
C LEU D 179 -6.25 -1.59 11.62
N ASP D 180 -6.86 -2.80 11.65
CA ASP D 180 -8.04 -3.08 12.48
C ASP D 180 -7.57 -3.68 13.79
N ASP D 181 -7.67 -2.88 14.87
CA ASP D 181 -7.32 -3.21 16.25
C ASP D 181 -8.56 -3.45 17.09
N GLU D 182 -9.71 -3.73 16.43
CA GLU D 182 -10.98 -3.97 17.11
C GLU D 182 -11.50 -5.38 16.89
N GLU D 183 -11.67 -5.77 15.61
CA GLU D 183 -12.18 -7.09 15.24
C GLU D 183 -11.06 -8.13 15.13
N GLY D 184 -9.93 -7.68 14.57
CA GLY D 184 -8.70 -8.44 14.45
C GLY D 184 -8.81 -9.72 13.66
N LEU D 185 -8.26 -10.81 14.19
CA LEU D 185 -8.25 -12.13 13.55
C LEU D 185 -9.00 -13.19 14.35
N PRO D 186 -10.33 -13.33 14.15
CA PRO D 186 -11.09 -14.37 14.88
C PRO D 186 -10.66 -15.78 14.48
N GLU D 187 -10.77 -16.77 15.40
CA GLU D 187 -10.40 -18.17 15.13
C GLU D 187 -11.08 -18.71 13.86
N LYS D 188 -12.39 -18.39 13.67
CA LYS D 188 -13.21 -18.81 12.52
C LYS D 188 -12.60 -18.49 11.18
N LEU D 189 -11.89 -17.33 11.08
CA LEU D 189 -11.25 -16.85 9.85
C LEU D 189 -9.85 -17.40 9.60
N VAL D 190 -9.34 -18.22 10.51
CA VAL D 190 -8.00 -18.82 10.36
C VAL D 190 -8.14 -20.08 9.48
N ILE D 191 -7.29 -20.18 8.43
CA ILE D 191 -7.29 -21.30 7.48
C ILE D 191 -6.65 -22.47 8.17
N LYS D 192 -7.38 -23.57 8.27
CA LYS D 192 -6.86 -24.75 8.94
C LYS D 192 -6.05 -25.67 8.04
N ASN D 193 -4.86 -25.20 7.69
CA ASN D 193 -3.89 -25.93 6.89
C ASN D 193 -3.35 -27.06 7.72
N GLN D 194 -2.45 -27.82 7.12
CA GLN D 194 -1.59 -28.73 7.83
C GLN D 194 -0.57 -27.88 8.63
N GLN D 195 -0.21 -26.65 8.15
CA GLN D 195 0.71 -25.72 8.84
C GLN D 195 0.10 -25.22 10.11
N PHE D 196 -1.21 -24.89 10.06
CA PHE D 196 -2.02 -24.49 11.22
C PHE D 196 -1.91 -25.55 12.29
N HIS D 197 -2.25 -26.79 11.98
CA HIS D 197 -2.22 -27.90 12.95
C HIS D 197 -0.84 -28.23 13.48
N LYS D 198 0.21 -28.07 12.64
CA LYS D 198 1.59 -28.30 13.04
C LYS D 198 1.98 -27.27 14.08
N GLU D 199 1.56 -26.00 13.88
CA GLU D 199 1.86 -24.86 14.75
C GLU D 199 1.10 -24.89 16.05
N ARG D 200 -0.13 -25.44 16.03
CA ARG D 200 -1.01 -25.60 17.21
C ARG D 200 -0.78 -26.93 17.95
N GLU D 201 0.24 -27.69 17.55
CA GLU D 201 0.58 -28.94 18.21
C GLU D 201 1.00 -28.63 19.66
N GLN D 202 1.78 -27.53 19.83
CA GLN D 202 2.23 -27.04 21.13
C GLN D 202 1.42 -25.85 21.59
N PRO D 203 0.85 -25.92 22.82
CA PRO D 203 0.01 -24.82 23.30
C PRO D 203 0.81 -23.66 23.88
N PRO D 204 0.20 -22.48 24.19
CA PRO D 204 0.95 -21.43 24.85
C PRO D 204 1.62 -21.94 26.13
N ARG D 205 2.91 -21.63 26.25
CA ARG D 205 3.76 -22.09 27.34
C ARG D 205 5.02 -21.22 27.43
N PHE D 206 5.80 -21.41 28.47
CA PHE D 206 7.09 -20.81 28.66
C PHE D 206 8.12 -21.90 28.28
N ALA D 207 9.13 -21.53 27.45
CA ALA D 207 10.20 -22.46 27.06
C ALA D 207 10.96 -22.80 28.33
N GLN D 208 11.20 -24.09 28.54
CA GLN D 208 11.84 -24.56 29.74
C GLN D 208 13.33 -24.88 29.54
N PRO D 209 14.22 -24.42 30.49
CA PRO D 209 15.66 -24.71 30.37
C PRO D 209 15.96 -26.18 30.18
N GLY D 210 16.84 -26.47 29.22
CA GLY D 210 17.29 -27.82 28.90
C GLY D 210 16.56 -28.52 27.78
N SER D 211 15.92 -27.72 26.90
CA SER D 211 15.13 -28.17 25.77
C SER D 211 15.56 -27.42 24.52
N PHE D 212 15.26 -28.01 23.32
CA PHE D 212 15.56 -27.42 22.00
C PHE D 212 14.91 -26.05 21.91
N GLU D 213 13.60 -25.98 22.24
CA GLU D 213 12.85 -24.74 22.17
C GLU D 213 13.54 -23.65 23.01
N TYR D 214 14.05 -24.03 24.23
CA TYR D 214 14.79 -23.13 25.11
C TYR D 214 16.00 -22.50 24.43
N GLU D 215 16.92 -23.34 23.91
CA GLU D 215 18.13 -22.89 23.23
C GLU D 215 17.81 -21.86 22.17
N TYR D 216 16.83 -22.16 21.30
CA TYR D 216 16.41 -21.24 20.24
C TYR D 216 15.62 -20.05 20.61
N ALA D 217 14.76 -20.11 21.65
CA ALA D 217 14.03 -18.91 22.07
C ALA D 217 15.00 -17.91 22.68
N MET D 218 16.05 -18.42 23.37
CA MET D 218 17.10 -17.61 24.00
C MET D 218 17.92 -16.88 22.93
N ARG D 219 18.18 -17.56 21.80
CA ARG D 219 18.85 -17.01 20.63
C ARG D 219 17.99 -15.93 20.01
N TRP D 220 16.68 -16.17 19.95
CA TRP D 220 15.68 -15.22 19.43
C TRP D 220 15.59 -13.99 20.36
N LYS D 221 15.55 -14.20 21.67
CA LYS D 221 15.51 -13.13 22.68
C LYS D 221 16.74 -12.22 22.60
N ALA D 222 17.93 -12.82 22.39
CA ALA D 222 19.22 -12.14 22.22
C ALA D 222 19.21 -11.31 20.94
N LEU D 223 18.66 -11.87 19.85
CA LEU D 223 18.53 -11.20 18.55
C LEU D 223 17.66 -9.96 18.68
N ILE D 224 16.51 -10.08 19.39
CA ILE D 224 15.55 -8.99 19.62
C ILE D 224 16.22 -7.90 20.43
N GLU D 225 17.04 -8.29 21.39
CA GLU D 225 17.80 -7.42 22.27
C GLU D 225 18.86 -6.62 21.50
N MET D 226 19.45 -7.25 20.47
CA MET D 226 20.44 -6.65 19.59
C MET D 226 19.76 -5.61 18.68
N GLU D 227 18.56 -5.95 18.18
CA GLU D 227 17.74 -5.08 17.33
C GLU D 227 17.32 -3.84 18.09
N LYS D 228 16.98 -3.99 19.40
CA LYS D 228 16.58 -2.89 20.28
C LYS D 228 17.74 -1.93 20.51
N GLN D 229 18.94 -2.47 20.71
CA GLN D 229 20.17 -1.68 20.89
C GLN D 229 20.51 -0.87 19.63
N GLN D 230 20.39 -1.52 18.44
CA GLN D 230 20.61 -0.95 17.10
C GLN D 230 19.67 0.23 16.88
N GLN D 231 18.36 0.01 17.14
CA GLN D 231 17.30 1.02 16.97
C GLN D 231 17.47 2.18 17.92
N ASP D 232 17.84 1.91 19.19
CA ASP D 232 18.07 2.94 20.21
C ASP D 232 19.18 3.89 19.81
N GLN D 233 20.24 3.37 19.15
CA GLN D 233 21.34 4.20 18.67
C GLN D 233 20.89 5.09 17.53
N VAL D 234 20.09 4.54 16.57
CA VAL D 234 19.56 5.29 15.42
C VAL D 234 18.65 6.41 15.91
N ASP D 235 17.77 6.12 16.89
CA ASP D 235 16.86 7.08 17.51
C ASP D 235 17.65 8.26 18.14
N ARG D 236 18.72 7.95 18.87
CA ARG D 236 19.60 8.90 19.56
C ARG D 236 20.32 9.80 18.54
N ASN D 237 20.86 9.21 17.46
CA ASN D 237 21.58 9.90 16.38
C ASN D 237 20.66 10.87 15.63
N ILE D 238 19.41 10.45 15.35
CA ILE D 238 18.38 11.23 14.66
C ILE D 238 17.97 12.43 15.52
N LYS D 239 17.69 12.19 16.81
CA LYS D 239 17.30 13.21 17.79
C LYS D 239 18.38 14.29 17.92
N GLU D 240 19.66 13.86 18.00
CA GLU D 240 20.83 14.74 18.10
C GLU D 240 20.94 15.64 16.86
N ALA D 241 20.77 15.05 15.64
CA ALA D 241 20.82 15.74 14.35
C ALA D 241 19.68 16.75 14.21
N ARG D 242 18.47 16.38 14.68
CA ARG D 242 17.28 17.22 14.66
C ARG D 242 17.44 18.41 15.59
N GLU D 243 17.88 18.16 16.86
CA GLU D 243 18.12 19.18 17.89
C GLU D 243 19.15 20.21 17.44
N LYS D 244 20.20 19.76 16.72
CA LYS D 244 21.27 20.58 16.17
C LYS D 244 20.69 21.56 15.15
N LEU D 245 19.93 21.04 14.14
CA LEU D 245 19.30 21.83 13.09
C LEU D 245 18.26 22.82 13.65
N GLU D 246 17.38 22.37 14.60
CA GLU D 246 16.34 23.14 15.29
C GLU D 246 16.94 24.30 16.10
N MET D 247 18.22 24.17 16.57
CA MET D 247 18.93 25.21 17.31
C MET D 247 19.52 26.27 16.38
N GLU D 248 20.04 25.83 15.20
CA GLU D 248 20.62 26.70 14.17
C GLU D 248 19.58 27.67 13.62
N MET D 249 18.34 27.18 13.52
CA MET D 249 17.16 27.89 13.03
C MET D 249 16.81 29.05 13.96
N GLU D 250 16.73 28.77 15.28
CA GLU D 250 16.40 29.76 16.29
C GLU D 250 17.51 30.76 16.51
N ALA D 251 18.77 30.37 16.25
CA ALA D 251 19.96 31.23 16.33
C ALA D 251 19.97 32.27 15.19
N ALA D 252 19.60 31.83 13.96
CA ALA D 252 19.49 32.69 12.78
C ALA D 252 18.28 33.63 12.93
N ARG D 253 17.19 33.15 13.60
CA ARG D 253 15.91 33.81 13.88
C ARG D 253 15.97 35.10 14.71
N HIS D 254 16.73 35.13 15.84
CA HIS D 254 16.84 36.30 16.75
C HIS D 254 17.47 37.53 16.04
N GLU D 255 18.34 37.26 15.03
CA GLU D 255 19.04 38.23 14.17
C GLU D 255 18.14 38.69 13.00
N HIS D 256 16.90 38.15 12.95
CA HIS D 256 15.88 38.42 11.93
C HIS D 256 14.48 38.76 12.49
N GLN D 257 14.24 38.48 13.80
CA GLN D 257 12.98 38.70 14.50
C GLN D 257 12.64 40.20 14.60
N GLU E 2 20.04 -21.55 -57.71
CA GLU E 2 19.65 -22.92 -57.35
C GLU E 2 18.14 -23.07 -57.00
N GLY E 3 17.44 -23.96 -57.71
CA GLY E 3 16.02 -24.23 -57.51
C GLY E 3 15.15 -23.89 -58.70
N LEU E 4 14.09 -23.10 -58.48
CA LEU E 4 13.17 -22.65 -59.53
C LEU E 4 12.80 -21.18 -59.40
N THR E 5 13.05 -20.40 -60.44
CA THR E 5 12.76 -18.96 -60.48
C THR E 5 11.44 -18.73 -61.23
N ILE E 6 10.51 -18.07 -60.56
CA ILE E 6 9.17 -17.75 -61.06
C ILE E 6 8.89 -16.25 -60.91
N ASP E 7 8.31 -15.61 -61.94
CA ASP E 7 7.89 -14.20 -61.93
C ASP E 7 6.37 -14.19 -61.68
N LEU E 8 5.97 -13.92 -60.42
CA LEU E 8 4.57 -13.94 -59.99
C LEU E 8 3.73 -12.73 -60.39
N LYS E 9 2.84 -12.95 -61.37
CA LYS E 9 1.92 -11.95 -61.95
C LYS E 9 0.63 -11.79 -61.14
N ASN E 10 0.21 -12.87 -60.44
CA ASN E 10 -0.93 -12.95 -59.52
C ASN E 10 -0.63 -14.00 -58.45
N PHE E 11 -0.73 -13.60 -57.18
CA PHE E 11 -0.52 -14.46 -56.00
C PHE E 11 -1.73 -14.31 -55.07
N ARG E 12 -2.70 -13.47 -55.50
CA ARG E 12 -3.94 -13.12 -54.82
C ARG E 12 -5.10 -13.83 -55.53
N LYS E 13 -5.87 -14.64 -54.76
CA LYS E 13 -7.07 -15.34 -55.23
C LYS E 13 -8.18 -14.26 -55.46
N PRO E 14 -9.19 -14.50 -56.33
CA PRO E 14 -10.23 -13.47 -56.53
C PRO E 14 -10.97 -13.12 -55.24
N GLY E 15 -10.98 -11.81 -54.92
CA GLY E 15 -11.62 -11.26 -53.74
C GLY E 15 -10.81 -11.32 -52.45
N GLU E 16 -9.62 -11.97 -52.51
CA GLU E 16 -8.73 -12.15 -51.37
C GLU E 16 -8.24 -10.80 -50.83
N LYS E 17 -8.47 -10.59 -49.54
CA LYS E 17 -8.02 -9.43 -48.80
C LYS E 17 -6.56 -9.71 -48.44
N THR E 18 -5.75 -8.67 -48.25
CA THR E 18 -4.34 -8.88 -47.96
C THR E 18 -4.03 -8.77 -46.48
N PHE E 19 -2.92 -9.39 -46.05
CA PHE E 19 -2.40 -9.37 -44.68
C PHE E 19 -3.45 -9.78 -43.62
N THR E 20 -4.20 -10.80 -43.95
CA THR E 20 -5.20 -11.43 -43.09
C THR E 20 -4.47 -12.43 -42.16
N GLN E 21 -5.20 -13.06 -41.26
CA GLN E 21 -4.63 -14.04 -40.35
C GLN E 21 -4.32 -15.32 -41.13
N ARG E 22 -4.94 -15.53 -42.32
CA ARG E 22 -4.69 -16.64 -43.26
C ARG E 22 -3.30 -16.54 -43.93
N SER E 23 -2.72 -15.35 -43.98
CA SER E 23 -1.40 -15.12 -44.56
C SER E 23 -0.37 -14.82 -43.42
N ARG E 24 -0.78 -15.15 -42.18
CA ARG E 24 0.02 -14.99 -40.96
C ARG E 24 0.69 -16.30 -40.56
N LEU E 25 2.01 -16.25 -40.30
CA LEU E 25 2.81 -17.41 -39.93
C LEU E 25 3.37 -17.32 -38.53
N PHE E 26 3.43 -18.46 -37.86
CA PHE E 26 4.04 -18.64 -36.54
C PHE E 26 5.47 -19.13 -36.83
N VAL E 27 6.46 -18.50 -36.21
CA VAL E 27 7.84 -18.91 -36.39
C VAL E 27 8.35 -19.20 -34.98
N GLY E 28 8.44 -20.49 -34.68
CA GLY E 28 8.93 -20.97 -33.40
C GLY E 28 10.35 -21.45 -33.54
N ASN E 29 11.00 -21.73 -32.39
CA ASN E 29 12.40 -22.21 -32.32
C ASN E 29 13.35 -21.15 -32.85
N LEU E 30 13.11 -19.93 -32.45
CA LEU E 30 13.94 -18.83 -32.87
C LEU E 30 15.22 -18.76 -32.02
N PRO E 31 16.39 -18.36 -32.61
CA PRO E 31 17.60 -18.20 -31.78
C PRO E 31 17.41 -17.05 -30.77
N PRO E 32 18.04 -17.10 -29.57
CA PRO E 32 17.84 -16.03 -28.57
C PRO E 32 18.20 -14.60 -29.00
N ASP E 33 19.16 -14.46 -29.93
CA ASP E 33 19.64 -13.18 -30.45
C ASP E 33 18.86 -12.62 -31.67
N ILE E 34 17.63 -13.12 -31.90
CA ILE E 34 16.77 -12.69 -33.00
C ILE E 34 16.23 -11.26 -32.77
N THR E 35 16.19 -10.48 -33.86
CA THR E 35 15.66 -9.10 -33.91
C THR E 35 14.57 -9.06 -34.98
N GLU E 36 13.72 -8.01 -34.95
CA GLU E 36 12.64 -7.81 -35.92
C GLU E 36 13.19 -7.76 -37.36
N GLU E 37 14.31 -7.01 -37.55
CA GLU E 37 15.01 -6.84 -38.83
C GLU E 37 15.51 -8.20 -39.33
N GLU E 38 16.04 -9.05 -38.43
CA GLU E 38 16.55 -10.40 -38.76
C GLU E 38 15.45 -11.28 -39.36
N MET E 39 14.26 -11.25 -38.72
CA MET E 39 13.12 -11.99 -39.16
C MET E 39 12.53 -11.42 -40.43
N ARG E 40 12.59 -10.07 -40.63
CA ARG E 40 12.15 -9.39 -41.86
C ARG E 40 13.08 -9.78 -43.06
N LYS E 41 14.39 -9.92 -42.80
CA LYS E 41 15.39 -10.32 -43.80
C LYS E 41 15.21 -11.79 -44.23
N LEU E 42 14.86 -12.64 -43.28
CA LEU E 42 14.59 -14.03 -43.55
C LEU E 42 13.36 -14.23 -44.48
N PHE E 43 12.38 -13.29 -44.46
CA PHE E 43 11.13 -13.35 -45.22
C PHE E 43 11.05 -12.28 -46.29
N GLU E 44 12.19 -11.63 -46.55
CA GLU E 44 12.42 -10.58 -47.54
C GLU E 44 12.06 -11.06 -48.96
N LYS E 45 12.42 -12.33 -49.29
CA LYS E 45 12.22 -13.00 -50.57
C LYS E 45 10.76 -13.18 -50.95
N TYR E 46 9.87 -13.22 -49.95
CA TYR E 46 8.42 -13.51 -50.12
C TYR E 46 7.52 -12.29 -50.17
N GLY E 47 8.11 -11.18 -50.64
CA GLY E 47 7.46 -9.90 -50.79
C GLY E 47 7.35 -9.05 -49.54
N LYS E 48 6.26 -8.25 -49.50
CA LYS E 48 5.94 -7.33 -48.40
C LYS E 48 5.48 -8.11 -47.19
N ALA E 49 5.92 -7.68 -46.02
CA ALA E 49 5.54 -8.22 -44.72
C ALA E 49 4.83 -7.12 -43.97
N GLY E 50 3.72 -7.48 -43.33
CA GLY E 50 2.97 -6.55 -42.51
C GLY E 50 3.47 -6.68 -41.09
N GLU E 51 2.62 -7.25 -40.25
CA GLU E 51 2.97 -7.54 -38.87
C GLU E 51 4.24 -8.41 -38.84
N VAL E 52 5.18 -7.99 -38.01
CA VAL E 52 6.40 -8.71 -37.67
C VAL E 52 6.47 -8.59 -36.18
N PHE E 53 6.25 -9.70 -35.47
CA PHE E 53 6.21 -9.67 -34.01
C PHE E 53 7.14 -10.73 -33.43
N ILE E 54 7.88 -10.37 -32.37
CA ILE E 54 8.76 -11.32 -31.67
C ILE E 54 8.46 -11.23 -30.19
N HIS E 55 8.09 -12.36 -29.58
CA HIS E 55 7.85 -12.35 -28.16
C HIS E 55 9.17 -12.23 -27.46
N LYS E 56 9.26 -11.27 -26.52
CA LYS E 56 10.50 -11.08 -25.77
C LYS E 56 10.91 -12.34 -25.01
N ASP E 57 12.07 -12.92 -25.44
CA ASP E 57 12.79 -14.08 -24.89
C ASP E 57 12.27 -15.46 -25.22
N LYS E 58 10.94 -15.60 -25.36
CA LYS E 58 10.25 -16.87 -25.60
C LYS E 58 10.77 -17.76 -26.74
N GLY E 59 11.30 -17.14 -27.79
CA GLY E 59 11.82 -17.90 -28.93
C GLY E 59 10.76 -18.25 -29.97
N PHE E 60 9.79 -17.32 -30.14
CA PHE E 60 8.73 -17.42 -31.12
C PHE E 60 8.27 -16.03 -31.58
N GLY E 61 7.67 -16.00 -32.76
CA GLY E 61 7.13 -14.79 -33.35
C GLY E 61 6.08 -15.05 -34.40
N PHE E 62 5.56 -13.95 -34.97
CA PHE E 62 4.55 -13.94 -36.03
C PHE E 62 4.92 -12.97 -37.12
N ILE E 63 4.66 -13.36 -38.36
CA ILE E 63 4.88 -12.55 -39.55
C ILE E 63 3.69 -12.68 -40.49
N ARG E 64 3.11 -11.55 -40.94
CA ARG E 64 1.99 -11.55 -41.87
C ARG E 64 2.58 -11.23 -43.20
N LEU E 65 2.33 -12.12 -44.17
CA LEU E 65 2.72 -11.93 -45.55
C LEU E 65 1.49 -11.50 -46.30
N GLU E 66 1.67 -10.96 -47.50
CA GLU E 66 0.57 -10.35 -48.29
C GLU E 66 -0.61 -11.22 -48.59
N THR E 67 -0.36 -12.40 -49.14
CA THR E 67 -1.40 -13.35 -49.53
C THR E 67 -1.10 -14.74 -48.94
N ARG E 68 -2.12 -15.61 -49.00
CA ARG E 68 -2.06 -17.00 -48.55
C ARG E 68 -1.02 -17.77 -49.35
N THR E 69 -0.92 -17.52 -50.66
CA THR E 69 0.07 -18.14 -51.57
C THR E 69 1.50 -17.84 -51.12
N LEU E 70 1.82 -16.58 -50.86
CA LEU E 70 3.14 -16.13 -50.42
C LEU E 70 3.55 -16.71 -49.07
N ALA E 71 2.59 -16.82 -48.14
CA ALA E 71 2.72 -17.47 -46.82
C ALA E 71 3.00 -18.97 -46.98
N GLU E 72 2.29 -19.67 -47.92
CA GLU E 72 2.46 -21.07 -48.27
C GLU E 72 3.85 -21.34 -48.79
N ILE E 73 4.40 -20.43 -49.63
CA ILE E 73 5.76 -20.50 -50.19
C ILE E 73 6.81 -20.35 -49.07
N ALA E 74 6.70 -19.31 -48.24
CA ALA E 74 7.63 -19.07 -47.12
C ALA E 74 7.60 -20.22 -46.12
N LYS E 75 6.42 -20.73 -45.82
CA LYS E 75 6.25 -21.84 -44.88
C LYS E 75 7.05 -23.09 -45.33
N VAL E 76 6.85 -23.52 -46.60
CA VAL E 76 7.49 -24.69 -47.20
C VAL E 76 9.02 -24.50 -47.28
N GLU E 77 9.46 -23.29 -47.64
CA GLU E 77 10.87 -22.91 -47.78
C GLU E 77 11.57 -22.81 -46.43
N LEU E 78 10.93 -22.17 -45.44
CA LEU E 78 11.58 -21.92 -44.15
C LEU E 78 11.31 -22.92 -43.04
N ASP E 79 10.29 -23.80 -43.16
CA ASP E 79 10.04 -24.80 -42.11
C ASP E 79 11.20 -25.78 -42.05
N ASN E 80 11.66 -26.08 -40.82
CA ASN E 80 12.80 -26.97 -40.49
C ASN E 80 14.15 -26.46 -40.98
N MET E 81 14.21 -25.16 -41.30
CA MET E 81 15.45 -24.54 -41.74
C MET E 81 16.37 -24.34 -40.55
N PRO E 82 17.65 -24.79 -40.65
CA PRO E 82 18.58 -24.59 -39.55
C PRO E 82 19.08 -23.14 -39.48
N LEU E 83 18.97 -22.53 -38.31
CA LEU E 83 19.42 -21.17 -38.05
C LEU E 83 20.03 -21.12 -36.64
N ARG E 84 21.35 -20.90 -36.60
CA ARG E 84 22.15 -20.78 -35.39
C ARG E 84 21.92 -21.94 -34.38
N GLY E 85 21.98 -23.18 -34.88
CA GLY E 85 21.82 -24.39 -34.08
C GLY E 85 20.39 -24.78 -33.76
N LYS E 86 19.43 -23.97 -34.21
CA LYS E 86 18.00 -24.20 -34.03
C LYS E 86 17.37 -24.60 -35.38
N GLN E 87 16.37 -25.47 -35.35
CA GLN E 87 15.62 -25.87 -36.56
C GLN E 87 14.27 -25.15 -36.44
N LEU E 88 14.05 -24.11 -37.28
CA LEU E 88 12.81 -23.31 -37.23
C LEU E 88 11.55 -24.13 -37.46
N ARG E 89 10.48 -23.77 -36.76
CA ARG E 89 9.17 -24.37 -36.90
C ARG E 89 8.29 -23.24 -37.47
N VAL E 90 7.97 -23.35 -38.78
CA VAL E 90 7.13 -22.40 -39.51
C VAL E 90 5.81 -23.08 -39.79
N ARG E 91 4.74 -22.53 -39.20
CA ARG E 91 3.39 -23.01 -39.34
C ARG E 91 2.49 -21.80 -39.55
N PHE E 92 1.27 -22.06 -40.04
CA PHE E 92 0.26 -21.02 -40.17
C PHE E 92 -0.17 -20.70 -38.76
N ALA E 93 -0.38 -19.42 -38.46
CA ALA E 93 -0.86 -19.00 -37.15
C ALA E 93 -2.28 -19.52 -36.96
N CYS E 94 -2.63 -19.86 -35.72
CA CYS E 94 -3.97 -20.31 -35.34
C CYS E 94 -4.90 -19.11 -35.47
N HIS E 95 -6.03 -19.27 -36.21
CA HIS E 95 -6.99 -18.20 -36.42
C HIS E 95 -7.74 -17.92 -35.12
N SER E 96 -7.62 -16.70 -34.60
CA SER E 96 -8.24 -16.29 -33.32
C SER E 96 -9.72 -15.89 -33.48
N ALA E 97 -10.20 -15.76 -34.73
CA ALA E 97 -11.52 -15.24 -35.03
C ALA E 97 -12.23 -15.93 -36.20
N SER E 98 -12.26 -17.27 -36.17
CA SER E 98 -12.97 -18.01 -37.21
C SER E 98 -14.15 -18.78 -36.63
N LEU E 99 -15.25 -18.81 -37.38
CA LEU E 99 -16.51 -19.38 -36.94
C LEU E 99 -17.12 -20.30 -37.96
N THR E 100 -17.90 -21.25 -37.43
CA THR E 100 -18.69 -22.22 -38.17
C THR E 100 -20.13 -21.71 -38.06
N VAL E 101 -20.78 -21.54 -39.21
CA VAL E 101 -22.17 -21.13 -39.30
C VAL E 101 -22.91 -22.35 -39.83
N ARG E 102 -23.91 -22.80 -39.09
CA ARG E 102 -24.74 -23.97 -39.42
C ARG E 102 -26.16 -23.50 -39.67
N ASN E 103 -26.96 -24.38 -40.33
CA ASN E 103 -28.37 -24.16 -40.65
C ASN E 103 -28.56 -22.96 -41.57
N LEU E 104 -27.66 -22.87 -42.56
CA LEU E 104 -27.72 -21.81 -43.56
C LEU E 104 -28.96 -22.04 -44.40
N PRO E 105 -29.73 -20.97 -44.68
CA PRO E 105 -30.91 -21.14 -45.53
C PRO E 105 -30.51 -21.19 -47.02
N GLN E 106 -31.49 -21.39 -47.90
CA GLN E 106 -31.25 -21.41 -49.34
C GLN E 106 -30.96 -20.00 -49.80
N TYR E 107 -30.31 -19.86 -50.98
CA TYR E 107 -30.00 -18.58 -51.62
C TYR E 107 -28.97 -17.71 -50.89
N VAL E 108 -28.12 -18.35 -50.06
CA VAL E 108 -27.04 -17.70 -49.36
C VAL E 108 -25.80 -17.93 -50.21
N SER E 109 -25.07 -16.84 -50.48
CA SER E 109 -23.80 -16.82 -51.20
C SER E 109 -22.70 -16.36 -50.23
N ASN E 110 -21.42 -16.54 -50.64
CA ASN E 110 -20.23 -16.13 -49.94
C ASN E 110 -20.30 -14.66 -49.61
N GLU E 111 -20.81 -13.86 -50.55
CA GLU E 111 -20.98 -12.41 -50.42
C GLU E 111 -22.06 -12.05 -49.44
N LEU E 112 -23.22 -12.73 -49.51
CA LEU E 112 -24.32 -12.46 -48.57
C LEU E 112 -23.88 -12.77 -47.15
N LEU E 113 -23.15 -13.88 -46.94
CA LEU E 113 -22.64 -14.30 -45.64
C LEU E 113 -21.70 -13.21 -45.08
N GLU E 114 -20.80 -12.66 -45.95
CA GLU E 114 -19.87 -11.57 -45.63
C GLU E 114 -20.62 -10.30 -45.27
N GLU E 115 -21.61 -9.89 -46.08
CA GLU E 115 -22.46 -8.71 -45.81
C GLU E 115 -23.13 -8.86 -44.43
N ALA E 116 -23.74 -10.04 -44.17
CA ALA E 116 -24.45 -10.38 -42.93
C ALA E 116 -23.58 -10.26 -41.69
N PHE E 117 -22.41 -10.89 -41.70
CA PHE E 117 -21.51 -10.90 -40.53
C PHE E 117 -20.67 -9.64 -40.33
N SER E 118 -20.56 -8.80 -41.38
CA SER E 118 -19.85 -7.53 -41.31
C SER E 118 -20.47 -6.56 -40.28
N VAL E 119 -21.74 -6.83 -39.83
CA VAL E 119 -22.42 -6.04 -38.79
C VAL E 119 -21.73 -6.17 -37.45
N PHE E 120 -21.02 -7.30 -37.22
CA PHE E 120 -20.29 -7.58 -35.97
C PHE E 120 -18.86 -7.08 -35.96
N GLY E 121 -18.34 -6.70 -37.12
CA GLY E 121 -16.96 -6.25 -37.29
C GLY E 121 -16.42 -6.59 -38.66
N GLN E 122 -15.11 -6.37 -38.84
CA GLN E 122 -14.44 -6.58 -40.13
C GLN E 122 -14.25 -8.05 -40.41
N VAL E 123 -14.85 -8.51 -41.53
CA VAL E 123 -14.79 -9.89 -42.04
C VAL E 123 -13.60 -9.98 -43.01
N GLU E 124 -12.75 -11.02 -42.83
CA GLU E 124 -11.61 -11.29 -43.72
C GLU E 124 -12.08 -12.16 -44.89
N ARG E 125 -12.94 -13.15 -44.58
CA ARG E 125 -13.42 -14.17 -45.51
C ARG E 125 -14.71 -14.78 -45.00
N ALA E 126 -15.62 -15.09 -45.91
CA ALA E 126 -16.87 -15.78 -45.63
C ALA E 126 -17.09 -16.75 -46.76
N VAL E 127 -17.35 -18.03 -46.44
CA VAL E 127 -17.51 -19.11 -47.43
C VAL E 127 -18.74 -19.93 -47.13
N VAL E 128 -19.57 -20.14 -48.15
CA VAL E 128 -20.73 -21.02 -48.09
C VAL E 128 -20.16 -22.33 -48.63
N ILE E 129 -19.98 -23.32 -47.75
CA ILE E 129 -19.47 -24.64 -48.13
C ILE E 129 -20.39 -25.32 -49.11
N VAL E 130 -19.81 -25.93 -50.16
CA VAL E 130 -20.50 -26.69 -51.21
C VAL E 130 -19.87 -28.07 -51.36
N ASP E 131 -20.65 -29.05 -51.80
CA ASP E 131 -20.17 -30.41 -52.07
C ASP E 131 -19.53 -30.54 -53.49
N ASP E 132 -19.28 -31.81 -53.90
CA ASP E 132 -18.75 -32.28 -55.20
C ASP E 132 -19.54 -31.69 -56.40
N ARG E 133 -20.88 -31.61 -56.26
CA ARG E 133 -21.84 -31.17 -57.27
C ARG E 133 -22.19 -29.67 -57.19
N GLY E 134 -21.54 -28.94 -56.26
CA GLY E 134 -21.70 -27.50 -56.04
C GLY E 134 -22.91 -27.07 -55.23
N ARG E 135 -23.55 -28.05 -54.55
CA ARG E 135 -24.75 -27.86 -53.74
C ARG E 135 -24.34 -27.49 -52.33
N PRO E 136 -24.86 -26.37 -51.75
CA PRO E 136 -24.45 -25.99 -50.40
C PRO E 136 -24.74 -27.06 -49.36
N SER E 137 -23.80 -27.26 -48.45
CA SER E 137 -23.86 -28.25 -47.38
C SER E 137 -24.76 -27.81 -46.21
N GLY E 138 -25.03 -26.49 -46.13
CA GLY E 138 -25.79 -25.87 -45.05
C GLY E 138 -24.86 -25.29 -44.00
N LYS E 139 -23.54 -25.53 -44.16
CA LYS E 139 -22.50 -25.00 -43.28
C LYS E 139 -21.70 -23.93 -44.01
N GLY E 140 -21.12 -23.04 -43.23
CA GLY E 140 -20.32 -21.93 -43.74
C GLY E 140 -19.19 -21.58 -42.81
N ILE E 141 -18.27 -20.74 -43.31
CA ILE E 141 -17.13 -20.26 -42.53
C ILE E 141 -17.17 -18.73 -42.56
N VAL E 142 -16.96 -18.11 -41.38
CA VAL E 142 -16.82 -16.65 -41.25
C VAL E 142 -15.54 -16.40 -40.44
N GLU E 143 -14.63 -15.64 -41.00
CA GLU E 143 -13.32 -15.37 -40.42
C GLU E 143 -13.22 -13.87 -40.35
N PHE E 144 -13.05 -13.36 -39.11
CA PHE E 144 -12.92 -11.92 -38.77
C PHE E 144 -11.49 -11.52 -38.58
N SER E 145 -11.18 -10.24 -38.77
CA SER E 145 -9.84 -9.65 -38.59
C SER E 145 -9.30 -9.86 -37.16
N GLY E 146 -10.18 -9.68 -36.18
CA GLY E 146 -9.85 -9.83 -34.77
C GLY E 146 -10.87 -10.56 -33.94
N LYS E 147 -10.40 -11.01 -32.74
CA LYS E 147 -11.17 -11.74 -31.71
C LYS E 147 -12.42 -10.99 -31.24
N PRO E 148 -12.39 -9.64 -30.97
CA PRO E 148 -13.64 -8.97 -30.48
C PRO E 148 -14.86 -9.11 -31.38
N ALA E 149 -14.71 -8.90 -32.72
CA ALA E 149 -15.77 -9.01 -33.73
C ALA E 149 -16.39 -10.38 -33.73
N ALA E 150 -15.58 -11.44 -33.69
CA ALA E 150 -16.01 -12.84 -33.64
C ALA E 150 -16.81 -13.13 -32.37
N ARG E 151 -16.33 -12.65 -31.18
CA ARG E 151 -16.98 -12.82 -29.87
C ARG E 151 -18.35 -12.15 -29.89
N LYS E 152 -18.41 -10.93 -30.47
CA LYS E 152 -19.59 -10.09 -30.69
C LYS E 152 -20.61 -10.90 -31.49
N ALA E 153 -20.15 -11.55 -32.62
CA ALA E 153 -20.94 -12.45 -33.50
C ALA E 153 -21.50 -13.66 -32.75
N LEU E 154 -20.66 -14.35 -31.95
CA LEU E 154 -21.03 -15.51 -31.15
C LEU E 154 -22.17 -15.23 -30.19
N ASP E 155 -22.05 -14.16 -29.38
CA ASP E 155 -22.99 -13.74 -28.35
C ASP E 155 -24.34 -13.22 -28.85
N ARG E 156 -24.32 -12.40 -29.91
CA ARG E 156 -25.55 -11.84 -30.47
C ARG E 156 -26.37 -12.92 -31.16
N CYS E 157 -25.69 -13.87 -31.83
CA CYS E 157 -26.32 -14.99 -32.56
C CYS E 157 -26.82 -16.12 -31.67
N SER E 158 -26.43 -16.11 -30.37
CA SER E 158 -26.90 -17.10 -29.41
C SER E 158 -28.09 -16.50 -28.63
N GLU E 159 -28.00 -15.20 -28.27
CA GLU E 159 -29.04 -14.45 -27.55
C GLU E 159 -30.24 -14.26 -28.47
N GLY E 160 -29.96 -13.79 -29.69
CA GLY E 160 -30.98 -13.50 -30.68
C GLY E 160 -31.04 -14.51 -31.82
N SER E 161 -31.98 -14.29 -32.73
CA SER E 161 -32.21 -15.14 -33.89
C SER E 161 -31.75 -14.40 -35.13
N PHE E 162 -30.56 -14.78 -35.64
CA PHE E 162 -29.98 -14.13 -36.81
C PHE E 162 -30.45 -14.77 -38.09
N LEU E 163 -31.30 -14.05 -38.83
CA LEU E 163 -31.91 -14.51 -40.07
C LEU E 163 -31.20 -13.85 -41.24
N LEU E 164 -30.70 -14.66 -42.18
CA LEU E 164 -29.97 -14.21 -43.35
C LEU E 164 -30.86 -13.87 -44.53
N THR E 165 -32.04 -14.53 -44.64
CA THR E 165 -32.98 -14.35 -45.74
C THR E 165 -34.40 -14.10 -45.18
N THR E 166 -35.45 -14.22 -46.02
CA THR E 166 -36.84 -14.04 -45.57
C THR E 166 -37.35 -15.26 -44.79
N PHE E 167 -36.75 -16.44 -45.03
CA PHE E 167 -37.09 -17.68 -44.34
C PHE E 167 -36.79 -17.57 -42.83
N PRO E 168 -37.82 -17.74 -41.98
CA PRO E 168 -37.64 -17.49 -40.54
C PRO E 168 -36.88 -18.54 -39.71
N ARG E 169 -35.73 -19.01 -40.20
CA ARG E 169 -34.93 -19.99 -39.51
C ARG E 169 -33.56 -19.39 -39.19
N PRO E 170 -33.18 -19.29 -37.89
CA PRO E 170 -31.86 -18.73 -37.56
C PRO E 170 -30.66 -19.67 -37.69
N VAL E 171 -29.53 -19.04 -38.05
CA VAL E 171 -28.26 -19.67 -38.24
C VAL E 171 -27.58 -19.89 -36.89
N THR E 172 -26.86 -21.03 -36.70
CA THR E 172 -26.09 -21.34 -35.48
C THR E 172 -24.65 -20.90 -35.75
N VAL E 173 -24.08 -20.12 -34.84
CA VAL E 173 -22.73 -19.59 -34.91
C VAL E 173 -21.96 -20.18 -33.75
N GLU E 174 -20.93 -20.99 -34.08
CA GLU E 174 -20.06 -21.70 -33.13
C GLU E 174 -18.61 -21.42 -33.48
N PRO E 175 -17.67 -21.57 -32.52
CA PRO E 175 -16.25 -21.42 -32.88
C PRO E 175 -15.81 -22.54 -33.85
N MET E 176 -14.86 -22.24 -34.74
CA MET E 176 -14.31 -23.19 -35.70
C MET E 176 -13.52 -24.28 -34.98
N ASP E 177 -13.79 -25.56 -35.30
CA ASP E 177 -13.03 -26.67 -34.76
C ASP E 177 -11.79 -26.80 -35.65
N GLN E 178 -10.67 -26.27 -35.21
CA GLN E 178 -9.42 -26.27 -36.00
C GLN E 178 -8.63 -27.57 -35.80
N LEU E 179 -8.62 -28.39 -36.84
CA LEU E 179 -7.95 -29.70 -36.89
C LEU E 179 -6.87 -29.72 -37.96
N ASP E 180 -5.74 -30.38 -37.67
CA ASP E 180 -4.61 -30.49 -38.58
C ASP E 180 -4.62 -31.81 -39.34
N ASP E 181 -5.04 -31.75 -40.59
CA ASP E 181 -5.09 -32.84 -41.56
C ASP E 181 -3.95 -32.67 -42.61
N GLU E 182 -2.91 -31.90 -42.26
CA GLU E 182 -1.78 -31.63 -43.14
C GLU E 182 -0.46 -32.17 -42.60
N GLU E 183 -0.07 -31.75 -41.40
CA GLU E 183 1.18 -32.16 -40.75
C GLU E 183 1.00 -33.50 -40.00
N GLY E 184 -0.16 -33.64 -39.36
CA GLY E 184 -0.58 -34.82 -38.62
C GLY E 184 0.38 -35.31 -37.56
N LEU E 185 0.61 -36.65 -37.49
CA LEU E 185 1.50 -37.27 -36.51
C LEU E 185 2.72 -37.95 -37.09
N PRO E 186 3.83 -37.22 -37.34
CA PRO E 186 5.03 -37.89 -37.86
C PRO E 186 5.66 -38.86 -36.86
N GLU E 187 6.26 -39.95 -37.35
CA GLU E 187 6.96 -40.95 -36.55
C GLU E 187 7.99 -40.32 -35.63
N LYS E 188 8.74 -39.29 -36.11
CA LYS E 188 9.78 -38.61 -35.32
C LYS E 188 9.28 -38.03 -33.99
N LEU E 189 8.02 -37.58 -33.96
CA LEU E 189 7.37 -37.00 -32.80
C LEU E 189 6.81 -38.01 -31.80
N VAL E 190 6.84 -39.30 -32.14
CA VAL E 190 6.37 -40.37 -31.25
C VAL E 190 7.53 -40.79 -30.31
N ILE E 191 7.31 -40.78 -28.99
CA ILE E 191 8.36 -41.22 -28.07
C ILE E 191 8.40 -42.77 -28.01
N LYS E 192 9.59 -43.35 -28.27
CA LYS E 192 9.87 -44.79 -28.33
C LYS E 192 10.17 -45.39 -26.95
N ASN E 193 9.15 -45.40 -26.11
CA ASN E 193 9.19 -45.95 -24.76
C ASN E 193 8.72 -47.40 -24.82
N GLN E 194 8.59 -48.08 -23.67
CA GLN E 194 8.17 -49.48 -23.60
C GLN E 194 6.72 -49.71 -24.05
N GLN E 195 5.81 -48.71 -23.82
CA GLN E 195 4.41 -48.79 -24.25
C GLN E 195 4.33 -48.79 -25.75
N PHE E 196 5.17 -47.94 -26.39
CA PHE E 196 5.29 -47.81 -27.84
C PHE E 196 5.56 -49.19 -28.42
N HIS E 197 6.61 -49.87 -27.94
CA HIS E 197 7.00 -51.21 -28.38
C HIS E 197 5.97 -52.27 -28.13
N LYS E 198 5.23 -52.16 -27.01
CA LYS E 198 4.16 -53.11 -26.66
C LYS E 198 3.02 -52.98 -27.70
N GLU E 199 2.70 -51.75 -28.11
CA GLU E 199 1.65 -51.47 -29.10
C GLU E 199 2.05 -51.88 -30.53
N ARG E 200 3.33 -51.69 -30.88
CA ARG E 200 3.89 -51.99 -32.19
C ARG E 200 4.47 -53.40 -32.29
N GLU E 201 4.20 -54.26 -31.29
CA GLU E 201 4.68 -55.65 -31.23
C GLU E 201 4.15 -56.36 -32.48
N GLN E 202 2.86 -56.15 -32.75
CA GLN E 202 2.21 -56.75 -33.90
C GLN E 202 2.02 -55.71 -35.01
N PRO E 203 2.39 -56.09 -36.27
CA PRO E 203 2.31 -55.13 -37.37
C PRO E 203 0.89 -54.98 -37.92
N PRO E 204 0.60 -53.98 -38.80
CA PRO E 204 -0.75 -53.93 -39.39
C PRO E 204 -1.05 -55.25 -40.11
N ARG E 205 -2.23 -55.80 -39.79
CA ARG E 205 -2.67 -57.08 -40.28
C ARG E 205 -4.20 -57.18 -40.17
N PHE E 206 -4.75 -58.29 -40.70
CA PHE E 206 -6.16 -58.62 -40.58
C PHE E 206 -6.27 -59.66 -39.46
N ALA E 207 -7.21 -59.45 -38.52
CA ALA E 207 -7.48 -60.37 -37.43
C ALA E 207 -7.91 -61.71 -38.04
N GLN E 208 -7.23 -62.78 -37.64
CA GLN E 208 -7.49 -64.10 -38.20
C GLN E 208 -8.38 -64.94 -37.28
N PRO E 209 -9.39 -65.66 -37.83
CA PRO E 209 -10.27 -66.49 -36.99
C PRO E 209 -9.50 -67.49 -36.13
N GLY E 210 -9.86 -67.55 -34.86
CA GLY E 210 -9.22 -68.44 -33.89
C GLY E 210 -8.25 -67.73 -32.98
N SER E 211 -8.08 -66.42 -33.16
CA SER E 211 -7.20 -65.58 -32.36
C SER E 211 -8.01 -64.77 -31.35
N PHE E 212 -7.33 -64.30 -30.26
CA PHE E 212 -7.84 -63.48 -29.15
C PHE E 212 -8.42 -62.16 -29.69
N GLU E 213 -7.71 -61.60 -30.66
CA GLU E 213 -8.00 -60.35 -31.34
C GLU E 213 -9.18 -60.46 -32.30
N TYR E 214 -9.39 -61.64 -32.96
CA TYR E 214 -10.53 -61.85 -33.86
C TYR E 214 -11.87 -61.74 -33.12
N GLU E 215 -11.93 -62.36 -31.92
CA GLU E 215 -13.09 -62.38 -31.04
C GLU E 215 -13.53 -60.97 -30.66
N TYR E 216 -12.58 -60.17 -30.14
CA TYR E 216 -12.82 -58.80 -29.68
C TYR E 216 -13.06 -57.81 -30.81
N ALA E 217 -12.43 -58.03 -32.00
CA ALA E 217 -12.58 -57.18 -33.19
C ALA E 217 -13.99 -57.34 -33.82
N MET E 218 -14.53 -58.58 -33.78
CA MET E 218 -15.87 -58.88 -34.26
C MET E 218 -16.93 -58.25 -33.36
N ARG E 219 -16.67 -58.21 -32.05
CA ARG E 219 -17.52 -57.58 -31.04
C ARG E 219 -17.51 -56.07 -31.25
N TRP E 220 -16.35 -55.50 -31.64
CA TRP E 220 -16.22 -54.07 -31.95
C TRP E 220 -17.02 -53.74 -33.21
N LYS E 221 -16.92 -54.56 -34.25
CA LYS E 221 -17.66 -54.40 -35.51
C LYS E 221 -19.19 -54.42 -35.29
N ALA E 222 -19.65 -55.32 -34.41
CA ALA E 222 -21.06 -55.46 -34.02
C ALA E 222 -21.53 -54.21 -33.27
N LEU E 223 -20.69 -53.71 -32.32
CA LEU E 223 -20.99 -52.52 -31.51
C LEU E 223 -21.03 -51.25 -32.36
N ILE E 224 -20.23 -51.18 -33.44
CA ILE E 224 -20.25 -50.06 -34.40
C ILE E 224 -21.53 -50.11 -35.22
N GLU E 225 -21.96 -51.31 -35.68
CA GLU E 225 -23.20 -51.48 -36.44
C GLU E 225 -24.43 -51.10 -35.59
N MET E 226 -24.41 -51.40 -34.27
CA MET E 226 -25.48 -51.06 -33.33
C MET E 226 -25.59 -49.54 -33.18
N GLU E 227 -24.42 -48.87 -33.09
CA GLU E 227 -24.28 -47.42 -32.98
C GLU E 227 -24.82 -46.74 -34.24
N LYS E 228 -24.55 -47.34 -35.44
CA LYS E 228 -25.01 -46.84 -36.73
C LYS E 228 -26.53 -46.90 -36.82
N GLN E 229 -27.14 -48.00 -36.36
CA GLN E 229 -28.60 -48.19 -36.33
C GLN E 229 -29.26 -47.15 -35.40
N GLN E 230 -28.68 -46.95 -34.19
CA GLN E 230 -29.11 -45.98 -33.18
C GLN E 230 -29.10 -44.56 -33.73
N GLN E 231 -27.95 -44.17 -34.36
CA GLN E 231 -27.74 -42.85 -34.94
C GLN E 231 -28.66 -42.59 -36.12
N ASP E 232 -28.88 -43.61 -36.98
CA ASP E 232 -29.77 -43.51 -38.14
C ASP E 232 -31.19 -43.19 -37.73
N GLN E 233 -31.64 -43.76 -36.59
CA GLN E 233 -32.98 -43.49 -36.08
C GLN E 233 -33.10 -42.07 -35.56
N VAL E 234 -32.08 -41.58 -34.83
CA VAL E 234 -32.03 -40.21 -34.29
C VAL E 234 -32.05 -39.20 -35.44
N ASP E 235 -31.25 -39.45 -36.50
CA ASP E 235 -31.17 -38.63 -37.71
C ASP E 235 -32.54 -38.54 -38.40
N ARG E 236 -33.24 -39.68 -38.55
CA ARG E 236 -34.57 -39.79 -39.15
C ARG E 236 -35.61 -38.99 -38.37
N ASN E 237 -35.62 -39.14 -37.02
CA ASN E 237 -36.53 -38.45 -36.09
C ASN E 237 -36.36 -36.93 -36.14
N ILE E 238 -35.09 -36.48 -36.18
CA ILE E 238 -34.69 -35.08 -36.25
C ILE E 238 -35.12 -34.45 -37.58
N LYS E 239 -34.83 -35.16 -38.71
CA LYS E 239 -35.19 -34.74 -40.08
C LYS E 239 -36.70 -34.57 -40.22
N GLU E 240 -37.49 -35.52 -39.68
CA GLU E 240 -38.95 -35.52 -39.70
C GLU E 240 -39.50 -34.30 -38.92
N ALA E 241 -38.94 -34.03 -37.72
CA ALA E 241 -39.32 -32.92 -36.85
C ALA E 241 -38.97 -31.56 -37.49
N ARG E 242 -37.79 -31.48 -38.16
CA ARG E 242 -37.31 -30.30 -38.87
C ARG E 242 -38.19 -30.01 -40.09
N GLU E 243 -38.50 -31.04 -40.91
CA GLU E 243 -39.35 -30.93 -42.10
C GLU E 243 -40.76 -30.45 -41.75
N LYS E 244 -41.29 -30.85 -40.58
CA LYS E 244 -42.60 -30.44 -40.08
C LYS E 244 -42.58 -28.92 -39.82
N LEU E 245 -41.60 -28.47 -39.01
CA LEU E 245 -41.41 -27.07 -38.65
C LEU E 245 -41.08 -26.21 -39.87
N GLU E 246 -40.23 -26.73 -40.80
CA GLU E 246 -39.83 -26.06 -42.04
C GLU E 246 -41.00 -25.84 -42.99
N MET E 247 -41.99 -26.76 -42.98
CA MET E 247 -43.21 -26.66 -43.79
C MET E 247 -44.07 -25.51 -43.26
N GLU E 248 -44.19 -25.40 -41.92
CA GLU E 248 -44.95 -24.35 -41.23
C GLU E 248 -44.30 -23.00 -41.51
N MET E 249 -42.94 -22.97 -41.50
CA MET E 249 -42.11 -21.79 -41.76
C MET E 249 -42.32 -21.27 -43.18
N GLU E 250 -42.38 -22.20 -44.18
CA GLU E 250 -42.62 -21.92 -45.59
C GLU E 250 -43.98 -21.27 -45.76
N ALA E 251 -45.01 -21.89 -45.16
CA ALA E 251 -46.40 -21.47 -45.21
C ALA E 251 -46.56 -20.04 -44.69
N ALA E 252 -46.02 -19.76 -43.49
CA ALA E 252 -46.05 -18.44 -42.82
C ALA E 252 -45.34 -17.36 -43.64
N ARG E 253 -44.23 -17.74 -44.30
CA ARG E 253 -43.46 -16.84 -45.16
C ARG E 253 -44.27 -16.51 -46.44
N HIS E 254 -44.99 -17.50 -47.04
CA HIS E 254 -45.82 -17.25 -48.22
C HIS E 254 -46.99 -16.34 -47.80
N GLU E 255 -47.55 -16.60 -46.61
CA GLU E 255 -48.65 -15.84 -46.00
C GLU E 255 -48.27 -14.37 -45.76
N HIS E 256 -47.07 -14.12 -45.19
CA HIS E 256 -46.61 -12.78 -44.82
C HIS E 256 -45.89 -11.95 -45.88
N GLN E 257 -45.22 -12.59 -46.84
CA GLN E 257 -44.49 -11.84 -47.86
C GLN E 257 -45.26 -11.76 -49.16
N GLY F 3 4.12 -8.16 -58.85
CA GLY F 3 5.24 -8.34 -59.77
C GLY F 3 6.48 -8.84 -59.07
N LEU F 4 6.31 -9.95 -58.33
CA LEU F 4 7.36 -10.51 -57.52
C LEU F 4 8.04 -11.74 -58.10
N THR F 5 9.36 -11.67 -58.24
CA THR F 5 10.19 -12.76 -58.74
C THR F 5 10.78 -13.51 -57.54
N ILE F 6 10.53 -14.84 -57.47
CA ILE F 6 11.05 -15.65 -56.38
C ILE F 6 11.89 -16.83 -56.88
N ASP F 7 13.03 -17.01 -56.24
CA ASP F 7 13.90 -18.16 -56.42
C ASP F 7 13.42 -19.13 -55.33
N LEU F 8 12.81 -20.23 -55.77
CA LEU F 8 12.20 -21.23 -54.92
C LEU F 8 13.04 -22.52 -54.85
N LYS F 9 13.67 -22.78 -53.68
CA LYS F 9 14.57 -23.92 -53.39
C LYS F 9 13.84 -25.19 -52.84
N ASN F 10 12.87 -25.01 -51.91
CA ASN F 10 12.05 -26.10 -51.38
C ASN F 10 10.59 -25.80 -51.64
N PHE F 11 9.97 -26.62 -52.50
CA PHE F 11 8.56 -26.55 -52.88
C PHE F 11 7.95 -27.93 -52.62
N ARG F 12 8.82 -28.90 -52.24
CA ARG F 12 8.44 -30.25 -51.83
C ARG F 12 8.43 -30.28 -50.28
N LYS F 13 7.32 -30.73 -49.68
CA LYS F 13 7.11 -30.85 -48.24
C LYS F 13 7.79 -32.14 -47.76
N PRO F 14 8.16 -32.29 -46.45
CA PRO F 14 8.83 -33.53 -46.01
C PRO F 14 8.04 -34.79 -46.33
N GLY F 15 8.70 -35.70 -47.07
CA GLY F 15 8.19 -36.99 -47.50
C GLY F 15 7.22 -36.97 -48.67
N GLU F 16 6.90 -35.75 -49.20
CA GLU F 16 5.97 -35.54 -50.31
C GLU F 16 6.43 -36.25 -51.56
N LYS F 17 5.56 -37.09 -52.12
CA LYS F 17 5.81 -37.80 -53.37
C LYS F 17 5.46 -36.80 -54.48
N THR F 18 6.09 -36.96 -55.65
CA THR F 18 5.85 -36.04 -56.75
C THR F 18 4.84 -36.57 -57.74
N PHE F 19 4.19 -35.63 -58.46
CA PHE F 19 3.19 -35.88 -59.52
C PHE F 19 1.99 -36.71 -59.05
N THR F 20 1.61 -36.52 -57.78
CA THR F 20 0.47 -37.14 -57.12
C THR F 20 -0.79 -36.41 -57.60
N GLN F 21 -1.99 -36.97 -57.30
CA GLN F 21 -3.25 -36.34 -57.67
C GLN F 21 -3.45 -35.05 -56.91
N ARG F 22 -2.62 -34.83 -55.84
CA ARG F 22 -2.65 -33.60 -55.01
C ARG F 22 -2.04 -32.39 -55.74
N SER F 23 -1.15 -32.64 -56.68
CA SER F 23 -0.49 -31.58 -57.46
C SER F 23 -1.05 -31.57 -58.90
N ARG F 24 -2.17 -32.29 -59.14
CA ARG F 24 -2.89 -32.40 -60.40
C ARG F 24 -3.99 -31.33 -60.45
N LEU F 25 -4.07 -30.58 -61.56
CA LEU F 25 -5.05 -29.51 -61.78
C LEU F 25 -6.05 -29.80 -62.89
N PHE F 26 -7.27 -29.33 -62.73
CA PHE F 26 -8.33 -29.37 -63.72
C PHE F 26 -8.28 -27.98 -64.39
N VAL F 27 -8.30 -27.93 -65.72
CA VAL F 27 -8.28 -26.67 -66.46
C VAL F 27 -9.49 -26.72 -67.39
N GLY F 28 -10.48 -25.91 -67.09
CA GLY F 28 -11.72 -25.79 -67.84
C GLY F 28 -11.82 -24.48 -68.59
N ASN F 29 -12.82 -24.35 -69.50
CA ASN F 29 -13.09 -23.20 -70.38
C ASN F 29 -11.93 -22.95 -71.32
N LEU F 30 -11.37 -24.05 -71.81
CA LEU F 30 -10.24 -24.02 -72.72
C LEU F 30 -10.70 -23.58 -74.12
N PRO F 31 -9.88 -22.78 -74.86
CA PRO F 31 -10.27 -22.40 -76.22
C PRO F 31 -10.32 -23.64 -77.12
N PRO F 32 -11.17 -23.65 -78.17
CA PRO F 32 -11.29 -24.85 -78.99
C PRO F 32 -10.02 -25.32 -79.70
N ASP F 33 -9.11 -24.37 -80.00
CA ASP F 33 -7.85 -24.62 -80.71
C ASP F 33 -6.67 -24.99 -79.79
N ILE F 34 -6.94 -25.41 -78.54
CA ILE F 34 -5.92 -25.78 -77.57
C ILE F 34 -5.21 -27.09 -77.96
N THR F 35 -3.87 -27.10 -77.84
CA THR F 35 -2.99 -28.23 -78.11
C THR F 35 -2.25 -28.58 -76.82
N GLU F 36 -1.64 -29.79 -76.77
CA GLU F 36 -0.88 -30.24 -75.60
C GLU F 36 0.32 -29.32 -75.38
N GLU F 37 1.00 -28.91 -76.46
CA GLU F 37 2.14 -27.99 -76.40
C GLU F 37 1.74 -26.60 -75.85
N GLU F 38 0.53 -26.11 -76.19
CA GLU F 38 -0.03 -24.84 -75.71
C GLU F 38 -0.22 -24.89 -74.19
N MET F 39 -0.81 -26.00 -73.73
CA MET F 39 -1.06 -26.25 -72.33
C MET F 39 0.24 -26.35 -71.55
N ARG F 40 1.23 -27.06 -72.10
CA ARG F 40 2.55 -27.26 -71.49
C ARG F 40 3.29 -25.93 -71.35
N LYS F 41 3.16 -25.04 -72.37
CA LYS F 41 3.75 -23.69 -72.39
C LYS F 41 3.11 -22.78 -71.36
N LEU F 42 1.78 -22.90 -71.17
CA LEU F 42 1.01 -22.14 -70.18
C LEU F 42 1.48 -22.44 -68.74
N PHE F 43 1.91 -23.68 -68.48
CA PHE F 43 2.35 -24.15 -67.16
C PHE F 43 3.86 -24.32 -67.04
N GLU F 44 4.60 -23.93 -68.07
CA GLU F 44 6.05 -23.98 -68.21
C GLU F 44 6.78 -23.31 -67.03
N LYS F 45 6.25 -22.19 -66.53
CA LYS F 45 6.80 -21.38 -65.44
C LYS F 45 6.84 -22.11 -64.10
N TYR F 46 5.91 -23.09 -63.93
CA TYR F 46 5.69 -23.87 -62.70
C TYR F 46 6.37 -25.23 -62.68
N GLY F 47 7.53 -25.28 -63.33
CA GLY F 47 8.40 -26.45 -63.43
C GLY F 47 7.97 -27.51 -64.44
N LYS F 48 8.38 -28.74 -64.15
CA LYS F 48 8.09 -29.97 -64.87
C LYS F 48 6.61 -30.32 -64.74
N ALA F 49 6.01 -30.77 -65.84
CA ALA F 49 4.63 -31.20 -65.87
C ALA F 49 4.60 -32.69 -66.21
N GLY F 50 3.74 -33.44 -65.52
CA GLY F 50 3.59 -34.87 -65.73
C GLY F 50 2.61 -35.12 -66.86
N GLU F 51 1.58 -35.90 -66.56
CA GLU F 51 0.52 -36.20 -67.51
C GLU F 51 -0.31 -34.98 -67.83
N VAL F 52 -0.61 -34.83 -69.12
CA VAL F 52 -1.45 -33.81 -69.66
C VAL F 52 -2.50 -34.47 -70.50
N PHE F 53 -3.72 -34.20 -70.13
CA PHE F 53 -4.87 -34.71 -70.82
C PHE F 53 -5.72 -33.57 -71.29
N ILE F 54 -6.13 -33.59 -72.57
CA ILE F 54 -7.05 -32.62 -73.14
C ILE F 54 -8.21 -33.39 -73.77
N HIS F 55 -9.46 -33.01 -73.47
CA HIS F 55 -10.61 -33.70 -74.05
C HIS F 55 -10.69 -33.43 -75.55
N LYS F 56 -11.14 -34.46 -76.29
CA LYS F 56 -11.28 -34.42 -77.74
C LYS F 56 -12.07 -33.23 -78.31
N ASP F 57 -13.07 -32.70 -77.57
CA ASP F 57 -13.91 -31.61 -78.10
C ASP F 57 -14.40 -30.66 -77.02
N LYS F 58 -14.44 -31.16 -75.77
CA LYS F 58 -14.85 -30.36 -74.59
C LYS F 58 -13.63 -29.55 -74.09
N GLY F 59 -13.84 -28.26 -73.85
CA GLY F 59 -12.82 -27.34 -73.42
C GLY F 59 -12.36 -27.58 -71.98
N PHE F 60 -11.84 -28.79 -71.73
CA PHE F 60 -11.27 -29.09 -70.43
C PHE F 60 -10.11 -30.05 -70.56
N GLY F 61 -9.25 -29.99 -69.57
CA GLY F 61 -8.08 -30.86 -69.46
C GLY F 61 -7.58 -30.99 -68.03
N PHE F 62 -6.51 -31.77 -67.90
CA PHE F 62 -5.78 -32.04 -66.67
C PHE F 62 -4.30 -31.92 -66.90
N ILE F 63 -3.60 -31.41 -65.88
CA ILE F 63 -2.16 -31.28 -65.87
C ILE F 63 -1.63 -31.65 -64.51
N ARG F 64 -0.64 -32.56 -64.45
CA ARG F 64 0.01 -32.94 -63.19
C ARG F 64 1.26 -32.10 -63.04
N LEU F 65 1.39 -31.37 -61.95
CA LEU F 65 2.59 -30.59 -61.66
C LEU F 65 3.35 -31.34 -60.61
N GLU F 66 4.63 -30.97 -60.37
CA GLU F 66 5.52 -31.69 -59.48
C GLU F 66 5.08 -31.85 -58.04
N THR F 67 4.78 -30.72 -57.38
CA THR F 67 4.39 -30.67 -55.96
C THR F 67 3.12 -29.87 -55.76
N ARG F 68 2.53 -29.97 -54.55
CA ARG F 68 1.29 -29.31 -54.15
C ARG F 68 1.48 -27.79 -54.19
N THR F 69 2.66 -27.30 -53.76
CA THR F 69 3.04 -25.89 -53.75
C THR F 69 3.02 -25.30 -55.14
N LEU F 70 3.64 -25.98 -56.10
CA LEU F 70 3.71 -25.53 -57.50
C LEU F 70 2.31 -25.49 -58.19
N ALA F 71 1.44 -26.47 -57.85
CA ALA F 71 0.07 -26.57 -58.31
C ALA F 71 -0.76 -25.41 -57.75
N GLU F 72 -0.56 -25.08 -56.44
CA GLU F 72 -1.19 -23.96 -55.73
C GLU F 72 -0.83 -22.61 -56.36
N ILE F 73 0.43 -22.44 -56.78
CA ILE F 73 0.94 -21.21 -57.43
C ILE F 73 0.31 -21.10 -58.83
N ALA F 74 0.39 -22.19 -59.65
CA ALA F 74 -0.24 -22.23 -60.99
C ALA F 74 -1.71 -21.92 -60.89
N LYS F 75 -2.44 -22.52 -59.92
CA LYS F 75 -3.89 -22.33 -59.73
C LYS F 75 -4.29 -20.86 -59.53
N VAL F 76 -3.61 -20.18 -58.59
CA VAL F 76 -3.83 -18.77 -58.24
C VAL F 76 -3.46 -17.83 -59.42
N GLU F 77 -2.37 -18.14 -60.12
CA GLU F 77 -1.90 -17.36 -61.25
C GLU F 77 -2.77 -17.52 -62.48
N LEU F 78 -3.19 -18.76 -62.78
CA LEU F 78 -3.97 -19.05 -63.99
C LEU F 78 -5.48 -19.08 -63.86
N ASP F 79 -6.05 -19.13 -62.64
CA ASP F 79 -7.52 -19.17 -62.51
C ASP F 79 -8.10 -17.82 -62.86
N ASN F 80 -9.13 -17.83 -63.74
CA ASN F 80 -9.85 -16.68 -64.32
C ASN F 80 -9.02 -15.86 -65.30
N MET F 81 -7.93 -16.45 -65.80
CA MET F 81 -7.07 -15.82 -66.76
C MET F 81 -7.71 -15.81 -68.14
N PRO F 82 -7.80 -14.64 -68.80
CA PRO F 82 -8.41 -14.61 -70.14
C PRO F 82 -7.45 -15.15 -71.21
N LEU F 83 -7.96 -16.11 -72.00
CA LEU F 83 -7.21 -16.75 -73.08
C LEU F 83 -8.15 -16.97 -74.27
N ARG F 84 -7.90 -16.20 -75.35
CA ARG F 84 -8.66 -16.21 -76.61
C ARG F 84 -10.19 -16.13 -76.42
N GLY F 85 -10.61 -15.13 -75.65
CA GLY F 85 -12.02 -14.86 -75.38
C GLY F 85 -12.66 -15.70 -74.29
N LYS F 86 -11.90 -16.65 -73.72
CA LYS F 86 -12.36 -17.54 -72.65
C LYS F 86 -11.66 -17.17 -71.35
N GLN F 87 -12.34 -17.35 -70.21
CA GLN F 87 -11.81 -17.13 -68.88
C GLN F 87 -11.55 -18.51 -68.28
N LEU F 88 -10.28 -18.93 -68.15
CA LEU F 88 -9.93 -20.26 -67.66
C LEU F 88 -10.43 -20.54 -66.24
N ARG F 89 -10.83 -21.79 -65.97
CA ARG F 89 -11.24 -22.25 -64.66
C ARG F 89 -10.17 -23.28 -64.22
N VAL F 90 -9.32 -22.89 -63.28
CA VAL F 90 -8.25 -23.72 -62.74
C VAL F 90 -8.63 -24.07 -61.32
N ARG F 91 -8.78 -25.37 -61.08
CA ARG F 91 -9.12 -25.98 -59.80
C ARG F 91 -8.26 -27.22 -59.61
N PHE F 92 -8.11 -27.65 -58.39
CA PHE F 92 -7.44 -28.90 -58.10
C PHE F 92 -8.34 -30.02 -58.61
N ALA F 93 -7.73 -31.04 -59.21
CA ALA F 93 -8.49 -32.19 -59.67
C ALA F 93 -9.08 -32.94 -58.50
N CYS F 94 -10.29 -33.49 -58.66
CA CYS F 94 -10.93 -34.29 -57.62
C CYS F 94 -10.09 -35.54 -57.41
N HIS F 95 -9.75 -35.85 -56.16
CA HIS F 95 -9.00 -37.05 -55.86
C HIS F 95 -9.91 -38.28 -56.08
N SER F 96 -9.46 -39.22 -56.92
CA SER F 96 -10.23 -40.40 -57.28
C SER F 96 -10.13 -41.56 -56.30
N ALA F 97 -9.19 -41.49 -55.33
CA ALA F 97 -8.96 -42.55 -54.38
C ALA F 97 -8.57 -41.98 -53.00
N SER F 98 -9.48 -41.22 -52.38
CA SER F 98 -9.24 -40.59 -51.07
C SER F 98 -10.13 -41.25 -49.98
N LEU F 99 -9.55 -41.74 -48.86
CA LEU F 99 -10.33 -42.41 -47.82
C LEU F 99 -10.18 -41.76 -46.45
N THR F 100 -11.24 -41.89 -45.64
CA THR F 100 -11.35 -41.48 -44.26
C THR F 100 -11.20 -42.77 -43.44
N VAL F 101 -10.28 -42.77 -42.50
CA VAL F 101 -10.03 -43.89 -41.60
C VAL F 101 -10.45 -43.40 -40.21
N ARG F 102 -11.35 -44.11 -39.56
CA ARG F 102 -11.88 -43.80 -38.24
C ARG F 102 -11.51 -44.91 -37.26
N ASN F 103 -11.60 -44.60 -35.94
CA ASN F 103 -11.31 -45.49 -34.81
C ASN F 103 -9.85 -45.92 -34.79
N LEU F 104 -8.98 -44.96 -35.10
CA LEU F 104 -7.55 -45.21 -35.12
C LEU F 104 -7.11 -45.47 -33.71
N PRO F 105 -6.29 -46.52 -33.50
CA PRO F 105 -5.80 -46.78 -32.14
C PRO F 105 -4.68 -45.81 -31.75
N GLN F 106 -4.23 -45.85 -30.50
CA GLN F 106 -3.11 -45.03 -30.06
C GLN F 106 -1.81 -45.55 -30.72
N TYR F 107 -0.76 -44.70 -30.77
CA TYR F 107 0.58 -45.00 -31.27
C TYR F 107 0.66 -45.16 -32.77
N VAL F 108 -0.36 -44.63 -33.50
CA VAL F 108 -0.40 -44.62 -34.95
C VAL F 108 0.18 -43.29 -35.42
N SER F 109 1.13 -43.37 -36.37
CA SER F 109 1.78 -42.22 -36.99
C SER F 109 1.41 -42.23 -38.47
N ASN F 110 1.71 -41.11 -39.17
CA ASN F 110 1.44 -40.94 -40.59
C ASN F 110 2.10 -42.07 -41.36
N GLU F 111 3.33 -42.44 -40.93
CA GLU F 111 4.17 -43.50 -41.51
C GLU F 111 3.56 -44.88 -41.31
N LEU F 112 3.05 -45.20 -40.11
CA LEU F 112 2.43 -46.50 -39.84
C LEU F 112 1.20 -46.69 -40.67
N LEU F 113 0.41 -45.62 -40.83
CA LEU F 113 -0.82 -45.60 -41.62
C LEU F 113 -0.51 -45.88 -43.08
N GLU F 114 0.59 -45.27 -43.55
CA GLU F 114 1.09 -45.46 -44.91
C GLU F 114 1.56 -46.91 -45.09
N GLU F 115 2.36 -47.44 -44.14
CA GLU F 115 2.82 -48.84 -44.15
C GLU F 115 1.61 -49.78 -44.20
N ALA F 116 0.63 -49.55 -43.30
CA ALA F 116 -0.59 -50.34 -43.17
C ALA F 116 -1.40 -50.45 -44.46
N PHE F 117 -1.69 -49.31 -45.09
CA PHE F 117 -2.53 -49.26 -46.29
C PHE F 117 -1.83 -49.57 -47.59
N SER F 118 -0.48 -49.57 -47.58
CA SER F 118 0.34 -49.92 -48.74
C SER F 118 0.10 -51.38 -49.20
N VAL F 119 -0.50 -52.22 -48.31
CA VAL F 119 -0.86 -53.62 -48.58
C VAL F 119 -1.95 -53.69 -49.69
N PHE F 120 -2.77 -52.63 -49.81
CA PHE F 120 -3.85 -52.53 -50.78
C PHE F 120 -3.44 -51.90 -52.11
N GLY F 121 -2.29 -51.27 -52.14
CA GLY F 121 -1.79 -50.62 -53.34
C GLY F 121 -0.85 -49.49 -53.01
N GLN F 122 -0.45 -48.72 -54.03
CA GLN F 122 0.44 -47.59 -53.86
C GLN F 122 -0.27 -46.40 -53.19
N VAL F 123 0.25 -46.00 -52.00
CA VAL F 123 -0.23 -44.89 -51.19
C VAL F 123 0.56 -43.67 -51.62
N GLU F 124 -0.14 -42.53 -51.86
CA GLU F 124 0.45 -41.24 -52.18
C GLU F 124 0.78 -40.48 -50.87
N ARG F 125 -0.14 -40.57 -49.89
CA ARG F 125 -0.11 -39.81 -48.63
C ARG F 125 -1.06 -40.48 -47.62
N ALA F 126 -0.66 -40.44 -46.37
CA ALA F 126 -1.43 -40.95 -45.25
C ALA F 126 -1.18 -39.97 -44.13
N VAL F 127 -2.26 -39.48 -43.48
CA VAL F 127 -2.19 -38.49 -42.41
C VAL F 127 -3.03 -38.92 -41.24
N VAL F 128 -2.44 -38.89 -40.05
CA VAL F 128 -3.11 -39.10 -38.75
C VAL F 128 -3.48 -37.68 -38.33
N ILE F 129 -4.79 -37.34 -38.37
CA ILE F 129 -5.29 -36.01 -38.04
C ILE F 129 -5.13 -35.72 -36.56
N VAL F 130 -4.56 -34.55 -36.22
CA VAL F 130 -4.33 -34.10 -34.85
C VAL F 130 -5.05 -32.76 -34.58
N ASP F 131 -5.36 -32.47 -33.31
CA ASP F 131 -5.95 -31.18 -32.88
C ASP F 131 -4.80 -30.11 -32.66
N ASP F 132 -5.15 -28.91 -32.16
CA ASP F 132 -4.23 -27.79 -31.80
C ASP F 132 -3.20 -28.15 -30.65
N ARG F 133 -3.55 -29.15 -29.83
CA ARG F 133 -2.75 -29.71 -28.73
C ARG F 133 -1.83 -30.83 -29.32
N GLY F 134 -2.01 -31.12 -30.62
CA GLY F 134 -1.25 -32.13 -31.37
C GLY F 134 -1.67 -33.57 -31.12
N ARG F 135 -2.78 -33.75 -30.37
CA ARG F 135 -3.36 -35.01 -29.96
C ARG F 135 -4.19 -35.61 -31.08
N PRO F 136 -3.93 -36.87 -31.49
CA PRO F 136 -4.70 -37.46 -32.59
C PRO F 136 -6.19 -37.47 -32.34
N SER F 137 -6.95 -37.16 -33.39
CA SER F 137 -8.41 -37.07 -33.34
C SER F 137 -9.07 -38.44 -33.39
N GLY F 138 -8.33 -39.45 -33.85
CA GLY F 138 -8.81 -40.81 -34.07
C GLY F 138 -9.18 -41.03 -35.51
N LYS F 139 -9.14 -39.95 -36.33
CA LYS F 139 -9.41 -39.97 -37.77
C LYS F 139 -8.11 -39.79 -38.53
N GLY F 140 -8.11 -40.30 -39.74
CA GLY F 140 -6.98 -40.23 -40.64
C GLY F 140 -7.40 -40.15 -42.09
N ILE F 141 -6.44 -39.84 -42.95
CA ILE F 141 -6.65 -39.74 -44.40
C ILE F 141 -5.69 -40.70 -45.07
N VAL F 142 -6.16 -41.45 -46.06
CA VAL F 142 -5.33 -42.33 -46.89
C VAL F 142 -5.65 -42.00 -48.33
N GLU F 143 -4.62 -41.55 -49.09
CA GLU F 143 -4.76 -41.20 -50.51
C GLU F 143 -3.92 -42.15 -51.35
N PHE F 144 -4.57 -42.91 -52.22
CA PHE F 144 -3.93 -43.87 -53.11
C PHE F 144 -3.70 -43.28 -54.50
N SER F 145 -2.68 -43.76 -55.24
CA SER F 145 -2.36 -43.35 -56.62
C SER F 145 -3.56 -43.52 -57.56
N GLY F 146 -4.25 -44.66 -57.43
CA GLY F 146 -5.43 -45.01 -58.21
C GLY F 146 -6.60 -45.56 -57.44
N LYS F 147 -7.79 -45.48 -58.06
CA LYS F 147 -9.07 -45.94 -57.56
C LYS F 147 -9.11 -47.44 -57.20
N PRO F 148 -8.51 -48.40 -57.97
CA PRO F 148 -8.63 -49.82 -57.59
C PRO F 148 -8.07 -50.11 -56.21
N ALA F 149 -6.94 -49.45 -55.87
CA ALA F 149 -6.22 -49.59 -54.60
C ALA F 149 -7.13 -49.17 -53.44
N ALA F 150 -7.88 -48.06 -53.63
CA ALA F 150 -8.85 -47.59 -52.63
C ALA F 150 -10.02 -48.56 -52.44
N ARG F 151 -10.55 -49.13 -53.57
CA ARG F 151 -11.65 -50.09 -53.56
C ARG F 151 -11.25 -51.37 -52.85
N LYS F 152 -10.02 -51.81 -53.06
CA LYS F 152 -9.45 -52.98 -52.42
C LYS F 152 -9.46 -52.75 -50.90
N ALA F 153 -8.92 -51.58 -50.42
CA ALA F 153 -8.91 -51.18 -49.00
C ALA F 153 -10.30 -51.16 -48.41
N LEU F 154 -11.26 -50.51 -49.08
CA LEU F 154 -12.66 -50.41 -48.65
C LEU F 154 -13.33 -51.79 -48.50
N ASP F 155 -13.15 -52.67 -49.49
CA ASP F 155 -13.73 -54.01 -49.47
C ASP F 155 -13.14 -54.87 -48.36
N ARG F 156 -11.82 -55.03 -48.35
CA ARG F 156 -11.09 -55.83 -47.36
C ARG F 156 -11.32 -55.35 -45.94
N CYS F 157 -11.44 -54.03 -45.73
CA CYS F 157 -11.63 -53.43 -44.41
C CYS F 157 -13.06 -53.47 -43.86
N SER F 158 -14.03 -53.83 -44.72
CA SER F 158 -15.45 -54.01 -44.35
C SER F 158 -15.68 -55.51 -44.10
N GLU F 159 -15.06 -56.38 -44.93
CA GLU F 159 -15.13 -57.84 -44.81
C GLU F 159 -14.40 -58.29 -43.57
N GLY F 160 -13.17 -57.83 -43.43
CA GLY F 160 -12.32 -58.19 -42.29
C GLY F 160 -12.12 -57.10 -41.27
N SER F 161 -11.38 -57.43 -40.21
CA SER F 161 -11.02 -56.56 -39.09
C SER F 161 -9.55 -56.18 -39.20
N PHE F 162 -9.30 -54.97 -39.72
CA PHE F 162 -7.96 -54.49 -39.94
C PHE F 162 -7.40 -53.80 -38.69
N LEU F 163 -6.42 -54.45 -38.04
CA LEU F 163 -5.80 -53.97 -36.81
C LEU F 163 -4.44 -53.38 -37.14
N LEU F 164 -4.22 -52.11 -36.73
CA LEU F 164 -2.97 -51.39 -37.00
C LEU F 164 -1.89 -51.62 -35.95
N THR F 165 -2.30 -51.95 -34.71
CA THR F 165 -1.39 -52.15 -33.59
C THR F 165 -1.78 -53.45 -32.84
N THR F 166 -1.27 -53.62 -31.60
CA THR F 166 -1.54 -54.78 -30.76
C THR F 166 -2.97 -54.74 -30.17
N PHE F 167 -3.53 -53.53 -30.02
CA PHE F 167 -4.88 -53.31 -29.52
C PHE F 167 -5.93 -53.92 -30.46
N PRO F 168 -6.76 -54.87 -29.95
CA PRO F 168 -7.70 -55.59 -30.83
C PRO F 168 -8.97 -54.85 -31.30
N ARG F 169 -8.81 -53.59 -31.76
CA ARG F 169 -9.95 -52.80 -32.24
C ARG F 169 -9.72 -52.44 -33.70
N PRO F 170 -10.58 -52.92 -34.62
CA PRO F 170 -10.36 -52.61 -36.05
C PRO F 170 -10.73 -51.18 -36.43
N VAL F 171 -10.09 -50.70 -37.48
CA VAL F 171 -10.34 -49.38 -38.05
C VAL F 171 -11.54 -49.45 -39.03
N THR F 172 -12.21 -48.30 -39.21
CA THR F 172 -13.33 -48.09 -40.12
C THR F 172 -12.78 -47.30 -41.31
N VAL F 173 -12.95 -47.81 -42.52
CA VAL F 173 -12.48 -47.19 -43.76
C VAL F 173 -13.70 -46.84 -44.62
N GLU F 174 -13.86 -45.54 -44.96
CA GLU F 174 -14.97 -44.97 -45.71
C GLU F 174 -14.44 -44.06 -46.80
N PRO F 175 -15.19 -43.79 -47.89
CA PRO F 175 -14.71 -42.81 -48.87
C PRO F 175 -14.68 -41.40 -48.26
N MET F 176 -13.71 -40.58 -48.71
CA MET F 176 -13.55 -39.20 -48.27
C MET F 176 -14.71 -38.37 -48.76
N ASP F 177 -15.32 -37.61 -47.85
CA ASP F 177 -16.39 -36.69 -48.18
C ASP F 177 -15.68 -35.41 -48.64
N GLN F 178 -15.61 -35.23 -49.96
CA GLN F 178 -14.90 -34.07 -50.53
C GLN F 178 -15.80 -32.83 -50.59
N LEU F 179 -15.50 -31.87 -49.72
CA LEU F 179 -16.22 -30.61 -49.57
C LEU F 179 -15.31 -29.44 -49.87
N ASP F 180 -15.85 -28.44 -50.60
CA ASP F 180 -15.14 -27.21 -50.95
C ASP F 180 -15.50 -26.08 -49.98
N ASP F 181 -14.56 -25.80 -49.08
CA ASP F 181 -14.61 -24.75 -48.06
C ASP F 181 -13.73 -23.55 -48.49
N GLU F 182 -13.36 -23.47 -49.79
CA GLU F 182 -12.52 -22.39 -50.33
C GLU F 182 -13.26 -21.50 -51.32
N GLU F 183 -13.79 -22.09 -52.38
CA GLU F 183 -14.49 -21.39 -53.47
C GLU F 183 -15.95 -21.15 -53.12
N GLY F 184 -16.56 -22.15 -52.48
CA GLY F 184 -17.94 -22.12 -52.00
C GLY F 184 -18.96 -21.74 -53.05
N LEU F 185 -19.91 -20.85 -52.68
CA LEU F 185 -20.99 -20.39 -53.55
C LEU F 185 -20.94 -18.88 -53.88
N PRO F 186 -20.22 -18.49 -54.95
CA PRO F 186 -20.17 -17.07 -55.34
C PRO F 186 -21.54 -16.54 -55.82
N GLU F 187 -21.78 -15.24 -55.62
CA GLU F 187 -23.02 -14.59 -56.01
C GLU F 187 -23.34 -14.76 -57.50
N LYS F 188 -22.31 -14.72 -58.37
CA LYS F 188 -22.42 -14.89 -59.82
C LYS F 188 -23.09 -16.21 -60.23
N LEU F 189 -22.85 -17.28 -59.44
CA LEU F 189 -23.42 -18.61 -59.70
C LEU F 189 -24.87 -18.78 -59.22
N VAL F 190 -25.43 -17.73 -58.62
CA VAL F 190 -26.82 -17.73 -58.14
C VAL F 190 -27.70 -17.20 -59.27
N ILE F 191 -28.73 -17.97 -59.69
CA ILE F 191 -29.67 -17.52 -60.71
C ILE F 191 -30.67 -16.57 -60.02
N LYS F 192 -30.70 -15.32 -60.48
CA LYS F 192 -31.54 -14.26 -59.93
C LYS F 192 -32.97 -14.31 -60.51
N ASN F 193 -33.74 -15.35 -60.10
CA ASN F 193 -35.14 -15.57 -60.50
C ASN F 193 -36.10 -15.00 -59.45
N GLN F 194 -37.41 -15.33 -59.54
CA GLN F 194 -38.41 -14.87 -58.58
C GLN F 194 -38.21 -15.42 -57.19
N GLN F 195 -37.73 -16.69 -57.04
CA GLN F 195 -37.47 -17.30 -55.73
C GLN F 195 -36.34 -16.59 -55.04
N PHE F 196 -35.31 -16.23 -55.82
CA PHE F 196 -34.15 -15.51 -55.34
C PHE F 196 -34.59 -14.22 -54.69
N HIS F 197 -35.35 -13.40 -55.42
CA HIS F 197 -35.88 -12.13 -54.93
C HIS F 197 -36.83 -12.27 -53.76
N LYS F 198 -37.63 -13.36 -53.68
CA LYS F 198 -38.55 -13.63 -52.57
C LYS F 198 -37.73 -13.84 -51.29
N GLU F 199 -36.61 -14.59 -51.40
CA GLU F 199 -35.71 -14.92 -50.31
C GLU F 199 -34.88 -13.71 -49.84
N ARG F 200 -34.47 -12.87 -50.79
CA ARG F 200 -33.65 -11.68 -50.54
C ARG F 200 -34.47 -10.40 -50.35
N GLU F 201 -35.81 -10.52 -50.19
CA GLU F 201 -36.74 -9.40 -49.96
C GLU F 201 -36.29 -8.68 -48.68
N GLN F 202 -36.02 -9.46 -47.63
CA GLN F 202 -35.58 -8.97 -46.35
C GLN F 202 -34.09 -9.21 -46.18
N PRO F 203 -33.34 -8.18 -45.73
CA PRO F 203 -31.88 -8.33 -45.61
C PRO F 203 -31.47 -9.06 -44.34
N PRO F 204 -30.18 -9.49 -44.18
CA PRO F 204 -29.76 -10.09 -42.89
C PRO F 204 -30.09 -9.15 -41.73
N ARG F 205 -30.76 -9.71 -40.71
CA ARG F 205 -31.23 -8.98 -39.56
C ARG F 205 -31.49 -9.92 -38.39
N PHE F 206 -31.80 -9.35 -37.22
CA PHE F 206 -32.18 -10.08 -36.03
C PHE F 206 -33.70 -10.06 -35.95
N ALA F 207 -34.31 -11.25 -35.75
CA ALA F 207 -35.75 -11.39 -35.60
C ALA F 207 -36.18 -10.59 -34.39
N GLN F 208 -37.15 -9.70 -34.57
CA GLN F 208 -37.62 -8.84 -33.50
C GLN F 208 -38.92 -9.36 -32.90
N PRO F 209 -39.06 -9.34 -31.55
CA PRO F 209 -40.31 -9.84 -30.93
C PRO F 209 -41.56 -9.18 -31.49
N GLY F 210 -42.56 -10.00 -31.82
CA GLY F 210 -43.80 -9.55 -32.43
C GLY F 210 -43.86 -9.79 -33.93
N SER F 211 -42.69 -9.89 -34.60
CA SER F 211 -42.60 -10.17 -36.05
C SER F 211 -42.98 -11.63 -36.32
N PHE F 212 -43.56 -11.93 -37.53
CA PHE F 212 -43.99 -13.29 -37.89
C PHE F 212 -42.81 -14.28 -37.75
N GLU F 213 -41.61 -13.79 -38.08
CA GLU F 213 -40.34 -14.50 -38.03
C GLU F 213 -40.02 -14.99 -36.62
N TYR F 214 -39.89 -14.06 -35.64
CA TYR F 214 -39.52 -14.28 -34.24
C TYR F 214 -40.11 -15.53 -33.60
N GLU F 215 -41.43 -15.75 -33.76
CA GLU F 215 -42.13 -16.90 -33.19
C GLU F 215 -41.55 -18.25 -33.70
N TYR F 216 -41.41 -18.40 -35.04
CA TYR F 216 -40.86 -19.60 -35.69
C TYR F 216 -39.37 -19.82 -35.36
N ALA F 217 -38.58 -18.72 -35.32
CA ALA F 217 -37.16 -18.76 -35.00
C ALA F 217 -36.95 -19.25 -33.56
N MET F 218 -37.86 -18.88 -32.63
CA MET F 218 -37.81 -19.32 -31.24
C MET F 218 -38.13 -20.80 -31.12
N ARG F 219 -39.08 -21.29 -31.97
CA ARG F 219 -39.48 -22.68 -32.06
C ARG F 219 -38.33 -23.51 -32.63
N TRP F 220 -37.58 -22.92 -33.59
CA TRP F 220 -36.41 -23.56 -34.18
C TRP F 220 -35.29 -23.66 -33.14
N LYS F 221 -35.05 -22.60 -32.35
CA LYS F 221 -34.04 -22.57 -31.30
C LYS F 221 -34.29 -23.65 -30.23
N ALA F 222 -35.57 -23.82 -29.87
CA ALA F 222 -36.03 -24.83 -28.91
C ALA F 222 -35.80 -26.24 -29.45
N LEU F 223 -36.13 -26.46 -30.76
CA LEU F 223 -35.95 -27.72 -31.45
C LEU F 223 -34.47 -28.10 -31.48
N ILE F 224 -33.58 -27.12 -31.77
CA ILE F 224 -32.12 -27.32 -31.81
C ILE F 224 -31.61 -27.73 -30.43
N GLU F 225 -32.13 -27.09 -29.36
CA GLU F 225 -31.74 -27.45 -27.98
C GLU F 225 -32.20 -28.87 -27.63
N MET F 226 -33.37 -29.29 -28.13
CA MET F 226 -33.90 -30.64 -27.93
C MET F 226 -33.00 -31.67 -28.62
N GLU F 227 -32.52 -31.34 -29.84
CA GLU F 227 -31.62 -32.16 -30.64
C GLU F 227 -30.28 -32.31 -29.95
N LYS F 228 -29.78 -31.23 -29.31
CA LYS F 228 -28.52 -31.21 -28.55
C LYS F 228 -28.62 -32.15 -27.35
N GLN F 229 -29.75 -32.09 -26.61
CA GLN F 229 -30.02 -32.96 -25.45
C GLN F 229 -30.07 -34.44 -25.86
N GLN F 230 -30.80 -34.74 -26.98
CA GLN F 230 -30.96 -36.07 -27.58
C GLN F 230 -29.59 -36.66 -27.94
N GLN F 231 -28.76 -35.87 -28.66
CA GLN F 231 -27.43 -36.25 -29.12
C GLN F 231 -26.47 -36.46 -27.98
N ASP F 232 -26.53 -35.59 -26.94
CA ASP F 232 -25.68 -35.68 -25.75
C ASP F 232 -25.92 -36.99 -25.01
N GLN F 233 -27.18 -37.46 -24.96
CA GLN F 233 -27.50 -38.71 -24.31
C GLN F 233 -26.97 -39.90 -25.10
N VAL F 234 -27.10 -39.88 -26.44
CA VAL F 234 -26.61 -40.92 -27.35
C VAL F 234 -25.08 -41.01 -27.23
N ASP F 235 -24.37 -39.84 -27.23
CA ASP F 235 -22.91 -39.73 -27.08
C ASP F 235 -22.41 -40.29 -25.73
N ARG F 236 -23.18 -40.06 -24.63
CA ARG F 236 -22.89 -40.58 -23.28
C ARG F 236 -23.05 -42.11 -23.23
N ASN F 237 -24.15 -42.64 -23.82
CA ASN F 237 -24.45 -44.08 -23.89
C ASN F 237 -23.39 -44.83 -24.70
N ILE F 238 -22.98 -44.24 -25.84
CA ILE F 238 -21.98 -44.78 -26.76
C ILE F 238 -20.60 -44.82 -26.09
N LYS F 239 -20.19 -43.70 -25.42
CA LYS F 239 -18.93 -43.55 -24.69
C LYS F 239 -18.81 -44.61 -23.60
N GLU F 240 -19.90 -44.82 -22.82
CA GLU F 240 -19.98 -45.79 -21.74
C GLU F 240 -19.80 -47.22 -22.28
N ALA F 241 -20.51 -47.55 -23.38
CA ALA F 241 -20.47 -48.86 -24.05
C ALA F 241 -19.09 -49.15 -24.64
N ARG F 242 -18.45 -48.12 -25.24
CA ARG F 242 -17.13 -48.19 -25.84
C ARG F 242 -16.08 -48.40 -24.77
N GLU F 243 -16.11 -47.59 -23.67
CA GLU F 243 -15.19 -47.68 -22.54
C GLU F 243 -15.23 -49.04 -21.86
N LYS F 244 -16.42 -49.67 -21.79
CA LYS F 244 -16.63 -51.01 -21.22
C LYS F 244 -15.87 -52.04 -22.05
N LEU F 245 -16.14 -52.05 -23.38
CA LEU F 245 -15.51 -52.96 -24.33
C LEU F 245 -14.01 -52.72 -24.44
N GLU F 246 -13.59 -51.43 -24.46
CA GLU F 246 -12.18 -51.02 -24.54
C GLU F 246 -11.37 -51.46 -23.32
N MET F 247 -12.03 -51.51 -22.13
CA MET F 247 -11.40 -51.96 -20.90
C MET F 247 -11.15 -53.46 -20.96
N GLU F 248 -12.13 -54.23 -21.51
CA GLU F 248 -12.03 -55.68 -21.71
C GLU F 248 -10.92 -55.98 -22.72
N MET F 249 -10.80 -55.12 -23.78
CA MET F 249 -9.78 -55.19 -24.84
C MET F 249 -8.37 -55.00 -24.27
N GLU F 250 -8.17 -53.98 -23.39
CA GLU F 250 -6.90 -53.66 -22.68
C GLU F 250 -6.46 -54.82 -21.76
N ALA F 251 -7.45 -55.41 -21.03
CA ALA F 251 -7.25 -56.51 -20.08
C ALA F 251 -6.80 -57.79 -20.81
N ALA F 252 -7.50 -58.15 -21.91
CA ALA F 252 -7.20 -59.32 -22.74
C ALA F 252 -5.85 -59.19 -23.44
N ARG F 253 -5.49 -57.95 -23.85
CA ARG F 253 -4.23 -57.62 -24.50
C ARG F 253 -3.07 -57.92 -23.53
N HIS F 254 -3.19 -57.48 -22.24
CA HIS F 254 -2.23 -57.70 -21.16
C HIS F 254 -2.03 -59.20 -20.85
N GLU F 255 -3.15 -60.00 -20.82
CA GLU F 255 -3.17 -61.45 -20.59
C GLU F 255 -2.43 -62.25 -21.68
N HIS F 256 -2.44 -61.74 -22.94
CA HIS F 256 -1.84 -62.36 -24.12
C HIS F 256 -0.58 -61.63 -24.66
N GLN F 257 -0.16 -60.54 -23.98
CA GLN F 257 1.01 -59.69 -24.33
C GLN F 257 2.31 -60.51 -24.43
N GLU G 2 -20.40 49.87 42.83
CA GLU G 2 -19.47 50.79 43.48
C GLU G 2 -18.00 50.65 42.95
N GLY G 3 -17.48 51.77 42.46
CA GLY G 3 -16.10 51.90 41.98
C GLY G 3 -15.27 52.70 42.96
N LEU G 4 -14.42 53.61 42.45
CA LEU G 4 -13.62 54.53 43.27
C LEU G 4 -13.12 55.64 42.36
N THR G 5 -13.52 56.87 42.62
CA THR G 5 -13.06 57.97 41.77
C THR G 5 -11.83 58.62 42.33
N ILE G 6 -10.75 58.60 41.54
CA ILE G 6 -9.46 59.19 41.90
C ILE G 6 -9.05 60.23 40.88
N ASP G 7 -8.79 61.44 41.38
CA ASP G 7 -8.28 62.52 40.57
C ASP G 7 -6.76 62.36 40.58
N LEU G 8 -6.20 61.92 39.44
CA LEU G 8 -4.78 61.72 39.27
C LEU G 8 -4.02 62.96 38.83
N LYS G 9 -3.13 63.46 39.70
CA LYS G 9 -2.30 64.63 39.39
C LYS G 9 -0.98 64.20 38.74
N ASN G 10 -0.40 63.04 39.19
CA ASN G 10 0.83 62.46 38.65
C ASN G 10 0.68 60.97 38.37
N PHE G 11 0.96 60.58 37.12
CA PHE G 11 0.92 59.19 36.66
C PHE G 11 2.26 58.78 36.01
N ARG G 12 3.21 59.74 35.96
CA ARG G 12 4.55 59.56 35.42
C ARG G 12 5.53 59.50 36.60
N LYS G 13 6.36 58.47 36.60
CA LYS G 13 7.39 58.29 37.61
C LYS G 13 8.55 59.23 37.24
N PRO G 14 9.43 59.62 38.21
CA PRO G 14 10.53 60.53 37.86
C PRO G 14 11.46 59.96 36.79
N GLY G 15 11.64 60.72 35.71
CA GLY G 15 12.46 60.37 34.57
C GLY G 15 11.83 59.44 33.54
N GLU G 16 10.59 58.97 33.83
CA GLU G 16 9.84 58.07 32.95
C GLU G 16 9.50 58.75 31.61
N LYS G 17 9.88 58.09 30.53
CA LYS G 17 9.54 58.52 29.18
C LYS G 17 8.11 58.02 28.91
N THR G 18 7.38 58.71 28.03
CA THR G 18 6.00 58.37 27.72
C THR G 18 5.88 57.48 26.49
N PHE G 19 4.78 56.73 26.43
CA PHE G 19 4.41 55.84 25.31
C PHE G 19 5.51 54.84 24.92
N THR G 20 6.17 54.31 25.92
CA THR G 20 7.25 53.33 25.74
C THR G 20 6.60 51.94 25.61
N GLN G 21 7.41 50.91 25.39
CA GLN G 21 6.88 49.56 25.35
C GLN G 21 6.43 49.10 26.75
N ARG G 22 6.86 49.82 27.82
CA ARG G 22 6.47 49.50 29.21
C ARG G 22 5.02 49.93 29.54
N SER G 23 4.45 50.83 28.76
CA SER G 23 3.09 51.31 28.87
C SER G 23 2.28 50.78 27.66
N ARG G 24 2.80 49.75 27.01
CA ARG G 24 2.16 49.11 25.87
C ARG G 24 1.48 47.84 26.31
N LEU G 25 0.21 47.66 25.92
CA LEU G 25 -0.62 46.49 26.26
C LEU G 25 -1.00 45.64 25.09
N PHE G 26 -1.07 44.35 25.31
CA PHE G 26 -1.51 43.37 24.35
C PHE G 26 -2.98 43.12 24.72
N VAL G 27 -3.87 43.15 23.74
CA VAL G 27 -5.29 42.94 23.96
C VAL G 27 -5.69 41.81 23.06
N GLY G 28 -5.98 40.66 23.67
CA GLY G 28 -6.32 39.43 22.96
C GLY G 28 -7.74 39.03 23.22
N ASN G 29 -8.20 38.01 22.47
CA ASN G 29 -9.58 37.48 22.48
C ASN G 29 -10.58 38.57 22.09
N LEU G 30 -10.18 39.39 21.13
CA LEU G 30 -11.01 40.47 20.64
C LEU G 30 -12.13 39.87 19.75
N PRO G 31 -13.34 40.46 19.77
CA PRO G 31 -14.40 39.97 18.86
C PRO G 31 -14.02 40.22 17.40
N PRO G 32 -14.49 39.37 16.44
CA PRO G 32 -14.05 39.52 15.04
C PRO G 32 -14.26 40.88 14.34
N ASP G 33 -15.32 41.65 14.72
CA ASP G 33 -15.54 42.93 14.03
C ASP G 33 -15.22 44.19 14.81
N ILE G 34 -14.11 44.16 15.52
CA ILE G 34 -13.61 45.26 16.34
C ILE G 34 -12.95 46.33 15.47
N THR G 35 -13.27 47.60 15.73
CA THR G 35 -12.68 48.71 14.97
C THR G 35 -11.67 49.42 15.87
N GLU G 36 -10.78 50.26 15.28
CA GLU G 36 -9.80 51.06 16.00
C GLU G 36 -10.57 52.04 16.91
N GLU G 37 -11.75 52.53 16.46
CA GLU G 37 -12.69 53.42 17.16
C GLU G 37 -13.22 52.75 18.46
N GLU G 38 -13.66 51.48 18.33
CA GLU G 38 -14.13 50.61 19.41
C GLU G 38 -13.07 50.34 20.47
N MET G 39 -11.81 50.18 20.06
CA MET G 39 -10.66 49.93 20.91
C MET G 39 -10.27 51.20 21.68
N ARG G 40 -10.19 52.34 20.97
CA ARG G 40 -9.87 53.65 21.53
C ARG G 40 -10.89 54.07 22.59
N LYS G 41 -12.18 53.75 22.35
CA LYS G 41 -13.29 53.98 23.29
C LYS G 41 -13.17 53.13 24.55
N LEU G 42 -12.73 51.87 24.41
CA LEU G 42 -12.53 50.94 25.52
C LEU G 42 -11.44 51.43 26.49
N PHE G 43 -10.41 52.15 25.96
CA PHE G 43 -9.29 52.66 26.73
C PHE G 43 -9.32 54.18 26.95
N GLU G 44 -10.38 54.83 26.51
CA GLU G 44 -10.67 56.26 26.60
C GLU G 44 -10.49 56.83 28.03
N LYS G 45 -10.92 56.03 29.04
CA LYS G 45 -10.92 56.37 30.47
C LYS G 45 -9.52 56.51 31.05
N TYR G 46 -8.53 55.85 30.43
CA TYR G 46 -7.15 55.78 30.87
C TYR G 46 -6.22 56.75 30.18
N GLY G 47 -6.75 57.92 29.85
CA GLY G 47 -6.02 59.02 29.20
C GLY G 47 -5.77 58.90 27.71
N LYS G 48 -4.67 59.53 27.28
CA LYS G 48 -4.21 59.56 25.89
C LYS G 48 -3.69 58.18 25.47
N ALA G 49 -4.00 57.79 24.24
CA ALA G 49 -3.50 56.57 23.65
C ALA G 49 -2.61 56.99 22.46
N GLY G 50 -1.47 56.31 22.34
CA GLY G 50 -0.56 56.49 21.23
C GLY G 50 -0.94 55.55 20.11
N GLU G 51 -0.09 54.53 19.94
CA GLU G 51 -0.21 53.44 18.98
C GLU G 51 -1.45 52.64 19.33
N VAL G 52 -2.34 52.46 18.34
CA VAL G 52 -3.52 51.63 18.42
C VAL G 52 -3.45 50.70 17.19
N PHE G 53 -3.08 49.40 17.40
CA PHE G 53 -2.94 48.43 16.33
C PHE G 53 -3.92 47.27 16.54
N ILE G 54 -4.65 46.89 15.48
CA ILE G 54 -5.53 45.73 15.49
C ILE G 54 -5.14 44.87 14.30
N HIS G 55 -4.93 43.57 14.53
CA HIS G 55 -4.55 42.66 13.45
C HIS G 55 -5.78 42.29 12.66
N LYS G 56 -5.69 42.35 11.32
CA LYS G 56 -6.79 41.90 10.48
C LYS G 56 -6.96 40.37 10.67
N ASP G 57 -8.23 39.93 10.80
CA ASP G 57 -8.72 38.55 11.01
C ASP G 57 -8.45 38.07 12.41
N LYS G 58 -7.18 38.13 12.81
CA LYS G 58 -6.74 37.73 14.16
C LYS G 58 -7.38 38.61 15.26
N GLY G 59 -7.74 37.96 16.33
CA GLY G 59 -8.44 38.68 17.38
C GLY G 59 -7.51 39.22 18.42
N PHE G 60 -6.55 40.07 18.00
CA PHE G 60 -5.61 40.68 18.92
C PHE G 60 -5.16 42.06 18.43
N GLY G 61 -4.65 42.85 19.37
CA GLY G 61 -4.12 44.17 19.11
C GLY G 61 -3.19 44.66 20.18
N PHE G 62 -2.68 45.88 19.97
CA PHE G 62 -1.79 46.60 20.88
C PHE G 62 -2.25 48.05 21.06
N ILE G 63 -2.06 48.56 22.27
CA ILE G 63 -2.39 49.92 22.61
C ILE G 63 -1.30 50.45 23.54
N ARG G 64 -0.70 51.58 23.16
CA ARG G 64 0.30 52.22 24.02
C ARG G 64 -0.42 53.33 24.72
N LEU G 65 -0.39 53.27 26.06
CA LEU G 65 -0.93 54.30 26.93
C LEU G 65 0.25 55.14 27.38
N GLU G 66 -0.02 56.32 27.95
CA GLU G 66 1.00 57.33 28.31
C GLU G 66 2.10 56.88 29.24
N THR G 67 1.72 56.30 30.37
CA THR G 67 2.66 55.85 31.41
C THR G 67 2.35 54.42 31.86
N ARG G 68 3.32 53.80 32.61
CA ARG G 68 3.23 52.45 33.16
C ARG G 68 2.04 52.35 34.11
N THR G 69 1.78 53.40 34.91
CA THR G 69 0.69 53.50 35.86
C THR G 69 -0.67 53.39 35.18
N LEU G 70 -0.88 54.15 34.11
CA LEU G 70 -2.12 54.16 33.33
C LEU G 70 -2.37 52.83 32.62
N ALA G 71 -1.30 52.20 32.13
CA ALA G 71 -1.33 50.87 31.52
C ALA G 71 -1.71 49.79 32.55
N GLU G 72 -1.19 49.89 33.79
N GLU G 72 -1.17 49.88 33.80
CA GLU G 72 -1.50 48.96 34.88
CA GLU G 72 -1.45 48.98 34.92
C GLU G 72 -2.97 49.07 35.26
C GLU G 72 -2.92 49.09 35.34
N ILE G 73 -3.50 50.31 35.30
CA ILE G 73 -4.91 50.56 35.62
C ILE G 73 -5.82 49.95 34.52
N ALA G 74 -5.54 50.25 33.23
CA ALA G 74 -6.29 49.70 32.09
C ALA G 74 -6.29 48.18 32.06
N LYS G 75 -5.12 47.55 32.37
CA LYS G 75 -4.90 46.10 32.43
C LYS G 75 -5.82 45.43 33.49
N VAL G 76 -5.84 45.98 34.71
CA VAL G 76 -6.61 45.49 35.85
C VAL G 76 -8.12 45.63 35.59
N GLU G 77 -8.52 46.76 35.03
CA GLU G 77 -9.92 47.06 34.71
C GLU G 77 -10.47 46.25 33.53
N LEU G 78 -9.69 46.06 32.46
CA LEU G 78 -10.17 45.36 31.26
C LEU G 78 -9.81 43.90 31.14
N ASP G 79 -8.87 43.41 31.94
CA ASP G 79 -8.55 41.98 31.83
C ASP G 79 -9.77 41.15 32.23
N ASN G 80 -10.08 40.11 31.45
CA ASN G 80 -11.23 39.20 31.65
C ASN G 80 -12.61 39.87 31.47
N MET G 81 -12.65 41.07 30.88
CA MET G 81 -13.88 41.78 30.60
C MET G 81 -14.64 41.11 29.46
N PRO G 82 -15.94 40.77 29.67
CA PRO G 82 -16.70 40.13 28.60
C PRO G 82 -17.11 41.14 27.54
N LEU G 83 -16.82 40.81 26.27
CA LEU G 83 -17.17 41.65 25.15
C LEU G 83 -17.60 40.75 24.01
N ARG G 84 -18.91 40.81 23.67
CA ARG G 84 -19.51 40.05 22.59
C ARG G 84 -19.19 38.54 22.58
N GLY G 85 -19.36 37.90 23.74
CA GLY G 85 -19.13 36.47 23.92
C GLY G 85 -17.68 36.05 24.11
N LYS G 86 -16.78 37.03 24.16
CA LYS G 86 -15.36 36.81 24.35
C LYS G 86 -14.96 37.44 25.69
N GLN G 87 -13.97 36.85 26.35
CA GLN G 87 -13.40 37.36 27.60
C GLN G 87 -12.03 37.91 27.23
N LEU G 88 -11.87 39.26 27.23
CA LEU G 88 -10.60 39.90 26.84
C LEU G 88 -9.41 39.46 27.68
N ARG G 89 -8.24 39.33 27.03
CA ARG G 89 -6.98 39.03 27.67
C ARG G 89 -6.08 40.29 27.52
N VAL G 90 -5.89 40.99 28.63
CA VAL G 90 -5.08 42.21 28.65
C VAL G 90 -3.87 41.94 29.50
N ARG G 91 -2.71 42.03 28.84
CA ARG G 91 -1.40 41.81 29.38
C ARG G 91 -0.47 42.88 28.85
N PHE G 92 0.65 43.09 29.53
CA PHE G 92 1.70 43.97 29.05
C PHE G 92 2.32 43.31 27.85
N ALA G 93 2.60 44.10 26.79
CA ALA G 93 3.22 43.58 25.59
C ALA G 93 4.62 43.03 25.94
N CYS G 94 5.07 41.98 25.23
CA CYS G 94 6.41 41.44 25.40
C CYS G 94 7.34 42.45 24.86
N HIS G 95 8.31 42.91 25.67
CA HIS G 95 9.28 43.93 25.30
C HIS G 95 10.20 43.37 24.27
N SER G 96 10.23 43.97 23.09
CA SER G 96 11.04 43.50 21.95
C SER G 96 12.53 43.88 21.98
N ALA G 97 12.95 44.74 22.89
CA ALA G 97 14.30 45.25 22.94
C ALA G 97 14.82 45.51 24.35
N SER G 98 14.70 44.54 25.27
CA SER G 98 15.23 44.68 26.64
C SER G 98 16.42 43.77 26.88
N LEU G 99 17.50 44.32 27.43
CA LEU G 99 18.76 43.65 27.60
C LEU G 99 19.22 43.64 29.04
N THR G 100 19.98 42.58 29.36
CA THR G 100 20.66 42.35 30.62
C THR G 100 22.13 42.69 30.38
N VAL G 101 22.65 43.60 31.18
CA VAL G 101 24.05 44.02 31.14
C VAL G 101 24.67 43.48 32.42
N ARG G 102 25.71 42.69 32.27
CA ARG G 102 26.43 42.03 33.35
C ARG G 102 27.87 42.57 33.35
N ASN G 103 28.54 42.40 34.51
CA ASN G 103 29.92 42.80 34.76
C ASN G 103 30.08 44.31 34.71
N LEU G 104 29.08 45.01 35.28
CA LEU G 104 29.11 46.46 35.36
C LEU G 104 30.24 46.88 36.31
N PRO G 105 31.06 47.88 35.93
CA PRO G 105 32.13 48.32 36.83
C PRO G 105 31.57 49.23 37.94
N GLN G 106 32.43 49.65 38.87
CA GLN G 106 32.04 50.56 39.94
C GLN G 106 31.79 51.95 39.34
N TYR G 107 30.98 52.77 40.06
CA TYR G 107 30.67 54.16 39.74
C TYR G 107 29.81 54.37 38.49
N VAL G 108 29.02 53.34 38.15
CA VAL G 108 28.07 53.36 37.06
C VAL G 108 26.72 53.71 37.68
N SER G 109 26.02 54.66 37.07
CA SER G 109 24.69 55.11 37.45
C SER G 109 23.72 54.79 36.33
N ASN G 110 22.41 54.90 36.62
CA ASN G 110 21.33 54.66 35.66
C ASN G 110 21.56 55.54 34.42
N GLU G 111 21.97 56.81 34.66
CA GLU G 111 22.21 57.84 33.65
C GLU G 111 23.43 57.52 32.81
N LEU G 112 24.52 57.06 33.44
CA LEU G 112 25.73 56.67 32.71
C LEU G 112 25.42 55.47 31.80
N LEU G 113 24.62 54.51 32.31
CA LEU G 113 24.16 53.32 31.60
C LEU G 113 23.34 53.73 30.35
N GLU G 114 22.48 54.74 30.49
CA GLU G 114 21.64 55.28 29.43
C GLU G 114 22.51 56.02 28.41
N GLU G 115 23.47 56.87 28.88
CA GLU G 115 24.37 57.63 27.99
C GLU G 115 25.16 56.64 27.13
N ALA G 116 25.72 55.60 27.79
CA ALA G 116 26.50 54.53 27.19
C ALA G 116 25.77 53.83 26.03
N PHE G 117 24.54 53.35 26.28
CA PHE G 117 23.75 52.61 25.28
C PHE G 117 22.96 53.41 24.29
N SER G 118 22.95 54.71 24.47
CA SER G 118 22.30 55.59 23.51
C SER G 118 23.08 55.64 22.18
N VAL G 119 24.35 55.13 22.19
CA VAL G 119 25.18 55.06 20.96
C VAL G 119 24.61 54.05 19.95
N PHE G 120 23.84 53.06 20.45
CA PHE G 120 23.26 52.00 19.64
C PHE G 120 21.85 52.33 19.15
N GLY G 121 21.23 53.35 19.73
CA GLY G 121 19.87 53.76 19.42
C GLY G 121 19.18 54.42 20.60
N GLN G 122 17.88 54.71 20.44
CA GLN G 122 17.05 55.35 21.44
C GLN G 122 16.72 54.41 22.59
N VAL G 123 17.16 54.81 23.81
CA VAL G 123 17.00 54.10 25.08
C VAL G 123 15.74 54.65 25.72
N GLU G 124 14.82 53.74 26.16
CA GLU G 124 13.60 54.05 26.89
C GLU G 124 13.90 54.16 28.41
N ARG G 125 14.74 53.24 28.91
CA ARG G 125 15.06 53.10 30.33
C ARG G 125 16.36 52.32 30.48
N ALA G 126 17.14 52.71 31.48
CA ALA G 126 18.41 52.04 31.85
C ALA G 126 18.46 52.06 33.36
N VAL G 127 18.71 50.90 33.96
CA VAL G 127 18.71 50.73 35.43
C VAL G 127 19.93 49.94 35.88
N VAL G 128 20.63 50.47 36.89
CA VAL G 128 21.75 49.81 37.57
C VAL G 128 21.06 49.14 38.76
N ILE G 129 20.93 47.80 38.74
CA ILE G 129 20.24 47.02 39.79
C ILE G 129 21.07 47.04 41.07
N VAL G 130 20.39 47.33 42.20
CA VAL G 130 20.95 47.41 43.55
C VAL G 130 20.26 46.41 44.51
N ASP G 131 20.91 46.10 45.64
CA ASP G 131 20.33 45.21 46.65
C ASP G 131 19.58 46.00 47.72
N ASP G 132 19.37 45.39 48.90
CA ASP G 132 18.69 45.94 50.10
C ASP G 132 19.46 47.09 50.79
N ARG G 133 20.80 47.12 50.63
CA ARG G 133 21.75 48.13 51.16
C ARG G 133 22.04 49.25 50.13
N GLY G 134 21.43 49.15 48.94
CA GLY G 134 21.60 50.11 47.84
C GLY G 134 22.89 49.95 47.07
N ARG G 135 23.57 48.82 47.31
CA ARG G 135 24.83 48.47 46.66
C ARG G 135 24.52 47.83 45.33
N PRO G 136 25.21 48.27 44.25
CA PRO G 136 24.97 47.64 42.93
C PRO G 136 25.32 46.15 42.91
N SER G 137 24.47 45.38 42.22
CA SER G 137 24.61 43.94 42.03
C SER G 137 25.64 43.60 40.95
N GLY G 138 25.93 44.54 40.06
CA GLY G 138 26.81 44.37 38.92
C GLY G 138 26.01 44.10 37.64
N LYS G 139 24.69 43.95 37.79
CA LYS G 139 23.76 43.74 36.69
C LYS G 139 22.97 45.02 36.44
N GLY G 140 22.52 45.16 35.20
CA GLY G 140 21.75 46.30 34.76
C GLY G 140 20.73 45.92 33.72
N ILE G 141 19.81 46.85 33.44
CA ILE G 141 18.80 46.66 32.42
C ILE G 141 18.92 47.82 31.46
N VAL G 142 18.87 47.54 30.15
CA VAL G 142 18.81 48.54 29.11
C VAL G 142 17.63 48.20 28.21
N GLU G 143 16.64 49.11 28.13
CA GLU G 143 15.45 48.91 27.28
C GLU G 143 15.47 49.97 26.19
N PHE G 144 15.43 49.52 24.93
CA PHE G 144 15.41 50.38 23.73
C PHE G 144 14.02 50.50 23.16
N SER G 145 13.75 51.59 22.43
CA SER G 145 12.48 51.84 21.78
C SER G 145 12.11 50.75 20.74
N GLY G 146 13.14 50.23 20.04
CA GLY G 146 13.00 49.20 19.00
C GLY G 146 14.07 48.14 18.99
N LYS G 147 13.76 46.99 18.36
CA LYS G 147 14.64 45.81 18.25
C LYS G 147 15.98 46.09 17.55
N PRO G 148 16.06 46.90 16.43
CA PRO G 148 17.36 47.06 15.75
C PRO G 148 18.43 47.62 16.64
N ALA G 149 18.10 48.60 17.51
CA ALA G 149 19.00 49.18 18.52
C ALA G 149 19.54 48.10 19.47
N ALA G 150 18.64 47.21 19.99
CA ALA G 150 19.02 46.11 20.87
C ALA G 150 19.99 45.16 20.18
N ARG G 151 19.74 44.82 18.89
CA ARG G 151 20.60 43.92 18.13
C ARG G 151 21.94 44.55 17.90
N LYS G 152 21.98 45.82 17.49
CA LYS G 152 23.19 46.63 17.30
C LYS G 152 24.04 46.53 18.58
N ALA G 153 23.44 46.82 19.78
CA ALA G 153 24.09 46.72 21.09
C ALA G 153 24.63 45.31 21.31
N LEU G 154 23.81 44.27 21.03
CA LEU G 154 24.18 42.87 21.21
C LEU G 154 25.36 42.47 20.37
N ASP G 155 25.31 42.79 19.05
CA ASP G 155 26.39 42.51 18.09
C ASP G 155 27.69 43.23 18.42
N ARG G 156 27.66 44.57 18.45
CA ARG G 156 28.78 45.45 18.70
C ARG G 156 29.42 45.25 20.08
N CYS G 157 28.68 44.70 21.07
CA CYS G 157 29.21 44.47 22.45
C CYS G 157 29.71 43.03 22.64
N SER G 158 29.59 42.17 21.60
CA SER G 158 30.14 40.81 21.56
C SER G 158 31.46 40.89 20.72
N GLU G 159 31.40 41.63 19.59
CA GLU G 159 32.52 41.88 18.67
C GLU G 159 33.58 42.71 19.38
N GLY G 160 33.13 43.83 19.97
CA GLY G 160 34.00 44.80 20.63
C GLY G 160 33.97 44.70 22.13
N SER G 161 34.87 45.48 22.78
CA SER G 161 34.98 45.55 24.22
C SER G 161 34.46 46.90 24.67
N PHE G 162 33.21 46.89 25.19
CA PHE G 162 32.52 48.09 25.62
C PHE G 162 32.84 48.39 27.05
N LEU G 163 33.61 49.45 27.26
CA LEU G 163 34.04 49.86 28.60
C LEU G 163 33.26 51.11 28.97
N LEU G 164 32.61 51.09 30.14
CA LEU G 164 31.79 52.20 30.63
C LEU G 164 32.58 53.24 31.40
N THR G 165 33.72 52.82 32.05
CA THR G 165 34.57 53.69 32.87
C THR G 165 36.04 53.52 32.44
N THR G 166 37.01 53.98 33.27
CA THR G 166 38.44 53.80 32.95
C THR G 166 38.93 52.38 33.21
N PHE G 167 38.25 51.65 34.12
CA PHE G 167 38.56 50.26 34.44
C PHE G 167 38.41 49.37 33.18
N PRO G 168 39.52 48.69 32.75
CA PRO G 168 39.48 47.94 31.48
C PRO G 168 38.73 46.60 31.42
N ARG G 169 37.53 46.54 32.00
CA ARG G 169 36.76 45.32 32.00
C ARG G 169 35.48 45.57 31.24
N PRO G 170 35.26 44.92 30.08
CA PRO G 170 34.03 45.18 29.35
C PRO G 170 32.81 44.45 29.89
N VAL G 171 31.69 45.06 29.62
CA VAL G 171 30.37 44.55 29.96
C VAL G 171 30.01 43.38 29.04
N THR G 172 29.03 42.59 29.53
CA THR G 172 28.41 41.45 28.85
C THR G 172 26.97 41.90 28.61
N VAL G 173 26.53 41.87 27.35
CA VAL G 173 25.18 42.26 26.93
C VAL G 173 24.47 41.02 26.36
N GLU G 174 23.33 40.66 26.97
CA GLU G 174 22.53 39.49 26.65
C GLU G 174 21.06 39.90 26.57
N PRO G 175 20.19 39.15 25.86
CA PRO G 175 18.75 39.47 25.90
C PRO G 175 18.17 39.22 27.31
N MET G 176 17.16 40.02 27.67
CA MET G 176 16.46 39.91 28.95
C MET G 176 15.64 38.65 29.00
N ASP G 177 15.79 37.87 30.06
CA ASP G 177 14.98 36.67 30.30
C ASP G 177 13.68 37.16 30.94
N GLN G 178 12.63 37.29 30.13
CA GLN G 178 11.34 37.80 30.59
C GLN G 178 10.48 36.68 31.20
N LEU G 179 10.32 36.75 32.52
CA LEU G 179 9.57 35.78 33.33
C LEU G 179 8.38 36.46 34.01
N ASP G 180 7.25 35.74 34.08
CA ASP G 180 6.03 36.24 34.72
C ASP G 180 5.90 35.73 36.15
N ASP G 181 6.18 36.63 37.11
CA ASP G 181 6.09 36.43 38.55
C ASP G 181 4.84 37.17 39.11
N GLU G 182 3.88 37.51 38.21
CA GLU G 182 2.63 38.18 38.57
C GLU G 182 1.39 37.31 38.41
N GLU G 183 1.16 36.79 37.20
CA GLU G 183 0.00 35.94 36.91
C GLU G 183 0.25 34.46 37.29
N GLY G 184 1.34 33.91 36.78
CA GLY G 184 1.79 32.56 37.05
C GLY G 184 0.91 31.45 36.51
N LEU G 185 0.57 30.49 37.40
CA LEU G 185 -0.29 29.36 37.08
C LEU G 185 -1.55 29.28 37.92
N PRO G 186 -2.60 30.03 37.55
CA PRO G 186 -3.87 29.95 38.30
C PRO G 186 -4.55 28.59 38.11
N GLU G 187 -5.27 28.15 39.12
CA GLU G 187 -6.00 26.89 39.10
C GLU G 187 -6.93 26.79 37.89
N LYS G 188 -7.58 27.90 37.49
CA LYS G 188 -8.50 27.99 36.34
C LYS G 188 -7.90 27.52 35.04
N LEU G 189 -6.60 27.77 34.84
CA LEU G 189 -5.86 27.41 33.63
C LEU G 189 -5.39 25.94 33.56
N VAL G 190 -5.52 25.20 34.68
CA VAL G 190 -5.12 23.81 34.75
C VAL G 190 -6.30 22.92 34.24
N ILE G 191 -6.06 22.05 33.23
CA ILE G 191 -7.09 21.10 32.78
C ILE G 191 -7.15 19.95 33.83
N LYS G 192 -8.31 19.81 34.48
CA LYS G 192 -8.57 18.82 35.52
C LYS G 192 -8.99 17.46 34.89
N ASN G 193 -8.00 16.85 34.22
CA ASN G 193 -8.04 15.54 33.61
C ASN G 193 -7.60 14.46 34.64
N GLN G 194 -7.62 13.19 34.22
CA GLN G 194 -7.24 12.05 35.03
C GLN G 194 -5.84 12.12 35.58
N GLN G 195 -4.87 12.66 34.81
CA GLN G 195 -3.47 12.83 35.24
C GLN G 195 -3.40 13.83 36.38
N PHE G 196 -4.15 14.94 36.28
CA PHE G 196 -4.29 15.97 37.29
C PHE G 196 -4.68 15.32 38.62
N HIS G 197 -5.80 14.55 38.65
CA HIS G 197 -6.27 13.84 39.84
C HIS G 197 -5.32 12.78 40.36
N LYS G 198 -4.57 12.11 39.48
CA LYS G 198 -3.56 11.11 39.87
C LYS G 198 -2.43 11.81 40.64
N GLU G 199 -2.03 13.01 40.18
CA GLU G 199 -0.96 13.82 40.78
C GLU G 199 -1.39 14.46 42.11
N ARG G 200 -2.65 14.89 42.20
CA ARG G 200 -3.24 15.54 43.38
C ARG G 200 -3.89 14.53 44.36
N GLU G 201 -3.65 13.22 44.15
CA GLU G 201 -4.17 12.13 45.00
C GLU G 201 -3.68 12.35 46.42
N GLN G 202 -2.38 12.65 46.55
CA GLN G 202 -1.78 12.92 47.85
C GLN G 202 -1.61 14.44 48.07
N PRO G 203 -2.05 14.93 49.26
CA PRO G 203 -2.00 16.38 49.51
C PRO G 203 -0.61 16.83 49.93
N PRO G 204 -0.34 18.16 49.99
CA PRO G 204 0.96 18.61 50.52
C PRO G 204 1.19 18.05 51.91
N ARG G 205 2.35 17.41 52.11
CA ARG G 205 2.72 16.74 53.34
C ARG G 205 4.24 16.61 53.44
N PHE G 206 4.72 16.13 54.60
CA PHE G 206 6.12 15.81 54.79
C PHE G 206 6.28 14.30 54.60
N ALA G 207 7.27 13.86 53.80
CA ALA G 207 7.56 12.45 53.55
C ALA G 207 7.90 11.81 54.89
N GLN G 208 7.20 10.70 55.20
CA GLN G 208 7.36 10.03 56.48
C GLN G 208 8.24 8.80 56.36
N PRO G 209 9.19 8.59 57.33
CA PRO G 209 10.07 7.41 57.24
C PRO G 209 9.30 6.11 57.15
N GLY G 210 9.72 5.24 56.24
CA GLY G 210 9.05 3.96 56.03
C GLY G 210 8.16 3.93 54.81
N SER G 211 8.11 5.05 54.08
CA SER G 211 7.34 5.19 52.84
C SER G 211 8.29 5.17 51.65
N PHE G 212 7.79 4.75 50.47
CA PHE G 212 8.58 4.71 49.23
C PHE G 212 9.06 6.13 48.88
N GLU G 213 8.20 7.13 49.13
CA GLU G 213 8.45 8.54 48.88
C GLU G 213 9.59 9.08 49.75
N TYR G 214 9.69 8.67 51.04
CA TYR G 214 10.76 9.08 51.97
C TYR G 214 12.17 8.75 51.47
N GLU G 215 12.40 7.49 51.05
CA GLU G 215 13.71 7.06 50.57
C GLU G 215 14.23 7.95 49.42
N TYR G 216 13.43 8.08 48.33
CA TYR G 216 13.74 8.91 47.15
C TYR G 216 13.86 10.39 47.45
N ALA G 217 13.16 10.86 48.51
CA ALA G 217 13.17 12.24 48.98
C ALA G 217 14.47 12.58 49.66
N MET G 218 15.04 11.64 50.46
CA MET G 218 16.33 11.83 51.14
C MET G 218 17.46 11.84 50.13
N ARG G 219 17.25 11.08 49.03
CA ARG G 219 18.18 10.95 47.90
C ARG G 219 18.21 12.25 47.09
N TRP G 220 17.05 12.93 46.97
CA TRP G 220 16.98 14.22 46.28
C TRP G 220 17.70 15.30 47.10
N LYS G 221 17.49 15.32 48.44
CA LYS G 221 18.15 16.25 49.35
C LYS G 221 19.68 16.11 49.31
N ALA G 222 20.16 14.86 49.25
CA ALA G 222 21.57 14.52 49.16
C ALA G 222 22.15 15.00 47.81
N LEU G 223 21.40 14.81 46.70
CA LEU G 223 21.77 15.25 45.35
C LEU G 223 21.91 16.77 45.30
N ILE G 224 20.95 17.49 45.92
CA ILE G 224 20.95 18.97 46.00
C ILE G 224 22.19 19.45 46.77
N GLU G 225 22.55 18.76 47.89
CA GLU G 225 23.74 19.11 48.67
C GLU G 225 25.03 18.87 47.86
N MET G 226 25.05 17.83 46.99
CA MET G 226 26.18 17.52 46.11
C MET G 226 26.35 18.63 45.08
N GLU G 227 25.22 19.12 44.53
CA GLU G 227 25.15 20.21 43.56
C GLU G 227 25.65 21.52 44.19
N LYS G 228 25.31 21.77 45.48
CA LYS G 228 25.73 22.95 46.24
C LYS G 228 27.24 22.93 46.43
N GLN G 229 27.82 21.77 46.79
CA GLN G 229 29.27 21.58 46.96
C GLN G 229 30.02 21.84 45.64
N GLN G 230 29.51 21.25 44.52
CA GLN G 230 30.03 21.39 43.16
C GLN G 230 30.07 22.86 42.75
N GLN G 231 28.93 23.56 42.93
CA GLN G 231 28.75 24.96 42.55
C GLN G 231 29.62 25.88 43.38
N ASP G 232 29.75 25.60 44.70
CA ASP G 232 30.57 26.38 45.62
C ASP G 232 32.02 26.38 45.19
N GLN G 233 32.52 25.22 44.69
CA GLN G 233 33.90 25.09 44.24
C GLN G 233 34.12 25.88 42.96
N VAL G 234 33.17 25.81 42.00
CA VAL G 234 33.21 26.53 40.72
C VAL G 234 33.21 28.04 40.98
N ASP G 235 32.33 28.51 41.90
CA ASP G 235 32.22 29.90 42.32
C ASP G 235 33.55 30.41 42.90
N ARG G 236 34.19 29.61 43.79
CA ARG G 236 35.46 29.93 44.42
C ARG G 236 36.57 30.07 43.38
N ASN G 237 36.67 29.12 42.44
CA ASN G 237 37.66 29.07 41.36
C ASN G 237 37.54 30.28 40.44
N ILE G 238 36.29 30.64 40.08
CA ILE G 238 35.94 31.76 39.20
C ILE G 238 36.29 33.09 39.87
N LYS G 239 35.91 33.25 41.15
CA LYS G 239 36.17 34.43 41.99
C LYS G 239 37.67 34.69 42.11
N GLU G 240 38.45 33.63 42.37
CA GLU G 240 39.90 33.68 42.51
C GLU G 240 40.55 34.13 41.18
N ALA G 241 40.10 33.56 40.04
CA ALA G 241 40.58 33.86 38.69
C ALA G 241 40.26 35.30 38.28
N ARG G 242 39.04 35.76 38.64
CA ARG G 242 38.54 37.10 38.37
C ARG G 242 39.31 38.12 39.17
N GLU G 243 39.51 37.88 40.49
CA GLU G 243 40.25 38.75 41.40
C GLU G 243 41.69 38.94 40.98
N LYS G 244 42.32 37.89 40.42
CA LYS G 244 43.69 37.89 39.92
C LYS G 244 43.78 38.85 38.72
N LEU G 245 42.91 38.65 37.72
CA LEU G 245 42.84 39.47 36.51
C LEU G 245 42.46 40.92 36.85
N GLU G 246 41.48 41.13 37.78
CA GLU G 246 41.01 42.43 38.26
C GLU G 246 42.13 43.21 38.94
N MET G 247 43.04 42.52 39.64
CA MET G 247 44.17 43.14 40.30
C MET G 247 45.20 43.62 39.30
N GLU G 248 45.42 42.83 38.23
CA GLU G 248 46.32 43.19 37.13
C GLU G 248 45.73 44.41 36.38
N MET G 249 44.39 44.42 36.20
CA MET G 249 43.63 45.50 35.56
C MET G 249 43.80 46.81 36.36
N GLU G 250 43.84 46.69 37.71
CA GLU G 250 44.00 47.81 38.65
C GLU G 250 45.39 48.39 38.60
N ALA G 251 46.38 47.51 38.55
CA ALA G 251 47.80 47.84 38.49
C ALA G 251 48.10 48.60 37.20
N ALA G 252 47.69 48.05 36.04
CA ALA G 252 47.86 48.68 34.72
C ALA G 252 47.10 50.01 34.64
N ARG G 253 45.87 50.07 35.20
CA ARG G 253 45.04 51.28 35.30
C ARG G 253 45.89 52.36 36.00
N HIS G 254 46.43 52.02 37.19
CA HIS G 254 47.28 52.90 37.97
C HIS G 254 48.58 53.26 37.20
N GLU G 255 49.18 52.28 36.49
CA GLU G 255 50.42 52.40 35.68
C GLU G 255 50.22 53.35 34.47
N HIS G 256 49.00 53.41 33.94
CA HIS G 256 48.64 54.22 32.79
C HIS G 256 47.64 55.30 33.18
N GLY H 3 -3.86 66.78 34.84
CA GLY H 3 -4.50 65.77 35.66
C GLY H 3 -5.52 64.91 34.94
N LEU H 4 -5.82 63.70 35.49
CA LEU H 4 -6.77 62.74 34.91
C LEU H 4 -7.67 62.07 35.96
N THR H 5 -8.98 62.13 35.76
CA THR H 5 -9.98 61.56 36.65
C THR H 5 -10.43 60.19 36.13
N ILE H 6 -10.26 59.14 36.96
CA ILE H 6 -10.62 57.76 36.60
C ILE H 6 -11.52 57.14 37.66
N ASP H 7 -12.57 56.41 37.23
CA ASP H 7 -13.41 55.59 38.11
C ASP H 7 -12.72 54.23 38.22
N LEU H 8 -12.81 53.57 39.37
CA LEU H 8 -12.11 52.31 39.54
C LEU H 8 -13.04 51.22 40.03
N LYS H 9 -13.72 50.59 39.08
CA LYS H 9 -14.70 49.53 39.32
C LYS H 9 -14.04 48.15 39.62
N ASN H 10 -12.74 48.01 39.36
CA ASN H 10 -11.99 46.78 39.59
C ASN H 10 -10.54 47.17 39.86
N PHE H 11 -10.09 46.93 41.11
CA PHE H 11 -8.73 47.29 41.55
C PHE H 11 -8.14 46.22 42.49
N ARG H 12 -8.99 45.27 42.88
CA ARG H 12 -8.72 44.11 43.71
C ARG H 12 -8.70 42.90 42.75
N LYS H 13 -7.46 42.49 42.30
CA LYS H 13 -7.20 41.38 41.35
C LYS H 13 -7.86 40.08 41.83
N PRO H 14 -8.20 39.11 40.95
CA PRO H 14 -8.90 37.91 41.43
C PRO H 14 -8.10 37.17 42.50
N GLY H 15 -8.74 36.98 43.65
CA GLY H 15 -8.18 36.28 44.81
C GLY H 15 -7.27 37.10 45.71
N GLU H 16 -6.94 38.35 45.29
CA GLU H 16 -6.07 39.27 46.02
C GLU H 16 -6.62 39.56 47.40
N LYS H 17 -5.77 39.34 48.42
CA LYS H 17 -6.10 39.65 49.79
C LYS H 17 -5.88 41.15 50.00
N THR H 18 -6.61 41.71 50.96
CA THR H 18 -6.55 43.14 51.23
C THR H 18 -5.63 43.43 52.40
N PHE H 19 -5.03 44.64 52.37
CA PHE H 19 -4.15 45.20 53.41
C PHE H 19 -2.94 44.34 53.72
N THR H 20 -2.27 43.93 52.65
CA THR H 20 -1.08 43.09 52.71
C THR H 20 0.19 43.93 52.72
N GLN H 21 1.36 43.27 52.80
CA GLN H 21 2.65 43.92 52.72
C GLN H 21 2.90 44.38 51.28
N ARG H 22 2.22 43.77 50.27
CA ARG H 22 2.28 44.15 48.83
C ARG H 22 1.57 45.49 48.55
N SER H 23 0.60 45.84 49.38
CA SER H 23 -0.15 47.07 49.27
C SER H 23 0.29 48.06 50.37
N ARG H 24 1.40 47.76 51.07
CA ARG H 24 1.98 48.58 52.13
C ARG H 24 3.08 49.46 51.57
N LEU H 25 3.04 50.76 51.89
CA LEU H 25 4.02 51.74 51.44
C LEU H 25 4.85 52.32 52.55
N PHE H 26 6.09 52.64 52.21
CA PHE H 26 7.02 53.30 53.10
C PHE H 26 6.97 54.77 52.67
N VAL H 27 6.85 55.68 53.62
CA VAL H 27 6.81 57.11 53.32
C VAL H 27 7.96 57.78 54.07
N GLY H 28 8.91 58.33 53.32
CA GLY H 28 10.10 58.97 53.88
C GLY H 28 10.19 60.46 53.65
N ASN H 29 11.24 61.07 54.27
CA ASN H 29 11.57 62.51 54.25
C ASN H 29 10.38 63.32 54.74
N LEU H 30 9.71 62.78 55.77
CA LEU H 30 8.54 63.40 56.36
C LEU H 30 8.97 64.63 57.18
N PRO H 31 8.14 65.72 57.17
CA PRO H 31 8.48 66.90 58.00
C PRO H 31 8.39 66.52 59.50
N PRO H 32 9.18 67.17 60.39
CA PRO H 32 9.13 66.79 61.82
C PRO H 32 7.76 66.94 62.53
N ASP H 33 6.90 67.85 62.04
CA ASP H 33 5.57 68.11 62.59
C ASP H 33 4.44 67.24 62.00
N ILE H 34 4.79 66.10 61.37
CA ILE H 34 3.83 65.17 60.76
C ILE H 34 3.02 64.42 61.83
N THR H 35 1.70 64.30 61.57
CA THR H 35 0.76 63.59 62.43
C THR H 35 0.15 62.45 61.61
N GLU H 36 -0.45 61.46 62.27
CA GLU H 36 -1.12 60.34 61.59
C GLU H 36 -2.30 60.88 60.78
N GLU H 37 -3.03 61.90 61.30
CA GLU H 37 -4.14 62.52 60.58
C GLU H 37 -3.70 63.20 59.30
N GLU H 38 -2.49 63.82 59.30
CA GLU H 38 -1.85 64.48 58.15
C GLU H 38 -1.57 63.44 57.05
N MET H 39 -0.98 62.30 57.44
CA MET H 39 -0.64 61.17 56.60
C MET H 39 -1.89 60.54 56.05
N ARG H 40 -2.93 60.31 56.89
CA ARG H 40 -4.20 59.73 56.49
C ARG H 40 -4.90 60.58 55.44
N LYS H 41 -4.89 61.92 55.63
CA LYS H 41 -5.47 62.82 54.66
C LYS H 41 -4.78 62.72 53.28
N LEU H 42 -3.45 62.53 53.25
CA LEU H 42 -2.70 62.36 51.99
C LEU H 42 -3.17 61.18 51.16
N PHE H 43 -3.34 60.00 51.81
CA PHE H 43 -3.81 58.77 51.16
C PHE H 43 -5.33 58.56 51.30
N GLU H 44 -6.07 59.67 51.61
CA GLU H 44 -7.52 59.64 51.73
C GLU H 44 -8.02 59.27 50.35
N LYS H 45 -7.49 59.95 49.32
CA LYS H 45 -7.76 59.83 47.89
C LYS H 45 -7.90 58.39 47.38
N TYR H 46 -7.05 57.48 47.87
CA TYR H 46 -6.87 56.07 47.49
C TYR H 46 -7.69 55.07 48.32
N GLY H 47 -8.80 55.54 48.85
CA GLY H 47 -9.72 54.73 49.65
C GLY H 47 -9.33 54.54 51.10
N LYS H 48 -9.71 53.36 51.65
CA LYS H 48 -9.49 52.89 53.02
C LYS H 48 -8.01 52.65 53.25
N ALA H 49 -7.50 53.05 54.43
CA ALA H 49 -6.12 52.80 54.86
C ALA H 49 -6.22 51.92 56.10
N GLY H 50 -5.32 50.93 56.20
CA GLY H 50 -5.26 50.05 57.36
C GLY H 50 -4.28 50.64 58.36
N GLU H 51 -3.16 49.94 58.58
CA GLU H 51 -2.06 50.35 59.44
C GLU H 51 -1.46 51.68 58.96
N VAL H 52 -1.23 52.58 59.89
CA VAL H 52 -0.54 53.85 59.71
C VAL H 52 0.43 53.93 60.88
N PHE H 53 1.71 53.87 60.57
CA PHE H 53 2.80 53.97 61.53
C PHE H 53 3.69 55.12 61.11
N ILE H 54 4.02 56.00 62.06
CA ILE H 54 4.97 57.07 61.85
C ILE H 54 5.99 57.03 63.00
N HIS H 55 7.29 57.22 62.66
CA HIS H 55 8.34 57.52 63.61
C HIS H 55 8.50 59.04 63.41
N LYS H 56 7.66 59.82 64.16
CA LYS H 56 7.58 61.29 64.12
C LYS H 56 8.94 62.02 63.90
N ASP H 57 9.94 61.73 64.77
CA ASP H 57 11.28 62.33 64.73
C ASP H 57 12.27 61.76 63.67
N LYS H 58 12.11 60.49 63.25
CA LYS H 58 13.01 59.91 62.22
C LYS H 58 12.68 60.25 60.73
N GLY H 59 11.49 60.84 60.49
CA GLY H 59 11.03 61.31 59.19
C GLY H 59 10.55 60.23 58.23
N PHE H 60 10.03 59.13 58.82
CA PHE H 60 9.55 58.02 58.02
C PHE H 60 8.36 57.31 58.65
N GLY H 61 7.63 56.58 57.83
CA GLY H 61 6.47 55.83 58.26
C GLY H 61 5.93 54.89 57.20
N PHE H 62 4.87 54.14 57.56
CA PHE H 62 4.19 53.14 56.74
C PHE H 62 2.69 53.37 56.69
N ILE H 63 2.07 52.93 55.59
CA ILE H 63 0.65 53.01 55.36
C ILE H 63 0.25 51.82 54.52
N ARG H 64 -0.73 51.05 55.01
CA ARG H 64 -1.24 49.93 54.26
C ARG H 64 -2.48 50.42 53.50
N LEU H 65 -2.42 50.36 52.18
CA LEU H 65 -3.53 50.68 51.30
C LEU H 65 -4.27 49.38 51.02
N GLU H 66 -5.51 49.48 50.55
CA GLU H 66 -6.36 48.31 50.36
C GLU H 66 -5.79 47.17 49.51
N THR H 67 -5.43 47.48 48.23
CA THR H 67 -4.87 46.58 47.21
C THR H 67 -3.61 47.18 46.56
N ARG H 68 -2.80 46.32 45.91
CA ARG H 68 -1.56 46.70 45.20
C ARG H 68 -1.79 47.81 44.17
N THR H 69 -2.90 47.76 43.39
CA THR H 69 -3.28 48.73 42.36
C THR H 69 -3.45 50.09 42.99
N LEU H 70 -4.16 50.15 44.11
CA LEU H 70 -4.30 51.40 44.86
C LEU H 70 -2.93 51.89 45.40
N ALA H 71 -2.04 50.97 45.79
CA ALA H 71 -0.72 51.29 46.31
C ALA H 71 0.23 51.89 45.26
N GLU H 72 0.18 51.33 44.02
CA GLU H 72 0.96 51.69 42.82
C GLU H 72 0.56 53.10 42.31
N ILE H 73 -0.76 53.44 42.38
CA ILE H 73 -1.28 54.75 41.99
C ILE H 73 -0.81 55.78 43.01
N ALA H 74 -0.91 55.44 44.31
CA ALA H 74 -0.47 56.26 45.44
C ALA H 74 0.99 56.54 45.37
N LYS H 75 1.83 55.48 45.15
CA LYS H 75 3.29 55.57 45.08
C LYS H 75 3.81 56.60 44.05
N VAL H 76 3.26 56.59 42.84
CA VAL H 76 3.66 57.41 41.70
C VAL H 76 3.36 58.90 41.93
N GLU H 77 2.16 59.17 42.47
CA GLU H 77 1.60 60.47 42.77
C GLU H 77 2.39 61.20 43.84
N LEU H 78 2.34 60.65 45.03
CA LEU H 78 2.94 61.13 46.26
C LEU H 78 4.46 61.18 46.25
N ASP H 79 5.11 60.29 45.51
CA ASP H 79 6.57 60.25 45.53
C ASP H 79 7.21 61.50 44.94
N ASN H 80 8.13 62.11 45.74
CA ASN H 80 8.90 63.31 45.42
C ASN H 80 8.04 64.54 45.42
N MET H 81 6.88 64.42 46.10
CA MET H 81 5.93 65.50 46.32
C MET H 81 6.49 66.41 47.41
N PRO H 82 6.52 67.75 47.16
CA PRO H 82 7.04 68.66 48.19
C PRO H 82 6.02 68.88 49.31
N LEU H 83 6.49 68.74 50.55
CA LEU H 83 5.69 68.95 51.73
C LEU H 83 6.54 69.62 52.82
N ARG H 84 6.24 70.91 53.08
CA ARG H 84 6.93 71.75 54.07
C ARG H 84 8.45 71.73 53.96
N GLY H 85 8.95 72.00 52.75
CA GLY H 85 10.36 72.06 52.44
C GLY H 85 11.05 70.73 52.21
N LYS H 86 10.33 69.63 52.39
CA LYS H 86 10.82 68.25 52.22
C LYS H 86 10.21 67.65 50.97
N GLN H 87 10.97 66.79 50.27
CA GLN H 87 10.50 66.09 49.07
C GLN H 87 10.28 64.65 49.52
N LEU H 88 9.00 64.23 49.62
CA LEU H 88 8.64 62.88 50.10
C LEU H 88 9.23 61.79 49.28
N ARG H 89 9.58 60.65 49.92
CA ARG H 89 10.06 59.42 49.26
C ARG H 89 8.95 58.40 49.43
N VAL H 90 8.33 57.97 48.35
CA VAL H 90 7.31 56.95 48.49
C VAL H 90 7.81 55.72 47.78
N ARG H 91 7.86 54.61 48.53
CA ARG H 91 8.33 53.32 48.02
C ARG H 91 7.48 52.23 48.61
N PHE H 92 7.46 51.08 47.98
CA PHE H 92 6.77 49.93 48.52
C PHE H 92 7.59 49.46 49.70
N ALA H 93 6.94 49.06 50.79
CA ALA H 93 7.63 48.54 51.96
C ALA H 93 8.26 47.18 51.57
N CYS H 94 9.46 46.91 52.11
CA CYS H 94 10.17 45.67 51.89
C CYS H 94 9.40 44.57 52.58
N HIS H 95 9.12 43.49 51.83
CA HIS H 95 8.37 42.35 52.36
C HIS H 95 9.22 41.65 53.41
N SER H 96 8.67 41.44 54.60
CA SER H 96 9.34 40.81 55.72
C SER H 96 9.26 39.28 55.73
N ALA H 97 8.39 38.70 54.89
CA ALA H 97 8.17 37.27 54.90
C ALA H 97 7.94 36.66 53.53
N SER H 98 8.87 36.90 52.61
CA SER H 98 8.79 36.41 51.23
C SER H 98 9.82 35.30 50.95
N LEU H 99 9.38 34.21 50.29
CA LEU H 99 10.22 33.06 50.05
C LEU H 99 10.20 32.65 48.61
N THR H 100 11.31 32.05 48.19
CA THR H 100 11.54 31.46 46.87
C THR H 100 11.42 29.93 47.08
N VAL H 101 10.55 29.31 46.29
CA VAL H 101 10.33 27.87 46.34
C VAL H 101 10.85 27.35 45.01
N ARG H 102 11.79 26.41 45.05
CA ARG H 102 12.43 25.80 43.90
C ARG H 102 12.06 24.32 43.85
N ASN H 103 12.23 23.71 42.68
CA ASN H 103 11.99 22.29 42.41
C ASN H 103 10.52 21.91 42.57
N LEU H 104 9.66 22.81 42.09
CA LEU H 104 8.23 22.61 42.13
C LEU H 104 7.89 21.48 41.19
N PRO H 105 7.01 20.54 41.61
CA PRO H 105 6.64 19.46 40.70
C PRO H 105 5.58 19.94 39.69
N GLN H 106 5.18 19.08 38.75
CA GLN H 106 4.12 19.40 37.80
C GLN H 106 2.79 19.37 38.54
N TYR H 107 1.77 20.03 37.96
CA TYR H 107 0.39 20.11 38.45
C TYR H 107 0.20 20.93 39.70
N VAL H 108 1.15 21.86 39.94
CA VAL H 108 1.09 22.80 41.05
C VAL H 108 0.53 24.08 40.46
N SER H 109 -0.52 24.58 41.07
CA SER H 109 -1.16 25.85 40.72
C SER H 109 -0.84 26.84 41.88
N ASN H 110 -0.96 28.16 41.62
CA ASN H 110 -0.80 29.23 42.59
C ASN H 110 -1.55 28.93 43.87
N GLU H 111 -2.78 28.37 43.76
CA GLU H 111 -3.73 28.03 44.85
C GLU H 111 -3.30 26.85 45.69
N LEU H 112 -2.79 25.76 45.07
CA LEU H 112 -2.25 24.57 45.74
C LEU H 112 -1.02 25.01 46.57
N LEU H 113 -0.24 25.98 46.03
CA LEU H 113 0.96 26.52 46.67
C LEU H 113 0.60 27.22 47.99
N GLU H 114 -0.52 27.97 47.96
CA GLU H 114 -1.09 28.69 49.08
C GLU H 114 -1.53 27.68 50.13
N GLU H 115 -2.30 26.65 49.71
CA GLU H 115 -2.80 25.55 50.53
C GLU H 115 -1.63 24.87 51.22
N ALA H 116 -0.65 24.42 50.41
CA ALA H 116 0.56 23.75 50.89
C ALA H 116 1.27 24.53 51.99
N PHE H 117 1.56 25.82 51.73
CA PHE H 117 2.30 26.66 52.66
C PHE H 117 1.51 27.24 53.82
N SER H 118 0.17 27.21 53.71
CA SER H 118 -0.73 27.67 54.78
C SER H 118 -0.57 26.86 56.08
N VAL H 119 0.06 25.65 56.00
CA VAL H 119 0.36 24.76 57.14
C VAL H 119 1.35 25.46 58.12
N PHE H 120 2.20 26.36 57.58
CA PHE H 120 3.23 27.09 58.34
C PHE H 120 2.74 28.41 58.92
N GLY H 121 1.60 28.90 58.44
CA GLY H 121 1.02 30.16 58.86
C GLY H 121 0.20 30.81 57.77
N GLN H 122 -0.22 32.07 58.00
CA GLN H 122 -1.08 32.80 57.06
C GLN H 122 -0.31 33.28 55.85
N VAL H 123 -0.73 32.78 54.66
CA VAL H 123 -0.16 33.10 53.36
C VAL H 123 -0.94 34.30 52.80
N GLU H 124 -0.22 35.35 52.30
CA GLU H 124 -0.82 36.52 51.64
C GLU H 124 -1.02 36.21 50.14
N ARG H 125 -0.01 35.55 49.53
CA ARG H 125 0.09 35.29 48.10
C ARG H 125 1.05 34.14 47.84
N ALA H 126 0.76 33.34 46.83
CA ALA H 126 1.59 32.24 46.36
C ALA H 126 1.49 32.27 44.87
N VAL H 127 2.64 32.23 44.18
CA VAL H 127 2.71 32.31 42.72
C VAL H 127 3.62 31.22 42.17
N VAL H 128 3.11 30.47 41.19
CA VAL H 128 3.85 29.48 40.43
C VAL H 128 4.33 30.30 39.22
N ILE H 129 5.65 30.59 39.13
CA ILE H 129 6.27 31.39 38.06
C ILE H 129 6.24 30.63 36.75
N VAL H 130 5.87 31.34 35.67
CA VAL H 130 5.77 30.77 34.33
C VAL H 130 6.63 31.56 33.32
N ASP H 131 6.88 30.96 32.15
CA ASP H 131 7.65 31.63 31.08
C ASP H 131 6.69 32.30 30.05
N ASP H 132 7.24 32.78 28.91
CA ASP H 132 6.54 33.41 27.77
C ASP H 132 5.39 32.58 27.20
N ARG H 133 5.52 31.24 27.27
CA ARG H 133 4.60 30.25 26.71
C ARG H 133 3.60 29.71 27.75
N GLY H 134 3.75 30.17 28.98
CA GLY H 134 2.90 29.80 30.11
C GLY H 134 3.25 28.49 30.76
N ARG H 135 4.49 28.04 30.52
CA ARG H 135 5.05 26.81 31.06
C ARG H 135 5.73 27.11 32.39
N PRO H 136 5.30 26.47 33.51
CA PRO H 136 5.94 26.73 34.80
C PRO H 136 7.44 26.52 34.78
N SER H 137 8.17 27.45 35.41
CA SER H 137 9.63 27.46 35.48
C SER H 137 10.15 26.48 36.53
N GLY H 138 9.29 26.08 37.47
CA GLY H 138 9.71 25.23 38.57
C GLY H 138 10.00 26.03 39.83
N LYS H 139 9.97 27.36 39.70
CA LYS H 139 10.15 28.29 40.81
C LYS H 139 8.82 28.91 41.17
N GLY H 140 8.70 29.32 42.42
CA GLY H 140 7.53 29.98 42.95
C GLY H 140 7.86 31.01 44.01
N ILE H 141 6.84 31.77 44.39
CA ILE H 141 6.94 32.79 45.43
C ILE H 141 5.87 32.46 46.46
N VAL H 142 6.23 32.52 47.74
CA VAL H 142 5.29 32.37 48.84
C VAL H 142 5.52 33.56 49.77
N GLU H 143 4.44 34.36 50.03
CA GLU H 143 4.50 35.53 50.89
C GLU H 143 3.54 35.33 52.04
N PHE H 144 4.08 35.42 53.25
CA PHE H 144 3.33 35.29 54.47
C PHE H 144 3.01 36.65 55.06
N SER H 145 1.93 36.73 55.86
CA SER H 145 1.49 37.93 56.56
C SER H 145 2.58 38.44 57.53
N GLY H 146 3.29 37.50 58.17
CA GLY H 146 4.36 37.76 59.12
C GLY H 146 5.59 36.89 59.01
N LYS H 147 6.69 37.43 59.56
CA LYS H 147 8.05 36.87 59.63
C LYS H 147 8.14 35.51 60.36
N PRO H 148 7.37 35.19 61.45
CA PRO H 148 7.52 33.86 62.08
C PRO H 148 7.10 32.71 61.16
N ALA H 149 6.00 32.94 60.41
CA ALA H 149 5.41 32.01 59.43
C ALA H 149 6.44 31.57 58.38
N ALA H 150 7.18 32.53 57.77
CA ALA H 150 8.23 32.30 56.77
C ALA H 150 9.40 31.46 57.34
N ARG H 151 9.87 31.81 58.56
CA ARG H 151 10.93 31.13 59.30
C ARG H 151 10.54 29.66 59.57
N LYS H 152 9.29 29.43 59.99
CA LYS H 152 8.74 28.09 60.20
C LYS H 152 8.86 27.25 58.92
N ALA H 153 8.38 27.80 57.77
CA ALA H 153 8.43 27.19 56.43
C ALA H 153 9.85 26.85 56.04
N LEU H 154 10.77 27.81 56.20
CA LEU H 154 12.20 27.68 55.89
C LEU H 154 12.79 26.49 56.59
N ASP H 155 12.65 26.45 57.93
CA ASP H 155 13.18 25.42 58.84
C ASP H 155 12.65 24.05 58.56
N ARG H 156 11.31 23.90 58.55
CA ARG H 156 10.63 22.63 58.33
C ARG H 156 10.95 21.99 56.98
N CYS H 157 11.05 22.81 55.92
CA CYS H 157 11.34 22.33 54.58
C CYS H 157 12.81 21.91 54.34
N SER H 158 13.73 22.32 55.23
CA SER H 158 15.14 21.95 55.15
C SER H 158 15.38 20.70 56.02
N GLU H 159 14.71 20.62 57.19
CA GLU H 159 14.78 19.49 58.11
C GLU H 159 14.10 18.26 57.50
N GLY H 160 12.90 18.47 56.98
CA GLY H 160 12.12 17.40 56.35
C GLY H 160 11.98 17.53 54.85
N SER H 161 11.24 16.60 54.25
CA SER H 161 10.97 16.56 52.81
C SER H 161 9.53 16.90 52.53
N PHE H 162 9.30 18.16 52.12
CA PHE H 162 7.99 18.67 51.83
C PHE H 162 7.58 18.38 50.39
N LEU H 163 6.64 17.45 50.23
CA LEU H 163 6.12 17.02 48.94
C LEU H 163 4.74 17.65 48.70
N LEU H 164 4.59 18.34 47.56
CA LEU H 164 3.32 19.02 47.18
C LEU H 164 2.33 18.13 46.47
N THR H 165 2.83 17.10 45.75
CA THR H 165 2.03 16.16 44.96
C THR H 165 2.46 14.71 45.28
N THR H 166 2.05 13.76 44.42
CA THR H 166 2.34 12.33 44.44
C THR H 166 3.82 12.07 44.14
N PHE H 167 4.42 12.90 43.26
CA PHE H 167 5.83 12.82 42.85
C PHE H 167 6.78 12.98 44.05
N PRO H 168 7.62 11.96 44.33
CA PRO H 168 8.46 12.00 45.55
C PRO H 168 9.69 12.92 45.55
N ARG H 169 9.54 14.15 45.04
CA ARG H 169 10.65 15.09 45.02
C ARG H 169 10.31 16.29 45.88
N PRO H 170 11.07 16.53 47.01
CA PRO H 170 10.76 17.68 47.87
C PRO H 170 11.14 19.02 47.27
N VAL H 171 10.44 20.04 47.72
CA VAL H 171 10.69 21.42 47.29
C VAL H 171 11.81 22.03 48.15
N THR H 172 12.51 23.03 47.60
CA THR H 172 13.59 23.77 48.25
C THR H 172 12.99 25.13 48.57
N VAL H 173 13.05 25.56 49.83
CA VAL H 173 12.52 26.85 50.30
C VAL H 173 13.68 27.68 50.81
N GLU H 174 13.84 28.89 50.23
CA GLU H 174 14.92 29.84 50.50
C GLU H 174 14.35 31.21 50.70
N PRO H 175 15.04 32.12 51.39
CA PRO H 175 14.51 33.50 51.49
C PRO H 175 14.56 34.20 50.13
N MET H 176 13.61 35.10 49.89
CA MET H 176 13.53 35.86 48.65
C MET H 176 14.68 36.84 48.59
N ASP H 177 15.44 36.81 47.47
CA ASP H 177 16.52 37.75 47.23
C ASP H 177 15.86 39.01 46.69
N GLN H 178 15.63 39.99 47.56
CA GLN H 178 14.96 41.24 47.21
C GLN H 178 15.95 42.25 46.64
N LEU H 179 15.83 42.48 45.33
CA LEU H 179 16.68 43.39 44.56
C LEU H 179 15.81 44.47 43.94
N ASP H 180 16.32 45.72 43.89
CA ASP H 180 15.62 46.82 43.24
C ASP H 180 16.10 47.03 41.81
N ASP H 181 15.26 46.60 40.85
CA ASP H 181 15.47 46.69 39.42
C ASP H 181 14.59 47.82 38.82
N GLU H 182 14.09 48.73 39.69
CA GLU H 182 13.23 49.82 39.27
C GLU H 182 13.87 51.19 39.47
N GLU H 183 14.25 51.52 40.71
CA GLU H 183 14.83 52.79 41.07
C GLU H 183 16.35 52.82 40.85
N GLY H 184 16.99 51.67 41.13
CA GLY H 184 18.40 51.44 40.93
C GLY H 184 19.35 52.41 41.57
N LEU H 185 20.38 52.83 40.82
CA LEU H 185 21.41 53.75 41.29
C LEU H 185 21.45 55.09 40.52
N PRO H 186 20.65 56.08 40.97
CA PRO H 186 20.69 57.40 40.33
C PRO H 186 22.03 58.13 40.51
N GLU H 187 22.42 58.95 39.52
CA GLU H 187 23.65 59.74 39.56
C GLU H 187 23.78 60.57 40.82
N LYS H 188 22.66 61.16 41.29
CA LYS H 188 22.59 62.02 42.50
C LYS H 188 23.08 61.34 43.74
N LEU H 189 22.87 60.01 43.85
CA LEU H 189 23.29 59.19 45.00
C LEU H 189 24.76 58.78 44.99
N VAL H 190 25.48 59.05 43.90
CA VAL H 190 26.90 58.69 43.77
C VAL H 190 27.76 59.81 44.38
N ILE H 191 28.64 59.47 45.37
CA ILE H 191 29.53 60.47 45.98
C ILE H 191 30.64 60.77 44.98
N LYS H 192 30.73 62.05 44.58
CA LYS H 192 31.70 62.51 43.60
C LYS H 192 33.08 62.82 44.24
N ASN H 193 33.79 61.74 44.67
CA ASN H 193 35.12 61.77 45.29
C ASN H 193 36.21 61.55 44.25
N GLN H 194 37.47 61.32 44.69
CA GLN H 194 38.61 61.09 43.77
C GLN H 194 38.49 59.81 42.98
N GLN H 195 37.93 58.74 43.59
CA GLN H 195 37.74 57.43 42.91
C GLN H 195 36.73 57.55 41.80
N PHE H 196 35.66 58.33 42.05
CA PHE H 196 34.62 58.65 41.09
C PHE H 196 35.25 59.25 39.86
N HIS H 197 36.02 60.33 40.02
CA HIS H 197 36.70 61.02 38.91
C HIS H 197 37.74 60.19 38.19
N LYS H 198 38.44 59.28 38.91
CA LYS H 198 39.43 58.37 38.31
C LYS H 198 38.71 57.42 37.37
N GLU H 199 37.54 56.90 37.79
CA GLU H 199 36.72 55.97 37.02
C GLU H 199 36.07 56.64 35.80
N ARG H 200 35.64 57.90 35.95
CA ARG H 200 34.93 58.67 34.94
C ARG H 200 35.82 59.52 34.09
N GLU H 201 37.16 59.36 34.21
CA GLU H 201 38.18 60.07 33.43
C GLU H 201 37.88 59.84 31.94
N GLN H 202 37.61 58.58 31.58
CA GLN H 202 37.29 58.14 30.24
C GLN H 202 35.81 57.82 30.11
N PRO H 203 35.15 58.32 29.05
CA PRO H 203 33.70 58.06 28.91
C PRO H 203 33.39 56.69 28.32
N PRO H 204 32.11 56.22 28.30
CA PRO H 204 31.81 54.95 27.63
C PRO H 204 32.31 54.94 26.18
N ARG H 205 33.03 53.87 25.83
CA ARG H 205 33.69 53.70 24.55
C ARG H 205 34.05 52.23 24.32
N PHE H 206 34.52 51.91 23.11
CA PHE H 206 35.01 50.59 22.76
C PHE H 206 36.54 50.61 22.86
N ALA H 207 37.13 49.59 23.51
CA ALA H 207 38.59 49.46 23.66
C ALA H 207 39.21 49.33 22.27
N GLN H 208 40.21 50.17 21.97
CA GLN H 208 40.83 50.19 20.66
C GLN H 208 42.14 49.42 20.59
N PRO H 209 42.37 48.58 19.53
CA PRO H 209 43.61 47.79 19.46
C PRO H 209 44.87 48.64 19.55
N GLY H 210 45.82 48.19 20.35
CA GLY H 210 47.07 48.91 20.58
C GLY H 210 47.11 49.69 21.89
N SER H 211 45.99 49.67 22.64
CA SER H 211 45.87 50.34 23.95
C SER H 211 45.96 49.30 25.07
N PHE H 212 46.42 49.71 26.27
CA PHE H 212 46.54 48.81 27.41
C PHE H 212 45.17 48.16 27.70
N GLU H 213 44.10 48.95 27.51
CA GLU H 213 42.70 48.59 27.66
C GLU H 213 42.36 47.38 26.79
N TYR H 214 42.65 47.46 25.47
CA TYR H 214 42.38 46.40 24.51
C TYR H 214 42.89 45.04 24.93
N GLU H 215 44.13 44.98 25.41
CA GLU H 215 44.77 43.73 25.79
C GLU H 215 44.08 43.07 26.99
N TYR H 216 43.76 43.85 28.04
CA TYR H 216 43.09 43.34 29.24
C TYR H 216 41.65 42.89 29.02
N ALA H 217 40.86 43.73 28.31
CA ALA H 217 39.46 43.52 27.92
C ALA H 217 39.25 42.21 27.18
N MET H 218 40.29 41.76 26.43
CA MET H 218 40.35 40.49 25.70
C MET H 218 40.60 39.30 26.65
N ARG H 219 41.52 39.47 27.63
CA ARG H 219 41.82 38.48 28.68
C ARG H 219 40.56 38.21 29.50
N TRP H 220 39.75 39.27 29.78
CA TRP H 220 38.50 39.18 30.49
C TRP H 220 37.48 38.43 29.64
N LYS H 221 37.36 38.74 28.33
CA LYS H 221 36.46 38.07 27.39
C LYS H 221 36.75 36.57 27.30
N ALA H 222 38.05 36.21 27.27
CA ALA H 222 38.54 34.84 27.23
C ALA H 222 38.18 34.10 28.52
N LEU H 223 38.37 34.76 29.68
CA LEU H 223 38.04 34.23 31.01
C LEU H 223 36.55 33.95 31.10
N ILE H 224 35.68 34.87 30.60
CA ILE H 224 34.22 34.71 30.60
C ILE H 224 33.82 33.52 29.76
N GLU H 225 34.47 33.33 28.58
CA GLU H 225 34.20 32.18 27.70
C GLU H 225 34.61 30.86 28.39
N MET H 226 35.71 30.87 29.16
CA MET H 226 36.18 29.72 29.92
C MET H 226 35.19 29.35 31.02
N GLU H 227 34.63 30.37 31.68
CA GLU H 227 33.62 30.24 32.74
C GLU H 227 32.35 29.65 32.17
N LYS H 228 31.94 30.08 30.93
CA LYS H 228 30.75 29.58 30.22
C LYS H 228 30.90 28.11 29.91
N GLN H 229 32.08 27.68 29.43
CA GLN H 229 32.40 26.28 29.11
C GLN H 229 32.34 25.41 30.39
N GLN H 230 32.96 25.90 31.50
CA GLN H 230 33.01 25.27 32.82
C GLN H 230 31.59 25.05 33.35
N GLN H 231 30.77 26.11 33.33
CA GLN H 231 29.40 26.10 33.82
C GLN H 231 28.50 25.21 32.99
N ASP H 232 28.68 25.21 31.65
CA ASP H 232 27.90 24.38 30.73
C ASP H 232 28.10 22.90 31.03
N GLN H 233 29.34 22.51 31.39
CA GLN H 233 29.65 21.13 31.73
C GLN H 233 28.99 20.73 33.05
N VAL H 234 29.04 21.61 34.07
CA VAL H 234 28.43 21.39 35.39
C VAL H 234 26.90 21.24 35.23
N ASP H 235 26.26 22.13 34.42
CA ASP H 235 24.83 22.11 34.09
C ASP H 235 24.44 20.77 33.45
N ARG H 236 25.24 20.28 32.48
CA ARG H 236 25.03 19.01 31.76
C ARG H 236 25.10 17.83 32.72
N ASN H 237 26.13 17.79 33.60
CA ASN H 237 26.36 16.75 34.60
C ASN H 237 25.21 16.67 35.61
N ILE H 238 24.74 17.84 36.07
CA ILE H 238 23.63 17.99 37.02
C ILE H 238 22.31 17.53 36.41
N LYS H 239 22.03 17.96 35.16
CA LYS H 239 20.82 17.61 34.40
C LYS H 239 20.74 16.10 34.20
N GLU H 240 21.87 15.46 33.83
CA GLU H 240 21.98 14.01 33.62
C GLU H 240 21.69 13.25 34.91
N ALA H 241 22.27 13.71 36.05
CA ALA H 241 22.10 13.13 37.39
C ALA H 241 20.66 13.28 37.88
N ARG H 242 20.03 14.43 37.61
CA ARG H 242 18.65 14.73 37.98
C ARG H 242 17.70 13.87 37.19
N GLU H 243 17.87 13.79 35.84
CA GLU H 243 17.04 13.00 34.94
C GLU H 243 17.06 11.51 35.28
N LYS H 244 18.22 11.01 35.73
CA LYS H 244 18.42 9.63 36.17
C LYS H 244 17.56 9.36 37.41
N LEU H 245 17.69 10.23 38.45
CA LEU H 245 16.95 10.13 39.71
C LEU H 245 15.45 10.32 39.50
N GLU H 246 15.07 11.29 38.64
CA GLU H 246 13.68 11.61 38.29
C GLU H 246 12.99 10.46 37.59
N MET H 247 13.74 9.67 36.80
CA MET H 247 13.23 8.49 36.10
C MET H 247 12.96 7.36 37.09
N GLU H 248 13.85 7.20 38.08
CA GLU H 248 13.71 6.22 39.16
C GLU H 248 12.50 6.60 40.02
N MET H 249 12.29 7.92 40.26
CA MET H 249 11.15 8.50 41.01
C MET H 249 9.82 8.16 40.33
N GLU H 250 9.74 8.33 38.98
CA GLU H 250 8.57 7.99 38.17
C GLU H 250 8.25 6.49 38.21
N ALA H 251 9.27 5.63 38.07
CA ALA H 251 9.23 4.16 38.06
C ALA H 251 8.80 3.55 39.40
N ALA H 252 9.32 4.11 40.53
CA ALA H 252 9.01 3.70 41.89
C ALA H 252 7.57 4.08 42.22
N ARG H 253 7.10 5.19 41.61
CA ARG H 253 5.74 5.66 41.76
C ARG H 253 4.76 4.74 41.04
N HIS H 254 5.19 4.16 39.89
CA HIS H 254 4.40 3.22 39.09
C HIS H 254 4.30 1.84 39.77
N GLU H 255 5.39 1.43 40.48
CA GLU H 255 5.52 0.18 41.27
C GLU H 255 4.57 0.18 42.48
N HIS H 256 4.30 1.38 43.04
CA HIS H 256 3.46 1.61 44.21
C HIS H 256 1.97 1.69 43.90
N GLN H 257 1.62 2.17 42.69
CA GLN H 257 0.24 2.28 42.22
C GLN H 257 -0.36 0.96 41.68
N VAL H 258 0.49 -0.08 41.45
CA VAL H 258 0.08 -1.40 40.91
C VAL H 258 -0.88 -2.21 41.83
N MET H 259 -0.44 -2.50 43.07
CA MET H 259 -1.21 -3.31 44.01
C MET H 259 -1.66 -2.48 45.20
N GLU I 2 -38.24 -9.33 -89.69
CA GLU I 2 -38.07 -9.05 -88.26
C GLU I 2 -38.94 -7.86 -87.78
N GLY I 3 -40.01 -7.57 -88.51
CA GLY I 3 -40.94 -6.49 -88.19
C GLY I 3 -42.33 -6.70 -88.76
N LEU I 4 -43.35 -6.72 -87.88
CA LEU I 4 -44.75 -6.93 -88.28
C LEU I 4 -45.74 -6.17 -87.42
N THR I 5 -46.62 -5.38 -88.06
CA THR I 5 -47.66 -4.60 -87.39
C THR I 5 -48.99 -5.35 -87.46
N ILE I 6 -49.60 -5.62 -86.28
CA ILE I 6 -50.85 -6.37 -86.18
C ILE I 6 -51.95 -5.53 -85.50
N ASP I 7 -53.12 -5.38 -86.18
CA ASP I 7 -54.30 -4.68 -85.66
C ASP I 7 -55.05 -5.68 -84.80
N LEU I 8 -55.04 -5.46 -83.47
CA LEU I 8 -55.67 -6.37 -82.51
C LEU I 8 -57.10 -6.01 -82.07
N LYS I 9 -58.08 -6.53 -82.83
CA LYS I 9 -59.53 -6.35 -82.62
C LYS I 9 -60.04 -7.15 -81.38
N ASN I 10 -59.20 -8.10 -80.89
CA ASN I 10 -59.42 -8.95 -79.70
C ASN I 10 -58.10 -9.61 -79.21
N PHE I 11 -57.84 -9.43 -77.92
CA PHE I 11 -56.70 -9.98 -77.19
C PHE I 11 -57.22 -10.76 -75.98
N ARG I 12 -58.56 -10.67 -75.74
CA ARG I 12 -59.26 -11.31 -74.63
C ARG I 12 -59.94 -12.58 -75.08
N LYS I 13 -59.56 -13.72 -74.45
CA LYS I 13 -60.14 -15.03 -74.71
C LYS I 13 -61.58 -15.02 -74.16
N PRO I 14 -62.53 -15.83 -74.70
CA PRO I 14 -63.90 -15.78 -74.16
C PRO I 14 -63.96 -16.14 -72.67
N GLY I 15 -64.56 -15.25 -71.88
CA GLY I 15 -64.71 -15.40 -70.43
C GLY I 15 -63.52 -14.97 -69.59
N GLU I 16 -62.40 -14.60 -70.26
CA GLU I 16 -61.17 -14.18 -69.60
C GLU I 16 -61.38 -12.91 -68.80
N LYS I 17 -60.99 -12.96 -67.52
CA LYS I 17 -61.03 -11.80 -66.64
C LYS I 17 -59.78 -10.98 -66.92
N THR I 18 -59.84 -9.65 -66.70
CA THR I 18 -58.70 -8.79 -66.98
C THR I 18 -57.88 -8.48 -65.75
N PHE I 19 -56.57 -8.16 -65.97
CA PHE I 19 -55.58 -7.79 -64.96
C PHE I 19 -55.46 -8.80 -63.83
N THR I 20 -55.44 -10.06 -64.20
CA THR I 20 -55.32 -11.18 -63.28
C THR I 20 -53.83 -11.44 -63.05
N GLN I 21 -53.50 -12.43 -62.25
CA GLN I 21 -52.11 -12.80 -62.06
C GLN I 21 -51.54 -13.51 -63.31
N ARG I 22 -52.43 -13.98 -64.22
CA ARG I 22 -52.06 -14.66 -65.47
C ARG I 22 -51.52 -13.68 -66.52
N SER I 23 -51.87 -12.40 -66.40
CA SER I 23 -51.45 -11.32 -67.30
C SER I 23 -50.38 -10.43 -66.62
N ARG I 24 -49.86 -10.90 -65.45
CA ARG I 24 -48.86 -10.26 -64.60
C ARG I 24 -47.43 -10.79 -64.88
N LEU I 25 -46.54 -9.87 -65.27
CA LEU I 25 -45.18 -10.23 -65.56
C LEU I 25 -44.22 -9.72 -64.50
N PHE I 26 -43.19 -10.52 -64.22
CA PHE I 26 -42.07 -10.23 -63.34
C PHE I 26 -41.02 -9.61 -64.26
N VAL I 27 -40.45 -8.46 -63.85
CA VAL I 27 -39.40 -7.80 -64.63
C VAL I 27 -38.18 -7.67 -63.71
N GLY I 28 -37.16 -8.47 -64.00
CA GLY I 28 -35.92 -8.50 -63.24
C GLY I 28 -34.74 -7.91 -63.99
N ASN I 29 -33.61 -7.73 -63.27
CA ASN I 29 -32.36 -7.11 -63.75
C ASN I 29 -32.61 -5.68 -64.21
N LEU I 30 -33.44 -4.96 -63.46
CA LEU I 30 -33.79 -3.58 -63.76
C LEU I 30 -32.62 -2.66 -63.43
N PRO I 31 -32.38 -1.59 -64.23
CA PRO I 31 -31.30 -0.64 -63.88
C PRO I 31 -31.63 0.09 -62.57
N PRO I 32 -30.62 0.52 -61.77
CA PRO I 32 -30.92 1.17 -60.48
C PRO I 32 -31.77 2.45 -60.54
N ASP I 33 -31.68 3.18 -61.67
CA ASP I 33 -32.39 4.45 -61.91
C ASP I 33 -33.81 4.30 -62.51
N ILE I 34 -34.40 3.09 -62.42
CA ILE I 34 -35.74 2.80 -62.94
C ILE I 34 -36.85 3.51 -62.14
N THR I 35 -37.83 4.08 -62.86
CA THR I 35 -38.99 4.79 -62.28
C THR I 35 -40.31 4.11 -62.68
N GLU I 36 -41.42 4.50 -62.00
CA GLU I 36 -42.79 3.98 -62.19
C GLU I 36 -43.34 4.31 -63.58
N GLU I 37 -42.86 5.43 -64.20
CA GLU I 37 -43.22 5.94 -65.53
C GLU I 37 -42.35 5.29 -66.63
N GLU I 38 -41.04 5.04 -66.33
CA GLU I 38 -40.08 4.37 -67.22
C GLU I 38 -40.64 3.00 -67.57
N MET I 39 -41.12 2.28 -66.52
CA MET I 39 -41.75 0.97 -66.52
C MET I 39 -42.99 0.99 -67.43
N ARG I 40 -43.86 2.00 -67.24
CA ARG I 40 -45.11 2.17 -67.98
C ARG I 40 -44.86 2.47 -69.46
N LYS I 41 -43.81 3.27 -69.76
CA LYS I 41 -43.42 3.62 -71.13
C LYS I 41 -42.85 2.41 -71.88
N LEU I 42 -42.10 1.55 -71.17
CA LEU I 42 -41.53 0.32 -71.73
C LEU I 42 -42.62 -0.66 -72.18
N PHE I 43 -43.76 -0.68 -71.48
CA PHE I 43 -44.88 -1.58 -71.74
C PHE I 43 -46.08 -0.90 -72.41
N GLU I 44 -45.93 0.40 -72.76
CA GLU I 44 -46.91 1.27 -73.40
C GLU I 44 -47.54 0.66 -74.67
N LYS I 45 -46.71 -0.05 -75.46
CA LYS I 45 -47.05 -0.70 -76.74
C LYS I 45 -48.05 -1.84 -76.57
N TYR I 46 -48.09 -2.45 -75.36
CA TYR I 46 -48.90 -3.62 -75.03
C TYR I 46 -50.21 -3.30 -74.31
N GLY I 47 -50.76 -2.13 -74.62
CA GLY I 47 -52.03 -1.65 -74.09
C GLY I 47 -51.97 -1.07 -72.69
N LYS I 48 -53.12 -1.16 -71.99
CA LYS I 48 -53.34 -0.68 -70.62
C LYS I 48 -52.54 -1.54 -69.64
N ALA I 49 -51.96 -0.89 -68.63
CA ALA I 49 -51.24 -1.55 -67.55
C ALA I 49 -51.98 -1.22 -66.26
N GLY I 50 -52.13 -2.23 -65.40
CA GLY I 50 -52.79 -2.08 -64.11
C GLY I 50 -51.75 -1.77 -63.07
N GLU I 51 -51.52 -2.73 -62.18
CA GLU I 51 -50.53 -2.68 -61.11
C GLU I 51 -49.12 -2.55 -61.70
N VAL I 52 -48.34 -1.62 -61.15
CA VAL I 52 -46.94 -1.42 -61.46
C VAL I 52 -46.27 -1.32 -60.10
N PHE I 53 -45.41 -2.29 -59.79
CA PHE I 53 -44.67 -2.34 -58.53
C PHE I 53 -43.20 -2.42 -58.85
N ILE I 54 -42.38 -1.59 -58.19
CA ILE I 54 -40.91 -1.63 -58.30
C ILE I 54 -40.36 -1.72 -56.86
N HIS I 55 -39.45 -2.69 -56.58
CA HIS I 55 -38.89 -2.87 -55.22
C HIS I 55 -38.05 -1.67 -54.82
N LYS I 56 -38.20 -1.25 -53.55
CA LYS I 56 -37.50 -0.12 -52.95
C LYS I 56 -36.00 -0.10 -53.28
N ASP I 57 -35.27 -1.16 -52.86
CA ASP I 57 -33.85 -1.31 -53.12
C ASP I 57 -33.72 -2.04 -54.45
N LYS I 58 -34.06 -3.34 -54.41
CA LYS I 58 -33.97 -4.34 -55.48
C LYS I 58 -34.34 -3.91 -56.90
N GLY I 59 -33.65 -4.53 -57.85
CA GLY I 59 -33.77 -4.29 -59.28
C GLY I 59 -34.74 -5.26 -59.92
N PHE I 60 -35.98 -5.27 -59.40
CA PHE I 60 -37.07 -6.08 -59.89
C PHE I 60 -38.39 -5.39 -59.64
N GLY I 61 -39.38 -5.77 -60.45
CA GLY I 61 -40.73 -5.26 -60.36
C GLY I 61 -41.77 -6.17 -60.99
N PHE I 62 -43.02 -5.73 -60.93
CA PHE I 62 -44.20 -6.40 -61.49
C PHE I 62 -45.07 -5.42 -62.25
N ILE I 63 -45.67 -5.91 -63.34
CA ILE I 63 -46.57 -5.14 -64.19
C ILE I 63 -47.69 -6.05 -64.61
N ARG I 64 -48.94 -5.62 -64.40
CA ARG I 64 -50.09 -6.42 -64.76
C ARG I 64 -50.65 -5.85 -66.05
N LEU I 65 -50.65 -6.67 -67.11
CA LEU I 65 -51.20 -6.26 -68.39
C LEU I 65 -52.62 -6.76 -68.47
N GLU I 66 -53.41 -6.26 -69.43
CA GLU I 66 -54.84 -6.55 -69.53
C GLU I 66 -55.23 -8.02 -69.66
N THR I 67 -54.62 -8.73 -70.63
CA THR I 67 -54.89 -10.12 -70.94
C THR I 67 -53.62 -10.94 -71.03
N ARG I 68 -53.79 -12.28 -71.04
CA ARG I 68 -52.71 -13.26 -71.15
C ARG I 68 -51.96 -13.12 -72.48
N THR I 69 -52.70 -12.86 -73.58
CA THR I 69 -52.16 -12.66 -74.93
C THR I 69 -51.20 -11.47 -74.96
N LEU I 70 -51.61 -10.32 -74.40
CA LEU I 70 -50.80 -9.10 -74.33
C LEU I 70 -49.54 -9.27 -73.48
N ALA I 71 -49.65 -10.02 -72.36
CA ALA I 71 -48.54 -10.35 -71.48
C ALA I 71 -47.54 -11.27 -72.18
N GLU I 72 -48.04 -12.25 -72.97
CA GLU I 72 -47.24 -13.19 -73.76
C GLU I 72 -46.42 -12.45 -74.82
N ILE I 73 -47.03 -11.42 -75.48
CA ILE I 73 -46.38 -10.59 -76.49
C ILE I 73 -45.29 -9.74 -75.83
N ALA I 74 -45.62 -9.05 -74.72
CA ALA I 74 -44.69 -8.22 -73.97
C ALA I 74 -43.48 -9.01 -73.46
N LYS I 75 -43.72 -10.25 -72.96
CA LYS I 75 -42.70 -11.16 -72.45
C LYS I 75 -41.67 -11.51 -73.54
N VAL I 76 -42.14 -11.96 -74.72
CA VAL I 76 -41.32 -12.36 -75.87
C VAL I 76 -40.51 -11.18 -76.43
N GLU I 77 -41.14 -10.01 -76.52
CA GLU I 77 -40.52 -8.78 -77.02
C GLU I 77 -39.47 -8.21 -76.07
N LEU I 78 -39.78 -8.17 -74.76
CA LEU I 78 -38.90 -7.56 -73.78
C LEU I 78 -37.90 -8.46 -73.04
N ASP I 79 -38.02 -9.80 -73.17
CA ASP I 79 -37.07 -10.69 -72.51
C ASP I 79 -35.69 -10.59 -73.12
N ASN I 80 -34.67 -10.52 -72.24
CA ASN I 80 -33.25 -10.40 -72.59
C ASN I 80 -32.92 -9.10 -73.33
N MET I 81 -33.83 -8.12 -73.24
CA MET I 81 -33.63 -6.81 -73.86
C MET I 81 -32.56 -6.03 -73.09
N PRO I 82 -31.52 -5.50 -73.78
CA PRO I 82 -30.51 -4.71 -73.06
C PRO I 82 -31.04 -3.31 -72.74
N LEU I 83 -30.91 -2.92 -71.46
CA LEU I 83 -31.34 -1.62 -70.97
C LEU I 83 -30.34 -1.15 -69.94
N ARG I 84 -29.58 -0.08 -70.30
CA ARG I 84 -28.56 0.56 -69.48
C ARG I 84 -27.55 -0.42 -68.84
N GLY I 85 -26.97 -1.28 -69.69
CA GLY I 85 -25.97 -2.27 -69.29
C GLY I 85 -26.50 -3.54 -68.68
N LYS I 86 -27.83 -3.62 -68.49
CA LYS I 86 -28.51 -4.77 -67.90
C LYS I 86 -29.30 -5.49 -68.98
N GLN I 87 -29.44 -6.82 -68.86
CA GLN I 87 -30.25 -7.65 -69.77
C GLN I 87 -31.50 -8.03 -68.98
N LEU I 88 -32.67 -7.42 -69.31
CA LEU I 88 -33.93 -7.66 -68.59
C LEU I 88 -34.36 -9.11 -68.60
N ARG I 89 -34.96 -9.56 -67.49
CA ARG I 89 -35.51 -10.90 -67.33
C ARG I 89 -37.03 -10.71 -67.19
N VAL I 90 -37.78 -11.03 -68.27
CA VAL I 90 -39.23 -10.91 -68.28
C VAL I 90 -39.85 -12.30 -68.29
N ARG I 91 -40.49 -12.66 -67.17
CA ARG I 91 -41.14 -13.94 -66.94
C ARG I 91 -42.53 -13.69 -66.42
N PHE I 92 -43.41 -14.70 -66.52
CA PHE I 92 -44.73 -14.59 -65.94
C PHE I 92 -44.54 -14.68 -64.44
N ALA I 93 -45.27 -13.82 -63.69
CA ALA I 93 -45.19 -13.83 -62.23
C ALA I 93 -45.71 -15.18 -61.72
N CYS I 94 -45.09 -15.70 -60.64
CA CYS I 94 -45.52 -16.96 -60.03
C CYS I 94 -46.88 -16.70 -59.42
N HIS I 95 -47.89 -17.52 -59.79
CA HIS I 95 -49.26 -17.38 -59.27
C HIS I 95 -49.18 -17.70 -57.78
N SER I 96 -49.70 -16.82 -56.94
CA SER I 96 -49.67 -16.91 -55.49
C SER I 96 -50.88 -17.65 -54.94
N ALA I 97 -51.92 -17.93 -55.80
CA ALA I 97 -53.16 -18.55 -55.33
C ALA I 97 -53.77 -19.61 -56.25
N SER I 98 -52.93 -20.52 -56.79
CA SER I 98 -53.41 -21.60 -57.66
C SER I 98 -53.47 -22.96 -56.96
N LEU I 99 -54.59 -23.66 -57.15
CA LEU I 99 -54.84 -24.93 -56.51
C LEU I 99 -55.18 -26.01 -57.50
N THR I 100 -54.85 -27.26 -57.11
CA THR I 100 -55.15 -28.48 -57.82
C THR I 100 -56.32 -29.11 -57.07
N VAL I 101 -57.40 -29.41 -57.80
CA VAL I 101 -58.59 -30.05 -57.26
C VAL I 101 -58.61 -31.46 -57.86
N ARG I 102 -58.64 -32.48 -57.02
CA ARG I 102 -58.64 -33.89 -57.41
C ARG I 102 -59.94 -34.54 -56.94
N ASN I 103 -60.26 -35.74 -57.48
CA ASN I 103 -61.45 -36.53 -57.15
C ASN I 103 -62.72 -35.76 -57.48
N LEU I 104 -62.67 -35.08 -58.65
CA LEU I 104 -63.80 -34.34 -59.17
C LEU I 104 -64.86 -35.37 -59.54
N PRO I 105 -66.14 -35.13 -59.15
CA PRO I 105 -67.19 -36.07 -59.54
C PRO I 105 -67.56 -35.87 -61.02
N GLN I 106 -68.40 -36.73 -61.56
CA GLN I 106 -68.81 -36.59 -62.95
C GLN I 106 -69.76 -35.41 -63.06
N TYR I 107 -69.82 -34.81 -64.26
CA TYR I 107 -70.72 -33.70 -64.62
C TYR I 107 -70.41 -32.33 -63.97
N VAL I 108 -69.14 -32.09 -63.63
CA VAL I 108 -68.65 -30.82 -63.10
C VAL I 108 -68.04 -30.09 -64.31
N SER I 109 -68.42 -28.84 -64.53
CA SER I 109 -67.90 -28.01 -65.62
C SER I 109 -66.91 -26.99 -65.07
N ASN I 110 -66.30 -26.16 -65.94
CA ASN I 110 -65.41 -25.07 -65.57
C ASN I 110 -66.19 -24.05 -64.74
N GLU I 111 -67.44 -23.79 -65.14
CA GLU I 111 -68.37 -22.85 -64.53
C GLU I 111 -68.84 -23.34 -63.17
N LEU I 112 -69.18 -24.65 -63.05
CA LEU I 112 -69.60 -25.22 -61.77
C LEU I 112 -68.43 -25.14 -60.74
N LEU I 113 -67.18 -25.38 -61.20
CA LEU I 113 -65.96 -25.34 -60.41
C LEU I 113 -65.69 -23.91 -59.93
N GLU I 114 -65.99 -22.92 -60.79
CA GLU I 114 -65.85 -21.50 -60.47
C GLU I 114 -66.92 -21.09 -59.46
N GLU I 115 -68.19 -21.49 -59.70
CA GLU I 115 -69.31 -21.22 -58.77
C GLU I 115 -68.97 -21.77 -57.39
N ALA I 116 -68.53 -23.05 -57.33
CA ALA I 116 -68.18 -23.79 -56.12
C ALA I 116 -67.13 -23.11 -55.29
N PHE I 117 -66.01 -22.74 -55.89
CA PHE I 117 -64.89 -22.12 -55.20
C PHE I 117 -64.99 -20.65 -54.90
N SER I 118 -65.95 -19.92 -55.52
CA SER I 118 -66.12 -18.49 -55.22
C SER I 118 -66.69 -18.22 -53.82
N VAL I 119 -66.99 -19.33 -53.09
CA VAL I 119 -67.41 -19.35 -51.69
C VAL I 119 -66.22 -18.98 -50.75
N PHE I 120 -64.94 -19.12 -51.25
CA PHE I 120 -63.72 -18.84 -50.49
C PHE I 120 -63.04 -17.50 -50.80
N GLY I 121 -63.47 -16.85 -51.86
CA GLY I 121 -62.97 -15.58 -52.38
C GLY I 121 -63.08 -15.53 -53.89
N GLN I 122 -62.71 -14.39 -54.47
CA GLN I 122 -62.74 -14.15 -55.92
C GLN I 122 -61.82 -15.10 -56.68
N VAL I 123 -62.44 -15.87 -57.58
CA VAL I 123 -61.82 -16.82 -58.49
C VAL I 123 -61.50 -16.04 -59.79
N GLU I 124 -60.25 -16.16 -60.28
CA GLU I 124 -59.77 -15.58 -61.54
C GLU I 124 -60.11 -16.54 -62.69
N ARG I 125 -59.93 -17.87 -62.46
CA ARG I 125 -60.08 -18.94 -63.42
C ARG I 125 -60.27 -20.27 -62.70
N ALA I 126 -61.12 -21.12 -63.27
CA ALA I 126 -61.40 -22.48 -62.83
C ALA I 126 -61.51 -23.29 -64.08
N VAL I 127 -60.76 -24.41 -64.14
CA VAL I 127 -60.68 -25.29 -65.30
C VAL I 127 -60.84 -26.74 -64.87
N VAL I 128 -61.76 -27.46 -65.53
CA VAL I 128 -61.94 -28.90 -65.37
C VAL I 128 -61.06 -29.45 -66.49
N ILE I 129 -59.96 -30.11 -66.14
CA ILE I 129 -58.99 -30.64 -67.12
C ILE I 129 -59.59 -31.82 -67.87
N VAL I 130 -59.49 -31.79 -69.20
CA VAL I 130 -60.00 -32.83 -70.10
C VAL I 130 -58.87 -33.39 -70.97
N ASP I 131 -59.04 -34.60 -71.52
CA ASP I 131 -58.04 -35.19 -72.41
C ASP I 131 -58.34 -34.79 -73.86
N ASP I 132 -57.51 -35.27 -74.83
CA ASP I 132 -57.67 -34.99 -76.27
C ASP I 132 -59.01 -35.44 -76.82
N ARG I 133 -59.70 -36.35 -76.10
CA ARG I 133 -61.02 -36.87 -76.46
C ARG I 133 -62.11 -36.11 -75.70
N GLY I 134 -61.68 -35.11 -74.92
CA GLY I 134 -62.54 -34.20 -74.18
C GLY I 134 -63.24 -34.77 -72.97
N ARG I 135 -62.71 -35.88 -72.44
CA ARG I 135 -63.23 -36.57 -71.26
C ARG I 135 -62.50 -36.01 -70.03
N PRO I 136 -63.21 -35.59 -68.96
CA PRO I 136 -62.51 -35.04 -67.79
C PRO I 136 -61.55 -36.03 -67.16
N SER I 137 -60.39 -35.51 -66.74
CA SER I 137 -59.33 -36.28 -66.12
C SER I 137 -59.62 -36.57 -64.62
N GLY I 138 -60.55 -35.81 -64.02
CA GLY I 138 -60.87 -35.93 -62.60
C GLY I 138 -60.11 -34.89 -61.79
N LYS I 139 -59.20 -34.15 -62.46
CA LYS I 139 -58.42 -33.03 -61.91
C LYS I 139 -58.92 -31.70 -62.46
N GLY I 140 -58.73 -30.66 -61.68
CA GLY I 140 -59.10 -29.30 -62.02
C GLY I 140 -58.11 -28.27 -61.48
N ILE I 141 -58.23 -27.04 -61.95
CA ILE I 141 -57.38 -25.93 -61.52
C ILE I 141 -58.31 -24.84 -61.00
N VAL I 142 -57.98 -24.26 -59.84
CA VAL I 142 -58.71 -23.11 -59.30
C VAL I 142 -57.66 -22.06 -58.98
N GLU I 143 -57.76 -20.88 -59.65
CA GLU I 143 -56.86 -19.75 -59.44
C GLU I 143 -57.66 -18.59 -58.86
N PHE I 144 -57.23 -18.08 -57.68
CA PHE I 144 -57.84 -16.95 -56.96
C PHE I 144 -57.08 -15.67 -57.18
N SER I 145 -57.75 -14.51 -56.99
CA SER I 145 -57.16 -13.17 -57.10
C SER I 145 -56.03 -12.94 -56.07
N GLY I 146 -56.23 -13.45 -54.85
CA GLY I 146 -55.30 -13.35 -53.72
C GLY I 146 -55.03 -14.62 -52.94
N LYS I 147 -53.87 -14.64 -52.22
CA LYS I 147 -53.40 -15.77 -51.39
C LYS I 147 -54.35 -16.16 -50.24
N PRO I 148 -55.08 -15.24 -49.53
CA PRO I 148 -55.96 -15.70 -48.45
C PRO I 148 -57.09 -16.62 -48.92
N ALA I 149 -57.62 -16.36 -50.12
CA ALA I 149 -58.66 -17.15 -50.75
C ALA I 149 -58.19 -18.59 -50.96
N ALA I 150 -56.95 -18.79 -51.47
CA ALA I 150 -56.38 -20.13 -51.68
C ALA I 150 -56.12 -20.90 -50.38
N ARG I 151 -55.65 -20.23 -49.33
CA ARG I 151 -55.44 -20.77 -47.98
C ARG I 151 -56.80 -21.18 -47.31
N LYS I 152 -57.88 -20.39 -47.54
CA LYS I 152 -59.19 -20.63 -46.96
C LYS I 152 -59.78 -21.89 -47.58
N ALA I 153 -59.69 -21.99 -48.92
CA ALA I 153 -60.18 -23.12 -49.69
C ALA I 153 -59.45 -24.41 -49.27
N LEU I 154 -58.10 -24.34 -49.05
CA LEU I 154 -57.27 -25.46 -48.60
C LEU I 154 -57.70 -25.97 -47.21
N ASP I 155 -57.87 -25.04 -46.23
CA ASP I 155 -58.25 -25.29 -44.85
C ASP I 155 -59.62 -25.93 -44.75
N ARG I 156 -60.62 -25.34 -45.43
CA ARG I 156 -62.00 -25.79 -45.43
C ARG I 156 -62.19 -27.17 -46.05
N CYS I 157 -61.52 -27.40 -47.19
CA CYS I 157 -61.66 -28.63 -47.94
C CYS I 157 -60.89 -29.84 -47.39
N SER I 158 -59.97 -29.61 -46.43
CA SER I 158 -59.23 -30.67 -45.76
C SER I 158 -59.92 -31.02 -44.45
N GLU I 159 -60.38 -29.98 -43.73
CA GLU I 159 -61.05 -30.06 -42.44
C GLU I 159 -62.56 -30.41 -42.52
N GLY I 160 -63.12 -30.35 -43.72
CA GLY I 160 -64.50 -30.67 -44.03
C GLY I 160 -64.63 -31.42 -45.33
N SER I 161 -65.87 -31.77 -45.70
CA SER I 161 -66.15 -32.52 -46.92
C SER I 161 -66.87 -31.63 -47.92
N PHE I 162 -66.12 -31.09 -48.89
CA PHE I 162 -66.72 -30.22 -49.91
C PHE I 162 -67.26 -31.04 -51.08
N LEU I 163 -68.58 -31.08 -51.23
CA LEU I 163 -69.28 -31.83 -52.26
C LEU I 163 -69.76 -30.89 -53.35
N LEU I 164 -69.39 -31.17 -54.61
CA LEU I 164 -69.75 -30.37 -55.79
C LEU I 164 -71.07 -30.80 -56.44
N THR I 165 -71.39 -32.09 -56.40
CA THR I 165 -72.63 -32.63 -56.99
C THR I 165 -73.37 -33.48 -55.94
N THR I 166 -74.46 -34.21 -56.35
CA THR I 166 -75.28 -35.01 -55.41
C THR I 166 -74.48 -36.11 -54.72
N PHE I 167 -73.59 -36.78 -55.48
CA PHE I 167 -72.73 -37.86 -55.00
C PHE I 167 -71.90 -37.43 -53.77
N PRO I 168 -72.09 -38.14 -52.62
CA PRO I 168 -71.41 -37.76 -51.39
C PRO I 168 -69.91 -38.09 -51.25
N ARG I 169 -69.11 -37.75 -52.27
CA ARG I 169 -67.66 -37.93 -52.25
C ARG I 169 -67.01 -36.55 -52.35
N PRO I 170 -66.28 -36.14 -51.29
CA PRO I 170 -65.63 -34.82 -51.31
C PRO I 170 -64.43 -34.72 -52.23
N VAL I 171 -64.15 -33.52 -52.68
CA VAL I 171 -62.97 -33.25 -53.51
C VAL I 171 -61.73 -33.00 -52.61
N THR I 172 -60.56 -33.16 -53.19
CA THR I 172 -59.26 -32.99 -52.55
C THR I 172 -58.60 -31.71 -53.16
N VAL I 173 -58.27 -30.78 -52.30
CA VAL I 173 -57.69 -29.49 -52.70
C VAL I 173 -56.27 -29.43 -52.16
N GLU I 174 -55.32 -29.20 -53.06
CA GLU I 174 -53.89 -29.15 -52.79
C GLU I 174 -53.29 -27.94 -53.47
N PRO I 175 -52.13 -27.43 -53.03
CA PRO I 175 -51.50 -26.33 -53.77
C PRO I 175 -51.00 -26.81 -55.13
N MET I 176 -51.02 -25.92 -56.12
CA MET I 176 -50.56 -26.21 -57.47
C MET I 176 -49.05 -26.40 -57.48
N ASP I 177 -48.60 -27.50 -58.08
CA ASP I 177 -47.19 -27.79 -58.26
C ASP I 177 -46.81 -27.04 -59.54
N GLN I 178 -46.19 -25.88 -59.41
CA GLN I 178 -45.84 -25.05 -60.56
C GLN I 178 -44.52 -25.47 -61.19
N LEU I 179 -44.63 -26.07 -62.39
CA LEU I 179 -43.53 -26.59 -63.18
C LEU I 179 -43.39 -25.84 -64.49
N ASP I 180 -42.16 -25.50 -64.85
CA ASP I 180 -41.83 -24.79 -66.09
C ASP I 180 -41.44 -25.81 -67.20
N ASP I 181 -42.35 -25.96 -68.16
CA ASP I 181 -42.24 -26.80 -69.35
C ASP I 181 -41.96 -25.92 -70.60
N GLU I 182 -41.51 -24.66 -70.40
CA GLU I 182 -41.22 -23.72 -71.49
C GLU I 182 -39.74 -23.39 -71.57
N GLU I 183 -39.17 -22.85 -70.47
CA GLU I 183 -37.76 -22.48 -70.42
C GLU I 183 -36.88 -23.70 -70.08
N GLY I 184 -37.34 -24.49 -69.11
CA GLY I 184 -36.68 -25.72 -68.67
C GLY I 184 -35.26 -25.51 -68.17
N LEU I 185 -34.32 -26.40 -68.58
CA LEU I 185 -32.92 -26.32 -68.17
C LEU I 185 -31.96 -26.10 -69.35
N PRO I 186 -31.75 -24.82 -69.76
CA PRO I 186 -30.78 -24.56 -70.84
C PRO I 186 -29.34 -24.90 -70.44
N GLU I 187 -28.52 -25.28 -71.43
CA GLU I 187 -27.13 -25.63 -71.24
C GLU I 187 -26.34 -24.51 -70.54
N LYS I 188 -26.63 -23.23 -70.86
CA LYS I 188 -25.99 -22.04 -70.29
C LYS I 188 -26.07 -21.99 -68.78
N LEU I 189 -27.17 -22.50 -68.20
CA LEU I 189 -27.45 -22.50 -66.76
C LEU I 189 -26.79 -23.64 -65.99
N VAL I 190 -26.18 -24.60 -66.71
CA VAL I 190 -25.50 -25.74 -66.10
C VAL I 190 -24.03 -25.34 -65.76
N ILE I 191 -23.60 -25.53 -64.49
CA ILE I 191 -22.24 -25.24 -64.08
C ILE I 191 -21.35 -26.39 -64.60
N LYS I 192 -20.40 -26.03 -65.47
CA LYS I 192 -19.47 -26.97 -66.09
C LYS I 192 -18.25 -27.26 -65.18
N ASN I 193 -18.49 -27.98 -64.10
CA ASN I 193 -17.50 -28.40 -63.11
C ASN I 193 -16.96 -29.81 -63.46
N GLN I 194 -16.16 -30.41 -62.57
CA GLN I 194 -15.60 -31.75 -62.80
C GLN I 194 -16.65 -32.86 -62.83
N GLN I 195 -17.76 -32.72 -62.03
CA GLN I 195 -18.85 -33.71 -62.01
C GLN I 195 -19.59 -33.71 -63.32
N PHE I 196 -19.81 -32.49 -63.87
CA PHE I 196 -20.43 -32.27 -65.17
C PHE I 196 -19.69 -33.10 -66.21
N HIS I 197 -18.37 -32.90 -66.33
CA HIS I 197 -17.52 -33.60 -67.30
C HIS I 197 -17.45 -35.10 -67.08
N LYS I 198 -17.51 -35.56 -65.82
CA LYS I 198 -17.51 -37.00 -65.48
C LYS I 198 -18.81 -37.65 -66.00
N GLU I 199 -19.94 -36.96 -65.87
CA GLU I 199 -21.25 -37.42 -66.32
C GLU I 199 -21.38 -37.39 -67.85
N ARG I 200 -20.78 -36.38 -68.50
CA ARG I 200 -20.85 -36.17 -69.94
C ARG I 200 -19.72 -36.83 -70.71
N GLU I 201 -18.90 -37.67 -70.02
CA GLU I 201 -17.79 -38.44 -70.59
C GLU I 201 -18.32 -39.30 -71.72
N GLN I 202 -19.45 -39.98 -71.46
CA GLN I 202 -20.11 -40.83 -72.41
C GLN I 202 -21.34 -40.12 -73.00
N PRO I 203 -21.47 -40.15 -74.35
CA PRO I 203 -22.59 -39.45 -74.99
C PRO I 203 -23.90 -40.25 -74.96
N PRO I 204 -25.07 -39.65 -75.31
CA PRO I 204 -26.29 -40.45 -75.40
C PRO I 204 -26.10 -41.66 -76.32
N ARG I 205 -26.44 -42.85 -75.81
CA ARG I 205 -26.22 -44.13 -76.50
C ARG I 205 -27.14 -45.21 -75.93
N PHE I 206 -27.13 -46.38 -76.57
CA PHE I 206 -27.86 -47.54 -76.13
C PHE I 206 -26.85 -48.46 -75.42
N ALA I 207 -27.21 -48.92 -74.21
CA ALA I 207 -26.39 -49.84 -73.41
C ALA I 207 -26.22 -51.11 -74.21
N GLN I 208 -24.97 -51.54 -74.38
CA GLN I 208 -24.66 -52.71 -75.19
C GLN I 208 -24.39 -53.95 -74.33
N PRO I 209 -24.95 -55.13 -74.71
CA PRO I 209 -24.74 -56.34 -73.91
C PRO I 209 -23.26 -56.64 -73.69
N GLY I 210 -22.93 -57.00 -72.45
CA GLY I 210 -21.56 -57.31 -72.05
C GLY I 210 -20.87 -56.18 -71.31
N SER I 211 -21.57 -55.03 -71.16
CA SER I 211 -21.07 -53.85 -70.46
C SER I 211 -21.68 -53.77 -69.04
N PHE I 212 -20.99 -53.06 -68.10
CA PHE I 212 -21.45 -52.86 -66.72
C PHE I 212 -22.83 -52.17 -66.72
N GLU I 213 -22.97 -51.16 -67.60
CA GLU I 213 -24.16 -50.34 -67.78
C GLU I 213 -25.34 -51.13 -68.28
N TYR I 214 -25.11 -52.15 -69.14
CA TYR I 214 -26.18 -53.02 -69.65
C TYR I 214 -26.90 -53.82 -68.54
N GLU I 215 -26.17 -54.46 -67.58
CA GLU I 215 -26.84 -55.21 -66.52
C GLU I 215 -27.60 -54.32 -65.55
N TYR I 216 -27.02 -53.15 -65.20
CA TYR I 216 -27.67 -52.16 -64.33
C TYR I 216 -28.88 -51.54 -65.00
N ALA I 217 -28.86 -51.34 -66.34
CA ALA I 217 -29.99 -50.83 -67.12
C ALA I 217 -31.12 -51.89 -67.22
N MET I 218 -30.73 -53.17 -67.34
CA MET I 218 -31.68 -54.29 -67.39
C MET I 218 -32.35 -54.50 -66.04
N ARG I 219 -31.58 -54.29 -64.95
CA ARG I 219 -32.05 -54.36 -63.58
C ARG I 219 -33.02 -53.20 -63.32
N TRP I 220 -32.74 -52.02 -63.92
CA TRP I 220 -33.60 -50.86 -63.81
C TRP I 220 -34.92 -51.10 -64.54
N LYS I 221 -34.87 -51.67 -65.75
CA LYS I 221 -36.05 -52.01 -66.54
C LYS I 221 -36.99 -53.02 -65.81
N ALA I 222 -36.37 -54.00 -65.14
CA ALA I 222 -37.05 -55.02 -64.34
C ALA I 222 -37.68 -54.37 -63.09
N LEU I 223 -36.97 -53.43 -62.44
CA LEU I 223 -37.45 -52.68 -61.27
C LEU I 223 -38.67 -51.85 -61.65
N ILE I 224 -38.64 -51.17 -62.83
CA ILE I 224 -39.75 -50.37 -63.34
C ILE I 224 -40.98 -51.25 -63.58
N GLU I 225 -40.79 -52.47 -64.15
CA GLU I 225 -41.88 -53.42 -64.37
C GLU I 225 -42.49 -53.91 -63.03
N MET I 226 -41.63 -54.06 -61.97
CA MET I 226 -42.07 -54.44 -60.63
C MET I 226 -42.93 -53.34 -60.02
N GLU I 227 -42.54 -52.07 -60.24
CA GLU I 227 -43.23 -50.87 -59.79
C GLU I 227 -44.60 -50.77 -60.45
N LYS I 228 -44.69 -51.14 -61.75
CA LYS I 228 -45.93 -51.14 -62.55
C LYS I 228 -46.90 -52.18 -62.01
N GLN I 229 -46.40 -53.37 -61.67
CA GLN I 229 -47.19 -54.44 -61.07
C GLN I 229 -47.73 -54.03 -59.68
N GLN I 230 -46.87 -53.41 -58.85
CA GLN I 230 -47.19 -52.89 -57.51
C GLN I 230 -48.32 -51.84 -57.60
N GLN I 231 -48.18 -50.85 -58.51
CA GLN I 231 -49.16 -49.79 -58.72
C GLN I 231 -50.48 -50.33 -59.25
N ASP I 232 -50.44 -51.31 -60.18
CA ASP I 232 -51.63 -51.94 -60.75
C ASP I 232 -52.47 -52.62 -59.67
N GLN I 233 -51.80 -53.23 -58.68
CA GLN I 233 -52.48 -53.91 -57.58
C GLN I 233 -53.14 -52.89 -56.66
N VAL I 234 -52.45 -51.76 -56.36
CA VAL I 234 -52.97 -50.67 -55.51
C VAL I 234 -54.22 -50.07 -56.18
N ASP I 235 -54.16 -49.82 -57.51
CA ASP I 235 -55.27 -49.29 -58.33
C ASP I 235 -56.50 -50.21 -58.23
N ARG I 236 -56.28 -51.54 -58.37
CA ARG I 236 -57.32 -52.58 -58.28
C ARG I 236 -57.97 -52.62 -56.89
N ASN I 237 -57.15 -52.57 -55.81
CA ASN I 237 -57.58 -52.58 -54.42
C ASN I 237 -58.43 -51.37 -54.08
N ILE I 238 -58.00 -50.18 -54.56
CA ILE I 238 -58.68 -48.90 -54.38
C ILE I 238 -60.04 -48.90 -55.08
N LYS I 239 -60.08 -49.33 -56.36
CA LYS I 239 -61.29 -49.43 -57.20
C LYS I 239 -62.32 -50.36 -56.55
N GLU I 240 -61.88 -51.52 -56.03
CA GLU I 240 -62.71 -52.51 -55.35
C GLU I 240 -63.34 -51.91 -54.09
N ALA I 241 -62.53 -51.20 -53.25
CA ALA I 241 -62.96 -50.54 -52.01
C ALA I 241 -63.95 -49.41 -52.27
N ARG I 242 -63.71 -48.62 -53.35
CA ARG I 242 -64.56 -47.52 -53.81
C ARG I 242 -65.92 -48.06 -54.26
N GLU I 243 -65.94 -49.16 -55.06
CA GLU I 243 -67.17 -49.79 -55.52
C GLU I 243 -67.91 -50.60 -54.45
N LYS I 244 -67.20 -50.99 -53.34
CA LYS I 244 -67.82 -51.72 -52.22
C LYS I 244 -68.58 -50.74 -51.32
N LEU I 245 -67.99 -49.56 -51.04
CA LEU I 245 -68.63 -48.50 -50.24
C LEU I 245 -69.83 -47.92 -50.99
N GLU I 246 -69.77 -47.85 -52.34
CA GLU I 246 -70.87 -47.42 -53.24
C GLU I 246 -72.05 -48.41 -53.12
N MET I 247 -71.76 -49.73 -52.99
CA MET I 247 -72.77 -50.76 -52.80
C MET I 247 -73.51 -50.43 -51.51
N GLU I 248 -72.75 -50.25 -50.39
CA GLU I 248 -73.24 -49.90 -49.06
C GLU I 248 -74.09 -48.65 -49.03
N MET I 249 -73.58 -47.52 -49.56
CA MET I 249 -74.32 -46.26 -49.52
C MET I 249 -75.62 -46.19 -50.27
N GLU I 250 -75.63 -46.65 -51.54
CA GLU I 250 -76.81 -46.65 -52.41
C GLU I 250 -77.91 -47.55 -51.87
N ALA I 251 -77.54 -48.66 -51.22
CA ALA I 251 -78.48 -49.57 -50.57
C ALA I 251 -79.11 -48.89 -49.32
N ALA I 252 -78.29 -48.19 -48.50
CA ALA I 252 -78.71 -47.46 -47.30
C ALA I 252 -79.60 -46.25 -47.68
N ARG I 253 -79.29 -45.59 -48.84
CA ARG I 253 -80.00 -44.43 -49.41
C ARG I 253 -81.44 -44.78 -49.84
N HIS I 254 -81.62 -45.90 -50.57
CA HIS I 254 -82.94 -46.36 -51.02
C HIS I 254 -83.85 -46.79 -49.83
N GLU I 255 -83.23 -47.31 -48.73
CA GLU I 255 -83.89 -47.73 -47.48
C GLU I 255 -83.95 -46.58 -46.44
N HIS I 256 -84.14 -45.32 -46.97
CA HIS I 256 -84.24 -44.04 -46.26
C HIS I 256 -84.63 -42.95 -47.26
N GLY J 3 -59.08 -1.29 -82.44
CA GLY J 3 -58.24 -2.20 -81.67
C GLY J 3 -56.90 -1.63 -81.25
N LEU J 4 -55.84 -2.47 -81.26
CA LEU J 4 -54.48 -2.09 -80.87
C LEU J 4 -53.40 -2.57 -81.86
N THR J 5 -52.55 -1.64 -82.33
CA THR J 5 -51.46 -1.92 -83.26
C THR J 5 -50.15 -2.13 -82.49
N ILE J 6 -49.54 -3.31 -82.70
CA ILE J 6 -48.28 -3.71 -82.06
C ILE J 6 -47.24 -4.11 -83.12
N ASP J 7 -46.01 -3.57 -83.01
CA ASP J 7 -44.90 -3.89 -83.91
C ASP J 7 -44.10 -5.04 -83.29
N LEU J 8 -44.07 -6.21 -83.98
CA LEU J 8 -43.37 -7.40 -83.51
C LEU J 8 -41.93 -7.51 -84.03
N LYS J 9 -40.95 -7.09 -83.20
CA LYS J 9 -39.51 -7.11 -83.49
C LYS J 9 -38.96 -8.48 -83.08
N ASN J 10 -39.23 -8.90 -81.83
CA ASN J 10 -38.87 -10.18 -81.25
C ASN J 10 -40.15 -11.01 -81.24
N PHE J 11 -40.24 -11.94 -82.19
CA PHE J 11 -41.41 -12.79 -82.45
C PHE J 11 -41.08 -14.28 -82.22
N ARG J 12 -39.80 -14.62 -82.38
CA ARG J 12 -39.28 -15.97 -82.24
C ARG J 12 -38.56 -16.06 -80.89
N LYS J 13 -38.84 -17.15 -80.12
CA LYS J 13 -38.21 -17.42 -78.82
C LYS J 13 -36.77 -17.91 -79.07
N PRO J 14 -35.82 -17.71 -78.13
CA PRO J 14 -34.44 -18.17 -78.39
C PRO J 14 -34.38 -19.69 -78.64
N GLY J 15 -33.79 -20.06 -79.78
CA GLY J 15 -33.63 -21.44 -80.22
C GLY J 15 -34.85 -22.08 -80.88
N GLU J 16 -35.97 -21.35 -80.93
CA GLU J 16 -37.22 -21.82 -81.52
C GLU J 16 -37.05 -22.06 -83.02
N LYS J 17 -37.43 -23.27 -83.45
CA LYS J 17 -37.41 -23.63 -84.87
C LYS J 17 -38.71 -23.10 -85.45
N THR J 18 -38.72 -22.82 -86.74
CA THR J 18 -39.92 -22.28 -87.39
C THR J 18 -40.76 -23.36 -88.06
N PHE J 19 -42.06 -23.07 -88.22
CA PHE J 19 -43.05 -23.92 -88.89
C PHE J 19 -43.14 -25.34 -88.34
N THR J 20 -43.22 -25.43 -87.01
CA THR J 20 -43.33 -26.65 -86.21
C THR J 20 -44.78 -26.85 -85.80
N GLN J 21 -45.16 -28.11 -85.39
CA GLN J 21 -46.52 -28.48 -84.96
C GLN J 21 -47.04 -27.60 -83.83
N ARG J 22 -46.12 -26.93 -83.08
CA ARG J 22 -46.43 -26.00 -81.99
C ARG J 22 -47.00 -24.69 -82.55
N SER J 23 -46.62 -24.33 -83.80
CA SER J 23 -47.08 -23.14 -84.49
C SER J 23 -48.18 -23.50 -85.52
N ARG J 24 -48.69 -24.74 -85.45
CA ARG J 24 -49.75 -25.29 -86.31
C ARG J 24 -51.13 -25.13 -85.68
N LEU J 25 -52.07 -24.52 -86.42
CA LEU J 25 -53.42 -24.30 -85.93
C LEU J 25 -54.42 -25.18 -86.60
N PHE J 26 -55.44 -25.60 -85.83
CA PHE J 26 -56.58 -26.35 -86.31
C PHE J 26 -57.68 -25.34 -86.59
N VAL J 27 -58.15 -25.28 -87.85
CA VAL J 27 -59.23 -24.37 -88.27
C VAL J 27 -60.50 -25.22 -88.51
N GLY J 28 -61.51 -25.04 -87.66
CA GLY J 28 -62.76 -25.79 -87.71
C GLY J 28 -63.97 -24.96 -88.07
N ASN J 29 -65.09 -25.64 -88.45
CA ASN J 29 -66.38 -25.05 -88.86
C ASN J 29 -66.22 -24.14 -90.08
N LEU J 30 -65.41 -24.59 -91.03
CA LEU J 30 -65.14 -23.86 -92.26
C LEU J 30 -66.35 -23.90 -93.20
N PRO J 31 -66.64 -22.80 -93.94
CA PRO J 31 -67.75 -22.86 -94.90
C PRO J 31 -67.45 -23.85 -96.03
N PRO J 32 -68.46 -24.52 -96.64
CA PRO J 32 -68.16 -25.51 -97.70
C PRO J 32 -67.40 -25.00 -98.93
N ASP J 33 -67.53 -23.70 -99.24
CA ASP J 33 -66.90 -23.03 -100.38
C ASP J 33 -65.50 -22.44 -100.09
N ILE J 34 -64.83 -22.93 -99.03
CA ILE J 34 -63.48 -22.49 -98.65
C ILE J 34 -62.41 -23.01 -99.63
N THR J 35 -61.45 -22.13 -99.99
CA THR J 35 -60.31 -22.42 -100.87
C THR J 35 -59.02 -22.17 -100.09
N GLU J 36 -57.88 -22.68 -100.62
CA GLU J 36 -56.56 -22.50 -100.02
C GLU J 36 -56.21 -21.01 -99.95
N GLU J 37 -56.52 -20.25 -101.03
CA GLU J 37 -56.28 -18.80 -101.13
C GLU J 37 -57.08 -18.03 -100.08
N GLU J 38 -58.33 -18.47 -99.79
CA GLU J 38 -59.24 -17.86 -98.81
C GLU J 38 -58.63 -17.99 -97.43
N MET J 39 -58.15 -19.21 -97.10
CA MET J 39 -57.51 -19.57 -95.84
C MET J 39 -56.23 -18.78 -95.64
N ARG J 40 -55.39 -18.70 -96.68
CA ARG J 40 -54.14 -17.96 -96.67
C ARG J 40 -54.36 -16.46 -96.42
N LYS J 41 -55.42 -15.89 -97.03
CA LYS J 41 -55.79 -14.48 -96.88
C LYS J 41 -56.30 -14.19 -95.45
N LEU J 42 -57.01 -15.16 -94.85
CA LEU J 42 -57.52 -15.06 -93.47
C LEU J 42 -56.39 -14.97 -92.45
N PHE J 43 -55.25 -15.63 -92.73
CA PHE J 43 -54.09 -15.66 -91.84
C PHE J 43 -52.91 -14.80 -92.31
N GLU J 44 -53.10 -14.05 -93.42
CA GLU J 44 -52.16 -13.14 -94.07
C GLU J 44 -51.51 -12.14 -93.10
N LYS J 45 -52.30 -11.63 -92.14
CA LYS J 45 -51.92 -10.64 -91.12
C LYS J 45 -50.88 -11.16 -90.14
N TYR J 46 -50.82 -12.49 -89.96
CA TYR J 46 -49.95 -13.17 -89.00
C TYR J 46 -48.65 -13.74 -89.59
N GLY J 47 -48.16 -13.03 -90.61
CA GLY J 47 -46.93 -13.35 -91.32
C GLY J 47 -47.03 -14.45 -92.34
N LYS J 48 -45.89 -15.13 -92.56
CA LYS J 48 -45.71 -16.24 -93.48
C LYS J 48 -46.46 -17.48 -92.98
N ALA J 49 -47.07 -18.22 -93.90
CA ALA J 49 -47.74 -19.48 -93.60
C ALA J 49 -47.02 -20.57 -94.38
N GLY J 50 -46.82 -21.70 -93.73
CA GLY J 50 -46.17 -22.87 -94.32
C GLY J 50 -47.22 -23.78 -94.88
N GLU J 51 -47.41 -24.95 -94.25
CA GLU J 51 -48.43 -25.93 -94.62
C GLU J 51 -49.83 -25.35 -94.51
N VAL J 52 -50.65 -25.56 -95.54
CA VAL J 52 -52.06 -25.22 -95.56
C VAL J 52 -52.74 -26.48 -96.08
N PHE J 53 -53.57 -27.09 -95.24
CA PHE J 53 -54.33 -28.29 -95.59
C PHE J 53 -55.80 -28.01 -95.34
N ILE J 54 -56.66 -28.34 -96.32
CA ILE J 54 -58.11 -28.22 -96.16
C ILE J 54 -58.71 -29.58 -96.52
N HIS J 55 -59.58 -30.13 -95.64
CA HIS J 55 -60.32 -31.39 -95.84
C HIS J 55 -61.64 -31.04 -96.60
N LYS J 56 -61.63 -31.19 -97.94
CA LYS J 56 -62.74 -30.86 -98.87
C LYS J 56 -64.18 -31.00 -98.38
N ASP J 57 -64.47 -32.01 -97.51
CA ASP J 57 -65.83 -32.21 -97.01
C ASP J 57 -66.12 -31.88 -95.53
N LYS J 58 -65.30 -32.39 -94.58
CA LYS J 58 -65.47 -32.19 -93.14
C LYS J 58 -65.36 -30.75 -92.58
N GLY J 59 -65.18 -29.75 -93.45
CA GLY J 59 -65.10 -28.34 -93.08
C GLY J 59 -64.10 -28.03 -91.99
N PHE J 60 -62.88 -28.51 -92.17
CA PHE J 60 -61.76 -28.27 -91.27
C PHE J 60 -60.45 -28.28 -92.05
N GLY J 61 -59.45 -27.64 -91.47
CA GLY J 61 -58.12 -27.54 -92.05
C GLY J 61 -57.04 -27.25 -91.04
N PHE J 62 -55.80 -27.17 -91.54
CA PHE J 62 -54.59 -26.88 -90.78
C PHE J 62 -53.76 -25.83 -91.47
N ILE J 63 -53.15 -24.96 -90.67
CA ILE J 63 -52.26 -23.90 -91.12
C ILE J 63 -51.05 -23.81 -90.19
N ARG J 64 -49.84 -23.83 -90.77
CA ARG J 64 -48.59 -23.76 -90.05
C ARG J 64 -48.09 -22.32 -90.11
N LEU J 65 -48.08 -21.64 -88.96
CA LEU J 65 -47.56 -20.27 -88.91
C LEU J 65 -46.11 -20.36 -88.49
N GLU J 66 -45.35 -19.27 -88.66
CA GLU J 66 -43.91 -19.24 -88.41
C GLU J 66 -43.46 -19.62 -87.02
N THR J 67 -44.03 -18.98 -86.00
CA THR J 67 -43.68 -19.19 -84.60
C THR J 67 -44.94 -19.42 -83.74
N ARG J 68 -44.71 -19.90 -82.50
CA ARG J 68 -45.74 -20.17 -81.49
C ARG J 68 -46.48 -18.87 -81.12
N THR J 69 -45.73 -17.74 -81.01
CA THR J 69 -46.26 -16.40 -80.70
C THR J 69 -47.30 -15.95 -81.76
N LEU J 70 -46.94 -16.08 -83.04
CA LEU J 70 -47.80 -15.71 -84.17
C LEU J 70 -49.06 -16.58 -84.25
N ALA J 71 -48.93 -17.88 -83.92
CA ALA J 71 -50.03 -18.83 -83.88
C ALA J 71 -50.99 -18.49 -82.72
N GLU J 72 -50.44 -18.08 -81.56
CA GLU J 72 -51.19 -17.67 -80.35
C GLU J 72 -52.03 -16.41 -80.65
N ILE J 73 -51.45 -15.44 -81.41
CA ILE J 73 -52.12 -14.20 -81.85
C ILE J 73 -53.27 -14.54 -82.81
N ALA J 74 -52.98 -15.34 -83.85
CA ALA J 74 -53.95 -15.77 -84.85
C ALA J 74 -55.12 -16.52 -84.21
N LYS J 75 -54.84 -17.39 -83.23
CA LYS J 75 -55.84 -18.20 -82.51
C LYS J 75 -56.83 -17.30 -81.77
N VAL J 76 -56.32 -16.35 -80.96
CA VAL J 76 -57.13 -15.41 -80.16
C VAL J 76 -57.99 -14.50 -81.06
N GLU J 77 -57.40 -14.00 -82.16
CA GLU J 77 -58.07 -13.13 -83.12
C GLU J 77 -59.14 -13.84 -83.95
N LEU J 78 -58.83 -15.04 -84.44
CA LEU J 78 -59.74 -15.76 -85.33
C LEU J 78 -60.70 -16.78 -84.71
N ASP J 79 -60.48 -17.19 -83.44
CA ASP J 79 -61.40 -18.13 -82.78
C ASP J 79 -62.77 -17.45 -82.61
N ASN J 80 -63.86 -18.19 -82.95
CA ASN J 80 -65.27 -17.78 -82.89
C ASN J 80 -65.63 -16.66 -83.87
N MET J 81 -64.78 -16.43 -84.88
CA MET J 81 -65.01 -15.42 -85.89
C MET J 81 -66.11 -15.88 -86.86
N PRO J 82 -67.16 -15.05 -87.10
CA PRO J 82 -68.21 -15.48 -88.03
C PRO J 82 -67.78 -15.34 -89.48
N LEU J 83 -67.97 -16.41 -90.25
CA LEU J 83 -67.62 -16.45 -91.67
C LEU J 83 -68.66 -17.28 -92.42
N ARG J 84 -69.46 -16.60 -93.26
CA ARG J 84 -70.52 -17.17 -94.09
C ARG J 84 -71.49 -18.09 -93.32
N GLY J 85 -72.02 -17.57 -92.22
CA GLY J 85 -72.97 -18.26 -91.37
C GLY J 85 -72.38 -19.26 -90.39
N LYS J 86 -71.05 -19.45 -90.43
CA LYS J 86 -70.32 -20.38 -89.55
C LYS J 86 -69.47 -19.59 -88.57
N GLN J 87 -69.28 -20.12 -87.36
CA GLN J 87 -68.44 -19.54 -86.31
C GLN J 87 -67.19 -20.41 -86.26
N LEU J 88 -66.04 -19.89 -86.76
CA LEU J 88 -64.78 -20.65 -86.82
C LEU J 88 -64.28 -21.11 -85.48
N ARG J 89 -63.66 -22.29 -85.44
CA ARG J 89 -63.08 -22.80 -84.22
C ARG J 89 -61.61 -22.95 -84.46
N VAL J 90 -60.84 -22.07 -83.84
CA VAL J 90 -59.38 -22.05 -83.97
C VAL J 90 -58.77 -22.53 -82.67
N ARG J 91 -58.05 -23.66 -82.76
CA ARG J 91 -57.36 -24.32 -81.65
C ARG J 91 -55.98 -24.71 -82.14
N PHE J 92 -55.06 -24.96 -81.20
CA PHE J 92 -53.76 -25.46 -81.57
C PHE J 92 -53.95 -26.90 -82.03
N ALA J 93 -53.26 -27.28 -83.11
CA ALA J 93 -53.31 -28.65 -83.61
C ALA J 93 -52.76 -29.61 -82.56
N CYS J 94 -53.34 -30.81 -82.48
CA CYS J 94 -52.88 -31.83 -81.56
C CYS J 94 -51.51 -32.31 -82.08
N HIS J 95 -50.49 -32.31 -81.22
CA HIS J 95 -49.16 -32.75 -81.63
C HIS J 95 -49.17 -34.27 -81.91
N SER J 96 -48.74 -34.66 -83.13
CA SER J 96 -48.71 -36.06 -83.56
C SER J 96 -47.43 -36.83 -83.14
N ALA J 97 -46.42 -36.12 -82.66
CA ALA J 97 -45.16 -36.74 -82.32
C ALA J 97 -44.53 -36.14 -81.06
N SER J 98 -45.31 -36.07 -79.96
CA SER J 98 -44.77 -35.55 -78.70
C SER J 98 -44.61 -36.67 -77.68
N LEU J 99 -43.47 -36.69 -77.00
CA LEU J 99 -43.14 -37.75 -76.04
C LEU J 99 -42.76 -37.20 -74.69
N THR J 100 -43.03 -38.02 -73.66
CA THR J 100 -42.69 -37.79 -72.27
C THR J 100 -41.49 -38.67 -72.02
N VAL J 101 -40.43 -38.08 -71.50
CA VAL J 101 -39.21 -38.75 -71.13
C VAL J 101 -39.14 -38.64 -69.60
N ARG J 102 -39.07 -39.80 -68.95
CA ARG J 102 -39.01 -39.93 -67.50
C ARG J 102 -37.68 -40.54 -67.12
N ASN J 103 -37.34 -40.42 -65.83
CA ASN J 103 -36.12 -40.94 -65.20
C ASN J 103 -34.89 -40.31 -65.79
N LEU J 104 -34.97 -38.99 -66.05
CA LEU J 104 -33.84 -38.26 -66.59
C LEU J 104 -32.76 -38.23 -65.53
N PRO J 105 -31.49 -38.56 -65.88
CA PRO J 105 -30.43 -38.50 -64.88
C PRO J 105 -29.95 -37.05 -64.66
N GLN J 106 -29.00 -36.85 -63.76
CA GLN J 106 -28.44 -35.52 -63.48
C GLN J 106 -27.69 -35.02 -64.70
N TYR J 107 -27.52 -33.70 -64.82
CA TYR J 107 -26.74 -32.97 -65.81
C TYR J 107 -27.26 -33.04 -67.22
N VAL J 108 -28.58 -33.23 -67.36
CA VAL J 108 -29.24 -33.25 -68.66
C VAL J 108 -29.83 -31.85 -68.87
N SER J 109 -29.55 -31.26 -70.04
CA SER J 109 -30.06 -29.96 -70.45
C SER J 109 -30.97 -30.16 -71.64
N ASN J 110 -31.71 -29.09 -72.01
CA ASN J 110 -32.63 -29.09 -73.14
C ASN J 110 -31.89 -29.53 -74.40
N GLU J 111 -30.68 -28.96 -74.60
CA GLU J 111 -29.75 -29.20 -75.72
C GLU J 111 -29.30 -30.64 -75.76
N LEU J 112 -28.89 -31.22 -74.60
CA LEU J 112 -28.46 -32.62 -74.52
C LEU J 112 -29.61 -33.55 -74.90
N LEU J 113 -30.83 -33.26 -74.38
CA LEU J 113 -32.09 -34.01 -74.64
C LEU J 113 -32.45 -34.00 -76.15
N GLU J 114 -32.21 -32.85 -76.81
CA GLU J 114 -32.41 -32.67 -78.25
C GLU J 114 -31.35 -33.45 -79.05
N GLU J 115 -30.06 -33.34 -78.66
CA GLU J 115 -28.96 -34.06 -79.31
C GLU J 115 -29.23 -35.57 -79.25
N ALA J 116 -29.60 -36.08 -78.07
CA ALA J 116 -29.89 -37.49 -77.79
C ALA J 116 -30.98 -38.06 -78.67
N PHE J 117 -32.13 -37.38 -78.75
CA PHE J 117 -33.29 -37.84 -79.50
C PHE J 117 -33.24 -37.60 -81.01
N SER J 118 -32.34 -36.71 -81.45
CA SER J 118 -32.14 -36.42 -82.86
C SER J 118 -31.65 -37.67 -83.66
N VAL J 119 -31.16 -38.72 -82.94
CA VAL J 119 -30.73 -40.02 -83.50
C VAL J 119 -31.95 -40.76 -84.13
N PHE J 120 -33.17 -40.47 -83.63
CA PHE J 120 -34.40 -41.11 -84.10
C PHE J 120 -35.08 -40.35 -85.23
N GLY J 121 -34.70 -39.08 -85.44
CA GLY J 121 -35.30 -38.22 -86.45
C GLY J 121 -35.19 -36.76 -86.08
N GLN J 122 -35.85 -35.88 -86.87
CA GLN J 122 -35.81 -34.43 -86.63
C GLN J 122 -36.66 -34.02 -85.42
N VAL J 123 -35.98 -33.44 -84.41
CA VAL J 123 -36.56 -32.94 -83.17
C VAL J 123 -36.92 -31.47 -83.39
N GLU J 124 -38.17 -31.08 -83.04
CA GLU J 124 -38.64 -29.69 -83.11
C GLU J 124 -38.25 -28.94 -81.83
N ARG J 125 -38.39 -29.63 -80.67
CA ARG J 125 -38.20 -29.07 -79.33
C ARG J 125 -37.95 -30.18 -78.35
N ALA J 126 -37.09 -29.93 -77.39
CA ALA J 126 -36.79 -30.82 -76.28
C ALA J 126 -36.66 -29.93 -75.07
N VAL J 127 -37.36 -30.31 -73.97
CA VAL J 127 -37.42 -29.53 -72.72
C VAL J 127 -37.20 -30.44 -71.53
N VAL J 128 -36.26 -30.03 -70.66
CA VAL J 128 -35.98 -30.65 -69.38
C VAL J 128 -36.87 -29.81 -68.43
N ILE J 129 -37.95 -30.41 -67.90
CA ILE J 129 -38.90 -29.72 -67.00
C ILE J 129 -38.22 -29.45 -65.68
N VAL J 130 -38.37 -28.20 -65.21
CA VAL J 130 -37.83 -27.70 -63.93
C VAL J 130 -38.95 -27.19 -63.00
N ASP J 131 -38.71 -27.16 -61.70
CA ASP J 131 -39.65 -26.63 -60.69
C ASP J 131 -39.48 -25.09 -60.50
N ASP J 132 -40.18 -24.50 -59.50
CA ASP J 132 -40.16 -23.07 -59.11
C ASP J 132 -38.79 -22.54 -58.70
N ARG J 133 -37.83 -23.47 -58.41
CA ARG J 133 -36.46 -23.14 -58.01
C ARG J 133 -35.43 -23.40 -59.11
N GLY J 134 -35.91 -23.90 -60.26
CA GLY J 134 -35.11 -24.22 -61.46
C GLY J 134 -34.42 -25.58 -61.43
N ARG J 135 -34.86 -26.44 -60.50
CA ARG J 135 -34.33 -27.79 -60.28
C ARG J 135 -35.08 -28.78 -61.16
N PRO J 136 -34.39 -29.58 -61.99
CA PRO J 136 -35.11 -30.53 -62.84
C PRO J 136 -35.99 -31.50 -62.08
N SER J 137 -37.20 -31.75 -62.62
CA SER J 137 -38.21 -32.64 -62.07
C SER J 137 -37.89 -34.11 -62.35
N GLY J 138 -37.02 -34.37 -63.35
CA GLY J 138 -36.67 -35.71 -63.79
C GLY J 138 -37.48 -36.12 -65.02
N LYS J 139 -38.43 -35.25 -65.42
CA LYS J 139 -39.28 -35.45 -66.57
C LYS J 139 -38.91 -34.45 -67.65
N GLY J 140 -39.28 -34.80 -68.87
CA GLY J 140 -39.01 -33.96 -70.02
C GLY J 140 -40.00 -34.16 -71.15
N ILE J 141 -39.81 -33.35 -72.18
CA ILE J 141 -40.64 -33.37 -73.38
C ILE J 141 -39.72 -33.45 -74.59
N VAL J 142 -40.04 -34.33 -75.53
CA VAL J 142 -39.37 -34.41 -76.82
C VAL J 142 -40.45 -34.37 -77.89
N GLU J 143 -40.40 -33.34 -78.75
CA GLU J 143 -41.36 -33.16 -79.83
C GLU J 143 -40.65 -33.27 -81.17
N PHE J 144 -41.07 -34.22 -82.01
CA PHE J 144 -40.51 -34.48 -83.35
C PHE J 144 -41.34 -33.82 -84.44
N SER J 145 -40.73 -33.54 -85.60
CA SER J 145 -41.40 -32.94 -86.77
C SER J 145 -42.53 -33.83 -87.31
N GLY J 146 -42.33 -35.15 -87.23
CA GLY J 146 -43.30 -36.13 -87.70
C GLY J 146 -43.41 -37.36 -86.83
N LYS J 147 -44.52 -38.09 -86.99
CA LYS J 147 -44.87 -39.32 -86.27
C LYS J 147 -43.84 -40.47 -86.45
N PRO J 148 -43.23 -40.73 -87.66
CA PRO J 148 -42.25 -41.85 -87.75
C PRO J 148 -41.07 -41.71 -86.79
N ALA J 149 -40.64 -40.46 -86.57
CA ALA J 149 -39.55 -40.09 -85.69
C ALA J 149 -39.86 -40.46 -84.25
N ALA J 150 -41.06 -40.10 -83.76
CA ALA J 150 -41.52 -40.44 -82.42
C ALA J 150 -41.67 -41.96 -82.22
N ARG J 151 -42.24 -42.68 -83.24
CA ARG J 151 -42.47 -44.13 -83.26
C ARG J 151 -41.15 -44.86 -83.10
N LYS J 152 -40.12 -44.44 -83.85
CA LYS J 152 -38.77 -45.01 -83.83
C LYS J 152 -38.21 -44.88 -82.40
N ALA J 153 -38.29 -43.65 -81.80
CA ALA J 153 -37.84 -43.33 -80.44
C ALA J 153 -38.54 -44.21 -79.40
N LEU J 154 -39.88 -44.36 -79.49
CA LEU J 154 -40.67 -45.20 -78.59
C LEU J 154 -40.25 -46.66 -78.63
N ASP J 155 -40.17 -47.23 -79.85
CA ASP J 155 -39.78 -48.62 -80.06
C ASP J 155 -38.37 -48.90 -79.56
N ARG J 156 -37.37 -48.16 -80.06
CA ARG J 156 -35.96 -48.32 -79.70
C ARG J 156 -35.67 -48.15 -78.20
N CYS J 157 -36.33 -47.18 -77.53
CA CYS J 157 -36.13 -46.94 -76.11
C CYS J 157 -36.83 -47.93 -75.17
N SER J 158 -37.74 -48.77 -75.72
CA SER J 158 -38.42 -49.81 -74.95
C SER J 158 -37.68 -51.14 -75.14
N GLU J 159 -37.17 -51.38 -76.38
CA GLU J 159 -36.41 -52.57 -76.75
C GLU J 159 -35.05 -52.53 -76.09
N GLY J 160 -34.38 -51.39 -76.20
CA GLY J 160 -33.06 -51.17 -75.60
C GLY J 160 -33.06 -50.23 -74.42
N SER J 161 -31.87 -49.99 -73.84
CA SER J 161 -31.68 -49.12 -72.68
C SER J 161 -30.94 -47.87 -73.14
N PHE J 162 -31.70 -46.77 -73.30
CA PHE J 162 -31.16 -45.50 -73.75
C PHE J 162 -30.58 -44.68 -72.60
N LEU J 163 -29.24 -44.56 -72.55
CA LEU J 163 -28.53 -43.83 -71.52
C LEU J 163 -28.08 -42.49 -72.07
N LEU J 164 -28.45 -41.38 -71.40
CA LEU J 164 -28.10 -40.00 -71.79
C LEU J 164 -26.75 -39.50 -71.25
N THR J 165 -26.29 -40.07 -70.13
CA THR J 165 -25.05 -39.69 -69.48
C THR J 165 -24.24 -40.97 -69.14
N THR J 166 -23.22 -40.84 -68.27
CA THR J 166 -22.38 -41.93 -67.80
C THR J 166 -23.16 -42.86 -66.83
N PHE J 167 -24.11 -42.27 -66.08
CA PHE J 167 -24.96 -42.97 -65.11
C PHE J 167 -25.79 -44.08 -65.79
N PRO J 168 -25.60 -45.36 -65.36
CA PRO J 168 -26.26 -46.47 -66.05
C PRO J 168 -27.76 -46.69 -65.81
N ARG J 169 -28.56 -45.62 -65.86
CA ARG J 169 -29.99 -45.73 -65.67
C ARG J 169 -30.69 -45.26 -66.95
N PRO J 170 -31.41 -46.17 -67.67
CA PRO J 170 -32.07 -45.75 -68.91
C PRO J 170 -33.27 -44.88 -68.68
N VAL J 171 -33.57 -44.08 -69.69
CA VAL J 171 -34.73 -43.21 -69.67
C VAL J 171 -35.97 -44.03 -70.11
N THR J 172 -37.14 -43.55 -69.69
CA THR J 172 -38.42 -44.12 -70.04
C THR J 172 -39.04 -43.14 -71.03
N VAL J 173 -39.42 -43.63 -72.21
CA VAL J 173 -40.04 -42.84 -73.29
C VAL J 173 -41.46 -43.36 -73.50
N GLU J 174 -42.44 -42.48 -73.33
CA GLU J 174 -43.87 -42.77 -73.43
C GLU J 174 -44.52 -41.70 -74.30
N PRO J 175 -45.69 -41.98 -74.92
CA PRO J 175 -46.39 -40.89 -75.65
C PRO J 175 -46.85 -39.81 -74.65
N MET J 176 -46.88 -38.55 -75.12
CA MET J 176 -47.33 -37.43 -74.32
C MET J 176 -48.81 -37.57 -74.00
N ASP J 177 -49.16 -37.44 -72.71
CA ASP J 177 -50.54 -37.45 -72.26
C ASP J 177 -51.01 -36.01 -72.47
N GLN J 178 -51.75 -35.79 -73.55
CA GLN J 178 -52.20 -34.45 -73.92
C GLN J 178 -53.48 -34.08 -73.19
N LEU J 179 -53.32 -33.18 -72.20
CA LEU J 179 -54.39 -32.67 -71.35
C LEU J 179 -54.56 -31.19 -71.59
N ASP J 180 -55.82 -30.77 -71.71
CA ASP J 180 -56.18 -29.39 -71.94
C ASP J 180 -56.57 -28.70 -70.61
N ASP J 181 -55.67 -27.83 -70.14
CA ASP J 181 -55.82 -27.02 -68.93
C ASP J 181 -56.09 -25.54 -69.33
N GLU J 182 -56.55 -25.32 -70.59
CA GLU J 182 -56.85 -23.98 -71.11
C GLU J 182 -58.33 -23.79 -71.39
N GLU J 183 -58.91 -24.63 -72.25
CA GLU J 183 -60.33 -24.59 -72.65
C GLU J 183 -61.19 -25.38 -71.64
N GLY J 184 -60.66 -26.49 -71.18
CA GLY J 184 -61.26 -27.36 -70.16
C GLY J 184 -62.60 -27.91 -70.53
N LEU J 185 -63.52 -27.93 -69.56
CA LEU J 185 -64.87 -28.44 -69.77
C LEU J 185 -65.96 -27.37 -69.58
N PRO J 186 -66.27 -26.58 -70.63
CA PRO J 186 -67.35 -25.58 -70.50
C PRO J 186 -68.72 -26.25 -70.31
N GLU J 187 -69.64 -25.57 -69.62
CA GLU J 187 -70.98 -26.07 -69.35
C GLU J 187 -71.70 -26.48 -70.64
N LYS J 188 -71.52 -25.69 -71.73
CA LYS J 188 -72.14 -25.93 -73.05
C LYS J 188 -71.84 -27.31 -73.63
N LEU J 189 -70.63 -27.83 -73.36
CA LEU J 189 -70.15 -29.13 -73.84
C LEU J 189 -70.55 -30.33 -72.95
N VAL J 190 -71.26 -30.08 -71.84
CA VAL J 190 -71.71 -31.14 -70.94
C VAL J 190 -73.05 -31.66 -71.48
N ILE J 191 -73.18 -33.00 -71.67
CA ILE J 191 -74.42 -33.61 -72.15
C ILE J 191 -75.43 -33.61 -71.00
N LYS J 192 -76.53 -32.85 -71.17
CA LYS J 192 -77.56 -32.71 -70.16
C LYS J 192 -78.58 -33.86 -70.23
N ASN J 193 -78.14 -35.06 -69.80
CA ASN J 193 -78.95 -36.29 -69.75
C ASN J 193 -79.58 -36.46 -68.36
N GLN J 194 -80.19 -37.62 -68.08
CA GLN J 194 -80.81 -37.87 -66.77
C GLN J 194 -79.82 -37.97 -65.63
N GLN J 195 -78.62 -38.51 -65.91
CA GLN J 195 -77.54 -38.62 -64.91
C GLN J 195 -77.01 -37.25 -64.52
N PHE J 196 -76.91 -36.34 -65.51
CA PHE J 196 -76.51 -34.95 -65.32
C PHE J 196 -77.43 -34.31 -64.31
N HIS J 197 -78.76 -34.37 -64.54
CA HIS J 197 -79.76 -33.78 -63.65
C HIS J 197 -79.79 -34.40 -62.26
N LYS J 198 -79.51 -35.73 -62.17
CA LYS J 198 -79.45 -36.45 -60.89
C LYS J 198 -78.28 -35.91 -60.07
N GLU J 199 -77.13 -35.67 -60.73
CA GLU J 199 -75.89 -35.15 -60.13
C GLU J 199 -76.00 -33.68 -59.73
N ARG J 200 -76.76 -32.88 -60.50
CA ARG J 200 -76.95 -31.45 -60.28
C ARG J 200 -78.15 -31.14 -59.39
N GLU J 201 -78.81 -32.17 -58.84
CA GLU J 201 -79.94 -32.03 -57.94
C GLU J 201 -79.50 -31.20 -56.72
N GLN J 202 -78.32 -31.53 -56.18
CA GLN J 202 -77.70 -30.85 -55.03
C GLN J 202 -76.56 -29.91 -55.49
N PRO J 203 -76.57 -28.65 -55.03
CA PRO J 203 -75.52 -27.71 -55.45
C PRO J 203 -74.19 -27.87 -54.69
N PRO J 204 -73.07 -27.25 -55.13
CA PRO J 204 -71.83 -27.28 -54.32
C PRO J 204 -72.12 -26.82 -52.88
N ARG J 205 -71.67 -27.63 -51.92
CA ARG J 205 -71.89 -27.43 -50.50
C ARG J 205 -70.91 -28.23 -49.65
N PHE J 206 -70.92 -28.01 -48.34
CA PHE J 206 -70.19 -28.83 -47.37
C PHE J 206 -71.23 -29.77 -46.75
N ALA J 207 -70.91 -31.07 -46.59
CA ALA J 207 -71.88 -32.01 -46.00
C ALA J 207 -72.16 -31.60 -44.57
N GLN J 208 -73.44 -31.43 -44.23
CA GLN J 208 -73.81 -30.96 -42.89
C GLN J 208 -74.22 -32.08 -41.94
N PRO J 209 -73.73 -32.10 -40.67
CA PRO J 209 -74.10 -33.17 -39.74
C PRO J 209 -75.60 -33.30 -39.59
N GLY J 210 -76.06 -34.55 -39.57
CA GLY J 210 -77.47 -34.87 -39.44
C GLY J 210 -78.14 -35.22 -40.75
N SER J 211 -77.38 -35.14 -41.88
CA SER J 211 -77.87 -35.47 -43.23
C SER J 211 -77.39 -36.88 -43.60
N PHE J 212 -78.14 -37.61 -44.47
CA PHE J 212 -77.72 -38.96 -44.87
C PHE J 212 -76.38 -38.86 -45.57
N GLU J 213 -76.21 -37.81 -46.40
CA GLU J 213 -74.97 -37.55 -47.13
C GLU J 213 -73.76 -37.32 -46.21
N TYR J 214 -73.92 -36.61 -45.06
CA TYR J 214 -72.82 -36.41 -44.09
C TYR J 214 -72.24 -37.75 -43.62
N GLU J 215 -73.11 -38.69 -43.18
CA GLU J 215 -72.77 -40.04 -42.69
C GLU J 215 -71.81 -40.74 -43.68
N TYR J 216 -72.22 -40.83 -44.98
CA TYR J 216 -71.46 -41.46 -46.06
C TYR J 216 -70.36 -40.59 -46.70
N ALA J 217 -70.43 -39.24 -46.63
CA ALA J 217 -69.33 -38.33 -47.07
C ALA J 217 -68.13 -38.47 -46.12
N MET J 218 -68.40 -38.73 -44.82
CA MET J 218 -67.36 -38.97 -43.82
C MET J 218 -66.66 -40.28 -44.10
N ARG J 219 -67.41 -41.31 -44.55
CA ARG J 219 -66.93 -42.64 -44.95
C ARG J 219 -66.08 -42.51 -46.21
N TRP J 220 -66.48 -41.62 -47.13
CA TRP J 220 -65.74 -41.33 -48.34
C TRP J 220 -64.43 -40.63 -48.02
N LYS J 221 -64.46 -39.62 -47.11
CA LYS J 221 -63.26 -38.88 -46.67
C LYS J 221 -62.23 -39.84 -46.00
N ALA J 222 -62.72 -40.79 -45.17
CA ALA J 222 -61.92 -41.80 -44.50
C ALA J 222 -61.27 -42.74 -45.52
N LEU J 223 -62.07 -43.19 -46.55
CA LEU J 223 -61.61 -44.04 -47.64
C LEU J 223 -60.51 -43.36 -48.44
N ILE J 224 -60.67 -42.05 -48.76
CA ILE J 224 -59.68 -41.25 -49.49
C ILE J 224 -58.38 -41.15 -48.68
N GLU J 225 -58.46 -40.94 -47.34
CA GLU J 225 -57.29 -40.90 -46.47
C GLU J 225 -56.58 -42.26 -46.42
N MET J 226 -57.34 -43.38 -46.46
CA MET J 226 -56.80 -44.74 -46.49
C MET J 226 -56.04 -44.98 -47.81
N GLU J 227 -56.59 -44.45 -48.94
CA GLU J 227 -55.99 -44.50 -50.29
C GLU J 227 -54.68 -43.72 -50.32
N LYS J 228 -54.65 -42.55 -49.63
CA LYS J 228 -53.46 -41.70 -49.52
C LYS J 228 -52.36 -42.42 -48.74
N GLN J 229 -52.72 -43.10 -47.64
CA GLN J 229 -51.79 -43.88 -46.82
C GLN J 229 -51.22 -45.06 -47.62
N GLN J 230 -52.08 -45.80 -48.37
CA GLN J 230 -51.74 -46.92 -49.24
C GLN J 230 -50.71 -46.47 -50.30
N GLN J 231 -51.01 -45.37 -51.01
CA GLN J 231 -50.16 -44.82 -52.05
C GLN J 231 -48.84 -44.31 -51.51
N ASP J 232 -48.85 -43.65 -50.33
CA ASP J 232 -47.65 -43.12 -49.66
C ASP J 232 -46.70 -44.24 -49.31
N GLN J 233 -47.23 -45.41 -48.90
CA GLN J 233 -46.38 -46.55 -48.56
C GLN J 233 -45.73 -47.12 -49.81
N VAL J 234 -46.49 -47.24 -50.93
CA VAL J 234 -45.99 -47.74 -52.22
C VAL J 234 -44.89 -46.82 -52.73
N ASP J 235 -45.10 -45.47 -52.65
CA ASP J 235 -44.13 -44.43 -53.03
C ASP J 235 -42.83 -44.57 -52.23
N ARG J 236 -42.94 -44.76 -50.90
CA ARG J 236 -41.81 -44.94 -49.99
C ARG J 236 -41.02 -46.21 -50.32
N ASN J 237 -41.72 -47.34 -50.55
CA ASN J 237 -41.13 -48.65 -50.90
C ASN J 237 -40.38 -48.59 -52.21
N ILE J 238 -40.96 -47.91 -53.21
CA ILE J 238 -40.40 -47.72 -54.56
C ILE J 238 -39.14 -46.87 -54.48
N LYS J 239 -39.20 -45.73 -53.73
CA LYS J 239 -38.08 -44.80 -53.52
C LYS J 239 -36.91 -45.52 -52.87
N GLU J 240 -37.18 -46.34 -51.84
CA GLU J 240 -36.19 -47.13 -51.11
C GLU J 240 -35.48 -48.15 -52.03
N ALA J 241 -36.26 -48.85 -52.86
CA ALA J 241 -35.79 -49.85 -53.84
C ALA J 241 -34.93 -49.20 -54.93
N ARG J 242 -35.35 -48.01 -55.39
CA ARG J 242 -34.65 -47.21 -56.39
C ARG J 242 -33.34 -46.70 -55.83
N GLU J 243 -33.33 -46.12 -54.59
CA GLU J 243 -32.15 -45.59 -53.91
C GLU J 243 -31.10 -46.62 -53.67
N LYS J 244 -31.53 -47.89 -53.40
CA LYS J 244 -30.66 -49.05 -53.21
C LYS J 244 -29.91 -49.37 -54.51
N LEU J 245 -30.67 -49.52 -55.61
CA LEU J 245 -30.16 -49.80 -56.95
C LEU J 245 -29.30 -48.64 -57.47
N GLU J 246 -29.73 -47.38 -57.22
CA GLU J 246 -29.02 -46.15 -57.62
C GLU J 246 -27.67 -46.01 -56.91
N MET J 247 -27.56 -46.51 -55.67
CA MET J 247 -26.31 -46.51 -54.91
C MET J 247 -25.32 -47.51 -55.54
N GLU J 248 -25.83 -48.69 -55.94
CA GLU J 248 -25.05 -49.73 -56.61
C GLU J 248 -24.57 -49.20 -57.98
N MET J 249 -25.45 -48.43 -58.68
CA MET J 249 -25.19 -47.78 -59.97
C MET J 249 -24.06 -46.75 -59.88
N GLU J 250 -24.04 -45.85 -58.85
CA GLU J 250 -22.96 -44.85 -58.67
C GLU J 250 -21.63 -45.53 -58.29
N ALA J 251 -21.70 -46.60 -57.47
CA ALA J 251 -20.53 -47.36 -57.04
C ALA J 251 -19.85 -48.03 -58.26
N ALA J 252 -20.65 -48.63 -59.16
CA ALA J 252 -20.18 -49.27 -60.40
C ALA J 252 -19.66 -48.24 -61.40
N ARG J 253 -20.37 -47.09 -61.53
CA ARG J 253 -19.98 -45.98 -62.41
C ARG J 253 -18.62 -45.41 -62.01
N HIS J 254 -18.30 -45.39 -60.69
CA HIS J 254 -17.03 -44.88 -60.17
C HIS J 254 -15.85 -45.83 -60.43
N GLU J 255 -16.11 -47.15 -60.52
CA GLU J 255 -15.10 -48.17 -60.83
C GLU J 255 -14.65 -48.06 -62.30
N HIS J 256 -15.40 -47.32 -63.13
CA HIS J 256 -15.19 -47.21 -64.58
C HIS J 256 -14.78 -45.83 -65.09
N GLN J 257 -15.24 -44.75 -64.42
CA GLN J 257 -14.93 -43.38 -64.84
C GLN J 257 -13.44 -42.99 -64.65
N VAL J 258 -12.87 -43.31 -63.47
CA VAL J 258 -11.50 -43.03 -63.04
C VAL J 258 -10.44 -43.62 -64.00
N MET J 259 -10.72 -44.81 -64.56
CA MET J 259 -9.82 -45.56 -65.45
C MET J 259 -9.42 -44.88 -66.79
N LEU J 260 -10.01 -43.68 -67.05
CA LEU J 260 -9.74 -42.77 -68.16
C LEU J 260 -8.50 -41.95 -67.75
N MET J 261 -8.54 -41.42 -66.50
CA MET J 261 -7.54 -40.60 -65.82
C MET J 261 -7.12 -39.38 -66.62
N GLY K 3 38.36 86.80 61.41
CA GLY K 3 39.41 85.80 61.35
C GLY K 3 40.64 86.11 62.19
N LEU K 4 41.83 85.63 61.74
CA LEU K 4 43.11 85.79 62.42
C LEU K 4 44.30 85.87 61.45
N THR K 5 45.14 86.90 61.61
CA THR K 5 46.33 87.13 60.79
C THR K 5 47.58 86.62 61.50
N ILE K 6 48.30 85.69 60.84
CA ILE K 6 49.52 85.06 61.36
C ILE K 6 50.64 85.18 60.31
N ASP K 7 51.85 85.64 60.71
CA ASP K 7 53.03 85.68 59.84
C ASP K 7 53.93 84.47 60.11
N LEU K 8 54.07 83.56 59.11
CA LEU K 8 54.80 82.30 59.25
C LEU K 8 56.24 82.33 58.81
N LYS K 9 57.14 82.02 59.76
CA LYS K 9 58.61 82.00 59.58
C LYS K 9 59.06 80.64 59.02
N ASN K 10 58.60 79.54 59.65
CA ASN K 10 58.87 78.16 59.23
C ASN K 10 57.57 77.40 58.90
N PHE K 11 57.51 76.77 57.72
CA PHE K 11 56.34 75.97 57.29
C PHE K 11 56.75 74.53 56.92
N ARG K 12 58.07 74.31 56.80
CA ARG K 12 58.69 73.01 56.48
C ARG K 12 59.05 72.30 57.78
N LYS K 13 58.49 71.08 57.96
CA LYS K 13 58.78 70.21 59.10
C LYS K 13 60.21 69.67 58.94
N PRO K 14 60.94 69.29 60.04
CA PRO K 14 62.31 68.78 59.86
C PRO K 14 62.37 67.55 58.91
N GLY K 15 63.22 67.67 57.89
CA GLY K 15 63.44 66.65 56.87
C GLY K 15 62.43 66.62 55.75
N GLU K 16 61.37 67.46 55.84
CA GLU K 16 60.32 67.53 54.84
C GLU K 16 60.82 68.05 53.49
N LYS K 17 60.57 67.27 52.45
CA LYS K 17 60.86 67.59 51.07
C LYS K 17 59.70 68.45 50.59
N THR K 18 59.94 69.33 49.61
CA THR K 18 58.90 70.22 49.12
C THR K 18 58.20 69.69 47.88
N PHE K 19 56.94 70.15 47.67
CA PHE K 19 56.08 69.83 46.51
C PHE K 19 55.89 68.34 46.29
N THR K 20 55.78 67.62 47.42
CA THR K 20 55.53 66.17 47.47
C THR K 20 54.02 65.93 47.24
N GLN K 21 53.58 64.65 47.20
CA GLN K 21 52.14 64.31 47.05
C GLN K 21 51.36 64.58 48.36
N ARG K 22 52.11 64.79 49.47
CA ARG K 22 51.55 65.09 50.79
C ARG K 22 51.07 66.53 50.86
N SER K 23 51.67 67.43 50.04
CA SER K 23 51.38 68.84 49.87
C SER K 23 50.41 69.06 48.67
N ARG K 24 49.94 67.95 48.03
CA ARG K 24 49.08 67.95 46.84
C ARG K 24 47.61 67.88 47.20
N LEU K 25 46.82 68.82 46.68
CA LEU K 25 45.37 68.88 46.94
C LEU K 25 44.54 68.56 45.70
N PHE K 26 43.38 67.94 45.95
CA PHE K 26 42.37 67.65 44.96
C PHE K 26 41.35 68.77 45.14
N VAL K 27 41.00 69.41 44.03
CA VAL K 27 40.00 70.47 43.98
C VAL K 27 38.91 69.97 43.02
N GLY K 28 37.72 69.74 43.55
CA GLY K 28 36.55 69.26 42.81
C GLY K 28 35.47 70.32 42.73
N ASN K 29 34.32 69.99 42.05
CA ASN K 29 33.14 70.86 41.83
C ASN K 29 33.54 72.21 41.29
N LEU K 30 34.51 72.21 40.37
CA LEU K 30 35.02 73.43 39.78
C LEU K 30 34.02 74.00 38.78
N PRO K 31 33.89 75.35 38.66
CA PRO K 31 32.98 75.91 37.65
C PRO K 31 33.48 75.58 36.22
N PRO K 32 32.60 75.44 35.20
CA PRO K 32 33.08 75.08 33.84
C PRO K 32 34.09 76.03 33.19
N ASP K 33 34.03 77.32 33.55
CA ASP K 33 34.90 78.39 33.02
C ASP K 33 36.24 78.58 33.78
N ILE K 34 36.66 77.56 34.58
CA ILE K 34 37.91 77.63 35.35
C ILE K 34 39.16 77.56 34.45
N THR K 35 40.15 78.42 34.75
CA THR K 35 41.44 78.48 34.04
C THR K 35 42.56 78.20 35.03
N GLU K 36 43.77 77.91 34.53
CA GLU K 36 44.95 77.65 35.35
C GLU K 36 45.28 78.89 36.19
N GLU K 37 45.21 80.10 35.59
CA GLU K 37 45.46 81.37 36.27
C GLU K 37 44.45 81.65 37.39
N GLU K 38 43.17 81.26 37.21
CA GLU K 38 42.08 81.38 38.18
C GLU K 38 42.40 80.53 39.43
N MET K 39 42.81 79.26 39.18
CA MET K 39 43.19 78.28 40.19
C MET K 39 44.41 78.76 40.96
N ARG K 40 45.44 79.26 40.25
CA ARG K 40 46.67 79.77 40.84
C ARG K 40 46.40 80.96 41.76
N LYS K 41 45.47 81.84 41.34
CA LYS K 41 45.05 83.01 42.12
C LYS K 41 44.26 82.61 43.38
N LEU K 42 43.45 81.53 43.29
CA LEU K 42 42.64 80.93 44.36
C LEU K 42 43.50 80.43 45.52
N PHE K 43 44.75 79.96 45.20
CA PHE K 43 45.75 79.36 46.10
C PHE K 43 47.02 80.22 46.26
N GLU K 44 46.95 81.48 45.78
CA GLU K 44 48.00 82.48 45.83
C GLU K 44 48.43 82.83 47.27
N LYS K 45 47.47 82.90 48.20
CA LYS K 45 47.65 83.25 49.61
C LYS K 45 48.49 82.22 50.39
N TYR K 46 48.53 80.98 49.88
CA TYR K 46 49.19 79.82 50.50
C TYR K 46 50.57 79.51 49.91
N GLY K 47 51.25 80.57 49.48
CA GLY K 47 52.59 80.52 48.94
C GLY K 47 52.70 80.04 47.51
N LYS K 48 53.89 79.51 47.19
CA LYS K 48 54.29 78.97 45.89
C LYS K 48 53.50 77.70 45.58
N ALA K 49 53.10 77.55 44.30
CA ALA K 49 52.41 76.37 43.80
C ALA K 49 53.28 75.74 42.74
N GLY K 50 53.37 74.41 42.76
CA GLY K 50 54.11 73.63 41.79
C GLY K 50 53.17 73.24 40.67
N GLU K 51 52.88 71.94 40.56
CA GLU K 51 51.95 71.35 39.58
C GLU K 51 50.54 71.93 39.77
N VAL K 52 49.93 72.32 38.65
CA VAL K 52 48.54 72.76 38.57
C VAL K 52 47.97 71.99 37.38
N PHE K 53 46.99 71.15 37.65
CA PHE K 53 46.31 70.35 36.64
C PHE K 53 44.82 70.59 36.75
N ILE K 54 44.17 70.85 35.61
CA ILE K 54 42.71 70.99 35.54
C ILE K 54 42.24 70.04 34.43
N HIS K 55 41.25 69.15 34.70
CA HIS K 55 40.75 68.25 33.65
C HIS K 55 39.72 69.00 32.81
N LYS K 56 40.03 69.12 31.49
CA LYS K 56 39.30 69.84 30.43
C LYS K 56 37.81 70.10 30.58
N ASP K 57 37.03 69.06 30.90
CA ASP K 57 35.57 69.21 31.03
C ASP K 57 35.06 68.85 32.43
N LYS K 58 35.67 67.79 33.00
CA LYS K 58 35.38 67.11 34.25
C LYS K 58 35.01 67.93 35.50
N GLY K 59 35.55 69.14 35.66
CA GLY K 59 35.24 69.98 36.82
C GLY K 59 36.00 69.60 38.08
N PHE K 60 37.27 69.18 37.91
CA PHE K 60 38.17 68.83 39.00
C PHE K 60 39.61 69.12 38.58
N GLY K 61 40.47 69.25 39.59
CA GLY K 61 41.87 69.53 39.39
C GLY K 61 42.74 69.18 40.58
N PHE K 62 44.07 69.45 40.41
CA PHE K 62 45.12 69.21 41.39
C PHE K 62 46.08 70.38 41.46
N ILE K 63 46.56 70.67 42.69
CA ILE K 63 47.52 71.73 42.95
C ILE K 63 48.49 71.24 44.02
N ARG K 64 49.79 71.34 43.72
CA ARG K 64 50.83 70.98 44.67
C ARG K 64 51.30 72.27 45.37
N LEU K 65 51.17 72.30 46.68
CA LEU K 65 51.66 73.43 47.46
C LEU K 65 53.01 73.02 48.02
N GLU K 66 53.77 73.99 48.56
CA GLU K 66 55.13 73.76 49.03
C GLU K 66 55.32 72.70 50.11
N THR K 67 54.53 72.81 51.19
CA THR K 67 54.59 71.91 52.35
C THR K 67 53.21 71.42 52.76
N ARG K 68 53.18 70.39 53.65
CA ARG K 68 51.97 69.80 54.21
C ARG K 68 51.18 70.81 55.02
N THR K 69 51.87 71.69 55.78
CA THR K 69 51.27 72.74 56.62
C THR K 69 50.47 73.70 55.76
N LEU K 70 51.07 74.19 54.66
CA LEU K 70 50.44 75.13 53.72
C LEU K 70 49.22 74.52 53.01
N ALA K 71 49.31 73.22 52.66
CA ALA K 71 48.22 72.46 52.05
C ALA K 71 47.05 72.29 53.03
N GLU K 72 47.35 72.04 54.33
CA GLU K 72 46.38 71.89 55.41
C GLU K 72 45.62 73.19 55.65
N ILE K 73 46.32 74.35 55.58
CA ILE K 73 45.73 75.68 55.71
C ILE K 73 44.80 75.96 54.53
N ALA K 74 45.30 75.74 53.30
CA ALA K 74 44.53 75.94 52.07
C ALA K 74 43.27 75.06 52.03
N LYS K 75 43.37 73.79 52.49
CA LYS K 75 42.26 72.83 52.53
C LYS K 75 41.13 73.31 53.43
N VAL K 76 41.46 73.70 54.67
CA VAL K 76 40.51 74.20 55.67
C VAL K 76 39.81 75.51 55.21
N GLU K 77 40.58 76.44 54.61
CA GLU K 77 40.10 77.72 54.11
C GLU K 77 39.22 77.58 52.87
N LEU K 78 39.63 76.74 51.91
CA LEU K 78 38.92 76.60 50.64
C LEU K 78 37.90 75.49 50.51
N ASP K 79 37.87 74.51 51.43
CA ASP K 79 36.87 73.44 51.36
C ASP K 79 35.48 74.04 51.61
N ASN K 80 34.50 73.65 50.75
CA ASN K 80 33.10 74.11 50.76
C ASN K 80 32.92 75.61 50.46
N MET K 81 33.97 76.26 49.92
CA MET K 81 33.95 77.68 49.56
C MET K 81 33.10 77.85 48.29
N PRO K 82 32.05 78.72 48.30
CA PRO K 82 31.21 78.90 47.11
C PRO K 82 31.94 79.70 46.03
N LEU K 83 31.93 79.16 44.81
CA LEU K 83 32.54 79.79 43.65
C LEU K 83 31.66 79.56 42.43
N ARG K 84 31.05 80.67 41.94
CA ARG K 84 30.16 80.70 40.79
C ARG K 84 29.06 79.62 40.80
N GLY K 85 28.33 79.58 41.92
CA GLY K 85 27.22 78.65 42.15
C GLY K 85 27.60 77.23 42.54
N LYS K 86 28.90 76.95 42.61
CA LYS K 86 29.45 75.65 42.98
C LYS K 86 30.09 75.73 44.37
N GLN K 87 30.03 74.65 45.15
CA GLN K 87 30.65 74.55 46.47
C GLN K 87 31.87 73.64 46.28
N LEU K 88 33.09 74.21 46.30
CA LEU K 88 34.33 73.45 46.07
C LEU K 88 34.53 72.33 47.07
N ARG K 89 35.09 71.20 46.62
CA ARG K 89 35.44 70.05 47.45
C ARG K 89 36.97 69.99 47.48
N VAL K 90 37.56 70.43 48.61
CA VAL K 90 39.01 70.44 48.78
C VAL K 90 39.40 69.33 49.74
N ARG K 91 40.21 68.40 49.21
CA ARG K 91 40.73 67.23 49.94
C ARG K 91 42.19 67.04 49.57
N PHE K 92 42.90 66.26 50.38
CA PHE K 92 44.28 65.90 50.03
C PHE K 92 44.18 64.89 48.92
N ALA K 93 45.07 64.98 47.93
CA ALA K 93 45.08 64.03 46.81
C ALA K 93 45.45 62.65 47.34
N CYS K 94 44.85 61.59 46.76
CA CYS K 94 45.15 60.22 47.17
C CYS K 94 46.59 59.92 46.76
N HIS K 95 47.43 59.44 47.71
CA HIS K 95 48.81 59.09 47.39
C HIS K 95 48.87 57.90 46.41
N SER K 96 49.55 58.09 45.28
CA SER K 96 49.68 57.11 44.20
C SER K 96 50.83 56.11 44.39
N ALA K 97 51.72 56.37 45.37
CA ALA K 97 52.88 55.52 45.56
C ALA K 97 53.26 55.36 47.03
N SER K 98 52.30 54.98 47.88
CA SER K 98 52.57 54.76 49.31
C SER K 98 52.50 53.28 49.67
N LEU K 99 53.49 52.82 50.44
CA LEU K 99 53.61 51.42 50.80
C LEU K 99 53.72 51.21 52.30
N THR K 100 53.25 50.03 52.74
CA THR K 100 53.31 49.53 54.09
C THR K 100 54.41 48.49 54.09
N VAL K 101 55.35 48.64 55.01
CA VAL K 101 56.47 47.74 55.19
C VAL K 101 56.23 47.06 56.53
N ARG K 102 56.18 45.72 56.53
CA ARG K 102 55.96 44.88 57.71
C ARG K 102 57.19 44.03 57.95
N ASN K 103 57.30 43.46 59.16
CA ASN K 103 58.39 42.60 59.61
C ASN K 103 59.72 43.32 59.60
N LEU K 104 59.67 44.60 60.04
CA LEU K 104 60.88 45.43 60.13
C LEU K 104 61.76 44.83 61.20
N PRO K 105 63.09 44.69 60.93
CA PRO K 105 63.97 44.18 61.98
C PRO K 105 64.28 45.26 63.02
N GLN K 106 64.99 44.89 64.06
CA GLN K 106 65.37 45.82 65.10
C GLN K 106 66.43 46.77 64.54
N TYR K 107 66.53 47.97 65.14
CA TYR K 107 67.53 48.99 64.81
C TYR K 107 67.39 49.67 63.45
N VAL K 108 66.14 49.70 62.96
CA VAL K 108 65.78 50.39 61.73
C VAL K 108 65.25 51.78 62.11
N SER K 109 65.72 52.82 61.41
CA SER K 109 65.32 54.20 61.62
C SER K 109 64.65 54.69 60.34
N ASN K 110 64.00 55.88 60.41
CA ASN K 110 63.30 56.53 59.29
C ASN K 110 64.28 56.82 58.15
N GLU K 111 65.47 57.32 58.49
CA GLU K 111 66.57 57.62 57.58
C GLU K 111 67.15 56.32 56.95
N LEU K 112 67.24 55.19 57.73
CA LEU K 112 67.68 53.89 57.18
C LEU K 112 66.65 53.33 56.15
N LEU K 113 65.36 53.31 56.52
CA LEU K 113 64.23 52.89 55.70
C LEU K 113 64.18 53.70 54.40
N GLU K 114 64.47 55.02 54.47
CA GLU K 114 64.54 55.90 53.31
C GLU K 114 65.73 55.51 52.39
N GLU K 115 66.95 55.34 52.97
CA GLU K 115 68.15 54.92 52.23
C GLU K 115 67.88 53.58 51.55
N ALA K 116 67.29 52.60 52.30
CA ALA K 116 66.94 51.26 51.82
C ALA K 116 66.02 51.29 50.58
N PHE K 117 64.90 52.01 50.65
CA PHE K 117 63.92 52.08 49.56
C PHE K 117 64.26 53.02 48.41
N SER K 118 65.25 53.90 48.59
CA SER K 118 65.71 54.83 47.56
C SER K 118 66.32 54.07 46.36
N VAL K 119 66.61 52.75 46.54
CA VAL K 119 67.13 51.88 45.45
C VAL K 119 66.06 51.67 44.38
N PHE K 120 64.78 51.89 44.72
CA PHE K 120 63.67 51.68 43.79
C PHE K 120 63.29 52.93 43.05
N GLY K 121 63.70 54.06 43.58
CA GLY K 121 63.40 55.38 43.03
C GLY K 121 63.39 56.44 44.12
N GLN K 122 62.94 57.66 43.77
CA GLN K 122 62.91 58.78 44.70
C GLN K 122 61.83 58.62 45.79
N VAL K 123 62.28 58.56 47.06
CA VAL K 123 61.44 58.45 48.26
C VAL K 123 61.12 59.85 48.72
N GLU K 124 59.82 60.14 49.01
CA GLU K 124 59.37 61.44 49.53
C GLU K 124 59.48 61.45 51.06
N ARG K 125 59.10 60.31 51.68
CA ARG K 125 59.02 60.12 53.12
C ARG K 125 59.08 58.64 53.45
N ALA K 126 59.74 58.31 54.55
CA ALA K 126 59.83 56.96 55.10
C ALA K 126 59.71 57.12 56.60
N VAL K 127 58.83 56.33 57.23
CA VAL K 127 58.55 56.40 58.67
C VAL K 127 58.55 55.00 59.27
N VAL K 128 59.31 54.82 60.34
CA VAL K 128 59.32 53.62 61.16
C VAL K 128 58.28 53.96 62.25
N ILE K 129 57.10 53.31 62.22
CA ILE K 129 56.00 53.54 63.16
C ILE K 129 56.39 53.08 64.57
N VAL K 130 56.18 53.95 65.57
CA VAL K 130 56.47 53.71 67.00
C VAL K 130 55.20 53.82 67.87
N ASP K 131 55.24 53.30 69.09
CA ASP K 131 54.10 53.40 70.02
C ASP K 131 54.12 54.64 70.97
N ASP K 132 53.18 54.63 71.95
CA ASP K 132 53.00 55.59 73.05
C ASP K 132 54.18 55.53 74.06
N ARG K 133 55.28 54.82 73.70
CA ARG K 133 56.52 54.64 74.49
C ARG K 133 57.80 54.83 73.61
N GLY K 134 57.60 55.05 72.30
CA GLY K 134 58.66 55.28 71.31
C GLY K 134 59.32 54.02 70.78
N ARG K 135 58.75 52.83 71.11
CA ARG K 135 59.26 51.54 70.66
C ARG K 135 58.65 51.20 69.27
N PRO K 136 59.48 50.79 68.29
CA PRO K 136 58.92 50.45 66.97
C PRO K 136 57.88 49.33 67.00
N SER K 137 56.84 49.49 66.18
CA SER K 137 55.74 48.54 66.02
C SER K 137 56.10 47.36 65.10
N GLY K 138 57.16 47.51 64.29
CA GLY K 138 57.59 46.54 63.30
C GLY K 138 57.04 46.88 61.91
N LYS K 139 56.18 47.91 61.86
CA LYS K 139 55.58 48.42 60.62
C LYS K 139 56.21 49.78 60.26
N GLY K 140 56.19 50.08 58.99
CA GLY K 140 56.68 51.33 58.45
C GLY K 140 55.88 51.81 57.27
N ILE K 141 56.16 53.03 56.83
CA ILE K 141 55.52 53.66 55.67
C ILE K 141 56.63 54.14 54.75
N VAL K 142 56.51 53.87 53.45
CA VAL K 142 57.43 54.36 52.43
C VAL K 142 56.58 55.03 51.35
N GLU K 143 56.81 56.32 51.11
CA GLU K 143 56.11 57.10 50.11
C GLU K 143 57.12 57.55 49.04
N PHE K 144 56.82 57.21 47.76
CA PHE K 144 57.63 57.56 46.60
C PHE K 144 57.04 58.72 45.85
N SER K 145 57.88 59.45 45.10
CA SER K 145 57.48 60.59 44.26
C SER K 145 56.56 60.15 43.14
N GLY K 146 56.85 58.98 42.60
CA GLY K 146 56.08 58.38 41.52
C GLY K 146 55.73 56.93 41.75
N LYS K 147 54.62 56.49 41.09
CA LYS K 147 54.07 55.14 41.05
C LYS K 147 55.06 54.06 40.53
N PRO K 148 55.92 54.32 39.50
CA PRO K 148 56.85 53.24 39.03
C PRO K 148 57.78 52.70 40.10
N ALA K 149 58.28 53.60 40.95
CA ALA K 149 59.19 53.36 42.05
C ALA K 149 58.54 52.43 43.09
N ALA K 150 57.23 52.64 43.34
CA ALA K 150 56.41 51.84 44.26
C ALA K 150 56.18 50.44 43.71
N ARG K 151 55.92 50.33 42.40
CA ARG K 151 55.72 49.10 41.68
C ARG K 151 56.99 48.23 41.72
N LYS K 152 58.15 48.85 41.44
CA LYS K 152 59.49 48.23 41.45
C LYS K 152 59.73 47.63 42.81
N ALA K 153 59.49 48.44 43.88
CA ALA K 153 59.65 48.11 45.28
C ALA K 153 58.80 46.92 45.67
N LEU K 154 57.54 46.89 45.24
CA LEU K 154 56.59 45.82 45.51
C LEU K 154 57.03 44.50 44.93
N ASP K 155 57.33 44.50 43.62
CA ASP K 155 57.74 43.35 42.86
C ASP K 155 59.05 42.74 43.36
N ARG K 156 60.13 43.57 43.42
CA ARG K 156 61.45 43.20 43.93
C ARG K 156 61.40 42.68 45.37
N CYS K 157 60.53 43.28 46.24
CA CYS K 157 60.43 42.84 47.65
C CYS K 157 59.56 41.60 47.94
N SER K 158 58.86 41.07 46.91
CA SER K 158 58.04 39.86 47.04
C SER K 158 58.75 38.68 46.35
N GLU K 159 59.39 38.95 45.22
CA GLU K 159 60.15 37.95 44.47
C GLU K 159 61.49 37.73 45.22
N GLY K 160 62.01 38.79 45.82
CA GLY K 160 63.28 38.76 46.52
C GLY K 160 63.25 38.96 48.01
N SER K 161 64.37 38.65 48.66
CA SER K 161 64.48 38.79 50.10
C SER K 161 65.26 40.06 50.41
N PHE K 162 64.52 41.15 50.70
CA PHE K 162 65.13 42.43 51.01
C PHE K 162 65.43 42.52 52.49
N LEU K 163 66.73 42.49 52.82
CA LEU K 163 67.22 42.55 54.19
C LEU K 163 67.75 43.94 54.48
N LEU K 164 67.21 44.59 55.54
CA LEU K 164 67.59 45.96 55.93
C LEU K 164 68.79 46.01 56.84
N THR K 165 69.02 44.94 57.63
CA THR K 165 70.11 44.84 58.60
C THR K 165 70.85 43.51 58.40
N THR K 166 71.68 43.12 59.38
CA THR K 166 72.44 41.85 59.33
C THR K 166 71.49 40.65 59.50
N PHE K 167 70.44 40.82 60.34
CA PHE K 167 69.47 39.77 60.62
C PHE K 167 68.81 39.24 59.33
N PRO K 168 68.96 37.92 59.04
CA PRO K 168 68.44 37.36 57.78
C PRO K 168 66.94 37.15 57.62
N ARG K 169 66.13 38.14 58.00
CA ARG K 169 64.69 38.07 57.86
C ARG K 169 64.25 39.20 56.91
N PRO K 170 63.67 38.83 55.73
CA PRO K 170 63.23 39.87 54.80
C PRO K 170 61.96 40.61 55.23
N VAL K 171 61.82 41.82 54.75
CA VAL K 171 60.67 42.67 54.99
C VAL K 171 59.56 42.32 53.98
N THR K 172 58.27 42.60 54.36
CA THR K 172 57.08 42.44 53.57
C THR K 172 56.67 43.84 53.13
N VAL K 173 56.48 44.04 51.83
CA VAL K 173 56.08 45.32 51.24
C VAL K 173 54.75 45.12 50.55
N GLU K 174 53.74 45.90 50.95
CA GLU K 174 52.37 45.85 50.48
C GLU K 174 51.89 47.25 50.13
N PRO K 175 50.87 47.42 49.26
CA PRO K 175 50.35 48.78 49.03
C PRO K 175 49.72 49.32 50.32
N MET K 176 49.77 50.63 50.51
CA MET K 176 49.18 51.27 51.68
C MET K 176 47.67 51.15 51.62
N ASP K 177 47.07 50.63 52.71
CA ASP K 177 45.63 50.56 52.85
C ASP K 177 45.26 51.94 53.38
N GLN K 178 44.77 52.82 52.49
CA GLN K 178 44.45 54.21 52.84
C GLN K 178 43.10 54.30 53.55
N LEU K 179 43.19 54.53 54.88
CA LEU K 179 42.03 54.62 55.76
C LEU K 179 41.91 56.01 56.31
N ASP K 180 40.67 56.52 56.25
CA ASP K 180 40.33 57.84 56.69
C ASP K 180 39.76 57.80 58.11
N ASP K 181 40.59 58.25 59.07
CA ASP K 181 40.27 58.36 60.49
C ASP K 181 40.02 59.85 60.85
N GLU K 182 39.77 60.71 59.82
CA GLU K 182 39.55 62.13 60.02
C GLU K 182 38.12 62.54 59.69
N GLU K 183 37.68 62.29 58.43
CA GLU K 183 36.34 62.63 57.96
C GLU K 183 35.36 61.50 58.35
N GLY K 184 35.79 60.26 58.21
CA GLY K 184 35.05 59.07 58.58
C GLY K 184 33.75 58.90 57.82
N LEU K 185 32.68 58.49 58.55
CA LEU K 185 31.35 58.36 57.94
C LEU K 185 30.32 59.35 58.51
N PRO K 186 30.25 60.59 57.94
CA PRO K 186 29.26 61.57 58.42
C PRO K 186 27.84 61.11 58.10
N GLU K 187 26.88 61.53 58.95
CA GLU K 187 25.48 61.20 58.78
C GLU K 187 24.96 61.56 57.40
N LYS K 188 25.37 62.75 56.87
CA LYS K 188 24.97 63.27 55.54
C LYS K 188 25.25 62.31 54.40
N LEU K 189 26.34 61.54 54.48
CA LEU K 189 26.76 60.59 53.45
C LEU K 189 26.08 59.22 53.51
N VAL K 190 25.32 58.96 54.59
CA VAL K 190 24.60 57.69 54.77
C VAL K 190 23.28 57.77 53.95
N ILE K 191 23.03 56.75 53.09
CA ILE K 191 21.78 56.67 52.32
C ILE K 191 20.67 56.21 53.28
N LYS K 192 19.71 57.10 53.49
CA LYS K 192 18.58 56.87 54.38
C LYS K 192 17.49 56.09 53.67
N ASN K 193 17.77 54.80 53.43
CA ASN K 193 16.84 53.85 52.82
C ASN K 193 16.06 53.04 53.89
N GLN K 194 15.31 52.02 53.49
CA GLN K 194 14.52 51.24 54.42
C GLN K 194 15.32 50.44 55.41
N GLN K 195 16.51 49.91 54.99
CA GLN K 195 17.39 49.14 55.88
C GLN K 195 17.97 50.02 56.95
N PHE K 196 18.34 51.28 56.56
CA PHE K 196 18.87 52.31 57.44
C PHE K 196 17.89 52.48 58.58
N HIS K 197 16.63 52.76 58.24
CA HIS K 197 15.53 53.01 59.15
C HIS K 197 15.20 51.81 60.04
N LYS K 198 15.34 50.58 59.55
CA LYS K 198 15.09 49.33 60.29
C LYS K 198 16.19 49.18 61.37
N GLU K 199 17.45 49.52 61.03
CA GLU K 199 18.61 49.47 61.92
C GLU K 199 18.58 50.55 62.99
N ARG K 200 18.08 51.73 62.67
CA ARG K 200 17.98 52.87 63.58
C ARG K 200 16.67 52.92 64.37
N GLU K 201 15.82 51.88 64.24
CA GLU K 201 14.56 51.77 64.96
C GLU K 201 14.82 51.83 66.46
N GLN K 202 15.84 51.08 66.93
CA GLN K 202 16.25 51.00 68.32
C GLN K 202 17.48 51.86 68.56
N PRO K 203 17.44 52.72 69.61
CA PRO K 203 18.55 53.65 69.84
C PRO K 203 19.69 53.02 70.60
N PRO K 204 20.89 53.67 70.69
CA PRO K 204 21.97 53.09 71.52
C PRO K 204 21.47 52.83 72.92
N ARG K 205 21.70 51.61 73.40
CA ARG K 205 21.20 51.15 74.70
C ARG K 205 21.99 49.94 75.20
N PHE K 206 21.74 49.56 76.45
CA PHE K 206 22.26 48.34 77.02
C PHE K 206 21.14 47.31 76.96
N ALA K 207 21.44 46.08 76.50
CA ALA K 207 20.44 45.03 76.46
C ALA K 207 20.06 44.71 77.91
N GLN K 208 18.75 44.70 78.21
CA GLN K 208 18.23 44.47 79.56
C GLN K 208 17.92 42.98 79.78
N PRO K 209 18.34 42.38 80.95
CA PRO K 209 18.02 40.97 81.21
C PRO K 209 16.53 40.65 81.12
N GLY K 210 16.23 39.53 80.46
CA GLY K 210 14.86 39.07 80.26
C GLY K 210 14.33 39.34 78.87
N SER K 211 15.15 40.04 78.02
CA SER K 211 14.82 40.38 76.63
C SER K 211 15.51 39.39 75.70
N PHE K 212 15.00 39.19 74.47
CA PHE K 212 15.69 38.23 73.62
C PHE K 212 16.89 38.78 72.85
N GLU K 213 17.20 40.07 73.11
CA GLU K 213 18.37 40.79 72.61
C GLU K 213 19.46 40.77 73.70
N TYR K 214 19.08 40.46 74.96
CA TYR K 214 20.03 40.24 76.04
C TYR K 214 20.60 38.86 75.83
N GLU K 215 19.73 37.87 75.52
CA GLU K 215 20.08 36.48 75.24
C GLU K 215 20.96 36.42 74.00
N TYR K 216 20.64 37.24 72.95
CA TYR K 216 21.48 37.26 71.76
C TYR K 216 22.78 37.99 71.88
N ALA K 217 22.83 39.06 72.69
CA ALA K 217 24.05 39.82 72.95
C ALA K 217 25.02 38.99 73.81
N MET K 218 24.49 38.16 74.73
CA MET K 218 25.28 37.28 75.58
C MET K 218 25.91 36.16 74.77
N ARG K 219 25.18 35.67 73.74
CA ARG K 219 25.63 34.64 72.81
C ARG K 219 26.73 35.21 71.92
N TRP K 220 26.61 36.50 71.56
CA TRP K 220 27.61 37.21 70.76
C TRP K 220 28.88 37.40 71.59
N LYS K 221 28.75 37.80 72.87
CA LYS K 221 29.88 38.00 73.80
C LYS K 221 30.68 36.71 73.99
N ALA K 222 29.97 35.57 74.09
CA ALA K 222 30.54 34.23 74.22
C ALA K 222 31.32 33.84 72.96
N LEU K 223 30.76 34.13 71.74
CA LEU K 223 31.40 33.86 70.44
C LEU K 223 32.64 34.77 70.23
N ILE K 224 32.62 36.02 70.74
CA ILE K 224 33.78 36.91 70.68
C ILE K 224 34.91 36.35 71.55
N GLU K 225 34.57 35.82 72.75
CA GLU K 225 35.55 35.21 73.64
C GLU K 225 36.14 33.93 73.02
N MET K 226 35.31 33.17 72.26
CA MET K 226 35.75 31.95 71.56
C MET K 226 36.73 32.30 70.45
N GLU K 227 36.47 33.43 69.74
CA GLU K 227 37.31 33.98 68.67
C GLU K 227 38.66 34.42 69.23
N LYS K 228 38.66 35.02 70.44
CA LYS K 228 39.88 35.46 71.15
C LYS K 228 40.74 34.25 71.52
N GLN K 229 40.12 33.16 72.00
CA GLN K 229 40.80 31.90 72.35
C GLN K 229 41.44 31.25 71.11
N GLN K 230 40.69 31.22 69.98
CA GLN K 230 41.11 30.70 68.67
C GLN K 230 42.35 31.46 68.17
N GLN K 231 42.28 32.80 68.20
CA GLN K 231 43.34 33.69 67.74
C GLN K 231 44.58 33.58 68.63
N ASP K 232 44.39 33.47 69.96
CA ASP K 232 45.49 33.32 70.94
C ASP K 232 46.29 32.08 70.67
N GLN K 233 45.62 30.97 70.24
CA GLN K 233 46.30 29.73 69.91
C GLN K 233 47.13 29.87 68.64
N VAL K 234 46.59 30.56 67.62
CA VAL K 234 47.27 30.80 66.34
C VAL K 234 48.51 31.66 66.57
N ASP K 235 48.39 32.71 67.39
CA ASP K 235 49.48 33.63 67.77
C ASP K 235 50.61 32.96 68.58
N ARG K 236 50.27 31.91 69.37
CA ARG K 236 51.20 31.09 70.14
C ARG K 236 51.94 30.15 69.19
N ASN K 237 51.21 29.47 68.28
CA ASN K 237 51.75 28.51 67.28
C ASN K 237 52.72 29.19 66.33
N ILE K 238 52.39 30.41 65.86
CA ILE K 238 53.19 31.23 64.95
C ILE K 238 54.51 31.66 65.64
N LYS K 239 54.41 32.17 66.90
CA LYS K 239 55.56 32.60 67.73
C LYS K 239 56.52 31.44 67.98
N GLU K 240 55.99 30.26 68.29
CA GLU K 240 56.75 29.03 68.51
C GLU K 240 57.51 28.60 67.23
N ALA K 241 56.84 28.65 66.06
CA ALA K 241 57.40 28.31 64.75
C ALA K 241 58.48 29.31 64.33
N ARG K 242 58.28 30.60 64.64
CA ARG K 242 59.22 31.68 64.36
C ARG K 242 60.50 31.51 65.20
N GLU K 243 60.38 31.20 66.51
CA GLU K 243 61.57 30.98 67.36
C GLU K 243 62.28 29.65 67.14
N LYS K 244 61.62 28.67 66.48
CA LYS K 244 62.19 27.36 66.10
C LYS K 244 63.03 27.52 64.81
N LEU K 245 62.76 28.59 64.04
CA LEU K 245 63.48 28.95 62.81
C LEU K 245 64.66 29.89 63.16
N GLU K 246 64.43 30.90 64.05
CA GLU K 246 65.40 31.88 64.58
C GLU K 246 66.61 31.21 65.27
N MET K 247 66.36 30.01 65.84
CA MET K 247 67.30 29.13 66.54
C MET K 247 68.24 28.51 65.49
N GLU K 248 67.65 27.88 64.43
CA GLU K 248 68.32 27.22 63.29
C GLU K 248 69.23 28.20 62.52
N MET K 249 68.86 29.50 62.54
CA MET K 249 69.60 30.63 61.95
C MET K 249 70.94 30.75 62.65
N GLU K 250 70.90 30.88 63.98
CA GLU K 250 72.07 31.01 64.85
C GLU K 250 73.03 29.83 64.75
N ALA K 251 72.51 28.63 64.43
CA ALA K 251 73.27 27.39 64.27
C ALA K 251 73.99 27.33 62.92
N ALA K 252 73.29 27.73 61.83
CA ALA K 252 73.85 27.76 60.48
C ALA K 252 74.80 28.95 60.30
N ARG K 253 74.48 30.13 60.93
CA ARG K 253 75.30 31.35 60.94
C ARG K 253 76.66 31.02 61.60
N HIS K 254 76.64 30.33 62.77
CA HIS K 254 77.81 29.87 63.52
C HIS K 254 78.69 28.95 62.67
N GLU K 255 78.10 27.94 61.98
CA GLU K 255 78.81 26.98 61.10
C GLU K 255 79.50 27.70 59.93
N HIS K 256 78.80 28.71 59.36
CA HIS K 256 79.26 29.57 58.27
C HIS K 256 80.40 30.50 58.78
N GLN K 257 80.11 31.29 59.87
CA GLN K 257 81.00 32.28 60.52
C GLN K 257 82.28 31.76 61.23
N VAL K 258 82.36 30.45 61.60
CA VAL K 258 83.57 29.87 62.24
C VAL K 258 84.75 29.86 61.26
N MET K 259 84.43 29.66 59.97
CA MET K 259 85.39 29.59 58.88
C MET K 259 85.92 30.99 58.47
N LEU K 260 85.20 32.07 58.85
CA LEU K 260 85.62 33.45 58.60
C LEU K 260 85.99 34.17 59.91
N MET K 261 86.99 33.59 60.63
CA MET K 261 87.45 34.07 61.95
C MET K 261 88.94 34.37 62.00
N GLU L 2 61.12 84.76 52.67
CA GLU L 2 61.27 83.49 53.38
C GLU L 2 59.99 83.10 54.10
N GLY L 3 59.33 84.08 54.73
CA GLY L 3 58.10 83.88 55.48
C GLY L 3 56.84 83.88 54.63
N LEU L 4 55.67 84.06 55.30
CA LEU L 4 54.35 84.12 54.66
C LEU L 4 53.31 84.70 55.58
N THR L 5 52.52 85.65 55.06
CA THR L 5 51.43 86.28 55.80
C THR L 5 50.10 85.73 55.31
N ILE L 6 49.34 85.10 56.23
CA ILE L 6 48.04 84.49 55.91
C ILE L 6 46.96 85.05 56.84
N ASP L 7 45.83 85.48 56.26
CA ASP L 7 44.66 86.00 56.99
C ASP L 7 43.70 84.83 57.11
N LEU L 8 43.87 84.03 58.17
CA LEU L 8 43.07 82.83 58.43
C LEU L 8 41.65 83.14 58.91
N LYS L 9 40.71 83.15 57.95
CA LYS L 9 39.29 83.38 58.15
C LYS L 9 38.74 82.16 58.92
N ASN L 10 38.66 81.03 58.21
CA ASN L 10 38.19 79.72 58.65
C ASN L 10 39.36 78.93 59.24
N PHE L 11 39.15 78.29 60.41
CA PHE L 11 40.15 77.43 61.10
C PHE L 11 39.52 76.37 61.99
N ARG L 12 38.21 76.51 62.25
CA ARG L 12 37.42 75.54 63.01
C ARG L 12 36.76 74.63 61.96
N LYS L 13 37.14 73.31 61.93
CA LYS L 13 36.55 72.33 61.00
C LYS L 13 35.06 72.15 61.35
N PRO L 14 34.17 71.74 60.41
CA PRO L 14 32.75 71.60 60.76
C PRO L 14 32.51 70.63 61.92
N GLY L 15 31.83 71.11 62.95
CA GLY L 15 31.53 70.33 64.15
C GLY L 15 32.65 70.21 65.17
N GLU L 16 33.84 70.75 64.87
CA GLU L 16 35.00 70.71 65.75
C GLU L 16 34.74 71.47 67.03
N LYS L 17 34.97 70.80 68.16
CA LYS L 17 34.83 71.43 69.48
C LYS L 17 36.15 72.15 69.74
N THR L 18 36.12 73.23 70.54
CA THR L 18 37.35 74.00 70.81
C THR L 18 38.04 73.58 72.10
N PHE L 19 39.39 73.80 72.16
CA PHE L 19 40.32 73.54 73.28
C PHE L 19 40.24 72.10 73.75
N THR L 20 40.26 71.18 72.78
CA THR L 20 40.20 69.73 72.96
C THR L 20 41.61 69.22 73.18
N GLN L 21 41.78 67.90 73.38
CA GLN L 21 43.09 67.30 73.56
C GLN L 21 43.79 67.17 72.20
N ARG L 22 43.02 67.22 71.07
CA ARG L 22 43.56 67.21 69.71
C ARG L 22 44.22 68.56 69.35
N SER L 23 43.78 69.65 70.03
CA SER L 23 44.35 70.99 69.89
C SER L 23 45.26 71.35 71.11
N ARG L 24 45.74 70.32 71.84
CA ARG L 24 46.61 70.41 73.01
C ARG L 24 48.05 69.92 72.69
N LEU L 25 49.03 70.80 72.92
CA LEU L 25 50.44 70.54 72.65
C LEU L 25 51.26 70.27 73.90
N PHE L 26 52.29 69.42 73.76
CA PHE L 26 53.29 69.12 74.76
C PHE L 26 54.47 70.01 74.38
N VAL L 27 55.03 70.74 75.35
CA VAL L 27 56.19 71.62 75.11
C VAL L 27 57.29 71.15 76.07
N GLY L 28 58.35 70.52 75.53
CA GLY L 28 59.47 69.91 76.25
C GLY L 28 60.81 70.58 76.00
N ASN L 29 61.78 70.34 76.90
CA ASN L 29 63.13 70.94 76.93
C ASN L 29 63.00 72.42 77.25
N LEU L 30 62.07 72.75 78.14
CA LEU L 30 61.84 74.12 78.54
C LEU L 30 62.97 74.60 79.45
N PRO L 31 63.36 75.90 79.37
CA PRO L 31 64.40 76.40 80.27
C PRO L 31 63.88 76.37 81.72
N PRO L 32 64.76 76.20 82.75
CA PRO L 32 64.26 76.14 84.15
C PRO L 32 63.49 77.37 84.65
N ASP L 33 63.78 78.55 84.08
CA ASP L 33 63.17 79.83 84.45
C ASP L 33 61.87 80.18 83.66
N ILE L 34 61.21 79.17 83.09
CA ILE L 34 59.99 79.36 82.32
C ILE L 34 58.79 79.66 83.24
N THR L 35 57.96 80.64 82.85
CA THR L 35 56.77 81.08 83.58
C THR L 35 55.56 80.88 82.69
N GLU L 36 54.34 80.91 83.26
CA GLU L 36 53.08 80.74 82.53
C GLU L 36 52.95 81.87 81.49
N GLU L 37 53.29 83.13 81.88
CA GLU L 37 53.25 84.29 81.01
C GLU L 37 54.20 84.16 79.82
N GLU L 38 55.40 83.55 80.03
CA GLU L 38 56.43 83.31 79.01
C GLU L 38 55.87 82.36 77.95
N MET L 39 55.24 81.27 78.41
CA MET L 39 54.62 80.24 77.59
C MET L 39 53.47 80.81 76.77
N ARG L 40 52.60 81.59 77.43
CA ARG L 40 51.45 82.24 76.79
C ARG L 40 51.90 83.23 75.69
N LYS L 41 52.99 83.98 75.95
CA LYS L 41 53.56 84.94 75.00
C LYS L 41 54.14 84.24 73.77
N LEU L 42 54.75 83.06 73.98
CA LEU L 42 55.33 82.22 72.92
C LEU L 42 54.26 81.74 71.92
N PHE L 43 53.03 81.50 72.41
CA PHE L 43 51.91 80.99 71.61
C PHE L 43 50.86 82.06 71.30
N GLU L 44 51.11 83.31 71.71
CA GLU L 44 50.26 84.51 71.57
C GLU L 44 49.76 84.74 70.15
N LYS L 45 50.64 84.48 69.16
CA LYS L 45 50.39 84.62 67.71
C LYS L 45 49.30 83.70 67.16
N TYR L 46 49.08 82.53 67.78
CA TYR L 46 48.13 81.49 67.33
C TYR L 46 46.78 81.54 68.05
N GLY L 47 46.38 82.75 68.44
CA GLY L 47 45.12 83.05 69.09
C GLY L 47 45.04 82.77 70.57
N LYS L 48 43.81 82.44 71.01
CA LYS L 48 43.43 82.12 72.38
C LYS L 48 44.07 80.80 72.83
N ALA L 49 44.55 80.77 74.08
CA ALA L 49 45.06 79.56 74.72
C ALA L 49 44.17 79.29 75.93
N GLY L 50 43.83 78.02 76.13
CA GLY L 50 43.01 77.58 77.25
C GLY L 50 43.92 77.19 78.39
N GLU L 51 43.97 75.90 78.71
CA GLU L 51 44.84 75.30 79.73
C GLU L 51 46.31 75.57 79.40
N VAL L 52 47.05 76.02 80.41
CA VAL L 52 48.48 76.19 80.38
C VAL L 52 48.96 75.53 81.65
N PHE L 53 49.75 74.48 81.52
CA PHE L 53 50.32 73.73 82.63
C PHE L 53 51.82 73.65 82.44
N ILE L 54 52.58 73.98 83.49
CA ILE L 54 54.02 73.86 83.48
C ILE L 54 54.41 73.06 84.72
N HIS L 55 55.32 72.09 84.52
CA HIS L 55 55.93 71.36 85.60
C HIS L 55 57.34 71.95 85.78
N LYS L 56 57.62 72.54 86.96
CA LYS L 56 58.92 73.16 87.24
C LYS L 56 60.08 72.21 87.40
N ASP L 57 59.82 71.02 87.99
CA ASP L 57 60.83 69.96 88.21
C ASP L 57 61.37 69.40 86.87
N LYS L 58 60.54 68.65 86.11
CA LYS L 58 60.93 68.01 84.85
C LYS L 58 61.09 68.92 83.62
N GLY L 59 60.78 70.22 83.76
CA GLY L 59 60.90 71.22 82.70
C GLY L 59 60.20 70.90 81.40
N PHE L 60 58.86 70.78 81.48
CA PHE L 60 57.95 70.49 80.37
C PHE L 60 56.54 70.98 80.73
N GLY L 61 55.73 71.28 79.72
CA GLY L 61 54.37 71.74 79.92
C GLY L 61 53.40 71.38 78.82
N PHE L 62 52.16 71.86 78.99
CA PHE L 62 51.04 71.67 78.07
C PHE L 62 50.29 72.96 77.84
N ILE L 63 49.82 73.16 76.60
CA ILE L 63 49.06 74.33 76.17
C ILE L 63 47.94 73.86 75.25
N ARG L 64 46.68 74.28 75.55
CA ARG L 64 45.45 73.97 74.82
C ARG L 64 45.12 75.14 73.86
N LEU L 65 45.34 74.97 72.55
CA LEU L 65 45.02 76.01 71.56
C LEU L 65 43.58 75.79 71.09
N GLU L 66 42.99 76.80 70.42
CA GLU L 66 41.59 76.77 70.02
C GLU L 66 41.17 75.59 69.13
N THR L 67 41.89 75.40 68.01
CA THR L 67 41.59 74.36 67.03
C THR L 67 42.84 73.53 66.68
N ARG L 68 42.61 72.37 66.01
CA ARG L 68 43.67 71.44 65.55
C ARG L 68 44.59 72.12 64.51
N THR L 69 44.01 72.97 63.63
CA THR L 69 44.72 73.73 62.61
C THR L 69 45.74 74.68 63.24
N LEU L 70 45.31 75.45 64.26
CA LEU L 70 46.16 76.39 65.00
C LEU L 70 47.28 75.70 65.76
N ALA L 71 46.99 74.53 66.34
CA ALA L 71 47.95 73.70 67.05
C ALA L 71 49.01 73.15 66.06
N GLU L 72 48.60 72.73 64.83
CA GLU L 72 49.46 72.23 63.75
C GLU L 72 50.44 73.30 63.28
N ILE L 73 49.96 74.56 63.16
CA ILE L 73 50.77 75.72 62.76
C ILE L 73 51.80 76.05 63.88
N ALA L 74 51.34 76.14 65.15
CA ALA L 74 52.17 76.40 66.31
C ALA L 74 53.26 75.36 66.47
N LYS L 75 52.93 74.07 66.27
CA LYS L 75 53.85 72.94 66.36
C LYS L 75 55.00 73.08 65.35
N VAL L 76 54.70 73.30 64.07
CA VAL L 76 55.67 73.45 62.98
C VAL L 76 56.60 74.67 63.19
N GLU L 77 56.01 75.80 63.61
CA GLU L 77 56.73 77.05 63.87
C GLU L 77 57.64 76.97 65.09
N LEU L 78 57.13 76.39 66.21
CA LEU L 78 57.87 76.35 67.48
C LEU L 78 58.71 75.12 67.78
N ASP L 79 58.52 74.00 67.06
CA ASP L 79 59.32 72.80 67.29
C ASP L 79 60.77 73.09 66.91
N ASN L 80 61.72 72.65 67.75
CA ASN L 80 63.18 72.82 67.63
C ASN L 80 63.64 74.29 67.69
N MET L 81 62.77 75.18 68.20
CA MET L 81 63.08 76.59 68.36
C MET L 81 64.06 76.78 69.51
N PRO L 82 65.19 77.47 69.29
CA PRO L 82 66.13 77.69 70.39
C PRO L 82 65.63 78.77 71.35
N LEU L 83 65.62 78.44 72.64
CA LEU L 83 65.19 79.34 73.71
C LEU L 83 66.06 79.11 74.94
N ARG L 84 66.87 80.13 75.32
CA ARG L 84 67.76 80.08 76.49
C ARG L 84 68.64 78.80 76.47
N GLY L 85 69.33 78.58 75.35
CA GLY L 85 70.24 77.46 75.18
C GLY L 85 69.61 76.09 75.04
N LYS L 86 68.27 76.04 75.07
CA LYS L 86 67.49 74.82 74.91
C LYS L 86 66.78 74.83 73.57
N GLN L 87 66.61 73.65 72.96
CA GLN L 87 65.90 73.48 71.70
C GLN L 87 64.56 72.86 72.06
N LEU L 88 63.47 73.65 72.00
CA LEU L 88 62.13 73.23 72.42
C LEU L 88 61.49 72.14 71.59
N ARG L 89 60.96 71.12 72.27
CA ARG L 89 60.29 69.99 71.65
C ARG L 89 58.78 70.25 71.73
N VAL L 90 58.17 70.70 70.62
CA VAL L 90 56.72 70.92 70.52
C VAL L 90 56.19 69.73 69.77
N ARG L 91 55.24 69.03 70.40
CA ARG L 91 54.59 67.83 69.91
C ARG L 91 53.12 67.93 70.27
N PHE L 92 52.27 67.06 69.68
CA PHE L 92 50.86 66.96 70.06
C PHE L 92 50.81 66.12 71.32
N ALA L 93 50.02 66.53 72.32
CA ALA L 93 49.92 65.76 73.56
C ALA L 93 49.28 64.38 73.26
N CYS L 94 49.70 63.35 73.98
CA CYS L 94 49.11 62.03 73.85
C CYS L 94 47.72 62.11 74.50
N HIS L 95 46.69 61.68 73.75
CA HIS L 95 45.30 61.70 74.21
C HIS L 95 45.12 60.76 75.41
N SER L 96 44.58 61.29 76.50
CA SER L 96 44.37 60.53 77.75
C SER L 96 43.04 59.75 77.79
N ALA L 97 42.13 60.00 76.84
CA ALA L 97 40.82 59.37 76.86
C ALA L 97 40.33 58.97 75.50
N SER L 98 41.14 58.24 74.75
CA SER L 98 40.77 57.77 73.40
C SER L 98 40.55 56.26 73.40
N LEU L 99 39.45 55.83 72.78
CA LEU L 99 39.03 54.44 72.71
C LEU L 99 38.81 53.96 71.29
N THR L 100 39.02 52.65 71.10
CA THR L 100 38.80 51.89 69.86
C THR L 100 37.51 51.14 70.06
N VAL L 101 36.58 51.34 69.13
CA VAL L 101 35.31 50.64 69.13
C VAL L 101 35.35 49.68 67.92
N ARG L 102 35.16 48.38 68.20
CA ARG L 102 35.19 47.29 67.20
C ARG L 102 33.82 46.65 67.17
N ASN L 103 33.54 45.89 66.09
CA ASN L 103 32.30 45.17 65.86
C ASN L 103 31.12 46.12 65.76
N LEU L 104 31.41 47.26 65.08
CA LEU L 104 30.41 48.28 64.81
C LEU L 104 29.41 47.61 63.91
N PRO L 105 28.08 47.89 64.08
CA PRO L 105 27.10 47.32 63.17
C PRO L 105 27.01 48.15 61.90
N GLN L 106 26.08 47.78 61.03
CA GLN L 106 25.87 48.55 59.83
C GLN L 106 25.13 49.83 60.24
N TYR L 107 25.23 50.87 59.40
CA TYR L 107 24.55 52.16 59.53
C TYR L 107 24.92 53.01 60.73
N VAL L 108 26.15 52.82 61.22
CA VAL L 108 26.68 53.64 62.30
C VAL L 108 27.42 54.83 61.64
N SER L 109 27.12 56.07 62.10
CA SER L 109 27.79 57.28 61.62
C SER L 109 28.56 57.86 62.77
N ASN L 110 29.46 58.83 62.45
CA ASN L 110 30.29 59.58 63.37
C ASN L 110 29.41 60.14 64.42
N GLU L 111 28.28 60.72 63.98
CA GLU L 111 27.24 61.33 64.81
C GLU L 111 26.58 60.28 65.72
N LEU L 112 26.07 59.17 65.16
CA LEU L 112 25.47 58.10 65.99
C LEU L 112 26.41 57.62 67.08
N LEU L 113 27.69 57.43 66.74
CA LEU L 113 28.75 56.99 67.65
C LEU L 113 28.94 58.01 68.78
N GLU L 114 28.95 59.31 68.44
CA GLU L 114 29.06 60.38 69.42
C GLU L 114 27.84 60.41 70.34
N GLU L 115 26.62 60.30 69.79
CA GLU L 115 25.38 60.25 70.57
C GLU L 115 25.44 59.11 71.57
N ALA L 116 25.87 57.93 71.13
CA ALA L 116 25.94 56.68 71.89
C ALA L 116 26.81 56.69 73.11
N PHE L 117 28.04 57.26 73.02
CA PHE L 117 29.02 57.32 74.10
C PHE L 117 28.95 58.57 74.92
N SER L 118 28.17 59.58 74.46
CA SER L 118 27.93 60.82 75.23
C SER L 118 27.20 60.48 76.53
N VAL L 119 26.57 59.28 76.58
CA VAL L 119 25.87 58.66 77.72
C VAL L 119 26.85 58.49 78.91
N PHE L 120 28.15 58.27 78.64
CA PHE L 120 29.16 58.06 79.69
C PHE L 120 29.87 59.34 80.13
N GLY L 121 29.82 60.38 79.31
CA GLY L 121 30.46 61.65 79.59
C GLY L 121 30.63 62.49 78.35
N GLN L 122 31.37 63.62 78.49
CA GLN L 122 31.62 64.53 77.37
C GLN L 122 32.59 63.95 76.33
N VAL L 123 32.07 63.74 75.09
CA VAL L 123 32.78 63.25 73.92
C VAL L 123 33.32 64.48 73.18
N GLU L 124 34.62 64.47 72.82
CA GLU L 124 35.26 65.53 72.05
C GLU L 124 35.05 65.27 70.55
N ARG L 125 35.19 63.98 70.14
CA ARG L 125 35.19 63.49 68.77
C ARG L 125 34.90 62.01 68.74
N ALA L 126 34.16 61.61 67.72
CA ALA L 126 33.82 60.22 67.45
C ALA L 126 33.91 60.06 65.97
N VAL L 127 34.63 59.02 65.51
CA VAL L 127 34.85 58.76 64.08
C VAL L 127 34.58 57.29 63.76
N VAL L 128 33.79 57.05 62.70
CA VAL L 128 33.56 55.72 62.14
C VAL L 128 34.59 55.68 61.03
N ILE L 129 35.64 54.85 61.18
CA ILE L 129 36.74 54.75 60.22
C ILE L 129 36.22 54.10 58.93
N VAL L 130 36.51 54.73 57.76
CA VAL L 130 36.17 54.20 56.43
C VAL L 130 37.44 53.99 55.56
N ASP L 131 37.33 53.15 54.51
CA ASP L 131 38.40 52.87 53.55
C ASP L 131 38.44 53.90 52.41
N ASP L 132 39.38 53.69 51.45
CA ASP L 132 39.59 54.51 50.24
C ASP L 132 38.26 54.73 49.42
N ARG L 133 37.37 53.71 49.42
CA ARG L 133 36.07 53.64 48.74
C ARG L 133 34.88 54.30 49.55
N GLY L 134 35.11 54.59 50.84
CA GLY L 134 34.13 55.19 51.76
C GLY L 134 33.32 54.21 52.58
N ARG L 135 33.72 52.92 52.54
CA ARG L 135 33.07 51.81 53.23
C ARG L 135 33.62 51.64 54.64
N PRO L 136 32.77 51.63 55.69
CA PRO L 136 33.29 51.49 57.05
C PRO L 136 34.11 50.23 57.28
N SER L 137 35.22 50.40 58.00
CA SER L 137 36.17 49.34 58.34
C SER L 137 35.65 48.38 59.43
N GLY L 138 34.65 48.80 60.21
CA GLY L 138 34.09 48.04 61.32
C GLY L 138 34.69 48.48 62.65
N LYS L 139 35.58 49.51 62.56
CA LYS L 139 36.26 50.13 63.68
C LYS L 139 35.95 51.60 63.76
N GLY L 140 36.07 52.13 64.97
CA GLY L 140 35.78 53.52 65.25
C GLY L 140 36.66 54.06 66.34
N ILE L 141 36.62 55.41 66.51
CA ILE L 141 37.39 56.12 67.53
C ILE L 141 36.42 56.93 68.35
N VAL L 142 36.55 56.89 69.68
CA VAL L 142 35.78 57.73 70.59
C VAL L 142 36.75 58.41 71.50
N GLU L 143 36.80 59.75 71.41
CA GLU L 143 37.70 60.58 72.23
C GLU L 143 36.88 61.43 73.21
N PHE L 144 37.11 61.24 74.53
CA PHE L 144 36.45 61.97 75.62
C PHE L 144 37.32 63.11 76.11
N SER L 145 36.69 64.13 76.72
CA SER L 145 37.37 65.29 77.28
C SER L 145 38.34 64.90 78.40
N GLY L 146 37.94 63.90 79.19
CA GLY L 146 38.71 63.38 80.32
C GLY L 146 38.69 61.88 80.46
N LYS L 147 39.73 61.36 81.14
CA LYS L 147 39.97 59.95 81.42
C LYS L 147 38.81 59.24 82.18
N PRO L 148 38.10 59.85 83.18
CA PRO L 148 37.03 59.11 83.88
C PRO L 148 35.91 58.65 82.99
N ALA L 149 35.51 59.49 82.02
CA ALA L 149 34.44 59.20 81.05
C ALA L 149 34.82 58.01 80.20
N ALA L 150 36.13 57.92 79.81
CA ALA L 150 36.70 56.78 79.05
C ALA L 150 36.77 55.51 79.91
N ARG L 151 37.08 55.66 81.20
CA ARG L 151 37.14 54.54 82.15
C ARG L 151 35.70 53.96 82.36
N LYS L 152 34.67 54.85 82.43
CA LYS L 152 33.24 54.53 82.59
C LYS L 152 32.75 53.74 81.37
N ALA L 153 33.07 54.22 80.13
CA ALA L 153 32.71 53.58 78.86
C ALA L 153 33.31 52.18 78.75
N LEU L 154 34.62 52.03 79.03
CA LEU L 154 35.32 50.73 78.98
C LEU L 154 34.71 49.71 79.94
N ASP L 155 34.37 50.14 81.19
CA ASP L 155 33.78 49.31 82.24
C ASP L 155 32.40 48.83 81.87
N ARG L 156 31.48 49.74 81.55
CA ARG L 156 30.08 49.42 81.26
C ARG L 156 29.88 48.58 80.00
N CYS L 157 30.75 48.76 79.01
CA CYS L 157 30.70 48.01 77.76
C CYS L 157 31.29 46.60 77.87
N SER L 158 31.97 46.29 78.99
CA SER L 158 32.48 44.94 79.28
C SER L 158 31.48 44.24 80.21
N GLU L 159 30.85 45.00 81.14
CA GLU L 159 29.85 44.47 82.09
C GLU L 159 28.62 44.06 81.32
N GLY L 160 28.01 45.07 80.67
CA GLY L 160 26.81 44.92 79.88
C GLY L 160 27.10 44.99 78.40
N SER L 161 26.12 44.62 77.59
CA SER L 161 26.13 44.53 76.14
C SER L 161 25.60 45.83 75.54
N PHE L 162 26.52 46.66 75.03
CA PHE L 162 26.14 47.95 74.47
C PHE L 162 25.79 47.84 72.99
N LEU L 163 24.52 48.03 72.68
CA LEU L 163 23.98 47.93 71.32
C LEU L 163 23.70 49.31 70.78
N LEU L 164 24.28 49.63 69.61
CA LEU L 164 24.16 50.92 68.94
C LEU L 164 22.97 51.01 68.02
N THR L 165 22.56 49.86 67.43
CA THR L 165 21.47 49.78 66.47
C THR L 165 20.45 48.70 66.91
N THR L 166 19.53 48.33 65.99
CA THR L 166 18.53 47.30 66.19
C THR L 166 19.15 45.91 66.34
N PHE L 167 20.25 45.65 65.58
CA PHE L 167 20.94 44.37 65.59
C PHE L 167 21.51 44.03 66.98
N PRO L 168 21.08 42.89 67.58
CA PRO L 168 21.53 42.55 68.94
C PRO L 168 22.97 42.05 69.15
N ARG L 169 23.97 42.73 68.55
CA ARG L 169 25.38 42.39 68.68
C ARG L 169 26.08 43.55 69.34
N PRO L 170 26.62 43.35 70.57
CA PRO L 170 27.29 44.44 71.26
C PRO L 170 28.63 44.83 70.64
N VAL L 171 29.01 46.09 70.88
CA VAL L 171 30.29 46.62 70.43
C VAL L 171 31.37 46.27 71.46
N THR L 172 32.63 46.23 70.99
CA THR L 172 33.83 45.96 71.79
C THR L 172 34.51 47.30 71.93
N VAL L 173 34.75 47.71 73.17
CA VAL L 173 35.40 48.98 73.52
C VAL L 173 36.71 48.64 74.21
N GLU L 174 37.83 49.15 73.65
CA GLU L 174 39.19 48.91 74.09
C GLU L 174 39.94 50.23 74.14
N PRO L 175 41.03 50.35 74.93
CA PRO L 175 41.83 51.58 74.88
C PRO L 175 42.51 51.71 73.51
N MET L 176 42.67 52.95 73.03
CA MET L 176 43.30 53.23 71.76
C MET L 176 44.78 52.85 71.81
N ASP L 177 45.23 52.09 70.79
CA ASP L 177 46.63 51.75 70.62
C ASP L 177 47.21 52.95 69.89
N GLN L 178 47.87 53.83 70.64
CA GLN L 178 48.41 55.06 70.07
C GLN L 178 49.77 54.83 69.44
N LEU L 179 49.76 54.91 68.09
CA LEU L 179 50.91 54.73 67.23
C LEU L 179 51.21 56.02 66.49
N ASP L 180 52.49 56.40 66.50
CA ASP L 180 52.96 57.60 65.82
C ASP L 180 53.54 57.23 64.46
N ASP L 181 52.79 57.56 63.41
CA ASP L 181 53.11 57.36 62.00
C ASP L 181 53.55 58.70 61.36
N GLU L 182 53.94 59.70 62.18
CA GLU L 182 54.39 61.02 61.72
C GLU L 182 55.86 61.27 62.02
N GLU L 183 56.24 61.20 63.29
CA GLU L 183 57.61 61.43 63.75
C GLU L 183 58.46 60.16 63.66
N GLY L 184 57.84 59.04 64.02
CA GLY L 184 58.42 57.72 63.97
C GLY L 184 59.69 57.55 64.78
N LEU L 185 60.68 56.86 64.20
CA LEU L 185 61.95 56.59 64.87
C LEU L 185 63.17 57.22 64.18
N PRO L 186 63.54 58.47 64.54
CA PRO L 186 64.72 59.10 63.90
C PRO L 186 66.02 58.43 64.32
N GLU L 187 67.08 58.61 63.52
CA GLU L 187 68.42 58.03 63.77
C GLU L 187 69.01 58.48 65.12
N LYS L 188 68.89 59.79 65.46
CA LYS L 188 69.39 60.38 66.72
C LYS L 188 68.84 59.68 67.96
N LEU L 189 67.59 59.20 67.90
CA LEU L 189 66.89 58.53 69.01
C LEU L 189 67.17 57.02 69.12
N VAL L 190 67.96 56.46 68.20
CA VAL L 190 68.31 55.03 68.23
C VAL L 190 69.55 54.88 69.12
N ILE L 191 69.49 53.97 70.11
CA ILE L 191 70.61 53.75 71.01
C ILE L 191 71.69 52.97 70.28
N LYS L 192 72.87 53.61 70.10
CA LYS L 192 74.02 53.04 69.40
C LYS L 192 74.86 52.15 70.33
N ASN L 193 74.29 50.99 70.70
CA ASN L 193 74.92 49.96 71.54
C ASN L 193 75.60 48.88 70.67
N GLN L 194 76.04 47.75 71.28
CA GLN L 194 76.68 46.67 70.54
C GLN L 194 75.75 45.96 69.58
N GLN L 195 74.45 45.82 69.95
CA GLN L 195 73.42 45.19 69.09
C GLN L 195 73.18 46.01 67.85
N PHE L 196 73.16 47.34 68.01
CA PHE L 196 73.00 48.30 66.94
C PHE L 196 74.06 48.06 65.89
N HIS L 197 75.34 48.09 66.30
CA HIS L 197 76.49 47.88 65.41
C HIS L 197 76.54 46.50 64.76
N LYS L 198 76.05 45.45 65.48
CA LYS L 198 75.98 44.08 64.97
C LYS L 198 74.97 44.04 63.83
N GLU L 199 73.83 44.74 64.00
CA GLU L 199 72.74 44.80 63.01
C GLU L 199 73.08 45.64 61.80
N ARG L 200 73.89 46.70 62.01
CA ARG L 200 74.30 47.63 60.95
C ARG L 200 75.59 47.24 60.26
N GLU L 201 76.13 46.06 60.60
CA GLU L 201 77.35 45.49 59.98
C GLU L 201 77.12 45.38 58.46
N GLN L 202 75.95 44.82 58.09
CA GLN L 202 75.53 44.63 56.71
C GLN L 202 74.49 45.67 56.31
N PRO L 203 74.71 46.33 55.14
CA PRO L 203 73.78 47.38 54.71
C PRO L 203 72.52 46.83 54.04
N PRO L 204 71.46 47.66 53.80
CA PRO L 204 70.29 47.15 53.08
C PRO L 204 70.74 46.57 51.74
N ARG L 205 70.27 45.36 51.47
CA ARG L 205 70.63 44.60 50.29
C ARG L 205 69.58 43.53 50.03
N PHE L 206 69.67 42.86 48.90
CA PHE L 206 68.84 41.72 48.58
C PHE L 206 69.71 40.49 48.87
N ALA L 207 69.21 39.52 49.70
CA ALA L 207 69.92 38.25 50.02
C ALA L 207 70.22 37.55 48.71
N GLN L 208 71.50 37.25 48.44
CA GLN L 208 71.90 36.65 47.18
C GLN L 208 71.88 35.11 47.22
N PRO L 209 71.31 34.44 46.17
CA PRO L 209 71.27 32.98 46.17
C PRO L 209 72.64 32.34 46.36
N GLY L 210 72.68 31.33 47.22
CA GLY L 210 73.89 30.60 47.53
C GLY L 210 74.54 31.00 48.84
N SER L 211 73.99 32.05 49.53
CA SER L 211 74.44 32.56 50.83
C SER L 211 73.61 31.97 51.96
N PHE L 212 74.16 31.98 53.22
CA PHE L 212 73.47 31.51 54.42
C PHE L 212 72.19 32.32 54.67
N GLU L 213 72.26 33.65 54.42
CA GLU L 213 71.14 34.57 54.61
C GLU L 213 70.01 34.32 53.60
N TYR L 214 70.35 33.95 52.34
CA TYR L 214 69.34 33.63 51.34
C TYR L 214 68.52 32.40 51.72
N GLU L 215 69.20 31.32 52.11
CA GLU L 215 68.63 30.05 52.56
C GLU L 215 67.64 30.31 53.71
N TYR L 216 68.06 31.14 54.71
CA TYR L 216 67.23 31.49 55.85
C TYR L 216 66.12 32.49 55.62
N ALA L 217 66.32 33.45 54.70
CA ALA L 217 65.30 34.44 54.29
C ALA L 217 64.20 33.73 53.49
N MET L 218 64.58 32.69 52.74
CA MET L 218 63.69 31.84 51.97
C MET L 218 62.76 31.03 52.88
N ARG L 219 63.29 30.58 54.03
CA ARG L 219 62.61 29.83 55.10
C ARG L 219 61.64 30.77 55.82
N TRP L 220 62.03 32.04 56.01
CA TRP L 220 61.21 33.07 56.63
C TRP L 220 60.02 33.39 55.71
N LYS L 221 60.27 33.56 54.40
CA LYS L 221 59.22 33.84 53.41
C LYS L 221 58.15 32.73 53.36
N ALA L 222 58.61 31.48 53.46
CA ALA L 222 57.77 30.28 53.47
C ALA L 222 56.90 30.25 54.73
N LEU L 223 57.49 30.57 55.91
CA LEU L 223 56.79 30.61 57.21
C LEU L 223 55.75 31.71 57.19
N ILE L 224 56.08 32.89 56.62
CA ILE L 224 55.12 34.00 56.49
C ILE L 224 53.91 33.56 55.66
N GLU L 225 54.14 32.82 54.55
CA GLU L 225 53.06 32.29 53.72
C GLU L 225 52.21 31.25 54.49
N MET L 226 52.86 30.44 55.35
CA MET L 226 52.19 29.46 56.20
C MET L 226 51.31 30.16 57.23
N GLU L 227 51.82 31.28 57.80
CA GLU L 227 51.12 32.12 58.77
C GLU L 227 49.88 32.77 58.13
N LYS L 228 49.98 33.20 56.84
CA LYS L 228 48.88 33.79 56.06
C LYS L 228 47.78 32.75 55.85
N GLN L 229 48.16 31.50 55.50
CA GLN L 229 47.22 30.38 55.31
C GLN L 229 46.50 30.04 56.62
N GLN L 230 47.25 30.00 57.76
CA GLN L 230 46.75 29.74 59.12
C GLN L 230 45.71 30.79 59.52
N GLN L 231 46.05 32.09 59.32
CA GLN L 231 45.18 33.22 59.65
C GLN L 231 43.92 33.25 58.79
N ASP L 232 44.05 32.94 57.47
CA ASP L 232 42.94 32.89 56.53
C ASP L 232 41.91 31.86 56.94
N GLN L 233 42.37 30.70 57.48
CA GLN L 233 41.47 29.65 57.94
C GLN L 233 40.74 30.09 59.20
N VAL L 234 41.42 30.75 60.14
CA VAL L 234 40.83 31.26 61.39
C VAL L 234 39.75 32.30 61.06
N ASP L 235 40.05 33.24 60.12
CA ASP L 235 39.12 34.27 59.62
C ASP L 235 37.84 33.63 59.03
N ARG L 236 38.01 32.57 58.19
CA ARG L 236 36.93 31.80 57.56
C ARG L 236 36.07 31.07 58.60
N ASN L 237 36.69 30.35 59.58
CA ASN L 237 36.02 29.61 60.68
C ASN L 237 35.20 30.56 61.58
N ILE L 238 35.71 31.79 61.83
CA ILE L 238 35.07 32.83 62.64
C ILE L 238 33.86 33.42 61.90
N LYS L 239 34.04 33.76 60.60
CA LYS L 239 33.00 34.31 59.70
C LYS L 239 31.83 33.33 59.58
N GLU L 240 32.14 32.07 59.28
CA GLU L 240 31.14 31.04 59.12
C GLU L 240 30.39 30.73 60.42
N ALA L 241 31.02 30.99 61.58
CA ALA L 241 30.45 30.84 62.92
C ALA L 241 29.54 32.04 63.25
N ARG L 242 30.01 33.29 62.98
CA ARG L 242 29.28 34.55 63.14
C ARG L 242 28.01 34.52 62.27
N GLU L 243 28.11 34.02 61.02
CA GLU L 243 26.98 33.85 60.07
C GLU L 243 25.95 32.85 60.61
N LYS L 244 26.42 31.79 61.32
CA LYS L 244 25.58 30.75 61.94
C LYS L 244 24.74 31.34 63.08
N LEU L 245 25.26 32.41 63.75
CA LEU L 245 24.61 33.10 64.88
C LEU L 245 23.66 34.27 64.42
N GLU L 246 23.08 34.12 63.21
CA GLU L 246 22.13 35.09 62.66
C GLU L 246 20.87 34.35 62.21
N MET L 247 21.04 33.11 61.71
CA MET L 247 19.96 32.21 61.30
C MET L 247 19.49 31.46 62.55
N GLU L 248 20.37 31.48 63.58
CA GLU L 248 20.19 30.94 64.92
C GLU L 248 19.31 31.96 65.68
N MET L 249 19.54 33.26 65.39
CA MET L 249 18.87 34.43 65.94
C MET L 249 17.36 34.44 65.65
N GLU L 250 16.98 34.44 64.34
CA GLU L 250 15.59 34.49 63.93
C GLU L 250 14.78 33.28 64.37
N ALA L 251 15.29 32.04 64.14
CA ALA L 251 14.62 30.79 64.56
C ALA L 251 14.26 30.75 66.07
N ALA L 252 15.06 31.45 66.91
CA ALA L 252 14.91 31.54 68.38
C ALA L 252 13.85 32.54 68.86
N ARG L 253 13.93 33.82 68.42
CA ARG L 253 12.99 34.90 68.81
C ARG L 253 11.51 34.63 68.49
N HIS L 254 11.22 34.10 67.27
CA HIS L 254 9.87 33.77 66.79
C HIS L 254 9.24 32.60 67.56
N GLU L 255 10.08 31.81 68.29
CA GLU L 255 9.69 30.70 69.14
C GLU L 255 9.67 31.12 70.63
N HIS L 256 10.55 32.10 71.00
CA HIS L 256 10.64 32.63 72.37
C HIS L 256 9.66 33.77 72.58
#